data_3IKM
#
_entry.id   3IKM
#
_cell.length_a   138.394
_cell.length_b   138.394
_cell.length_c   226.312
_cell.angle_alpha   90.00
_cell.angle_beta   90.00
_cell.angle_gamma   120.00
#
_symmetry.space_group_name_H-M   'P 32'
#
loop_
_entity.id
_entity.type
_entity.pdbx_description
1 polymer 'DNA polymerase subunit gamma-1'
2 polymer 'DNA polymerase subunit gamma-2'
#
loop_
_entity_poly.entity_id
_entity_poly.type
_entity_poly.pdbx_seq_one_letter_code
_entity_poly.pdbx_strand_id
1 'polypeptide(L)'
;RHNPLDIQMLSRGLHEQIFGQGGEMPGEAAVRRSVEHLQKHGLWGQPAVPLPDVELRLPPLYGDNLDQHFRLLAQKQSLP
YLEAANLLLQAQLPPKPPAWAWAEGWTRYGPEGEAVPVAIPEERALVFDVEVCLAEGTCPTLAVAISPSAWYSWCSQRLV
EERYSWTSQLSPADLIPLEVPTGASSPTQRDWQEQLVVGHNVSFDRAHIREQYLIQGSRMRFLDTMSMHMAISGLSSFQR
SLWIAAKQGKHKVQPPTKQGQKSQRKARRGPAISSWDWLDISSVNSNSLAEVHRLYVGGPPLEKEPRELFVKGTMKDIRE
NFQDLMQYCAQDVWATHEVFQQQLPLFLERCPHPVTLAGMLEMGVSYLPVNQNWERYLAEAQGTYEELQREMKKSLMDLA
NDACQLLSGERYKEDPWLWDLEWDLQEFKQKKAKKVKKEPATASKLPIEGAGAPGDPMDQEDLGPCSEEEEFQQDVMARA
CLQKLKGTTELLPKRPQHLPGHPGWYRKLCPRLDDPAWTPGPSLLSLQMRVTPKLMALTWDGFPLHYSERHGWGYLVPGR
RDNLAKLPTGTTLESAGVVCPYRAIESLYRKHCLEQGKQQLMPQEAGLAEEFLLTDNSAIWQTVEELDYLEVEAEAKMEN
LRAAVPGQPLALTARGGPKDTQPSYHHGNGPYNDVDIPGCWFFKLPHKDGNSCNVGSPFAKDFLPKMEDGTLQAGPGGAS
GPRALEINKMISFWRNAHKRISSQMVVWLPRSALPRAVIRHPDYDEEGLYGAILPQVVTAGTITRRAVEPTWLTASNARP
DRVGSELKAMVQAPPGYTLVGADVDSQELWIAAVLGDAHFAGMHGCTAFGWMTLQGRKSRGTDLHSKTATTVGISREHAK
IFNYGRIYGAGQPFAERLLMQFNHRLTQQEAAEKAQQMYAATKGLRWYRLSDEGEWLVRELNLPVDRTEGGWISLQDLRK
VQRETARKSQWKKWEVVAERAWKGGTESEMFNKLESIATSDIPRTPVLGCCISRALEPSAVQEEFMTSRVNWVVQSSAVD
YLHLMLVAMKWLFEEFAIDGRFCISIHDEVRYLVREEDRYRAALALQITNLLTRCMFAYKLGLNDLPQSVAFFSAVDIDR
CLRKEVTMDCKTPSNPTGMERRYGIPQGEALDIYQIIELTKGSLEKRSQPGP
;
A,D
2 'polypeptide(L)'
;APGSGEGSEALLEICQRRHFLSGSKQQLSRDSLLSGCHPGFGPLGVELRKNLAAEWWTSVVVFREQVFPVDALHHKPGPL
LPGDSAFRLVSAETLREILQDKELSKEQLVAFLENVLKTSGKLRENLLHGALEHYVNCLDLVNKRLPYGLAQIGVCFHPV
FDTKQIRNGVKSIGEKTEASLVWFTPPRTSNQWLDFWLRHRLQWWRKFAMSPSNFSSSDCQDEEGRKGNKLYYNFPWGKE
LIETLWNLGDHELLHMYPGNVSKLHGRDGRKNVVPCVLSVNGDLDRGMLAYLYDSFQLTENSFTRKKNLHRKVLKLHPCL
APIKVALDVGRGPTLELRQVCQGLFNELLENGISVWPGYLETMQSSLEQLYSKYDEMSILFTVLVTETTLENGLIHLRSR
DTTMKEMMHISKLKDFLIKYISSAKNV
;
B,C,E,F
#
# COMPACT_ATOMS: atom_id res chain seq x y z
N ARG A 1 47.02 8.06 54.35
CA ARG A 1 47.41 8.20 55.78
C ARG A 1 48.21 7.05 56.34
N HIS A 2 49.21 7.41 57.14
CA HIS A 2 50.07 6.48 57.86
C HIS A 2 50.51 5.16 57.22
N ASN A 3 49.86 4.13 57.71
CA ASN A 3 50.04 2.71 57.42
C ASN A 3 50.22 2.33 58.88
N PRO A 4 49.20 1.69 59.47
CA PRO A 4 49.14 1.22 60.86
C PRO A 4 48.75 -0.25 60.84
N LEU A 5 49.13 -0.99 61.86
CA LEU A 5 48.83 -2.39 61.78
C LEU A 5 48.74 -3.25 62.99
N ASP A 6 47.74 -3.18 63.85
CA ASP A 6 47.89 -4.23 64.82
C ASP A 6 47.62 -5.41 63.90
N ILE A 7 47.23 -5.11 62.66
CA ILE A 7 46.99 -6.15 61.65
C ILE A 7 47.12 -5.89 60.17
N GLN A 8 46.07 -5.32 59.59
CA GLN A 8 46.05 -5.06 58.18
C GLN A 8 45.72 -3.61 57.98
N MET A 9 46.44 -3.03 57.04
CA MET A 9 46.26 -1.64 56.73
C MET A 9 44.82 -1.25 56.74
N LEU A 10 44.65 0.00 57.09
CA LEU A 10 43.41 0.71 57.19
C LEU A 10 44.15 2.02 57.08
N SER A 11 43.55 3.07 56.58
CA SER A 11 44.40 4.21 56.44
C SER A 11 43.85 5.57 56.73
N ARG A 12 43.00 6.03 55.82
CA ARG A 12 42.48 7.38 55.90
C ARG A 12 41.14 7.50 55.23
N GLY A 13 40.60 6.38 54.77
CA GLY A 13 39.30 6.47 54.18
C GLY A 13 38.50 6.43 55.44
N LEU A 14 39.00 5.61 56.36
CA LEU A 14 38.39 5.38 57.66
C LEU A 14 38.14 6.69 58.36
N HIS A 15 39.21 7.40 58.68
CA HIS A 15 39.07 8.68 59.37
C HIS A 15 37.67 9.29 59.15
N GLU A 16 37.15 9.22 57.93
CA GLU A 16 35.81 9.77 57.57
C GLU A 16 34.60 9.04 58.14
N GLN A 17 34.63 7.70 58.15
CA GLN A 17 33.53 6.93 58.69
C GLN A 17 33.97 5.73 59.54
N ILE A 18 35.27 5.63 59.76
CA ILE A 18 35.90 4.55 60.54
C ILE A 18 37.31 4.97 60.96
N PHE A 19 38.03 4.08 61.63
CA PHE A 19 39.40 4.37 62.02
C PHE A 19 40.20 3.26 61.41
N GLY A 20 41.37 3.60 60.90
CA GLY A 20 42.21 2.58 60.31
C GLY A 20 42.72 1.54 61.29
N GLN A 21 43.51 1.95 62.27
CA GLN A 21 44.05 0.99 63.22
C GLN A 21 43.19 0.99 64.48
N GLY A 22 41.99 1.57 64.39
CA GLY A 22 41.11 1.69 65.54
C GLY A 22 40.03 0.67 65.85
N GLY A 23 40.40 -0.29 66.68
CA GLY A 23 39.50 -1.33 67.15
C GLY A 23 40.07 -1.44 68.54
N GLU A 24 39.25 -1.44 69.57
CA GLU A 24 39.82 -1.52 70.90
C GLU A 24 40.20 -2.94 71.25
N MET A 25 41.27 -3.43 70.67
CA MET A 25 41.70 -4.79 71.00
C MET A 25 42.34 -4.66 72.37
N PRO A 26 41.76 -5.38 73.35
CA PRO A 26 42.19 -5.44 74.75
C PRO A 26 43.55 -6.11 74.97
N GLY A 27 44.23 -5.65 76.03
CA GLY A 27 45.55 -6.15 76.40
C GLY A 27 46.00 -7.59 76.17
N GLU A 28 46.81 -8.07 77.10
CA GLU A 28 47.38 -9.41 77.04
C GLU A 28 46.38 -10.54 76.73
N ALA A 29 45.48 -10.88 77.64
CA ALA A 29 44.54 -11.97 77.38
C ALA A 29 44.06 -11.95 75.94
N ALA A 30 43.21 -10.99 75.60
CA ALA A 30 42.65 -10.88 74.27
C ALA A 30 43.69 -10.89 73.16
N VAL A 31 44.63 -9.95 73.17
CA VAL A 31 45.64 -9.94 72.12
C VAL A 31 46.45 -11.24 72.15
N ARG A 32 46.66 -11.78 73.34
CA ARG A 32 47.45 -13.01 73.51
C ARG A 32 46.75 -14.33 73.15
N ARG A 33 45.51 -14.53 73.59
CA ARG A 33 44.85 -15.79 73.28
C ARG A 33 44.97 -16.09 71.81
N SER A 34 44.58 -15.10 71.00
CA SER A 34 44.64 -15.24 69.57
C SER A 34 46.07 -15.64 69.15
N VAL A 35 47.07 -14.94 69.70
CA VAL A 35 48.46 -15.22 69.38
C VAL A 35 48.99 -16.56 69.89
N GLU A 36 48.59 -16.95 71.09
CA GLU A 36 49.04 -18.21 71.64
C GLU A 36 48.78 -19.26 70.57
N HIS A 37 47.63 -19.14 69.91
CA HIS A 37 47.28 -20.07 68.85
C HIS A 37 48.19 -19.95 67.66
N LEU A 38 47.91 -20.78 66.66
CA LEU A 38 48.70 -20.86 65.45
C LEU A 38 50.06 -21.45 65.75
N GLN A 39 50.45 -21.50 67.03
CA GLN A 39 51.71 -22.17 67.34
C GLN A 39 51.19 -23.58 67.13
N LYS A 40 49.92 -23.75 67.48
CA LYS A 40 49.24 -25.03 67.31
C LYS A 40 48.69 -25.16 65.87
N HIS A 41 48.18 -24.05 65.32
CA HIS A 41 47.61 -24.07 63.96
C HIS A 41 48.64 -23.63 62.89
N GLY A 42 49.88 -23.51 63.35
CA GLY A 42 51.04 -23.17 62.53
C GLY A 42 51.02 -22.04 61.54
N LEU A 43 50.70 -20.82 61.98
CA LEU A 43 50.68 -19.71 61.02
C LEU A 43 51.73 -18.59 61.15
N TRP A 44 51.97 -18.11 62.36
CA TRP A 44 52.90 -17.00 62.55
C TRP A 44 54.42 -17.20 62.53
N GLY A 45 55.09 -16.04 62.58
CA GLY A 45 56.54 -15.91 62.55
C GLY A 45 56.92 -15.29 61.21
N GLN A 46 56.43 -15.96 60.17
CA GLN A 46 56.66 -15.57 58.79
C GLN A 46 55.52 -14.73 58.22
N PRO A 47 54.36 -14.69 58.89
CA PRO A 47 53.28 -13.88 58.34
C PRO A 47 53.79 -12.46 58.14
N ALA A 48 54.85 -12.14 58.87
CA ALA A 48 55.48 -10.83 58.78
C ALA A 48 56.40 -10.78 57.54
N VAL A 49 55.81 -11.07 56.38
CA VAL A 49 56.51 -11.04 55.08
C VAL A 49 55.59 -10.47 54.00
N PRO A 50 54.67 -9.54 54.36
CA PRO A 50 53.71 -8.89 53.46
C PRO A 50 54.10 -8.04 52.26
N LEU A 51 53.09 -7.89 51.41
CA LEU A 51 53.13 -7.11 50.18
C LEU A 51 51.92 -6.17 50.41
N PRO A 52 52.01 -5.30 51.45
CA PRO A 52 51.09 -4.29 51.99
C PRO A 52 50.43 -3.12 51.24
N ASP A 53 51.14 -2.48 50.32
CA ASP A 53 50.66 -1.29 49.62
C ASP A 53 49.26 -0.98 49.07
N VAL A 54 48.99 0.33 49.09
CA VAL A 54 47.79 1.02 48.62
C VAL A 54 47.98 2.46 49.08
N GLU A 55 47.35 3.38 48.37
CA GLU A 55 47.41 4.78 48.69
C GLU A 55 45.94 5.09 48.44
N LEU A 56 45.19 5.32 49.50
CA LEU A 56 43.78 5.58 49.33
C LEU A 56 43.45 7.01 49.59
N ARG A 57 42.64 7.57 48.72
CA ARG A 57 42.25 8.96 48.83
C ARG A 57 40.80 9.23 48.45
N LEU A 58 39.85 8.94 49.34
CA LEU A 58 38.44 9.22 49.03
C LEU A 58 37.58 9.80 50.15
N PRO A 59 36.85 10.89 49.85
CA PRO A 59 35.95 11.63 50.75
C PRO A 59 34.46 11.58 50.47
N PRO A 60 34.02 10.67 49.62
CA PRO A 60 32.58 10.68 49.39
C PRO A 60 31.66 10.57 50.57
N LEU A 61 32.08 10.09 51.74
CA LEU A 61 31.07 10.03 52.78
C LEU A 61 31.12 10.69 54.15
N TYR A 62 29.89 10.89 54.58
CA TYR A 62 29.45 11.64 55.74
C TYR A 62 29.16 11.09 57.13
N GLY A 63 28.22 10.16 57.22
CA GLY A 63 27.76 9.59 58.48
C GLY A 63 28.51 9.14 59.74
N ASP A 64 27.69 8.86 60.76
CA ASP A 64 28.16 8.37 62.05
C ASP A 64 27.65 6.94 62.03
N ASN A 65 28.57 5.99 62.06
CA ASN A 65 28.22 4.58 61.98
C ASN A 65 27.73 4.46 60.54
N LEU A 66 28.61 3.98 59.68
CA LEU A 66 28.34 3.80 58.26
C LEU A 66 26.93 3.29 58.06
N ASP A 67 26.56 2.28 58.84
CA ASP A 67 25.24 1.69 58.74
C ASP A 67 24.18 2.72 59.01
N GLN A 68 24.47 3.65 59.93
CA GLN A 68 23.50 4.67 60.23
C GLN A 68 23.23 5.33 58.88
N HIS A 69 24.27 5.49 58.07
CA HIS A 69 24.08 6.09 56.76
C HIS A 69 23.54 5.07 55.77
N PHE A 70 23.62 3.79 56.12
CA PHE A 70 23.07 2.77 55.25
C PHE A 70 21.56 2.75 55.38
N ARG A 71 21.06 2.78 56.61
CA ARG A 71 19.62 2.77 56.83
C ARG A 71 19.03 4.00 56.13
N LEU A 72 19.83 5.07 56.03
CA LEU A 72 19.41 6.32 55.37
C LEU A 72 19.21 6.03 53.89
N LEU A 73 20.26 5.47 53.26
CA LEU A 73 20.23 5.14 51.84
C LEU A 73 18.99 4.26 51.60
N ALA A 74 18.81 3.29 52.49
CA ALA A 74 17.69 2.36 52.44
C ALA A 74 16.45 3.18 52.55
N GLN A 75 16.54 4.23 53.36
CA GLN A 75 15.44 5.14 53.63
C GLN A 75 14.86 5.81 52.41
N LYS A 76 15.71 6.43 51.58
CA LYS A 76 15.24 7.11 50.38
C LYS A 76 14.49 6.18 49.44
N GLN A 77 15.12 5.09 49.03
CA GLN A 77 14.46 4.14 48.13
C GLN A 77 13.18 3.58 48.74
N SER A 78 13.31 2.99 49.92
CA SER A 78 12.17 2.43 50.62
C SER A 78 10.99 3.40 50.76
N LEU A 79 11.25 4.67 51.05
CA LEU A 79 10.16 5.63 51.27
C LEU A 79 9.18 6.01 50.16
N PRO A 80 9.65 6.49 49.00
CA PRO A 80 8.63 6.82 48.01
C PRO A 80 7.68 5.66 47.77
N TYR A 81 8.21 4.44 47.76
CA TYR A 81 7.39 3.25 47.54
C TYR A 81 6.65 2.83 48.76
N LEU A 82 7.13 3.27 49.90
CA LEU A 82 6.42 2.90 51.10
C LEU A 82 5.11 3.63 51.04
N GLU A 83 5.19 4.93 50.71
CA GLU A 83 4.01 5.78 50.64
C GLU A 83 2.93 5.35 49.64
N ALA A 84 3.33 5.02 48.41
CA ALA A 84 2.35 4.59 47.41
C ALA A 84 1.77 3.22 47.75
N ALA A 85 2.57 2.40 48.45
CA ALA A 85 2.16 1.07 48.89
C ALA A 85 1.16 1.22 50.03
N ASN A 86 1.50 2.11 50.97
CA ASN A 86 0.65 2.40 52.13
C ASN A 86 -0.80 2.46 51.74
N LEU A 87 -1.10 3.42 50.85
CA LEU A 87 -2.45 3.67 50.38
C LEU A 87 -3.09 2.49 49.65
N LEU A 88 -2.27 1.68 48.99
CA LEU A 88 -2.83 0.53 48.29
C LEU A 88 -3.25 -0.45 49.34
N LEU A 89 -2.43 -0.54 50.37
CA LEU A 89 -2.68 -1.45 51.48
C LEU A 89 -3.88 -1.11 52.35
N GLN A 90 -4.06 0.16 52.70
CA GLN A 90 -5.21 0.54 53.55
C GLN A 90 -6.53 0.71 52.76
N ALA A 91 -6.42 0.73 51.42
CA ALA A 91 -7.58 0.89 50.53
C ALA A 91 -8.84 0.10 50.94
N GLN A 92 -9.98 0.78 50.89
CA GLN A 92 -11.27 0.23 51.32
C GLN A 92 -12.19 -0.50 50.36
N LEU A 93 -12.28 -0.06 49.11
CA LEU A 93 -13.23 -0.65 48.15
C LEU A 93 -12.89 -2.01 47.47
N PRO A 94 -13.24 -3.14 48.11
CA PRO A 94 -13.05 -4.56 47.71
C PRO A 94 -13.19 -5.00 46.21
N PRO A 95 -13.93 -6.09 45.92
CA PRO A 95 -14.03 -6.47 44.50
C PRO A 95 -15.35 -6.15 43.77
N LYS A 96 -15.24 -5.83 42.49
CA LYS A 96 -16.44 -5.53 41.68
C LYS A 96 -16.33 -6.22 40.31
N PRO A 97 -16.87 -7.46 40.19
CA PRO A 97 -16.87 -8.26 38.98
C PRO A 97 -18.08 -7.82 38.22
N PRO A 98 -17.90 -6.87 37.31
CA PRO A 98 -19.02 -6.37 36.52
C PRO A 98 -19.27 -7.45 35.44
N ALA A 99 -19.97 -7.15 34.35
CA ALA A 99 -20.17 -8.20 33.37
C ALA A 99 -18.84 -8.93 33.24
N TRP A 100 -17.85 -8.20 32.70
CA TRP A 100 -16.46 -8.66 32.44
C TRP A 100 -15.66 -7.67 31.58
N ALA A 101 -16.01 -7.53 30.28
CA ALA A 101 -15.34 -6.57 29.35
C ALA A 101 -14.59 -7.04 28.05
N TRP A 102 -13.39 -6.48 27.80
CA TRP A 102 -12.53 -6.82 26.66
C TRP A 102 -11.04 -6.35 26.60
N ALA A 103 -10.70 -5.24 25.94
CA ALA A 103 -9.28 -4.89 25.85
C ALA A 103 -8.67 -3.52 26.15
N GLU A 104 -7.66 -3.53 27.02
CA GLU A 104 -6.85 -2.35 27.42
C GLU A 104 -7.15 -1.60 28.69
N GLY A 105 -8.21 -1.95 29.39
CA GLY A 105 -8.43 -1.25 30.64
C GLY A 105 -9.75 -0.67 31.07
N TRP A 106 -9.73 0.65 31.22
CA TRP A 106 -10.84 1.50 31.62
C TRP A 106 -11.23 1.55 33.10
N THR A 107 -11.69 0.44 33.67
CA THR A 107 -12.08 0.36 35.08
C THR A 107 -13.16 -0.65 35.35
N ARG A 108 -14.29 -0.07 35.68
CA ARG A 108 -15.48 -0.77 35.90
C ARG A 108 -15.89 -1.31 37.24
N TYR A 109 -14.99 -1.30 38.23
CA TYR A 109 -15.48 -1.68 39.56
C TYR A 109 -16.38 -0.45 39.51
N GLY A 110 -17.69 -0.62 39.58
CA GLY A 110 -18.48 0.59 39.47
C GLY A 110 -19.79 0.78 40.16
N PRO A 111 -20.14 2.07 40.37
CA PRO A 111 -21.41 2.44 41.00
C PRO A 111 -22.35 1.82 39.98
N GLU A 112 -21.77 1.75 38.78
CA GLU A 112 -22.37 1.20 37.60
C GLU A 112 -21.31 0.58 36.68
N GLY A 113 -20.62 1.40 35.89
CA GLY A 113 -19.73 0.80 34.93
C GLY A 113 -18.28 1.09 34.58
N GLU A 114 -18.04 1.48 33.32
CA GLU A 114 -16.66 1.61 32.86
C GLU A 114 -16.20 2.50 31.71
N ALA A 115 -14.99 2.14 31.26
CA ALA A 115 -14.23 2.70 30.15
C ALA A 115 -13.23 3.82 30.41
N VAL A 116 -13.09 4.71 29.42
CA VAL A 116 -12.14 5.83 29.45
C VAL A 116 -10.66 5.42 29.38
N PRO A 117 -10.36 4.15 29.00
CA PRO A 117 -8.93 3.90 28.97
C PRO A 117 -8.40 4.31 27.60
N VAL A 118 -7.92 5.54 27.52
CA VAL A 118 -7.33 6.01 26.29
C VAL A 118 -5.89 5.67 26.61
N ALA A 119 -5.57 5.59 27.91
CA ALA A 119 -4.16 5.38 28.21
C ALA A 119 -3.46 4.72 29.40
N ILE A 120 -4.07 4.47 30.56
CA ILE A 120 -3.31 3.84 31.69
C ILE A 120 -3.77 4.25 33.09
N PRO A 121 -3.19 3.62 34.15
CA PRO A 121 -3.49 3.90 35.55
C PRO A 121 -3.01 5.27 36.07
N GLU A 122 -3.95 6.12 36.44
CA GLU A 122 -3.67 7.45 37.00
C GLU A 122 -3.80 7.12 38.48
N GLU A 123 -3.92 5.82 38.68
CA GLU A 123 -4.07 5.13 39.92
C GLU A 123 -3.14 5.39 41.08
N ARG A 124 -1.87 5.61 40.76
CA ARG A 124 -0.80 5.86 41.71
C ARG A 124 -0.26 4.59 42.47
N ALA A 125 -0.97 3.46 42.40
CA ALA A 125 -0.56 2.17 43.02
C ALA A 125 -1.64 1.07 42.83
N LEU A 126 -1.26 -0.14 42.35
CA LEU A 126 -2.22 -1.26 42.10
C LEU A 126 -1.48 -2.60 42.16
N VAL A 127 -2.14 -3.63 41.62
CA VAL A 127 -1.61 -4.98 41.53
C VAL A 127 -2.08 -5.43 40.14
N PHE A 128 -1.59 -6.54 39.60
CA PHE A 128 -1.96 -7.02 38.27
C PHE A 128 -1.53 -8.47 38.07
N ASP A 129 -2.08 -9.10 37.05
CA ASP A 129 -1.74 -10.48 36.74
C ASP A 129 -1.69 -10.55 35.24
N VAL A 130 -1.20 -11.66 34.71
CA VAL A 130 -1.12 -11.84 33.26
C VAL A 130 -1.18 -13.31 32.85
N GLU A 131 -1.83 -13.57 31.71
CA GLU A 131 -1.96 -14.92 31.17
C GLU A 131 -1.22 -14.92 29.85
N VAL A 132 -0.78 -16.09 29.41
CA VAL A 132 -0.08 -16.18 28.14
C VAL A 132 -0.31 -17.55 27.55
N CYS A 133 -0.71 -17.56 26.29
CA CYS A 133 -1.02 -18.83 25.68
C CYS A 133 0.04 -19.81 25.30
N LEU A 134 -0.49 -20.99 25.11
CA LEU A 134 0.25 -22.15 24.71
C LEU A 134 0.24 -22.01 23.22
N ALA A 135 -0.17 -20.82 22.79
CA ALA A 135 -0.13 -20.41 21.40
C ALA A 135 1.37 -20.15 21.51
N GLU A 136 1.87 -20.66 22.64
CA GLU A 136 3.21 -20.63 23.16
C GLU A 136 3.76 -19.23 23.21
N GLY A 137 3.18 -18.34 22.40
CA GLY A 137 3.63 -16.97 22.41
C GLY A 137 3.72 -16.50 23.85
N THR A 138 4.92 -16.04 24.23
CA THR A 138 5.19 -15.54 25.58
C THR A 138 4.42 -14.23 25.77
N CYS A 139 3.73 -13.82 24.70
CA CYS A 139 2.92 -12.60 24.64
C CYS A 139 1.56 -12.75 25.33
N PRO A 140 0.93 -11.60 25.65
CA PRO A 140 -0.34 -11.59 26.34
C PRO A 140 -1.70 -11.80 25.74
N THR A 141 -2.58 -12.03 26.69
CA THR A 141 -3.94 -12.37 26.44
C THR A 141 -4.88 -11.89 27.55
N LEU A 142 -4.53 -10.84 28.29
CA LEU A 142 -5.38 -10.38 29.39
C LEU A 142 -4.51 -10.02 30.60
N ALA A 143 -4.86 -8.95 31.30
CA ALA A 143 -4.10 -8.55 32.47
C ALA A 143 -5.11 -8.00 33.45
N VAL A 144 -5.15 -8.59 34.64
CA VAL A 144 -6.10 -8.26 35.71
C VAL A 144 -5.78 -7.06 36.64
N ALA A 145 -6.77 -6.20 36.98
CA ALA A 145 -6.46 -5.03 37.84
C ALA A 145 -7.35 -4.63 39.03
N ILE A 146 -6.69 -4.20 40.12
CA ILE A 146 -7.36 -3.85 41.38
C ILE A 146 -7.63 -2.38 41.82
N SER A 147 -6.85 -1.77 42.74
CA SER A 147 -7.13 -0.37 43.18
C SER A 147 -7.81 0.45 42.03
N PRO A 148 -7.11 1.27 41.19
CA PRO A 148 -8.12 1.75 40.27
C PRO A 148 -8.79 0.65 39.50
N SER A 149 -8.35 0.47 38.27
CA SER A 149 -9.06 -0.43 37.48
C SER A 149 -8.30 -0.43 36.22
N ALA A 150 -8.25 -1.58 35.59
CA ALA A 150 -7.48 -1.67 34.37
C ALA A 150 -7.92 -2.94 33.70
N TRP A 151 -7.33 -3.29 32.56
CA TRP A 151 -7.87 -4.46 31.94
C TRP A 151 -7.20 -5.33 30.88
N TYR A 152 -7.94 -6.42 30.69
CA TYR A 152 -7.70 -7.53 29.79
C TYR A 152 -7.54 -7.12 28.36
N SER A 153 -7.08 -8.04 27.54
CA SER A 153 -6.85 -7.58 26.23
C SER A 153 -7.10 -8.47 25.03
N TRP A 154 -6.14 -8.43 24.12
CA TRP A 154 -6.20 -9.07 22.82
C TRP A 154 -5.96 -10.56 22.61
N CYS A 155 -6.08 -11.35 23.67
CA CYS A 155 -5.92 -12.81 23.58
C CYS A 155 -7.04 -13.36 22.79
N SER A 156 -8.15 -12.92 23.29
CA SER A 156 -9.43 -13.33 22.88
C SER A 156 -10.10 -12.62 21.76
N GLN A 157 -9.43 -11.67 21.16
CA GLN A 157 -9.97 -11.11 19.96
C GLN A 157 -8.88 -11.68 19.05
N ARG A 158 -7.70 -11.93 19.64
CA ARG A 158 -6.54 -12.51 18.93
C ARG A 158 -7.01 -13.81 18.31
N LEU A 159 -7.70 -14.61 19.07
CA LEU A 159 -8.18 -15.86 18.50
C LEU A 159 -8.96 -15.76 17.18
N VAL A 160 -9.40 -14.56 16.77
CA VAL A 160 -10.04 -14.51 15.33
C VAL A 160 -9.02 -13.89 14.46
N GLU A 161 -7.75 -13.99 14.84
CA GLU A 161 -6.87 -13.34 13.94
C GLU A 161 -6.17 -14.30 13.10
N GLU A 162 -5.64 -13.86 12.00
CA GLU A 162 -4.93 -14.81 11.15
C GLU A 162 -3.90 -15.74 11.51
N ARG A 163 -3.43 -16.20 10.39
CA ARG A 163 -2.72 -17.25 10.17
C ARG A 163 -3.22 -18.49 10.85
N TYR A 164 -3.36 -19.48 9.94
CA TYR A 164 -3.94 -20.81 9.95
C TYR A 164 -4.13 -21.74 11.14
N SER A 165 -3.17 -21.99 12.07
CA SER A 165 -3.46 -22.92 13.17
C SER A 165 -2.35 -23.08 14.21
N TRP A 166 -1.83 -24.29 14.33
CA TRP A 166 -0.81 -24.58 15.35
C TRP A 166 0.50 -25.28 14.90
N THR A 167 1.51 -25.20 15.77
CA THR A 167 2.84 -25.83 15.62
C THR A 167 3.83 -25.47 14.52
N SER A 168 3.42 -24.64 13.56
CA SER A 168 4.35 -24.23 12.50
C SER A 168 4.33 -22.74 12.36
N GLN A 169 5.49 -22.12 12.12
CA GLN A 169 5.46 -20.67 11.91
C GLN A 169 4.91 -19.51 12.67
N LEU A 170 3.59 -19.43 12.32
CA LEU A 170 2.51 -18.47 12.45
C LEU A 170 2.12 -17.27 13.23
N SER A 171 2.19 -16.16 12.55
CA SER A 171 1.82 -14.82 12.94
C SER A 171 2.46 -14.43 14.26
N PRO A 172 2.30 -15.23 15.35
CA PRO A 172 2.99 -14.77 16.54
C PRO A 172 4.52 -14.73 16.29
N ALA A 173 5.04 -15.47 15.30
CA ALA A 173 6.47 -15.44 14.98
C ALA A 173 6.72 -13.99 14.66
N ASP A 174 5.88 -13.42 13.78
CA ASP A 174 5.94 -12.01 13.44
C ASP A 174 5.37 -11.26 14.64
N LEU A 175 4.81 -11.96 15.61
CA LEU A 175 4.33 -11.23 16.77
C LEU A 175 5.58 -10.87 17.54
N ILE A 176 6.77 -11.19 17.04
CA ILE A 176 7.94 -10.79 17.81
C ILE A 176 8.09 -9.29 17.53
N PRO A 177 7.64 -8.82 16.36
CA PRO A 177 7.78 -7.38 16.24
C PRO A 177 6.64 -6.72 17.05
N LEU A 178 5.79 -7.55 17.67
CA LEU A 178 4.66 -7.08 18.51
C LEU A 178 5.15 -6.34 19.74
N GLU A 179 6.23 -6.85 20.29
CA GLU A 179 6.80 -6.29 21.50
C GLU A 179 6.73 -4.79 21.55
N VAL A 180 7.58 -4.13 20.79
CA VAL A 180 7.56 -2.69 20.87
C VAL A 180 6.14 -2.20 20.80
N PRO A 181 5.43 -2.46 19.71
CA PRO A 181 4.06 -1.97 19.66
C PRO A 181 3.25 -2.15 20.94
N THR A 182 3.38 -3.30 21.62
CA THR A 182 2.60 -3.58 22.84
C THR A 182 2.90 -2.79 24.12
N GLY A 183 4.15 -2.82 24.57
CA GLY A 183 4.53 -2.06 25.76
C GLY A 183 4.66 -2.66 27.15
N ALA A 184 3.52 -2.92 27.78
CA ALA A 184 3.36 -3.47 29.15
C ALA A 184 2.45 -2.48 29.80
N SER A 185 1.48 -2.03 29.04
CA SER A 185 0.54 -1.04 29.52
C SER A 185 1.13 0.35 29.29
N SER A 186 2.17 0.42 28.44
CA SER A 186 2.83 1.69 28.03
C SER A 186 4.32 2.04 28.22
N PRO A 187 5.12 1.19 28.89
CA PRO A 187 4.72 -0.08 29.49
C PRO A 187 4.15 0.51 30.76
N THR A 188 4.80 1.60 31.10
CA THR A 188 4.56 2.41 32.23
C THR A 188 3.35 3.29 32.20
N GLN A 189 3.34 4.05 33.25
CA GLN A 189 2.36 5.02 33.55
C GLN A 189 3.37 6.19 33.39
N ARG A 190 3.40 7.23 34.22
CA ARG A 190 4.35 8.32 33.89
C ARG A 190 5.79 8.54 34.39
N ASP A 191 6.17 8.09 35.60
CA ASP A 191 7.52 8.34 36.15
C ASP A 191 7.46 9.79 36.63
N TRP A 192 6.26 10.36 36.49
CA TRP A 192 5.94 11.73 36.90
C TRP A 192 5.18 11.66 38.22
N GLN A 193 5.93 11.89 39.30
CA GLN A 193 5.45 11.87 40.68
C GLN A 193 5.50 10.46 41.27
N GLU A 194 4.42 10.06 41.94
CA GLU A 194 4.34 8.74 42.56
C GLU A 194 4.14 7.63 41.54
N GLN A 195 4.98 6.59 41.65
CA GLN A 195 4.92 5.43 40.75
C GLN A 195 4.35 4.21 41.44
N LEU A 196 3.31 3.62 40.86
CA LEU A 196 2.71 2.45 41.46
C LEU A 196 3.74 1.32 41.54
N VAL A 197 3.93 0.82 42.76
CA VAL A 197 4.82 -0.32 43.00
C VAL A 197 3.83 -1.43 42.68
N VAL A 198 4.25 -2.68 42.68
CA VAL A 198 3.27 -3.72 42.42
C VAL A 198 3.57 -5.00 43.19
N GLY A 199 2.58 -5.45 43.94
CA GLY A 199 2.75 -6.64 44.73
C GLY A 199 2.11 -7.81 44.02
N HIS A 200 2.92 -8.80 43.65
CA HIS A 200 2.41 -9.97 42.96
C HIS A 200 3.13 -11.24 43.32
N ASN A 201 2.58 -12.33 42.80
CA ASN A 201 3.13 -13.63 43.07
C ASN A 201 3.82 -14.22 41.88
N VAL A 202 5.14 -14.17 41.92
CA VAL A 202 5.96 -14.77 40.90
C VAL A 202 6.00 -14.12 39.54
N SER A 203 6.35 -15.01 38.62
CA SER A 203 6.56 -14.84 37.20
C SER A 203 5.44 -14.39 36.27
N PHE A 204 5.86 -14.10 35.05
CA PHE A 204 5.04 -13.68 33.94
C PHE A 204 3.96 -12.66 34.25
N ASP A 205 4.08 -12.11 35.45
CA ASP A 205 3.29 -11.02 35.98
C ASP A 205 4.63 -10.32 36.01
N ARG A 206 5.64 -11.15 36.28
CA ARG A 206 7.02 -10.74 36.26
C ARG A 206 7.03 -10.40 34.77
N ALA A 207 6.03 -10.92 34.07
CA ALA A 207 5.89 -10.69 32.64
C ALA A 207 4.99 -9.54 32.41
N HIS A 208 4.17 -9.21 33.39
CA HIS A 208 3.37 -8.03 33.19
C HIS A 208 4.59 -7.11 33.22
N ILE A 209 5.56 -7.62 33.96
CA ILE A 209 6.85 -6.99 34.17
C ILE A 209 7.75 -7.62 33.10
N ARG A 210 7.14 -8.09 32.03
CA ARG A 210 7.91 -8.66 30.95
C ARG A 210 8.07 -7.52 30.01
N GLU A 211 7.26 -6.49 30.28
CA GLU A 211 7.25 -5.31 29.44
C GLU A 211 7.32 -3.97 30.18
N GLN A 212 7.06 -3.95 31.50
CA GLN A 212 7.10 -2.71 32.29
C GLN A 212 8.50 -2.10 32.45
N TYR A 213 9.50 -2.96 32.41
CA TYR A 213 10.88 -2.54 32.46
C TYR A 213 11.34 -2.98 31.07
N LEU A 214 12.39 -2.37 30.53
CA LEU A 214 12.88 -2.76 29.20
C LEU A 214 13.43 -1.59 28.41
N ILE A 215 12.79 -0.45 28.52
CA ILE A 215 13.21 0.71 27.77
C ILE A 215 14.38 1.44 28.41
N GLN A 216 14.80 0.96 29.57
CA GLN A 216 15.95 1.53 30.25
C GLN A 216 15.77 2.93 30.78
N GLY A 217 14.90 2.97 31.78
CA GLY A 217 14.49 4.17 32.47
C GLY A 217 13.16 3.70 33.03
N SER A 218 12.89 4.00 34.29
CA SER A 218 11.64 3.61 34.94
C SER A 218 11.87 3.43 36.43
N ARG A 219 11.07 4.16 37.22
CA ARG A 219 11.15 4.10 38.67
C ARG A 219 10.00 3.34 39.29
N MET A 220 9.69 2.22 38.66
CA MET A 220 8.65 1.35 39.18
C MET A 220 9.47 0.31 39.88
N ARG A 221 8.98 -0.16 41.02
CA ARG A 221 9.69 -1.23 41.70
C ARG A 221 8.56 -2.09 42.21
N PHE A 222 8.80 -3.39 42.42
CA PHE A 222 7.72 -4.29 42.76
C PHE A 222 7.67 -5.09 44.05
N LEU A 223 8.13 -6.33 43.99
CA LEU A 223 8.20 -7.24 45.14
C LEU A 223 7.12 -8.33 45.23
N ASP A 224 7.59 -9.58 45.25
CA ASP A 224 6.78 -10.76 45.31
C ASP A 224 5.98 -10.94 46.55
N THR A 225 4.86 -11.57 46.36
CA THR A 225 3.98 -11.86 47.44
C THR A 225 4.37 -13.26 47.83
N MET A 226 5.09 -13.93 46.92
CA MET A 226 5.53 -15.30 47.12
C MET A 226 6.93 -15.29 47.72
N SER A 227 7.68 -14.28 47.35
CA SER A 227 9.03 -14.10 47.84
C SER A 227 9.01 -13.96 49.34
N MET A 228 8.40 -12.87 49.77
CA MET A 228 8.22 -12.50 51.16
C MET A 228 7.78 -13.72 51.93
N HIS A 229 6.83 -14.43 51.35
CA HIS A 229 6.32 -15.62 51.98
C HIS A 229 7.51 -16.49 52.32
N MET A 230 8.26 -16.84 51.29
CA MET A 230 9.45 -17.65 51.48
C MET A 230 10.12 -17.03 52.67
N ALA A 231 10.40 -15.75 52.54
CA ALA A 231 11.05 -14.96 53.57
C ALA A 231 10.50 -15.16 54.97
N ILE A 232 9.21 -14.96 55.17
CA ILE A 232 8.63 -15.10 56.51
C ILE A 232 8.11 -16.48 56.85
N SER A 233 7.17 -16.95 56.06
CA SER A 233 6.61 -18.26 56.27
C SER A 233 7.18 -19.08 55.12
N GLY A 234 8.32 -19.69 55.35
CA GLY A 234 8.89 -20.48 54.28
C GLY A 234 9.29 -21.79 54.91
N LEU A 235 9.70 -22.77 54.10
CA LEU A 235 10.13 -24.09 54.60
C LEU A 235 11.40 -24.56 53.84
N SER A 236 12.21 -25.42 54.45
CA SER A 236 13.45 -25.91 53.81
C SER A 236 13.25 -26.96 52.73
N SER A 237 14.26 -27.17 51.90
CA SER A 237 14.17 -28.13 50.82
C SER A 237 13.53 -29.45 51.20
N PHE A 238 14.23 -30.28 51.99
CA PHE A 238 13.68 -31.58 52.40
C PHE A 238 12.55 -31.54 53.41
N GLN A 239 12.68 -30.74 54.46
CA GLN A 239 11.59 -30.71 55.41
C GLN A 239 10.27 -30.44 54.73
N ARG A 240 10.18 -29.38 53.92
CA ARG A 240 8.90 -29.07 53.27
C ARG A 240 8.40 -30.29 52.49
N SER A 241 9.24 -30.90 51.67
CA SER A 241 8.80 -32.07 50.91
C SER A 241 8.13 -33.18 51.78
N LEU A 242 8.72 -33.47 52.92
CA LEU A 242 8.18 -34.49 53.81
C LEU A 242 6.92 -33.89 54.35
N TRP A 243 7.04 -32.60 54.67
CA TRP A 243 5.95 -31.79 55.19
C TRP A 243 4.83 -31.77 54.16
N ILE A 244 5.18 -31.73 52.88
CA ILE A 244 4.16 -31.69 51.82
C ILE A 244 3.33 -33.00 51.72
N ALA A 245 4.03 -34.13 51.64
CA ALA A 245 3.39 -35.45 51.51
C ALA A 245 2.32 -35.66 52.59
N ALA A 246 2.75 -35.66 53.84
CA ALA A 246 1.86 -35.82 54.96
C ALA A 246 0.81 -34.69 55.11
N LYS A 247 1.21 -33.43 54.85
CA LYS A 247 0.34 -32.25 55.01
C LYS A 247 -0.97 -32.12 54.24
N GLN A 248 -0.93 -32.31 52.94
CA GLN A 248 -2.19 -32.18 52.23
C GLN A 248 -2.95 -33.49 52.32
N GLY A 249 -2.42 -34.54 51.69
CA GLY A 249 -3.10 -35.82 51.73
C GLY A 249 -2.23 -37.01 51.35
N TRP A 276 4.28 -34.74 63.69
CA TRP A 276 3.47 -33.80 62.92
C TRP A 276 3.59 -32.39 63.49
N ASP A 277 4.57 -31.61 63.05
CA ASP A 277 4.61 -30.31 63.67
C ASP A 277 4.89 -28.98 63.01
N TRP A 278 3.79 -28.23 62.99
CA TRP A 278 3.67 -26.89 62.47
C TRP A 278 3.63 -26.83 60.97
N LEU A 279 2.44 -27.12 60.46
CA LEU A 279 2.20 -27.02 59.04
C LEU A 279 2.47 -25.54 58.96
N ASP A 280 1.42 -24.70 59.10
CA ASP A 280 1.64 -23.25 59.05
C ASP A 280 2.63 -23.34 57.90
N ILE A 281 2.37 -24.38 57.12
CA ILE A 281 3.14 -24.83 56.00
C ILE A 281 3.70 -23.78 55.09
N SER A 282 2.91 -22.76 54.78
CA SER A 282 3.40 -21.69 53.93
C SER A 282 4.23 -22.29 52.83
N SER A 283 3.56 -23.08 51.98
CA SER A 283 4.21 -23.71 50.85
C SER A 283 4.04 -22.82 49.60
N VAL A 284 5.17 -22.32 49.11
CA VAL A 284 5.29 -21.48 47.92
C VAL A 284 4.21 -21.70 46.87
N ASN A 285 3.98 -20.70 46.03
CA ASN A 285 3.02 -20.72 44.90
C ASN A 285 1.89 -19.69 44.91
N SER A 286 1.20 -19.60 46.04
CA SER A 286 0.09 -18.69 46.22
C SER A 286 -0.86 -19.45 47.11
N ASN A 287 -1.71 -20.23 46.47
CA ASN A 287 -2.72 -21.05 47.11
C ASN A 287 -2.42 -21.52 48.55
N SER A 288 -1.35 -22.31 48.74
CA SER A 288 -0.97 -22.85 50.07
C SER A 288 -0.55 -21.83 51.13
N LEU A 289 -0.27 -20.63 50.64
CA LEU A 289 0.16 -19.51 51.45
C LEU A 289 -1.10 -18.80 51.96
N ALA A 290 -2.06 -18.64 51.05
CA ALA A 290 -3.34 -18.03 51.35
C ALA A 290 -4.02 -18.91 52.40
N GLU A 291 -3.74 -20.20 52.29
CA GLU A 291 -4.29 -21.19 53.21
C GLU A 291 -3.84 -20.80 54.62
N VAL A 292 -2.62 -20.26 54.72
CA VAL A 292 -2.03 -19.84 55.99
C VAL A 292 -2.31 -18.40 56.41
N HIS A 293 -2.31 -17.47 55.45
CA HIS A 293 -2.58 -16.08 55.78
C HIS A 293 -4.03 -15.76 56.08
N ARG A 294 -4.90 -16.14 55.15
CA ARG A 294 -6.31 -15.89 55.34
C ARG A 294 -7.19 -17.13 55.43
N LEU A 295 -6.96 -18.12 54.57
CA LEU A 295 -7.69 -19.40 54.62
C LEU A 295 -9.11 -19.61 54.03
N TYR A 296 -9.82 -18.55 53.63
CA TYR A 296 -11.19 -18.76 53.08
C TYR A 296 -11.24 -18.47 51.58
N VAL A 297 -12.28 -19.00 50.93
CA VAL A 297 -12.44 -18.88 49.47
C VAL A 297 -11.12 -19.51 49.02
N GLY A 298 -10.56 -20.27 49.97
CA GLY A 298 -9.29 -20.95 49.82
C GLY A 298 -9.43 -22.21 49.03
N GLY A 299 -9.14 -22.06 47.74
CA GLY A 299 -9.20 -23.13 46.79
C GLY A 299 -8.80 -22.45 45.49
N PRO A 300 -9.16 -23.01 44.35
CA PRO A 300 -8.66 -22.19 43.26
C PRO A 300 -9.76 -21.63 42.39
N PRO A 301 -10.24 -20.40 42.68
CA PRO A 301 -11.28 -19.97 41.75
C PRO A 301 -10.50 -20.09 40.45
N LYS A 304 -10.96 -20.97 39.56
CA LYS A 304 -10.30 -21.26 38.26
C LYS A 304 -9.30 -22.39 38.51
N GLU A 305 -8.38 -22.55 37.54
CA GLU A 305 -7.30 -23.51 37.57
C GLU A 305 -7.56 -25.00 37.26
N PRO A 306 -8.81 -25.56 37.51
CA PRO A 306 -8.98 -26.99 37.16
C PRO A 306 -9.03 -26.92 35.65
N ARG A 307 -9.44 -25.74 35.27
CA ARG A 307 -9.57 -25.24 33.93
C ARG A 307 -8.22 -24.53 33.82
N GLU A 308 -7.87 -24.09 32.62
CA GLU A 308 -6.62 -23.34 32.44
C GLU A 308 -5.44 -24.28 32.54
N LEU A 309 -5.72 -25.49 33.01
CA LEU A 309 -4.71 -26.54 33.16
C LEU A 309 -5.27 -27.76 32.47
N PHE A 310 -6.59 -27.91 32.47
CA PHE A 310 -7.09 -29.01 31.71
C PHE A 310 -6.99 -28.50 30.31
N VAL A 311 -5.73 -28.27 30.00
CA VAL A 311 -5.21 -27.76 28.77
C VAL A 311 -4.59 -26.43 28.99
N LYS A 312 -3.57 -26.35 29.82
CA LYS A 312 -2.90 -25.10 29.83
C LYS A 312 -2.40 -25.68 28.52
N GLY A 313 -3.24 -25.57 27.50
CA GLY A 313 -2.97 -26.14 26.21
C GLY A 313 -4.02 -25.97 25.11
N THR A 314 -5.31 -25.73 25.42
CA THR A 314 -6.31 -25.58 24.33
C THR A 314 -6.83 -24.17 24.03
N MET A 315 -6.61 -23.73 22.80
CA MET A 315 -7.06 -22.43 22.40
C MET A 315 -7.74 -22.39 21.05
N LYS A 316 -8.60 -21.39 20.95
CA LYS A 316 -9.47 -21.04 19.83
C LYS A 316 -10.75 -21.07 20.63
N ASP A 317 -10.86 -22.10 21.46
CA ASP A 317 -12.01 -22.31 22.32
C ASP A 317 -11.90 -21.37 23.50
N ILE A 318 -10.66 -21.16 23.92
CA ILE A 318 -10.38 -20.33 25.06
C ILE A 318 -11.30 -19.13 25.25
N ARG A 319 -11.47 -18.29 24.24
CA ARG A 319 -12.31 -17.12 24.43
C ARG A 319 -13.70 -17.42 24.92
N GLU A 320 -14.34 -18.38 24.30
CA GLU A 320 -15.68 -18.76 24.71
C GLU A 320 -15.66 -18.88 26.22
N ASN A 321 -15.00 -19.95 26.66
CA ASN A 321 -14.83 -20.25 28.06
C ASN A 321 -14.38 -18.99 28.78
N PHE A 322 -13.49 -18.25 28.14
CA PHE A 322 -12.96 -17.01 28.70
C PHE A 322 -14.04 -16.00 29.05
N GLN A 323 -14.74 -15.55 28.01
CA GLN A 323 -15.76 -14.55 28.17
C GLN A 323 -16.44 -14.86 29.47
N ASP A 324 -17.12 -16.01 29.51
CA ASP A 324 -17.81 -16.41 30.73
C ASP A 324 -16.93 -16.22 31.97
N LEU A 325 -15.87 -17.01 32.05
CA LEU A 325 -15.01 -17.04 33.24
C LEU A 325 -13.76 -16.23 33.49
N MET A 326 -12.99 -15.91 32.48
CA MET A 326 -11.74 -15.23 32.76
C MET A 326 -11.74 -14.13 33.78
N GLN A 327 -12.92 -13.58 34.06
CA GLN A 327 -13.00 -12.58 35.10
C GLN A 327 -12.65 -13.35 36.38
N TYR A 328 -13.07 -14.62 36.46
CA TYR A 328 -12.83 -15.50 37.61
C TYR A 328 -11.36 -15.51 37.93
N CYS A 329 -10.61 -15.93 36.92
CA CYS A 329 -9.17 -16.02 37.01
C CYS A 329 -8.68 -14.77 37.70
N ALA A 330 -8.98 -13.67 37.06
CA ALA A 330 -8.64 -12.37 37.56
C ALA A 330 -8.81 -12.33 39.08
N GLN A 331 -10.07 -12.27 39.47
CA GLN A 331 -10.42 -12.20 40.87
C GLN A 331 -9.64 -13.17 41.74
N ASP A 332 -9.65 -14.46 41.43
CA ASP A 332 -8.89 -15.40 42.25
C ASP A 332 -7.54 -14.81 42.47
N VAL A 333 -6.94 -14.41 41.37
CA VAL A 333 -5.64 -13.80 41.37
C VAL A 333 -5.58 -12.69 42.40
N TRP A 334 -6.57 -11.80 42.31
CA TRP A 334 -6.67 -10.64 43.21
C TRP A 334 -6.65 -10.93 44.69
N ALA A 335 -7.58 -11.77 45.12
CA ALA A 335 -7.66 -12.16 46.51
C ALA A 335 -6.21 -12.42 46.91
N THR A 336 -5.59 -13.45 46.33
CA THR A 336 -4.20 -13.81 46.62
C THR A 336 -3.42 -12.54 46.86
N HIS A 337 -3.26 -11.76 45.79
CA HIS A 337 -2.54 -10.50 45.88
C HIS A 337 -2.96 -9.86 47.17
N GLU A 338 -4.25 -9.53 47.23
CA GLU A 338 -4.83 -8.92 48.41
C GLU A 338 -4.65 -9.68 49.69
N VAL A 339 -4.95 -10.98 49.69
CA VAL A 339 -4.82 -11.75 50.93
C VAL A 339 -3.38 -11.86 51.44
N PHE A 340 -2.42 -12.21 50.57
CA PHE A 340 -1.04 -12.34 51.04
C PHE A 340 -0.58 -10.96 51.46
N GLN A 341 -0.82 -10.00 50.60
CA GLN A 341 -0.38 -8.63 50.82
C GLN A 341 -0.76 -7.81 52.04
N GLN A 342 -2.05 -7.55 52.26
CA GLN A 342 -2.44 -6.77 53.42
C GLN A 342 -1.90 -7.38 54.72
N GLN A 343 -1.53 -8.67 54.67
CA GLN A 343 -0.97 -9.45 55.79
C GLN A 343 0.52 -9.79 55.60
N LEU A 344 1.03 -9.69 54.38
CA LEU A 344 2.45 -10.00 54.08
C LEU A 344 3.52 -8.98 54.49
N PRO A 345 3.14 -7.70 54.61
CA PRO A 345 4.10 -6.67 54.98
C PRO A 345 4.51 -6.73 56.45
N LEU A 346 3.52 -6.46 57.29
CA LEU A 346 3.60 -6.41 58.73
C LEU A 346 4.49 -7.45 59.39
N PHE A 347 4.27 -8.71 59.03
CA PHE A 347 5.06 -9.78 59.60
C PHE A 347 6.50 -9.63 59.01
N LEU A 348 6.60 -9.15 57.78
CA LEU A 348 7.90 -8.95 57.13
C LEU A 348 8.69 -7.98 57.93
N GLU A 349 8.08 -6.83 58.17
CA GLU A 349 8.73 -5.81 58.94
C GLU A 349 8.69 -6.30 60.37
N ARG A 350 8.17 -7.51 60.58
CA ARG A 350 8.14 -8.06 61.93
C ARG A 350 9.57 -8.57 62.07
N CYS A 351 10.32 -8.49 60.96
CA CYS A 351 11.74 -8.88 60.89
C CYS A 351 12.52 -7.69 60.23
N PRO A 352 12.22 -6.45 60.70
CA PRO A 352 12.57 -5.03 60.50
C PRO A 352 13.85 -4.42 59.93
N HIS A 353 14.01 -4.36 58.62
CA HIS A 353 15.19 -3.66 58.13
C HIS A 353 14.84 -2.72 57.01
N PRO A 354 15.63 -1.66 56.78
CA PRO A 354 15.27 -0.76 55.69
C PRO A 354 15.99 -1.27 54.46
N VAL A 355 17.22 -1.68 54.70
CA VAL A 355 18.09 -2.14 53.67
C VAL A 355 17.65 -3.42 53.03
N THR A 356 17.42 -4.46 53.82
CA THR A 356 16.99 -5.72 53.22
C THR A 356 15.95 -5.38 52.15
N LEU A 357 14.95 -4.61 52.56
CA LEU A 357 13.81 -4.24 51.72
C LEU A 357 14.08 -3.40 50.47
N ALA A 358 14.88 -2.35 50.62
CA ALA A 358 15.23 -1.50 49.48
C ALA A 358 16.12 -2.28 48.49
N GLY A 359 17.09 -3.04 49.03
CA GLY A 359 17.98 -3.81 48.19
C GLY A 359 17.21 -4.77 47.30
N MET A 360 16.12 -5.35 47.82
CA MET A 360 15.31 -6.28 47.04
C MET A 360 14.41 -5.59 46.07
N LEU A 361 14.14 -4.32 46.35
CA LEU A 361 13.30 -3.55 45.46
C LEU A 361 13.96 -3.44 44.09
N GLU A 362 15.26 -3.20 44.07
CA GLU A 362 15.99 -3.09 42.82
C GLU A 362 16.37 -4.45 42.25
N MET A 363 16.56 -5.44 43.12
CA MET A 363 16.91 -6.77 42.65
C MET A 363 15.87 -7.16 41.61
N GLY A 364 14.61 -7.01 41.96
CA GLY A 364 13.52 -7.35 41.05
C GLY A 364 13.55 -6.67 39.69
N VAL A 365 13.88 -5.38 39.68
CA VAL A 365 13.94 -4.59 38.44
C VAL A 365 15.27 -4.80 37.73
N SER A 366 15.61 -6.05 37.50
CA SER A 366 16.88 -6.33 36.85
C SER A 366 16.76 -6.20 35.35
N TYR A 367 17.90 -6.36 34.69
CA TYR A 367 17.95 -6.25 33.24
C TYR A 367 18.95 -7.19 32.59
N LEU A 368 18.78 -7.39 31.30
CA LEU A 368 19.63 -8.25 30.48
C LEU A 368 19.48 -7.87 29.00
N PRO A 369 20.51 -7.20 28.44
CA PRO A 369 20.79 -6.66 27.09
C PRO A 369 20.31 -7.36 25.84
N VAL A 370 21.14 -8.28 25.35
CA VAL A 370 20.83 -9.07 24.16
C VAL A 370 20.87 -8.27 22.86
N ASN A 371 21.10 -8.98 21.77
CA ASN A 371 21.16 -8.42 20.43
C ASN A 371 20.63 -9.40 19.42
N GLN A 372 20.72 -8.98 18.17
CA GLN A 372 20.30 -9.79 17.06
C GLN A 372 20.74 -11.19 17.35
N ASN A 373 21.87 -11.26 18.02
CA ASN A 373 22.48 -12.53 18.30
C ASN A 373 21.87 -13.58 19.17
N TRP A 374 21.09 -13.24 20.18
CA TRP A 374 20.66 -14.36 20.98
C TRP A 374 20.10 -15.50 20.18
N GLU A 375 19.05 -15.24 19.41
CA GLU A 375 18.45 -16.30 18.60
C GLU A 375 19.45 -17.02 17.73
N ARG A 376 20.42 -16.28 17.21
CA ARG A 376 21.43 -16.88 16.35
C ARG A 376 22.48 -17.59 17.19
N TYR A 377 22.94 -16.94 18.25
CA TYR A 377 23.92 -17.56 19.09
C TYR A 377 23.26 -18.85 19.60
N LEU A 378 21.95 -18.77 19.80
CA LEU A 378 21.14 -19.88 20.29
C LEU A 378 20.80 -20.93 19.22
N ALA A 379 20.63 -20.47 17.97
CA ALA A 379 20.29 -21.35 16.83
C ALA A 379 21.52 -22.12 16.31
N GLU A 380 22.69 -21.49 16.32
CA GLU A 380 23.91 -22.17 15.90
C GLU A 380 24.05 -23.19 17.02
N ALA A 381 23.68 -22.73 18.21
CA ALA A 381 23.71 -23.51 19.43
C ALA A 381 22.90 -24.80 19.28
N GLN A 382 21.72 -24.68 18.68
CA GLN A 382 20.79 -25.79 18.44
C GLN A 382 21.27 -26.78 17.37
N GLY A 383 21.96 -26.26 16.36
CA GLY A 383 22.43 -27.11 15.27
C GLY A 383 23.37 -28.23 15.68
N THR A 384 24.17 -27.97 16.70
CA THR A 384 25.16 -28.92 17.18
C THR A 384 24.68 -30.11 17.98
N TYR A 385 23.81 -29.87 18.95
CA TYR A 385 23.34 -31.00 19.75
C TYR A 385 22.88 -32.08 18.80
N GLU A 386 22.25 -31.65 17.71
CA GLU A 386 21.77 -32.59 16.74
C GLU A 386 22.95 -33.31 16.17
N GLU A 387 23.74 -32.59 15.37
CA GLU A 387 24.90 -33.21 14.77
C GLU A 387 25.35 -34.28 15.71
N LEU A 388 25.80 -33.86 16.88
CA LEU A 388 26.26 -34.82 17.84
C LEU A 388 25.43 -36.09 17.91
N GLN A 389 24.21 -36.00 18.39
CA GLN A 389 23.36 -37.19 18.49
C GLN A 389 23.32 -37.85 17.14
N ARG A 390 22.82 -37.13 16.15
CA ARG A 390 22.70 -37.66 14.79
C ARG A 390 23.89 -38.52 14.47
N GLU A 391 25.04 -38.06 14.94
CA GLU A 391 26.29 -38.75 14.70
C GLU A 391 26.50 -39.98 15.58
N MET A 392 26.43 -39.85 16.90
CA MET A 392 26.62 -41.07 17.70
C MET A 392 25.68 -42.14 17.20
N LYS A 393 24.51 -41.70 16.74
CA LYS A 393 23.51 -42.61 16.20
C LYS A 393 24.13 -43.44 15.12
N LYS A 394 24.62 -42.80 14.07
CA LYS A 394 25.23 -43.58 13.02
C LYS A 394 26.33 -44.45 13.60
N SER A 395 27.20 -43.85 14.41
CA SER A 395 28.30 -44.60 15.03
C SER A 395 27.57 -45.81 15.53
N LEU A 396 26.82 -45.55 16.58
CA LEU A 396 25.99 -46.53 17.23
C LEU A 396 25.48 -47.43 16.12
N MET A 397 24.40 -46.99 15.49
CA MET A 397 23.75 -47.74 14.43
C MET A 397 24.74 -48.67 13.77
N ASP A 398 25.83 -48.11 13.30
CA ASP A 398 26.81 -48.96 12.66
C ASP A 398 27.45 -49.97 13.62
N LEU A 399 28.11 -49.53 14.69
CA LEU A 399 28.78 -50.48 15.57
C LEU A 399 27.93 -51.65 15.94
N ALA A 400 26.66 -51.38 16.25
CA ALA A 400 25.72 -52.42 16.64
C ALA A 400 25.48 -53.30 15.45
N ASN A 401 25.42 -52.67 14.29
CA ASN A 401 25.24 -53.39 13.06
C ASN A 401 26.43 -54.34 12.84
N ASP A 402 27.60 -53.76 12.66
CA ASP A 402 28.81 -54.55 12.48
C ASP A 402 28.71 -55.75 13.43
N ALA A 403 28.85 -55.46 14.71
CA ALA A 403 28.80 -56.46 15.76
C ALA A 403 27.87 -57.65 15.53
N CYS A 404 26.60 -57.42 15.81
CA CYS A 404 25.57 -58.45 15.70
C CYS A 404 25.80 -59.47 14.61
N GLN A 405 26.12 -58.93 13.45
CA GLN A 405 26.25 -59.72 12.25
C GLN A 405 27.42 -60.61 12.07
N LEU A 406 28.59 -60.02 12.25
CA LEU A 406 29.86 -60.71 12.09
C LEU A 406 29.89 -62.04 12.82
N LEU A 407 28.99 -62.19 13.79
CA LEU A 407 28.92 -63.40 14.57
C LEU A 407 28.05 -64.49 13.91
N SER A 408 28.60 -65.13 12.89
CA SER A 408 27.91 -66.20 12.19
C SER A 408 27.61 -67.24 13.25
N GLY A 409 26.35 -67.53 13.50
CA GLY A 409 26.01 -68.54 14.49
C GLY A 409 24.57 -68.97 14.58
N GLU A 410 24.32 -70.12 15.20
CA GLU A 410 22.96 -70.65 15.39
C GLU A 410 22.16 -70.86 14.09
N ARG A 411 20.94 -70.34 14.04
CA ARG A 411 20.03 -70.42 12.90
C ARG A 411 19.35 -69.04 12.70
N TYR A 412 19.12 -68.65 11.45
CA TYR A 412 18.50 -67.36 11.14
C TYR A 412 17.04 -67.26 11.60
N LYS A 413 16.58 -66.03 11.84
CA LYS A 413 15.23 -65.69 12.28
C LYS A 413 15.14 -65.73 13.81
N GLU A 414 16.28 -65.90 14.48
CA GLU A 414 16.36 -65.98 15.94
C GLU A 414 17.68 -65.42 16.45
N ASP A 415 17.82 -65.41 17.78
CA ASP A 415 19.01 -64.98 18.53
C ASP A 415 19.64 -63.58 18.33
N PRO A 416 20.81 -63.44 17.64
CA PRO A 416 21.28 -62.05 17.53
C PRO A 416 20.34 -61.28 16.56
N TRP A 417 19.61 -62.06 15.74
CA TRP A 417 18.63 -61.53 14.78
C TRP A 417 17.62 -60.70 15.54
N LEU A 418 17.11 -61.32 16.61
CA LEU A 418 16.14 -60.70 17.49
C LEU A 418 16.59 -59.28 17.75
N TRP A 419 17.84 -59.13 18.19
CA TRP A 419 18.38 -57.82 18.48
C TRP A 419 18.35 -56.91 17.25
N ASP A 420 19.07 -57.31 16.22
CA ASP A 420 19.11 -56.49 15.03
C ASP A 420 17.74 -56.24 14.48
N LEU A 421 16.87 -57.23 14.55
CA LEU A 421 15.52 -57.05 14.01
C LEU A 421 14.59 -56.04 14.70
N GLU A 422 14.61 -55.96 16.03
CA GLU A 422 13.75 -55.01 16.77
C GLU A 422 14.13 -53.58 16.46
N TRP A 423 15.35 -53.24 16.85
CA TRP A 423 15.85 -51.91 16.61
C TRP A 423 15.56 -51.50 15.19
N ASP A 424 15.88 -52.36 14.24
CA ASP A 424 15.62 -51.98 12.88
C ASP A 424 14.28 -52.49 12.41
N LEU A 425 13.33 -51.59 12.38
CA LEU A 425 12.00 -51.91 11.92
C LEU A 425 11.75 -50.80 10.93
N GLN A 426 11.16 -51.14 9.80
CA GLN A 426 10.85 -50.17 8.75
C GLN A 426 10.14 -50.83 7.59
N GLU A 427 9.57 -50.03 6.70
CA GLU A 427 8.84 -50.54 5.55
C GLU A 427 7.62 -51.32 5.99
N PHE A 428 6.89 -50.74 6.95
CA PHE A 428 5.68 -51.35 7.46
C PHE A 428 4.55 -50.43 7.07
N LYS A 429 3.36 -51.02 6.92
CA LYS A 429 2.18 -50.27 6.53
C LYS A 429 0.94 -50.86 7.23
N GLN A 430 1.16 -51.72 8.23
CA GLN A 430 0.04 -52.38 8.90
C GLN A 430 -1.12 -51.57 9.44
N LYS A 431 -0.88 -50.45 10.14
CA LYS A 431 -2.05 -49.75 10.63
C LYS A 431 -2.08 -48.34 11.19
N LYS A 432 -3.33 -47.98 11.46
CA LYS A 432 -3.82 -46.72 11.99
C LYS A 432 -4.81 -46.25 10.93
N ALA A 433 -6.08 -46.16 11.35
CA ALA A 433 -7.24 -45.78 10.52
C ALA A 433 -7.16 -44.58 9.54
N LYS A 434 -7.58 -43.40 10.00
CA LYS A 434 -7.58 -42.16 9.18
C LYS A 434 -8.67 -42.01 8.10
N LYS A 435 -8.25 -41.42 6.98
CA LYS A 435 -8.99 -41.11 5.75
C LYS A 435 -10.16 -42.00 5.32
N VAL A 436 -9.78 -43.21 4.90
CA VAL A 436 -10.60 -44.29 4.38
C VAL A 436 -12.09 -44.17 4.17
N LYS A 437 -12.50 -44.62 2.98
CA LYS A 437 -13.88 -44.62 2.53
C LYS A 437 -14.18 -43.21 2.10
N LYS A 438 -13.18 -42.35 2.27
CA LYS A 438 -13.22 -40.95 1.91
C LYS A 438 -11.74 -40.60 1.71
N GLU A 439 -11.45 -39.79 0.69
CA GLU A 439 -10.09 -39.36 0.35
C GLU A 439 -10.12 -38.83 -1.08
N PRO A 440 -9.16 -37.99 -1.47
CA PRO A 440 -9.27 -37.54 -2.86
C PRO A 440 -8.10 -37.76 -3.82
N ALA A 441 -8.45 -38.31 -5.00
CA ALA A 441 -7.55 -38.59 -6.13
C ALA A 441 -6.06 -38.87 -5.87
N THR A 442 -5.73 -40.12 -5.60
CA THR A 442 -4.36 -40.50 -5.31
C THR A 442 -3.27 -40.24 -6.35
N ALA A 443 -2.12 -39.81 -5.82
CA ALA A 443 -0.92 -39.54 -6.60
C ALA A 443 0.05 -40.74 -6.46
N SER A 444 -0.48 -41.94 -6.71
CA SER A 444 0.23 -43.23 -6.61
C SER A 444 0.73 -43.54 -5.18
N LYS A 445 0.02 -42.95 -4.21
CA LYS A 445 0.27 -43.05 -2.75
C LYS A 445 -0.82 -43.95 -2.18
N LEU A 446 -0.58 -45.24 -2.04
CA LEU A 446 -1.68 -46.07 -1.57
C LEU A 446 -1.41 -47.16 -0.52
N PRO A 447 -1.17 -46.72 0.73
CA PRO A 447 -0.87 -47.53 1.92
C PRO A 447 -1.69 -48.80 1.96
N ILE A 448 -1.04 -49.94 2.11
CA ILE A 448 -1.82 -51.15 2.21
C ILE A 448 -2.01 -51.48 3.66
N GLU A 449 -2.29 -52.73 3.96
CA GLU A 449 -2.58 -53.07 5.34
C GLU A 449 -3.61 -51.98 5.69
N GLY A 450 -3.34 -51.14 6.69
CA GLY A 450 -4.33 -50.13 7.05
C GLY A 450 -5.52 -50.98 7.46
N ALA A 451 -5.94 -50.96 8.73
CA ALA A 451 -7.03 -51.86 9.09
C ALA A 451 -8.49 -51.48 9.36
N GLY A 452 -8.84 -50.81 10.45
CA GLY A 452 -10.25 -50.52 10.74
C GLY A 452 -11.10 -49.57 9.92
N ALA A 453 -10.68 -48.31 9.92
CA ALA A 453 -11.38 -47.33 9.16
C ALA A 453 -11.15 -47.52 7.65
N PRO A 454 -9.87 -47.74 7.19
CA PRO A 454 -9.38 -47.93 5.81
C PRO A 454 -9.90 -48.99 4.81
N GLY A 455 -10.87 -49.81 5.20
CA GLY A 455 -11.31 -50.89 4.31
C GLY A 455 -12.68 -51.03 3.70
N ASP A 456 -13.07 -49.98 3.02
CA ASP A 456 -14.29 -49.94 2.24
C ASP A 456 -13.43 -49.65 1.05
N PRO A 457 -12.78 -50.71 0.53
CA PRO A 457 -11.87 -50.71 -0.61
C PRO A 457 -12.59 -51.04 -1.87
N MET A 458 -12.37 -50.26 -2.91
CA MET A 458 -13.05 -50.60 -4.13
C MET A 458 -12.10 -50.61 -5.33
N ASP A 459 -12.59 -51.17 -6.44
CA ASP A 459 -11.93 -51.34 -7.74
C ASP A 459 -11.27 -50.12 -8.32
N GLN A 460 -10.34 -50.38 -9.22
CA GLN A 460 -9.60 -49.37 -9.99
C GLN A 460 -8.08 -49.42 -9.99
N GLU A 461 -7.59 -48.56 -10.86
CA GLU A 461 -6.19 -48.25 -11.11
C GLU A 461 -5.11 -49.28 -11.35
N ASP A 462 -5.30 -50.18 -12.31
CA ASP A 462 -4.28 -51.17 -12.65
C ASP A 462 -4.47 -51.65 -14.08
N LEU A 463 -3.44 -51.41 -14.86
CA LEU A 463 -3.46 -51.76 -16.27
C LEU A 463 -2.12 -51.42 -16.92
N GLY A 464 -2.04 -51.55 -18.25
CA GLY A 464 -0.79 -51.26 -18.94
C GLY A 464 -0.84 -50.46 -20.23
N PRO A 465 0.30 -49.86 -20.60
CA PRO A 465 0.52 -49.03 -21.79
C PRO A 465 0.52 -49.57 -23.22
N CYS A 466 0.17 -48.64 -24.10
CA CYS A 466 0.23 -48.78 -25.52
C CYS A 466 1.50 -47.97 -25.35
N SER A 467 1.39 -46.66 -25.47
CA SER A 467 2.54 -45.81 -25.21
C SER A 467 3.88 -46.35 -25.74
N GLU A 468 4.89 -46.44 -24.89
CA GLU A 468 6.17 -46.90 -25.37
C GLU A 468 7.17 -47.55 -24.43
N GLU A 469 8.17 -48.17 -25.08
CA GLU A 469 9.29 -48.86 -24.46
C GLU A 469 10.57 -48.12 -24.90
N GLU A 470 11.53 -48.03 -23.98
CA GLU A 470 12.80 -47.27 -24.11
C GLU A 470 13.99 -47.41 -25.11
N GLU A 471 14.49 -48.64 -25.30
CA GLU A 471 15.65 -48.92 -26.17
C GLU A 471 15.19 -49.91 -27.27
N PHE A 472 15.77 -49.87 -28.47
CA PHE A 472 15.37 -50.84 -29.50
C PHE A 472 16.44 -51.89 -29.29
N GLN A 473 16.06 -53.16 -29.23
CA GLN A 473 17.00 -54.28 -29.03
C GLN A 473 16.57 -55.30 -28.00
N GLN A 474 17.48 -56.21 -27.69
CA GLN A 474 17.26 -57.25 -26.70
C GLN A 474 16.81 -56.56 -25.43
N ASP A 475 17.26 -55.31 -25.27
CA ASP A 475 16.93 -54.53 -24.08
C ASP A 475 15.43 -54.50 -23.88
N VAL A 476 14.71 -53.97 -24.86
CA VAL A 476 13.26 -53.95 -24.73
C VAL A 476 12.85 -55.41 -24.48
N MET A 477 13.30 -56.30 -25.35
CA MET A 477 12.98 -57.72 -25.19
C MET A 477 13.13 -58.08 -23.74
N ALA A 478 14.34 -57.87 -23.24
CA ALA A 478 14.66 -58.19 -21.88
C ALA A 478 13.94 -57.27 -20.89
N ARG A 479 14.14 -55.96 -21.01
CA ARG A 479 13.51 -55.02 -20.10
C ARG A 479 12.05 -55.37 -19.90
N ALA A 480 11.33 -55.50 -21.01
CA ALA A 480 9.92 -55.81 -20.90
C ALA A 480 9.69 -57.21 -20.37
N CYS A 481 10.60 -58.14 -20.63
CA CYS A 481 10.41 -59.50 -20.13
C CYS A 481 10.63 -59.51 -18.63
N LEU A 482 11.47 -58.59 -18.16
CA LEU A 482 11.72 -58.53 -16.75
C LEU A 482 10.48 -58.20 -15.93
N GLN A 483 9.80 -57.11 -16.29
CA GLN A 483 8.59 -56.71 -15.55
C GLN A 483 7.59 -57.85 -15.56
N LYS A 484 7.54 -58.55 -16.69
CA LYS A 484 6.65 -59.69 -16.85
C LYS A 484 7.05 -60.57 -15.71
N LEU A 485 8.32 -60.98 -15.75
CA LEU A 485 8.89 -61.84 -14.73
C LEU A 485 8.59 -61.25 -13.35
N LYS A 486 8.87 -59.96 -13.19
CA LYS A 486 8.63 -59.31 -11.92
C LYS A 486 7.16 -59.20 -11.63
N GLY A 487 6.42 -58.53 -12.51
CA GLY A 487 4.98 -58.38 -12.33
C GLY A 487 4.31 -59.67 -11.87
N THR A 488 4.55 -60.77 -12.58
CA THR A 488 3.96 -62.07 -12.23
C THR A 488 4.47 -62.54 -10.87
N THR A 489 5.72 -62.23 -10.60
CA THR A 489 6.32 -62.60 -9.33
C THR A 489 5.40 -62.13 -8.22
N GLU A 490 4.60 -61.09 -8.52
CA GLU A 490 3.67 -60.56 -7.54
C GLU A 490 2.48 -61.50 -7.50
N LEU A 491 1.91 -61.82 -8.67
CA LEU A 491 0.79 -62.77 -8.68
C LEU A 491 1.32 -64.00 -7.95
N LEU A 492 2.66 -64.13 -7.94
CA LEU A 492 3.35 -65.21 -7.26
C LEU A 492 3.22 -64.89 -5.72
N PRO A 493 4.25 -65.13 -4.85
CA PRO A 493 4.22 -64.86 -3.40
C PRO A 493 3.50 -63.71 -2.70
N LYS A 494 2.93 -64.05 -1.54
CA LYS A 494 2.20 -63.14 -0.65
C LYS A 494 0.72 -62.95 -1.04
N ARG A 495 0.12 -61.81 -0.69
CA ARG A 495 -1.29 -61.53 -1.01
C ARG A 495 -1.30 -60.45 -2.12
N PRO A 496 -2.32 -60.45 -3.02
CA PRO A 496 -2.46 -59.49 -4.15
C PRO A 496 -2.90 -58.00 -4.02
N GLN A 497 -3.58 -57.61 -2.95
CA GLN A 497 -4.05 -56.24 -2.84
C GLN A 497 -3.09 -55.29 -2.12
N HIS A 498 -1.98 -55.86 -1.64
CA HIS A 498 -0.93 -55.07 -0.99
C HIS A 498 -0.45 -54.23 -2.23
N LEU A 499 -0.24 -54.94 -3.35
CA LEU A 499 0.18 -54.38 -4.63
C LEU A 499 -0.71 -53.14 -4.80
N PRO A 500 -2.04 -53.32 -4.96
CA PRO A 500 -2.88 -52.12 -5.09
C PRO A 500 -2.50 -51.24 -3.93
N GLY A 501 -2.28 -49.99 -4.23
CA GLY A 501 -1.85 -49.11 -3.19
C GLY A 501 -0.50 -49.62 -2.80
N HIS A 502 0.56 -49.08 -3.39
CA HIS A 502 1.89 -49.54 -2.99
C HIS A 502 2.25 -48.59 -1.82
N PRO A 503 2.90 -49.12 -0.79
CA PRO A 503 3.41 -48.62 0.49
C PRO A 503 4.11 -47.26 0.60
N GLY A 504 5.39 -47.15 0.22
CA GLY A 504 6.09 -45.88 0.36
C GLY A 504 6.96 -45.89 1.61
N TRP A 505 6.96 -47.06 2.24
CA TRP A 505 7.75 -47.42 3.43
C TRP A 505 7.79 -46.58 4.69
N TYR A 506 6.66 -46.29 5.32
CA TYR A 506 6.72 -45.49 6.53
C TYR A 506 8.00 -44.64 6.62
N ARG A 507 9.05 -45.17 7.27
CA ARG A 507 10.27 -44.38 7.45
C ARG A 507 11.70 -44.95 7.53
N LYS A 508 12.62 -44.05 7.88
CA LYS A 508 14.06 -44.26 8.03
C LYS A 508 14.73 -44.80 6.78
N LEU A 509 15.70 -45.70 6.96
CA LEU A 509 16.43 -46.35 5.88
C LEU A 509 17.45 -47.34 6.42
N CYS A 510 18.27 -46.91 7.37
CA CYS A 510 19.32 -47.76 7.92
C CYS A 510 19.02 -48.37 9.32
N PRO A 511 20.08 -48.75 10.08
CA PRO A 511 19.89 -49.36 11.41
C PRO A 511 19.62 -48.40 12.55
N ARG A 512 18.35 -48.06 12.75
CA ARG A 512 17.96 -47.14 13.81
C ARG A 512 16.65 -47.64 14.35
N LEU A 513 16.37 -47.40 15.63
CA LEU A 513 15.07 -47.81 16.14
C LEU A 513 14.26 -46.63 16.58
N ASP A 514 13.00 -46.69 16.14
CA ASP A 514 11.98 -45.65 16.29
C ASP A 514 10.87 -45.64 17.35
N ASP A 515 11.11 -45.05 18.53
CA ASP A 515 10.01 -44.92 19.50
C ASP A 515 9.20 -43.64 19.18
N PRO A 516 9.87 -42.58 18.61
CA PRO A 516 9.10 -41.37 18.32
C PRO A 516 7.85 -41.25 19.20
N ALA A 517 6.68 -41.10 18.61
CA ALA A 517 5.48 -40.98 19.43
C ALA A 517 5.57 -39.70 20.25
N TRP A 518 6.70 -39.51 20.94
CA TRP A 518 6.95 -38.34 21.79
C TRP A 518 7.69 -37.14 21.16
N THR A 519 7.03 -35.98 21.13
CA THR A 519 7.57 -34.74 20.58
C THR A 519 8.54 -34.00 21.51
N PRO A 520 8.24 -33.99 22.83
CA PRO A 520 9.10 -33.31 23.81
C PRO A 520 10.55 -33.13 23.37
N GLY A 521 10.93 -31.89 23.11
CA GLY A 521 12.27 -31.59 22.66
C GLY A 521 13.37 -32.50 23.20
N PRO A 522 14.55 -32.42 22.59
CA PRO A 522 15.76 -33.18 22.89
C PRO A 522 15.57 -34.59 23.43
N SER A 523 15.27 -35.53 22.53
CA SER A 523 15.08 -36.93 22.91
C SER A 523 15.84 -37.92 22.00
N LEU A 524 16.40 -38.97 22.62
CA LEU A 524 17.14 -40.05 21.93
C LEU A 524 16.92 -41.41 22.66
N LEU A 525 15.82 -42.05 22.29
CA LEU A 525 15.36 -43.32 22.88
C LEU A 525 16.10 -44.59 22.55
N SER A 526 17.14 -44.52 21.73
CA SER A 526 17.87 -45.73 21.37
C SER A 526 18.83 -46.17 22.48
N LEU A 527 19.00 -45.31 23.49
CA LEU A 527 19.89 -45.57 24.63
C LEU A 527 19.10 -46.15 25.80
N GLN A 528 17.87 -45.68 25.92
CA GLN A 528 16.96 -46.19 26.93
C GLN A 528 16.74 -47.62 26.45
N MET A 529 16.75 -47.81 25.12
CA MET A 529 16.60 -49.14 24.49
C MET A 529 17.64 -49.95 25.23
N ARG A 530 17.21 -50.66 26.25
CA ARG A 530 18.17 -51.43 27.00
C ARG A 530 18.85 -52.23 25.90
N VAL A 531 20.14 -52.54 26.10
CA VAL A 531 20.95 -53.32 25.16
C VAL A 531 22.09 -52.52 24.60
N THR A 532 21.82 -51.26 24.32
CA THR A 532 22.85 -50.41 23.77
C THR A 532 24.18 -50.54 24.53
N PRO A 533 24.15 -50.68 25.86
CA PRO A 533 25.40 -50.81 26.64
C PRO A 533 26.24 -52.09 26.40
N LYS A 534 25.57 -53.23 26.17
CA LYS A 534 26.33 -54.45 25.89
C LYS A 534 26.98 -54.10 24.59
N LEU A 535 26.20 -53.41 23.75
CA LEU A 535 26.73 -52.89 22.50
C LEU A 535 27.46 -51.78 23.23
N MET A 536 28.26 -50.95 22.59
CA MET A 536 28.94 -49.94 23.40
C MET A 536 29.50 -50.70 24.61
N ALA A 537 30.26 -51.76 24.36
CA ALA A 537 30.85 -52.55 25.43
C ALA A 537 31.38 -51.62 26.52
N LEU A 538 30.82 -51.70 27.73
CA LEU A 538 31.22 -50.76 28.77
C LEU A 538 31.87 -50.97 30.14
N THR A 539 32.28 -52.15 30.61
CA THR A 539 32.84 -52.07 31.97
C THR A 539 34.25 -51.68 32.10
N TRP A 540 34.50 -50.95 33.17
CA TRP A 540 35.83 -50.55 33.51
C TRP A 540 36.08 -49.74 34.81
N ASP A 541 35.01 -49.40 35.55
CA ASP A 541 35.11 -48.62 36.81
C ASP A 541 34.95 -49.41 38.11
N GLY A 542 36.01 -49.97 38.62
CA GLY A 542 35.91 -50.85 39.78
C GLY A 542 36.46 -51.93 38.90
N PHE A 543 36.94 -51.36 37.80
CA PHE A 543 37.62 -52.00 36.74
C PHE A 543 36.75 -52.95 35.87
N PRO A 544 36.48 -54.21 36.25
CA PRO A 544 35.64 -54.62 35.11
C PRO A 544 34.39 -55.52 35.17
N LEU A 545 34.07 -55.99 33.97
CA LEU A 545 32.99 -56.89 33.55
C LEU A 545 32.91 -56.41 32.11
N HIS A 546 31.85 -55.65 31.84
CA HIS A 546 31.53 -55.00 30.57
C HIS A 546 30.32 -54.20 30.95
N TYR A 547 29.59 -54.82 31.86
CA TYR A 547 28.35 -54.33 32.43
C TYR A 547 27.32 -55.34 32.02
N SER A 548 26.08 -54.98 32.32
CA SER A 548 24.92 -55.74 31.96
C SER A 548 24.26 -54.46 31.44
N GLU A 549 23.30 -54.53 30.55
CA GLU A 549 22.74 -53.28 30.05
C GLU A 549 21.93 -52.48 31.06
N ARG A 550 22.60 -51.73 31.94
CA ARG A 550 21.93 -50.87 32.94
C ARG A 550 21.77 -51.28 34.43
N HIS A 551 22.46 -52.30 34.92
CA HIS A 551 22.30 -52.69 36.33
C HIS A 551 23.63 -52.86 37.03
N GLY A 552 24.28 -53.99 36.79
CA GLY A 552 25.56 -54.25 37.43
C GLY A 552 26.60 -54.94 36.56
N TRP A 553 27.73 -55.27 37.15
CA TRP A 553 28.74 -55.86 36.34
C TRP A 553 29.55 -57.05 36.80
N GLY A 554 29.58 -58.03 35.94
CA GLY A 554 30.29 -59.26 36.17
C GLY A 554 31.70 -59.12 36.65
N TYR A 555 32.23 -60.25 37.06
CA TYR A 555 33.59 -60.39 37.56
C TYR A 555 34.07 -61.79 37.30
N LEU A 556 35.26 -62.10 37.80
CA LEU A 556 35.84 -63.41 37.54
C LEU A 556 35.85 -64.43 38.66
N VAL A 557 34.73 -64.89 39.19
CA VAL A 557 34.95 -65.92 40.22
C VAL A 557 34.68 -67.30 39.61
N PRO A 558 35.70 -67.89 38.92
CA PRO A 558 35.65 -69.20 38.27
C PRO A 558 35.26 -70.10 39.40
N GLY A 559 34.17 -69.66 39.97
CA GLY A 559 33.50 -70.22 41.09
C GLY A 559 33.96 -71.39 41.90
N ARG A 560 33.84 -72.60 41.35
CA ARG A 560 34.08 -73.81 42.15
C ARG A 560 32.92 -73.36 43.04
N ARG A 561 31.79 -73.19 42.37
CA ARG A 561 30.55 -72.66 42.93
C ARG A 561 30.22 -71.79 41.74
N ASP A 562 28.97 -71.43 41.57
CA ASP A 562 28.62 -70.61 40.42
C ASP A 562 28.58 -71.47 39.19
N ASN A 563 29.72 -72.03 38.80
CA ASN A 563 29.75 -72.85 37.60
C ASN A 563 29.94 -74.37 37.76
N LEU A 564 28.94 -75.09 37.27
CA LEU A 564 28.96 -76.52 37.26
C LEU A 564 28.53 -76.83 35.85
N ALA A 565 29.29 -76.33 34.88
CA ALA A 565 29.01 -76.63 33.49
C ALA A 565 29.50 -78.05 33.57
N LYS A 566 30.65 -78.15 34.23
CA LYS A 566 31.37 -79.39 34.52
C LYS A 566 31.18 -80.54 33.50
N LEU A 567 30.75 -81.71 33.99
CA LEU A 567 30.56 -82.89 33.14
C LEU A 567 29.87 -84.10 33.90
N PRO A 568 30.15 -85.37 33.51
CA PRO A 568 31.00 -85.85 32.42
C PRO A 568 30.31 -86.21 31.11
N THR A 569 30.45 -87.48 30.74
CA THR A 569 29.86 -88.03 29.52
C THR A 569 28.45 -87.53 29.42
N GLY A 570 27.86 -87.25 30.58
CA GLY A 570 26.52 -86.71 30.59
C GLY A 570 26.58 -85.47 29.71
N THR A 571 27.25 -84.43 30.22
CA THR A 571 27.39 -83.15 29.54
C THR A 571 27.50 -83.24 28.03
N THR A 572 28.35 -84.15 27.55
CA THR A 572 28.53 -84.34 26.12
C THR A 572 27.21 -84.23 25.38
N LEU A 573 26.48 -85.34 25.38
CA LEU A 573 25.19 -85.47 24.73
C LEU A 573 24.18 -84.38 25.07
N GLU A 574 23.88 -84.24 26.37
CA GLU A 574 22.90 -83.25 26.87
C GLU A 574 23.17 -81.73 26.80
N SER A 575 24.37 -81.30 27.16
CA SER A 575 24.71 -79.87 27.10
C SER A 575 24.24 -79.34 25.75
N ALA A 576 24.69 -80.01 24.69
CA ALA A 576 24.33 -79.65 23.32
C ALA A 576 22.82 -79.59 23.19
N GLY A 577 22.15 -80.70 23.55
CA GLY A 577 20.69 -80.75 23.49
C GLY A 577 20.12 -79.43 23.95
N VAL A 578 20.72 -78.89 25.00
CA VAL A 578 20.31 -77.61 25.52
C VAL A 578 19.03 -77.59 26.32
N VAL A 579 17.87 -77.62 25.67
CA VAL A 579 16.57 -77.47 26.33
C VAL A 579 16.55 -76.00 26.71
N CYS A 580 15.65 -75.24 26.12
CA CYS A 580 15.54 -73.79 26.37
C CYS A 580 16.68 -72.93 25.81
N PRO A 581 16.39 -71.64 25.51
CA PRO A 581 17.36 -70.67 24.96
C PRO A 581 18.50 -70.52 25.93
N TYR A 582 18.21 -70.84 27.19
CA TYR A 582 19.17 -70.76 28.26
C TYR A 582 20.48 -71.49 28.02
N ARG A 583 20.46 -72.81 27.80
CA ARG A 583 21.73 -73.50 27.57
C ARG A 583 22.46 -72.86 26.38
N ALA A 584 21.70 -72.21 25.49
CA ALA A 584 22.27 -71.52 24.33
C ALA A 584 22.64 -70.12 24.79
N ILE A 585 21.81 -69.55 25.66
CA ILE A 585 22.03 -68.23 26.24
C ILE A 585 23.08 -68.34 27.33
N GLU A 586 23.17 -69.53 27.92
CA GLU A 586 24.09 -69.87 28.99
C GLU A 586 25.46 -70.12 28.42
N SER A 587 25.47 -70.91 27.35
CA SER A 587 26.67 -71.25 26.63
C SER A 587 27.31 -69.91 26.28
N LEU A 588 26.45 -68.94 25.92
CA LEU A 588 26.92 -67.60 25.55
C LEU A 588 27.47 -66.82 26.73
N TYR A 589 26.78 -66.72 27.87
CA TYR A 589 27.42 -66.03 28.99
C TYR A 589 28.65 -66.80 29.51
N ARG A 590 28.83 -67.98 28.93
CA ARG A 590 29.93 -68.88 29.26
C ARG A 590 31.10 -68.67 28.26
N LYS A 591 30.85 -68.63 26.95
CA LYS A 591 31.94 -68.34 26.03
C LYS A 591 32.30 -67.03 26.70
N HIS A 592 31.37 -66.08 26.57
CA HIS A 592 31.39 -64.77 27.23
C HIS A 592 32.36 -64.87 28.41
N CYS A 593 32.14 -65.90 29.24
CA CYS A 593 32.86 -66.24 30.48
C CYS A 593 34.38 -66.26 30.66
N LEU A 594 35.02 -67.27 30.10
CA LEU A 594 36.46 -67.41 30.24
C LEU A 594 37.05 -66.12 29.67
N GLU A 595 36.43 -65.66 28.59
CA GLU A 595 36.84 -64.44 27.92
C GLU A 595 36.67 -63.19 28.78
N GLN A 596 35.56 -63.06 29.48
CA GLN A 596 35.40 -61.91 30.35
C GLN A 596 36.60 -61.91 31.32
N GLY A 597 36.85 -63.06 31.95
CA GLY A 597 37.94 -63.21 32.90
C GLY A 597 39.34 -62.93 32.34
N LYS A 598 39.61 -63.45 31.15
CA LYS A 598 40.89 -63.25 30.47
C LYS A 598 40.91 -61.81 30.03
N GLN A 599 39.76 -61.39 29.49
CA GLN A 599 39.58 -60.06 28.99
C GLN A 599 39.74 -59.09 30.09
N GLN A 600 39.42 -59.44 31.33
CA GLN A 600 39.58 -58.48 32.39
C GLN A 600 41.03 -58.24 32.79
N LEU A 601 41.80 -59.29 33.03
CA LEU A 601 43.17 -59.04 33.43
C LEU A 601 43.87 -58.33 32.31
N MET A 602 43.63 -58.77 31.08
CA MET A 602 44.34 -58.09 30.04
C MET A 602 44.10 -56.59 30.05
N PRO A 603 42.87 -56.06 29.89
CA PRO A 603 42.80 -54.61 29.91
C PRO A 603 43.06 -54.02 31.30
N GLN A 604 42.36 -54.49 32.33
CA GLN A 604 42.54 -53.97 33.68
C GLN A 604 44.00 -53.77 33.94
N GLU A 605 44.69 -54.89 33.99
CA GLU A 605 46.10 -54.92 34.27
C GLU A 605 46.90 -54.88 33.00
N ALA A 606 46.24 -54.48 31.91
CA ALA A 606 46.89 -54.29 30.59
C ALA A 606 47.33 -52.89 30.73
N ALA A 643 33.82 -67.80 17.06
CA ALA A 643 32.62 -67.38 17.78
C ALA A 643 31.38 -67.15 16.89
N ALA A 644 30.30 -67.82 17.26
CA ALA A 644 29.02 -67.75 16.56
C ALA A 644 28.01 -67.11 17.51
N VAL A 645 28.22 -65.82 17.82
CA VAL A 645 27.48 -64.95 18.77
C VAL A 645 27.88 -65.10 20.24
N PRO A 646 28.72 -66.10 20.59
CA PRO A 646 29.07 -66.18 22.00
C PRO A 646 30.47 -65.63 22.29
N GLY A 647 31.01 -64.86 21.35
CA GLY A 647 32.34 -64.29 21.54
C GLY A 647 32.43 -62.97 22.30
N GLN A 648 31.55 -62.02 21.98
CA GLN A 648 31.49 -60.68 22.59
C GLN A 648 30.76 -60.66 23.93
N PRO A 649 31.50 -60.84 25.03
CA PRO A 649 30.97 -60.87 26.41
C PRO A 649 29.67 -60.11 26.66
N LEU A 650 29.70 -58.79 26.78
CA LEU A 650 28.47 -58.01 27.01
C LEU A 650 27.25 -58.65 26.31
N ALA A 651 27.21 -58.51 24.98
CA ALA A 651 26.13 -59.04 24.15
C ALA A 651 25.48 -60.39 24.48
N LEU A 652 26.27 -61.44 24.69
CA LEU A 652 25.74 -62.78 24.96
C LEU A 652 24.84 -62.95 26.16
N THR A 653 25.46 -63.13 27.31
CA THR A 653 24.70 -63.32 28.52
C THR A 653 23.76 -62.15 28.70
N ALA A 654 24.34 -60.97 28.58
CA ALA A 654 23.64 -59.72 28.78
C ALA A 654 22.26 -59.70 28.15
N ARG A 655 22.06 -60.46 27.06
CA ARG A 655 20.75 -60.50 26.42
C ARG A 655 19.68 -60.28 27.51
N GLY A 656 19.09 -59.09 27.53
CA GLY A 656 18.08 -58.75 28.53
C GLY A 656 18.76 -58.28 29.80
N GLY A 657 19.23 -57.04 29.81
CA GLY A 657 19.92 -56.59 31.00
C GLY A 657 19.36 -55.37 31.69
N PRO A 658 19.66 -55.23 32.99
CA PRO A 658 20.49 -56.30 33.56
C PRO A 658 19.75 -57.11 34.60
N LYS A 659 18.45 -56.85 34.72
CA LYS A 659 17.58 -57.57 35.63
C LYS A 659 17.28 -57.09 37.02
N ASP A 660 16.34 -57.81 37.64
CA ASP A 660 15.89 -57.55 38.99
C ASP A 660 17.09 -57.33 39.85
N THR A 661 16.82 -57.15 41.13
CA THR A 661 17.79 -56.89 42.18
C THR A 661 17.35 -55.50 42.63
N GLN A 662 18.24 -54.78 43.29
CA GLN A 662 17.91 -53.45 43.76
C GLN A 662 19.13 -52.57 43.64
N PRO A 663 18.94 -51.24 43.54
CA PRO A 663 20.15 -50.42 43.45
C PRO A 663 20.80 -50.58 44.84
N SER A 664 19.91 -50.64 45.84
CA SER A 664 20.21 -50.79 47.26
C SER A 664 21.54 -50.24 47.74
N TYR A 665 22.03 -49.19 47.08
CA TYR A 665 23.30 -48.60 47.50
C TYR A 665 24.23 -49.79 47.69
N HIS A 666 24.30 -50.66 46.68
CA HIS A 666 25.07 -51.90 46.73
C HIS A 666 26.58 -51.95 46.58
N HIS A 667 27.30 -51.47 47.60
CA HIS A 667 28.75 -51.51 47.57
C HIS A 667 28.99 -52.98 47.27
N GLY A 668 28.04 -53.76 47.74
CA GLY A 668 28.04 -55.21 47.68
C GLY A 668 28.00 -56.15 46.51
N ASN A 669 27.07 -57.11 46.62
CA ASN A 669 26.91 -58.22 45.68
C ASN A 669 25.48 -58.82 45.73
N GLY A 670 25.12 -59.69 44.78
CA GLY A 670 23.74 -60.22 44.74
C GLY A 670 23.28 -61.61 45.18
N PRO A 671 23.85 -62.20 46.24
CA PRO A 671 23.41 -63.52 46.68
C PRO A 671 22.54 -64.33 45.74
N TYR A 672 23.16 -64.84 44.70
CA TYR A 672 22.44 -65.71 43.79
C TYR A 672 21.19 -65.24 43.14
N ASN A 673 20.50 -66.25 42.62
CA ASN A 673 19.27 -66.08 41.89
C ASN A 673 19.85 -65.48 40.66
N ASP A 674 20.57 -64.41 40.93
CA ASP A 674 21.34 -63.66 39.99
C ASP A 674 22.55 -64.52 40.27
N VAL A 675 23.64 -64.30 39.57
CA VAL A 675 24.82 -65.10 39.87
C VAL A 675 24.80 -66.43 39.18
N ASP A 676 25.49 -66.48 38.06
CA ASP A 676 25.57 -67.72 37.35
C ASP A 676 26.95 -67.85 36.74
N ILE A 677 27.27 -69.10 36.41
CA ILE A 677 28.51 -69.50 35.80
C ILE A 677 29.90 -69.15 36.41
N PRO A 678 30.83 -68.56 35.64
CA PRO A 678 32.13 -68.27 36.20
C PRO A 678 32.37 -66.99 36.94
N GLY A 679 31.65 -65.94 36.62
CA GLY A 679 31.96 -64.72 37.33
C GLY A 679 30.85 -64.11 38.13
N CYS A 680 31.21 -63.44 39.24
CA CYS A 680 30.26 -62.75 40.12
C CYS A 680 30.13 -61.30 39.66
N TRP A 681 28.99 -60.65 39.90
CA TRP A 681 28.91 -59.22 39.57
C TRP A 681 28.36 -58.34 40.65
N PHE A 682 28.91 -57.14 40.70
CA PHE A 682 28.51 -56.16 41.68
C PHE A 682 27.48 -55.27 41.00
N PHE A 683 26.28 -55.30 41.52
CA PHE A 683 25.20 -54.51 40.99
C PHE A 683 25.56 -53.09 41.29
N LYS A 684 26.25 -52.57 40.31
CA LYS A 684 26.80 -51.24 40.28
C LYS A 684 26.08 -50.07 40.91
N LEU A 685 26.86 -49.35 41.69
CA LEU A 685 26.42 -48.18 42.38
C LEU A 685 26.71 -46.98 41.53
N PRO A 686 26.22 -45.82 41.95
CA PRO A 686 25.42 -45.73 43.18
C PRO A 686 24.02 -45.26 42.84
N HIS A 687 23.21 -44.91 43.82
CA HIS A 687 21.90 -44.41 43.46
C HIS A 687 21.17 -43.49 44.44
N LYS A 688 21.86 -43.04 45.48
CA LYS A 688 21.30 -42.16 46.50
C LYS A 688 20.88 -40.84 45.89
N ASP A 689 21.81 -40.27 45.14
CA ASP A 689 21.64 -39.00 44.47
C ASP A 689 20.53 -39.19 43.46
N GLY A 690 20.38 -40.43 42.99
CA GLY A 690 19.30 -40.73 42.09
C GLY A 690 18.15 -40.82 43.06
N ASN A 691 18.44 -41.45 44.19
CA ASN A 691 17.51 -41.64 45.31
C ASN A 691 16.72 -42.95 45.41
N SER A 692 15.82 -43.21 44.46
CA SER A 692 14.93 -44.37 44.60
C SER A 692 14.98 -45.73 43.91
N CYS A 693 15.61 -45.89 42.75
CA CYS A 693 15.56 -47.23 42.13
C CYS A 693 16.87 -47.83 41.63
N ASN A 694 16.75 -48.91 40.86
CA ASN A 694 17.89 -49.62 40.29
C ASN A 694 18.54 -48.77 39.22
N VAL A 695 19.87 -48.75 39.22
CA VAL A 695 20.63 -47.95 38.26
C VAL A 695 19.89 -47.65 36.97
N GLY A 696 19.28 -48.67 36.37
CA GLY A 696 18.51 -48.45 35.17
C GLY A 696 19.21 -47.84 33.98
N SER A 697 20.05 -46.83 34.17
CA SER A 697 20.73 -46.24 33.02
C SER A 697 22.21 -46.16 33.25
N PRO A 698 22.99 -46.56 32.25
CA PRO A 698 24.44 -46.56 32.32
C PRO A 698 24.90 -45.13 32.17
N PHE A 699 24.25 -44.41 31.28
CA PHE A 699 24.61 -43.03 31.07
C PHE A 699 23.78 -42.21 32.01
N ALA A 700 23.11 -42.91 32.92
CA ALA A 700 22.28 -42.26 33.91
C ALA A 700 23.00 -40.98 34.22
N LYS A 701 22.25 -39.90 34.23
CA LYS A 701 22.82 -38.61 34.56
C LYS A 701 23.49 -38.86 35.93
N ASP A 702 23.74 -37.79 36.70
CA ASP A 702 24.28 -37.94 38.05
C ASP A 702 25.67 -38.59 38.23
N PHE A 703 25.70 -39.74 38.90
CA PHE A 703 26.94 -40.45 39.17
C PHE A 703 27.72 -40.72 37.90
N LEU A 704 27.05 -41.46 37.03
CA LEU A 704 27.56 -41.94 35.76
C LEU A 704 28.23 -40.95 34.82
N PRO A 705 27.68 -39.74 34.69
CA PRO A 705 28.37 -38.83 33.78
C PRO A 705 29.70 -38.54 34.44
N LYS A 706 29.65 -38.30 35.74
CA LYS A 706 30.84 -38.01 36.51
C LYS A 706 31.93 -39.03 36.20
N MET A 707 31.55 -40.28 36.02
CA MET A 707 32.55 -41.30 35.75
C MET A 707 32.92 -41.46 34.29
N GLU A 708 32.14 -40.86 33.41
CA GLU A 708 32.50 -40.97 32.02
C GLU A 708 33.77 -40.14 31.91
N ASP A 709 33.73 -38.93 32.46
CA ASP A 709 34.92 -38.09 32.45
C ASP A 709 35.71 -38.82 33.52
N GLY A 710 34.94 -39.51 34.36
CA GLY A 710 35.51 -40.26 35.45
C GLY A 710 36.72 -41.06 35.07
N THR A 711 37.39 -41.55 36.09
CA THR A 711 38.61 -42.34 35.94
C THR A 711 38.33 -43.65 35.24
N LEU A 712 37.12 -44.15 35.40
CA LEU A 712 36.74 -45.44 34.85
C LEU A 712 35.46 -45.41 34.00
N GLN A 713 35.52 -46.10 32.87
CA GLN A 713 34.42 -46.18 31.90
C GLN A 713 34.89 -47.05 30.71
N ALA A 714 34.03 -47.32 29.74
CA ALA A 714 34.43 -48.17 28.61
C ALA A 714 34.18 -47.82 27.13
N GLY A 715 34.75 -48.70 26.30
CA GLY A 715 34.77 -48.58 24.85
C GLY A 715 36.26 -48.80 24.75
N PRO A 716 36.74 -50.05 24.94
CA PRO A 716 38.13 -50.54 24.91
C PRO A 716 39.08 -50.34 23.74
N GLY A 717 38.61 -50.64 22.53
CA GLY A 717 39.45 -50.58 21.36
C GLY A 717 39.42 -49.56 20.28
N GLY A 718 39.67 -48.31 20.65
CA GLY A 718 39.72 -47.25 19.65
C GLY A 718 38.97 -45.98 20.00
N ALA A 719 38.34 -45.43 18.96
CA ALA A 719 37.56 -44.21 19.03
C ALA A 719 36.23 -44.59 19.68
N SER A 720 35.51 -45.46 18.97
CA SER A 720 34.19 -46.02 19.32
C SER A 720 33.28 -45.25 20.28
N GLY A 721 33.01 -45.90 21.42
CA GLY A 721 32.16 -45.35 22.46
C GLY A 721 32.81 -44.22 23.23
N PRO A 722 34.14 -44.23 23.42
CA PRO A 722 34.73 -43.11 24.15
C PRO A 722 34.14 -41.90 23.46
N ARG A 723 34.23 -41.93 22.14
CA ARG A 723 33.67 -40.88 21.34
C ARG A 723 32.24 -40.71 21.83
N ALA A 724 31.53 -41.84 21.87
CA ALA A 724 30.13 -41.87 22.31
C ALA A 724 29.90 -41.25 23.69
N LEU A 725 30.35 -41.91 24.75
CA LEU A 725 30.15 -41.37 26.10
C LEU A 725 30.61 -39.93 26.09
N GLU A 726 31.85 -39.73 25.66
CA GLU A 726 32.40 -38.39 25.55
C GLU A 726 31.46 -37.43 24.86
N ILE A 727 30.96 -37.81 23.68
CA ILE A 727 30.02 -36.95 22.93
C ILE A 727 28.82 -36.57 23.78
N ASN A 728 28.04 -37.57 24.16
CA ASN A 728 26.84 -37.34 24.94
C ASN A 728 27.13 -36.44 26.12
N LYS A 729 28.26 -36.72 26.76
CA LYS A 729 28.67 -35.97 27.93
C LYS A 729 28.63 -34.48 27.60
N MET A 730 29.05 -34.19 26.39
CA MET A 730 29.11 -32.82 25.94
C MET A 730 27.75 -32.18 25.90
N ILE A 731 26.78 -32.93 25.41
CA ILE A 731 25.43 -32.43 25.21
C ILE A 731 24.45 -32.52 26.38
N SER A 732 24.71 -33.42 27.30
CA SER A 732 23.80 -33.58 28.40
C SER A 732 23.38 -32.24 28.97
N PHE A 733 24.36 -31.50 29.46
CA PHE A 733 24.07 -30.21 30.06
C PHE A 733 23.10 -29.41 29.23
N TRP A 734 23.29 -29.43 27.92
CA TRP A 734 22.44 -28.65 27.05
C TRP A 734 21.04 -29.17 26.87
N ARG A 735 20.86 -30.47 26.82
CA ARG A 735 19.53 -30.99 26.61
C ARG A 735 18.52 -30.19 27.37
N ASN A 736 18.50 -30.45 28.67
CA ASN A 736 17.62 -29.82 29.62
C ASN A 736 17.75 -28.29 29.60
N ALA A 737 18.98 -27.80 29.71
CA ALA A 737 19.24 -26.36 29.70
C ALA A 737 18.49 -25.83 28.48
N HIS A 738 18.75 -26.49 27.36
CA HIS A 738 18.16 -26.19 26.07
C HIS A 738 16.76 -25.59 26.18
N LYS A 739 15.78 -26.43 26.45
CA LYS A 739 14.42 -25.95 26.54
C LYS A 739 14.30 -24.63 27.29
N ARG A 740 14.64 -24.66 28.57
CA ARG A 740 14.53 -23.49 29.42
C ARG A 740 15.16 -22.26 28.81
N ILE A 741 16.27 -22.45 28.10
CA ILE A 741 16.96 -21.34 27.48
C ILE A 741 16.17 -20.79 26.31
N SER A 742 16.07 -21.57 25.26
CA SER A 742 15.34 -21.14 24.07
C SER A 742 14.05 -20.43 24.44
N SER A 743 13.44 -20.88 25.54
CA SER A 743 12.16 -20.37 26.03
C SER A 743 11.94 -18.91 26.38
N GLN A 744 12.88 -18.23 27.00
CA GLN A 744 12.65 -16.84 27.34
C GLN A 744 12.11 -16.00 26.20
N MET A 745 12.29 -16.44 24.96
CA MET A 745 11.84 -15.64 23.82
C MET A 745 12.42 -14.25 24.12
N VAL A 746 11.69 -13.17 23.84
CA VAL A 746 12.26 -11.84 24.10
C VAL A 746 11.38 -10.75 23.51
N VAL A 747 11.81 -9.50 23.71
CA VAL A 747 11.13 -8.32 23.20
C VAL A 747 12.26 -7.45 22.63
N TRP A 748 11.95 -6.50 21.74
CA TRP A 748 13.02 -5.68 21.17
C TRP A 748 12.78 -4.20 20.96
N LEU A 749 13.87 -3.45 20.94
CA LEU A 749 13.83 -2.01 20.74
C LEU A 749 13.88 -1.85 19.22
N PRO A 750 12.83 -1.24 18.63
CA PRO A 750 12.63 -0.99 17.21
C PRO A 750 13.23 0.30 16.61
N ARG A 751 12.92 1.43 17.22
CA ARG A 751 13.38 2.73 16.73
C ARG A 751 13.44 3.75 17.86
N SER A 752 12.48 3.63 18.78
CA SER A 752 12.37 4.49 19.93
C SER A 752 13.31 3.92 20.99
N ALA A 753 14.57 3.79 20.62
CA ALA A 753 15.55 3.24 21.53
C ALA A 753 16.34 4.35 22.11
N LEU A 754 17.49 3.97 22.62
CA LEU A 754 18.42 4.88 23.20
C LEU A 754 18.68 5.98 22.15
N PRO A 755 18.21 7.20 22.40
CA PRO A 755 18.39 8.33 21.48
C PRO A 755 19.78 8.96 21.61
N ARG A 756 19.91 10.19 21.12
CA ARG A 756 21.17 10.99 21.18
C ARG A 756 22.24 10.69 20.12
N ALA A 757 21.89 9.90 19.10
CA ALA A 757 22.88 9.49 18.12
C ALA A 757 23.76 8.62 19.05
N VAL A 758 23.28 8.44 20.29
CA VAL A 758 24.02 7.60 21.22
C VAL A 758 23.98 6.41 20.36
N ILE A 759 22.79 6.10 19.84
CA ILE A 759 22.59 4.97 18.93
C ILE A 759 23.66 4.99 17.83
N ARG A 760 23.94 6.20 17.34
CA ARG A 760 24.92 6.45 16.27
C ARG A 760 26.41 6.09 16.50
N HIS A 761 27.04 6.73 17.47
CA HIS A 761 28.46 6.50 17.75
C HIS A 761 28.85 5.02 17.98
N PRO A 762 28.08 4.27 18.81
CA PRO A 762 28.26 2.86 19.18
C PRO A 762 28.59 1.93 18.04
N ASP A 763 28.12 2.28 16.84
CA ASP A 763 28.30 1.46 15.64
C ASP A 763 27.06 0.57 15.76
N TYR A 764 26.40 0.24 14.65
CA TYR A 764 25.18 -0.58 14.70
C TYR A 764 24.58 -0.91 13.32
N ASP A 765 24.44 -2.21 13.03
CA ASP A 765 23.90 -2.67 11.75
C ASP A 765 22.64 -1.94 11.32
N GLU A 766 21.64 -1.99 12.20
CA GLU A 766 20.33 -1.39 11.95
C GLU A 766 19.51 -2.45 11.25
N GLU A 767 20.15 -3.60 11.02
CA GLU A 767 19.50 -4.73 10.37
C GLU A 767 19.46 -5.83 11.41
N GLY A 768 19.86 -5.46 12.61
CA GLY A 768 19.86 -6.41 13.70
C GLY A 768 18.81 -6.07 14.74
N LEU A 769 18.63 -6.98 15.69
CA LEU A 769 17.66 -6.77 16.74
C LEU A 769 18.39 -6.29 17.99
N TYR A 770 17.79 -5.34 18.70
CA TYR A 770 18.36 -4.80 19.93
C TYR A 770 17.44 -4.92 21.13
N GLY A 771 16.53 -5.88 21.12
CA GLY A 771 15.64 -6.05 22.26
C GLY A 771 16.28 -6.78 23.42
N ALA A 772 15.52 -6.98 24.49
CA ALA A 772 16.06 -7.66 25.66
C ALA A 772 15.05 -8.56 26.38
N ILE A 773 15.58 -9.60 27.04
CA ILE A 773 14.75 -10.53 27.79
C ILE A 773 15.01 -10.29 29.24
N LEU A 774 13.97 -10.49 30.04
CA LEU A 774 14.07 -10.33 31.46
C LEU A 774 13.54 -11.59 32.13
N PRO A 775 14.34 -12.16 33.04
CA PRO A 775 14.04 -13.39 33.80
C PRO A 775 13.53 -13.11 35.21
N GLN A 776 12.55 -13.88 35.67
CA GLN A 776 12.01 -13.65 37.00
C GLN A 776 13.02 -13.99 38.08
N VAL A 777 13.58 -12.96 38.67
CA VAL A 777 14.52 -13.19 39.73
C VAL A 777 13.66 -13.08 40.94
N VAL A 778 13.29 -14.22 41.49
CA VAL A 778 12.44 -14.15 42.64
C VAL A 778 13.02 -13.32 43.75
N THR A 779 12.37 -12.18 44.01
CA THR A 779 12.76 -11.33 45.12
C THR A 779 12.63 -12.42 46.17
N ALA A 780 13.58 -12.53 47.10
CA ALA A 780 13.52 -13.58 48.11
C ALA A 780 13.56 -14.94 47.41
N GLY A 781 12.50 -15.74 47.59
CA GLY A 781 12.47 -17.06 46.98
C GLY A 781 13.56 -17.80 47.72
N THR A 782 13.70 -19.12 47.60
CA THR A 782 14.75 -19.76 48.38
C THR A 782 14.30 -19.51 49.82
N ILE A 783 14.83 -20.24 50.78
CA ILE A 783 14.46 -19.92 52.14
C ILE A 783 15.56 -18.93 52.56
N THR A 784 16.65 -18.97 51.82
CA THR A 784 17.77 -18.08 52.06
C THR A 784 17.44 -16.74 51.41
N ARG A 785 16.52 -16.79 50.45
CA ARG A 785 16.03 -15.62 49.72
C ARG A 785 16.97 -15.30 48.59
N ARG A 786 18.01 -16.09 48.48
CA ARG A 786 19.02 -15.82 47.48
C ARG A 786 18.55 -15.48 46.06
N ALA A 787 17.76 -16.32 45.42
CA ALA A 787 17.37 -15.99 44.06
C ALA A 787 16.56 -17.10 43.48
N VAL A 788 15.84 -16.79 42.41
CA VAL A 788 15.01 -17.80 41.77
C VAL A 788 14.83 -17.67 40.26
N GLU A 789 15.92 -17.98 39.55
CA GLU A 789 15.95 -17.99 38.10
C GLU A 789 16.82 -19.20 37.83
N PRO A 790 16.20 -20.37 37.59
CA PRO A 790 17.04 -21.53 37.34
C PRO A 790 18.09 -21.15 36.30
N THR A 791 17.61 -20.98 35.08
CA THR A 791 18.46 -20.63 33.99
C THR A 791 19.48 -19.52 34.22
N TRP A 792 19.02 -18.30 34.46
CA TRP A 792 19.96 -17.20 34.54
C TRP A 792 20.78 -16.96 35.77
N LEU A 793 20.31 -17.39 36.92
CA LEU A 793 21.09 -17.20 38.14
C LEU A 793 21.87 -18.47 38.39
N THR A 794 22.00 -19.23 37.31
CA THR A 794 22.73 -20.49 37.35
C THR A 794 23.84 -20.39 36.31
N ALA A 795 24.31 -19.17 36.07
CA ALA A 795 25.37 -18.88 35.10
C ALA A 795 26.65 -19.67 35.33
N SER A 796 27.31 -20.01 34.23
CA SER A 796 28.54 -20.76 34.35
C SER A 796 29.45 -20.48 33.18
N ASN A 797 30.72 -20.73 33.39
CA ASN A 797 31.72 -20.57 32.35
C ASN A 797 31.39 -21.74 31.45
N ALA A 798 32.40 -22.49 31.05
CA ALA A 798 32.16 -23.64 30.20
C ALA A 798 33.12 -24.81 30.41
N ARG A 799 33.12 -25.48 31.56
CA ARG A 799 34.04 -26.63 31.72
C ARG A 799 33.61 -27.78 30.79
N PRO A 800 32.34 -28.22 30.88
CA PRO A 800 31.89 -29.29 30.00
C PRO A 800 31.40 -28.50 28.78
N ASP A 801 32.38 -28.05 27.99
CA ASP A 801 32.21 -27.23 26.79
C ASP A 801 31.04 -27.58 25.87
N ARG A 802 30.52 -26.58 25.13
CA ARG A 802 29.40 -26.75 24.20
C ARG A 802 28.28 -25.71 24.14
N VAL A 803 27.32 -25.95 23.25
CA VAL A 803 26.18 -25.06 23.08
C VAL A 803 25.75 -24.67 24.48
N GLY A 804 25.41 -23.41 24.68
CA GLY A 804 24.95 -23.00 25.99
C GLY A 804 25.89 -23.49 27.06
N SER A 805 27.03 -24.07 26.69
CA SER A 805 28.00 -24.44 27.70
C SER A 805 28.41 -22.98 27.87
N GLU A 806 27.30 -22.25 28.02
CA GLU A 806 27.00 -20.86 28.24
C GLU A 806 26.95 -19.77 27.16
N LEU A 807 25.73 -19.25 27.03
CA LEU A 807 25.40 -18.20 26.08
C LEU A 807 25.59 -16.89 26.85
N LYS A 808 26.22 -16.98 28.01
CA LYS A 808 26.45 -15.82 28.87
C LYS A 808 26.88 -14.63 28.09
N ALA A 809 27.84 -14.81 27.21
CA ALA A 809 28.31 -13.67 26.47
C ALA A 809 27.18 -13.00 25.76
N MET A 810 26.65 -13.72 24.78
CA MET A 810 25.61 -13.16 24.01
C MET A 810 24.70 -12.33 24.91
N VAL A 811 24.42 -12.81 26.12
CA VAL A 811 23.49 -12.08 26.97
C VAL A 811 23.50 -10.55 26.81
N GLN A 812 24.62 -9.91 27.07
CA GLN A 812 24.58 -8.49 26.98
C GLN A 812 25.40 -7.86 25.91
N ALA A 813 24.86 -6.82 25.31
CA ALA A 813 25.57 -6.16 24.25
C ALA A 813 25.05 -4.81 23.69
N PRO A 814 24.19 -4.06 24.43
CA PRO A 814 23.75 -2.79 23.80
C PRO A 814 24.95 -1.93 23.38
N PRO A 815 24.99 -1.52 22.08
CA PRO A 815 26.00 -0.71 21.40
C PRO A 815 26.65 0.46 22.16
N GLY A 816 25.84 1.45 22.49
CA GLY A 816 26.40 2.58 23.21
C GLY A 816 26.74 2.26 24.65
N TYR A 817 26.57 1.01 25.06
CA TYR A 817 26.83 0.66 26.46
C TYR A 817 27.86 -0.44 26.74
N THR A 818 28.03 -0.75 28.02
CA THR A 818 28.99 -1.71 28.50
C THR A 818 28.55 -2.02 29.91
N LEU A 819 28.98 -3.16 30.45
CA LEU A 819 28.57 -3.57 31.79
C LEU A 819 29.63 -3.73 32.90
N VAL A 820 29.57 -2.85 33.90
CA VAL A 820 30.50 -2.87 35.06
C VAL A 820 29.98 -3.84 36.10
N GLY A 821 30.86 -4.70 36.60
CA GLY A 821 30.45 -5.65 37.61
C GLY A 821 31.70 -6.31 38.09
N ALA A 822 31.55 -7.29 38.98
CA ALA A 822 32.68 -8.02 39.52
C ALA A 822 32.34 -9.21 40.40
N ASP A 823 33.41 -9.82 40.89
CA ASP A 823 33.30 -10.99 41.73
C ASP A 823 34.12 -10.85 43.00
N VAL A 824 33.44 -11.12 44.11
CA VAL A 824 34.02 -11.07 45.42
C VAL A 824 34.18 -12.53 45.75
N ASP A 825 35.39 -12.88 46.18
CA ASP A 825 35.76 -14.27 46.48
C ASP A 825 35.40 -14.83 47.83
N SER A 826 34.52 -15.82 47.87
CA SER A 826 34.15 -16.38 49.13
C SER A 826 33.53 -15.21 49.85
N GLN A 827 32.69 -14.46 49.13
CA GLN A 827 32.02 -13.31 49.74
C GLN A 827 31.48 -14.00 50.96
N GLU A 828 31.22 -15.27 50.75
CA GLU A 828 30.70 -16.16 51.77
C GLU A 828 31.77 -16.65 52.76
N LEU A 829 32.89 -17.14 52.25
CA LEU A 829 33.95 -17.65 53.11
C LEU A 829 34.43 -16.60 54.09
N TRP A 830 34.59 -15.37 53.62
CA TRP A 830 35.03 -14.28 54.49
C TRP A 830 34.03 -13.94 55.61
N ILE A 831 32.74 -13.96 55.29
CA ILE A 831 31.75 -13.65 56.31
C ILE A 831 31.94 -14.64 57.44
N ALA A 832 31.95 -15.91 57.09
CA ALA A 832 32.13 -16.99 58.06
C ALA A 832 33.36 -16.58 58.80
N ALA A 833 34.32 -16.10 58.04
CA ALA A 833 35.59 -15.66 58.58
C ALA A 833 35.48 -14.78 59.81
N VAL A 834 35.36 -13.47 59.64
CA VAL A 834 35.31 -12.56 60.77
C VAL A 834 34.36 -12.97 61.88
N LEU A 835 33.25 -13.61 61.52
CA LEU A 835 32.27 -14.02 62.51
C LEU A 835 32.97 -14.72 63.62
N GLY A 836 33.59 -15.84 63.30
CA GLY A 836 34.28 -16.57 64.33
C GLY A 836 35.35 -15.75 65.04
N ASP A 837 36.32 -15.32 64.25
CA ASP A 837 37.43 -14.56 64.77
C ASP A 837 36.92 -13.50 65.71
N ALA A 838 35.96 -12.73 65.24
CA ALA A 838 35.37 -11.68 66.04
C ALA A 838 34.88 -12.20 67.36
N HIS A 839 34.44 -13.45 67.40
CA HIS A 839 33.98 -13.96 68.68
C HIS A 839 34.94 -14.85 69.39
N PHE A 840 36.10 -15.05 68.77
CA PHE A 840 37.20 -15.80 69.35
C PHE A 840 37.98 -14.60 69.87
N ALA A 841 37.26 -13.68 70.50
CA ALA A 841 37.83 -12.43 70.99
C ALA A 841 38.12 -11.58 69.75
N GLY A 842 39.33 -11.03 69.67
CA GLY A 842 39.68 -10.22 68.51
C GLY A 842 39.36 -10.89 67.18
N MET A 843 38.57 -10.24 66.34
CA MET A 843 38.18 -10.81 65.06
C MET A 843 39.27 -11.24 64.09
N HIS A 844 40.54 -11.07 64.44
CA HIS A 844 41.62 -11.49 63.54
C HIS A 844 41.49 -12.94 63.18
N GLY A 845 41.47 -13.75 64.23
CA GLY A 845 41.22 -15.16 64.08
C GLY A 845 42.14 -16.33 63.82
N CYS A 846 41.44 -17.30 63.26
CA CYS A 846 41.90 -18.61 62.89
C CYS A 846 41.17 -18.85 61.57
N THR A 847 40.66 -20.06 61.29
CA THR A 847 39.95 -20.27 60.00
C THR A 847 39.18 -19.00 59.91
N ALA A 848 39.15 -18.45 58.71
CA ALA A 848 38.57 -17.15 58.50
C ALA A 848 39.96 -16.58 58.32
N PHE A 849 40.13 -15.26 58.23
CA PHE A 849 41.48 -14.83 58.00
C PHE A 849 42.51 -15.18 59.04
N GLY A 850 42.09 -15.66 60.20
CA GLY A 850 43.11 -16.05 61.16
C GLY A 850 43.85 -17.13 60.41
N TRP A 851 43.10 -18.15 60.00
CA TRP A 851 43.66 -19.27 59.26
C TRP A 851 43.69 -18.94 57.76
N MET A 852 42.79 -18.08 57.28
CA MET A 852 42.83 -17.70 55.86
C MET A 852 44.18 -17.09 55.89
N THR A 853 44.50 -16.65 57.11
CA THR A 853 45.73 -15.98 57.45
C THR A 853 46.04 -15.00 56.33
N LEU A 854 47.04 -14.19 56.53
CA LEU A 854 47.39 -13.22 55.53
C LEU A 854 47.41 -13.91 54.16
N GLN A 855 47.92 -15.14 54.16
CA GLN A 855 48.07 -15.92 52.94
C GLN A 855 47.17 -15.74 51.74
N GLY A 856 47.89 -15.76 50.62
CA GLY A 856 47.37 -15.70 49.28
C GLY A 856 48.53 -16.52 48.75
N ARG A 857 49.70 -15.91 48.81
CA ARG A 857 50.99 -16.48 48.42
C ARG A 857 51.18 -17.00 46.97
N LYS A 858 51.38 -16.05 46.04
CA LYS A 858 51.63 -16.26 44.60
C LYS A 858 50.45 -16.69 43.73
N SER A 859 50.09 -17.97 43.87
CA SER A 859 48.99 -18.56 43.13
C SER A 859 47.80 -17.97 43.82
N ARG A 860 47.66 -18.27 45.12
CA ARG A 860 46.57 -17.73 45.93
C ARG A 860 45.93 -18.64 47.00
N GLY A 861 44.86 -18.15 47.60
CA GLY A 861 44.13 -18.86 48.64
C GLY A 861 43.66 -20.24 48.25
N THR A 862 43.30 -20.42 46.99
CA THR A 862 42.88 -21.74 46.57
C THR A 862 44.05 -22.66 46.98
N ASP A 863 45.25 -22.08 47.01
CA ASP A 863 46.46 -22.81 47.41
C ASP A 863 46.31 -23.21 48.89
N LEU A 864 45.42 -22.51 49.60
CA LEU A 864 45.13 -22.81 51.01
C LEU A 864 44.15 -23.95 51.00
N HIS A 865 43.09 -23.79 50.23
CA HIS A 865 42.12 -24.84 50.11
C HIS A 865 43.03 -26.01 49.76
N SER A 866 43.96 -25.72 48.85
CA SER A 866 44.95 -26.67 48.37
C SER A 866 45.69 -27.31 49.52
N LYS A 867 45.87 -26.53 50.58
CA LYS A 867 46.55 -26.98 51.78
C LYS A 867 45.68 -28.04 52.42
N THR A 868 44.38 -27.81 52.39
CA THR A 868 43.43 -28.74 52.96
C THR A 868 43.53 -30.12 52.33
N ALA A 869 43.68 -30.15 51.00
CA ALA A 869 43.78 -31.39 50.26
C ALA A 869 45.19 -31.99 50.22
N THR A 870 46.22 -31.15 50.12
CA THR A 870 47.60 -31.67 50.12
C THR A 870 47.88 -32.43 51.42
N THR A 871 47.55 -31.83 52.57
CA THR A 871 47.68 -32.60 53.82
C THR A 871 46.47 -33.42 53.39
N VAL A 872 46.66 -34.72 53.21
CA VAL A 872 45.59 -35.59 52.70
C VAL A 872 45.76 -35.50 51.17
N GLY A 873 47.00 -35.21 50.76
CA GLY A 873 47.38 -35.05 49.36
C GLY A 873 46.35 -35.48 48.34
N ILE A 874 45.57 -34.52 47.83
CA ILE A 874 44.52 -34.83 46.85
C ILE A 874 44.14 -33.63 45.97
N SER A 875 43.28 -33.86 44.98
CA SER A 875 42.81 -32.79 44.11
C SER A 875 42.23 -31.75 45.05
N ARG A 876 42.23 -30.50 44.60
CA ARG A 876 41.72 -29.42 45.44
C ARG A 876 40.32 -28.98 45.07
N GLU A 877 40.06 -28.79 43.77
CA GLU A 877 38.74 -28.36 43.35
C GLU A 877 37.68 -29.28 43.93
N HIS A 878 38.08 -30.51 44.22
CA HIS A 878 37.17 -31.47 44.82
C HIS A 878 37.23 -31.30 46.34
N ALA A 879 38.37 -30.85 46.85
CA ALA A 879 38.53 -30.63 48.28
C ALA A 879 37.88 -29.32 48.75
N LYS A 880 38.08 -28.24 47.98
CA LYS A 880 37.54 -26.90 48.32
C LYS A 880 36.04 -26.89 48.52
N ILE A 881 35.33 -27.42 47.53
CA ILE A 881 33.89 -27.46 47.60
C ILE A 881 33.32 -28.07 48.87
N PHE A 882 33.89 -29.18 49.33
CA PHE A 882 33.36 -29.81 50.54
C PHE A 882 33.52 -29.04 51.86
N ASN A 883 34.49 -28.14 51.91
CA ASN A 883 34.70 -27.31 53.09
C ASN A 883 33.57 -26.35 53.06
N TYR A 884 33.44 -25.71 51.89
CA TYR A 884 32.36 -24.77 51.67
C TYR A 884 31.30 -25.63 52.37
N GLY A 885 31.06 -26.82 51.82
CA GLY A 885 30.09 -27.73 52.38
C GLY A 885 30.20 -27.95 53.88
N ARG A 886 31.42 -28.03 54.38
CA ARG A 886 31.62 -28.22 55.81
C ARG A 886 31.09 -26.97 56.45
N ILE A 887 31.50 -25.84 55.88
CA ILE A 887 31.06 -24.55 56.35
C ILE A 887 29.56 -24.52 56.48
N TYR A 888 28.87 -25.12 55.53
CA TYR A 888 27.42 -25.08 55.48
C TYR A 888 26.57 -25.86 56.51
N GLY A 889 26.42 -27.18 56.36
CA GLY A 889 25.53 -27.86 57.28
C GLY A 889 25.86 -28.95 58.29
N ALA A 890 26.67 -29.93 57.93
CA ALA A 890 26.89 -30.99 58.90
C ALA A 890 28.27 -31.58 59.08
N GLY A 891 28.79 -32.25 58.05
CA GLY A 891 30.08 -32.86 58.21
C GLY A 891 29.99 -34.37 58.37
N GLN A 892 30.78 -34.95 59.27
CA GLN A 892 30.79 -36.40 59.50
C GLN A 892 30.37 -37.28 58.28
N PRO A 893 29.19 -37.95 58.33
CA PRO A 893 28.70 -38.82 57.24
C PRO A 893 28.76 -38.27 55.83
N PHE A 894 28.42 -37.01 55.71
CA PHE A 894 28.37 -36.35 54.44
C PHE A 894 29.74 -36.42 53.76
N ALA A 895 30.82 -36.13 54.49
CA ALA A 895 32.13 -36.22 53.83
C ALA A 895 32.31 -37.62 53.33
N GLU A 896 32.25 -38.59 54.22
CA GLU A 896 32.44 -39.98 53.80
C GLU A 896 31.59 -40.30 52.57
N ARG A 897 30.28 -40.08 52.62
CA ARG A 897 29.44 -40.38 51.46
C ARG A 897 29.97 -39.79 50.16
N LEU A 898 29.93 -38.48 50.06
CA LEU A 898 30.40 -37.79 48.87
C LEU A 898 31.83 -38.14 48.53
N LEU A 899 32.74 -37.93 49.47
CA LEU A 899 34.14 -38.23 49.21
C LEU A 899 34.21 -39.66 48.67
N MET A 900 33.61 -40.61 49.38
CA MET A 900 33.62 -42.02 48.97
C MET A 900 33.28 -42.27 47.52
N GLN A 901 32.11 -41.80 47.12
CA GLN A 901 31.66 -41.96 45.75
C GLN A 901 32.73 -41.43 44.83
N PHE A 902 32.93 -40.12 44.87
CA PHE A 902 33.93 -39.51 44.04
C PHE A 902 35.26 -40.20 44.27
N ASN A 903 35.39 -40.84 45.42
CA ASN A 903 36.61 -41.59 45.73
C ASN A 903 36.30 -43.06 45.44
N HIS A 904 37.17 -43.96 45.87
CA HIS A 904 36.93 -45.36 45.53
C HIS A 904 36.77 -46.47 46.56
N ARG A 905 37.79 -47.32 46.67
CA ARG A 905 37.76 -48.51 47.52
C ARG A 905 38.05 -48.45 49.01
N LEU A 906 38.61 -47.36 49.50
CA LEU A 906 38.94 -47.27 50.93
C LEU A 906 37.74 -47.75 51.78
N THR A 907 36.57 -47.84 51.13
CA THR A 907 35.34 -48.29 51.77
C THR A 907 34.86 -47.38 52.89
N GLN A 908 33.69 -47.69 53.45
CA GLN A 908 33.10 -46.92 54.52
C GLN A 908 34.06 -46.61 55.67
N GLN A 909 34.73 -47.64 56.16
CA GLN A 909 35.69 -47.50 57.26
C GLN A 909 36.75 -46.45 57.00
N GLU A 910 37.46 -46.55 55.89
CA GLU A 910 38.48 -45.57 55.60
C GLU A 910 37.83 -44.23 55.36
N ALA A 911 36.67 -44.25 54.72
CA ALA A 911 35.95 -43.01 54.45
C ALA A 911 35.77 -42.37 55.81
N ALA A 912 35.34 -43.20 56.75
CA ALA A 912 35.11 -42.77 58.12
C ALA A 912 36.33 -42.02 58.57
N GLU A 913 37.44 -42.74 58.60
CA GLU A 913 38.71 -42.17 59.02
C GLU A 913 38.82 -40.73 58.51
N LYS A 914 38.74 -40.55 57.19
CA LYS A 914 38.88 -39.23 56.58
C LYS A 914 37.81 -38.23 56.93
N ALA A 915 36.55 -38.62 56.83
CA ALA A 915 35.47 -37.72 57.16
C ALA A 915 35.73 -37.22 58.56
N GLN A 916 35.57 -38.11 59.52
CA GLN A 916 35.77 -37.79 60.92
C GLN A 916 36.96 -36.88 61.11
N GLN A 917 38.08 -37.22 60.49
CA GLN A 917 39.32 -36.44 60.59
C GLN A 917 39.21 -35.00 60.16
N MET A 918 38.79 -34.80 58.91
CA MET A 918 38.61 -33.48 58.31
C MET A 918 37.77 -32.63 59.21
N TYR A 919 36.74 -33.24 59.72
CA TYR A 919 35.84 -32.57 60.62
C TYR A 919 36.57 -32.35 61.94
N ALA A 920 37.38 -33.32 62.32
CA ALA A 920 38.13 -33.22 63.56
C ALA A 920 39.04 -32.02 63.53
N ALA A 921 39.79 -31.90 62.44
CA ALA A 921 40.76 -30.83 62.27
C ALA A 921 40.25 -29.39 62.36
N THR A 922 39.01 -29.11 61.92
CA THR A 922 38.45 -27.76 61.98
C THR A 922 37.38 -27.65 63.06
N LYS A 923 37.13 -28.75 63.74
CA LYS A 923 36.12 -28.81 64.79
C LYS A 923 36.11 -30.18 65.47
N GLY A 924 37.21 -30.58 66.10
CA GLY A 924 37.21 -31.90 66.71
C GLY A 924 37.67 -32.13 68.14
N LEU A 925 37.42 -31.20 69.07
CA LEU A 925 37.83 -31.39 70.47
C LEU A 925 36.62 -31.90 71.28
N ARG A 926 36.69 -32.06 72.62
CA ARG A 926 35.53 -32.58 73.37
C ARG A 926 34.31 -31.64 73.53
N TRP A 927 33.22 -32.13 74.12
CA TRP A 927 31.95 -31.38 74.18
C TRP A 927 31.85 -30.86 72.74
N TYR A 928 31.88 -29.55 72.49
CA TYR A 928 31.79 -29.15 71.09
C TYR A 928 33.02 -28.66 70.30
N ARG A 929 33.83 -27.71 70.77
CA ARG A 929 34.94 -27.28 69.91
C ARG A 929 36.31 -26.76 70.26
N LEU A 930 37.13 -26.81 69.22
CA LEU A 930 38.50 -26.32 69.17
C LEU A 930 38.66 -26.27 67.68
N SER A 931 39.91 -26.20 67.24
CA SER A 931 40.21 -26.10 65.84
C SER A 931 39.46 -24.91 65.30
N ASP A 932 38.73 -25.08 64.20
CA ASP A 932 38.10 -23.91 63.65
C ASP A 932 36.62 -23.77 63.50
N GLU A 933 36.00 -23.46 64.63
CA GLU A 933 34.58 -23.24 64.66
C GLU A 933 34.18 -22.79 66.03
N GLY A 934 34.76 -21.70 66.45
CA GLY A 934 34.37 -21.13 67.72
C GLY A 934 33.19 -20.30 67.28
N GLU A 935 33.17 -20.00 65.98
CA GLU A 935 32.10 -19.22 65.33
C GLU A 935 30.89 -20.11 65.17
N TRP A 936 31.11 -21.29 64.62
CA TRP A 936 30.01 -22.23 64.47
C TRP A 936 29.65 -22.66 65.86
N LEU A 937 30.64 -22.61 66.74
CA LEU A 937 30.40 -22.97 68.13
C LEU A 937 29.39 -21.89 68.49
N VAL A 938 29.54 -20.69 67.92
CA VAL A 938 28.60 -19.62 68.19
C VAL A 938 27.38 -19.66 67.29
N ARG A 939 27.59 -19.96 66.01
CA ARG A 939 26.43 -20.06 65.16
C ARG A 939 25.60 -21.05 65.89
N GLU A 940 26.23 -22.15 66.27
CA GLU A 940 25.51 -23.17 66.99
C GLU A 940 25.03 -22.77 68.37
N LEU A 941 25.87 -22.11 69.18
CA LEU A 941 25.45 -21.75 70.54
C LEU A 941 24.47 -20.60 70.60
N ASN A 942 24.57 -19.72 69.61
CA ASN A 942 23.67 -18.59 69.53
C ASN A 942 22.40 -19.05 68.83
N LEU A 943 22.53 -20.07 68.00
CA LEU A 943 21.35 -20.52 67.30
C LEU A 943 20.74 -21.83 67.66
N PRO A 944 21.15 -22.43 68.77
CA PRO A 944 20.44 -23.66 68.99
C PRO A 944 19.32 -23.07 69.83
N VAL A 945 19.39 -21.74 70.01
CA VAL A 945 18.46 -21.03 70.87
C VAL A 945 17.77 -19.73 70.42
N ASP A 946 16.50 -19.66 70.80
CA ASP A 946 15.62 -18.54 70.48
C ASP A 946 15.63 -18.48 68.97
N ARG A 947 15.12 -17.38 68.45
CA ARG A 947 15.10 -17.18 67.01
C ARG A 947 16.01 -16.02 66.85
N THR A 948 16.63 -15.91 65.68
CA THR A 948 17.48 -14.78 65.51
C THR A 948 17.66 -14.22 64.12
N GLU A 949 18.69 -13.39 64.02
CA GLU A 949 18.97 -12.61 62.84
C GLU A 949 20.24 -12.86 62.00
N GLY A 950 21.35 -13.02 62.69
CA GLY A 950 22.60 -13.24 62.01
C GLY A 950 23.46 -12.07 62.40
N GLY A 951 23.28 -11.59 63.63
CA GLY A 951 24.06 -10.47 64.10
C GLY A 951 23.99 -9.25 63.20
N TRP A 952 23.35 -9.40 62.06
CA TRP A 952 23.24 -8.27 61.20
C TRP A 952 21.79 -7.87 61.21
N ILE A 953 20.93 -8.88 61.19
CA ILE A 953 19.47 -8.75 61.23
C ILE A 953 18.69 -9.51 60.17
N SER A 954 17.40 -9.74 60.47
CA SER A 954 16.42 -10.46 59.66
C SER A 954 16.26 -11.84 60.32
N LEU A 955 15.03 -12.37 60.39
CA LEU A 955 14.77 -13.65 61.07
C LEU A 955 14.33 -14.85 60.23
N GLN A 956 14.93 -16.00 60.54
CA GLN A 956 14.66 -17.25 59.83
C GLN A 956 13.86 -18.23 60.71
N ASP A 957 12.58 -17.91 60.82
CA ASP A 957 11.48 -18.57 61.57
C ASP A 957 11.38 -20.04 61.98
N LEU A 958 11.44 -20.95 61.03
CA LEU A 958 11.29 -22.36 61.37
C LEU A 958 12.45 -22.77 62.20
N ARG A 959 12.12 -23.53 63.24
CA ARG A 959 13.15 -23.80 64.20
C ARG A 959 13.11 -25.11 65.04
N LYS A 960 14.19 -25.89 65.08
CA LYS A 960 14.18 -27.14 65.86
C LYS A 960 13.69 -26.94 67.32
N VAL A 961 14.49 -26.14 68.07
CA VAL A 961 14.28 -25.74 69.46
C VAL A 961 13.12 -24.80 69.48
N GLN A 962 13.12 -24.00 68.43
CA GLN A 962 12.20 -22.93 68.17
C GLN A 962 10.86 -23.35 67.45
N ARG A 963 10.82 -24.51 66.77
CA ARG A 963 9.62 -25.09 66.11
C ARG A 963 8.98 -25.56 67.39
N GLU A 964 9.85 -26.13 68.20
CA GLU A 964 9.53 -26.54 69.55
C GLU A 964 9.77 -25.10 70.13
N THR A 965 9.27 -24.71 71.30
CA THR A 965 9.56 -23.36 71.86
C THR A 965 8.74 -22.82 73.07
N ALA A 966 7.53 -23.34 73.28
CA ALA A 966 6.73 -22.95 74.43
C ALA A 966 7.02 -24.08 75.40
N ARG A 967 8.23 -24.62 75.28
CA ARG A 967 8.77 -25.72 76.08
C ARG A 967 8.82 -27.08 75.37
N LYS A 968 8.95 -28.18 76.11
CA LYS A 968 9.04 -29.54 75.52
C LYS A 968 7.68 -30.16 75.18
N SER A 969 7.31 -30.21 73.91
CA SER A 969 5.99 -30.74 73.67
C SER A 969 5.69 -31.75 72.61
N GLN A 970 4.70 -32.55 73.00
CA GLN A 970 4.10 -33.64 72.26
C GLN A 970 5.04 -34.63 71.59
N TRP A 971 5.40 -35.64 72.38
CA TRP A 971 6.33 -36.69 71.99
C TRP A 971 7.57 -35.92 71.48
N LYS A 972 7.49 -34.58 71.56
CA LYS A 972 8.54 -33.63 71.14
C LYS A 972 8.78 -33.70 69.64
N LYS A 973 7.71 -33.46 68.86
CA LYS A 973 7.73 -33.52 67.38
C LYS A 973 8.01 -34.98 67.04
N TRP A 974 7.16 -35.86 67.58
CA TRP A 974 7.27 -37.32 67.47
C TRP A 974 8.57 -37.85 68.08
N GLU A 975 9.67 -37.13 67.86
CA GLU A 975 11.01 -37.51 68.31
C GLU A 975 11.60 -38.19 67.10
N VAL A 976 10.91 -38.01 65.97
CA VAL A 976 11.29 -38.54 64.66
C VAL A 976 10.67 -37.63 63.55
N VAL A 977 10.04 -36.54 63.97
CA VAL A 977 9.54 -35.54 63.03
C VAL A 977 10.99 -35.07 62.83
N ALA A 978 11.77 -35.43 63.86
CA ALA A 978 13.18 -35.21 63.99
C ALA A 978 14.01 -36.37 63.41
N GLU A 979 13.50 -37.62 63.44
CA GLU A 979 14.24 -38.74 62.84
C GLU A 979 13.96 -38.74 61.35
N ARG A 980 12.76 -38.31 60.94
CA ARG A 980 12.48 -38.25 59.51
C ARG A 980 13.41 -37.11 59.03
N ALA A 981 13.74 -36.22 59.97
CA ALA A 981 14.65 -35.12 59.69
C ALA A 981 16.08 -35.66 59.65
N TRP A 982 16.35 -36.77 60.35
CA TRP A 982 17.69 -37.35 60.36
C TRP A 982 18.04 -37.77 58.93
N LYS A 983 17.03 -38.30 58.23
CA LYS A 983 17.15 -38.81 56.84
C LYS A 983 17.36 -37.87 55.64
N GLY A 984 16.97 -36.59 55.72
CA GLY A 984 17.12 -35.67 54.58
C GLY A 984 18.47 -35.15 54.05
N GLY A 985 19.41 -34.85 54.96
CA GLY A 985 20.73 -34.34 54.60
C GLY A 985 21.44 -34.57 53.28
N THR A 986 22.27 -35.62 53.18
CA THR A 986 23.05 -35.95 51.97
C THR A 986 22.15 -35.87 50.72
N GLU A 987 21.07 -36.65 50.73
CA GLU A 987 20.12 -36.68 49.61
C GLU A 987 19.83 -35.23 49.22
N SER A 988 19.34 -34.44 50.19
CA SER A 988 19.03 -33.05 49.93
C SER A 988 20.10 -32.26 49.20
N GLU A 989 21.36 -32.52 49.50
CA GLU A 989 22.43 -31.79 48.82
C GLU A 989 22.66 -32.18 47.36
N MET A 990 22.48 -33.46 47.03
CA MET A 990 22.64 -33.88 45.64
C MET A 990 21.30 -33.63 44.97
N PHE A 991 20.34 -33.14 45.74
CA PHE A 991 19.03 -32.87 45.20
C PHE A 991 18.79 -31.36 45.07
N ASN A 992 19.22 -30.62 46.09
CA ASN A 992 19.04 -29.17 46.18
C ASN A 992 18.73 -28.47 44.87
N LYS A 993 19.43 -28.88 43.82
CA LYS A 993 19.22 -28.31 42.48
C LYS A 993 18.32 -29.20 41.58
N LEU A 994 17.24 -28.61 41.02
CA LEU A 994 16.31 -29.32 40.13
C LEU A 994 16.96 -29.56 38.73
N GLU A 995 17.61 -28.51 38.19
CA GLU A 995 18.30 -28.51 36.88
C GLU A 995 19.45 -29.58 36.75
N SER A 996 20.61 -29.29 37.37
CA SER A 996 21.81 -30.15 37.40
C SER A 996 22.19 -30.19 38.88
N ILE A 997 22.93 -31.19 39.35
CA ILE A 997 23.25 -31.19 40.78
C ILE A 997 24.72 -31.28 41.27
N ALA A 998 25.03 -30.39 42.22
CA ALA A 998 26.35 -30.22 42.86
C ALA A 998 27.27 -29.51 41.86
N THR A 999 26.76 -29.37 40.64
CA THR A 999 27.40 -28.76 39.47
C THR A 999 28.45 -29.70 38.78
N SER A 1000 29.17 -29.18 37.77
CA SER A 1000 30.11 -29.97 36.95
C SER A 1000 31.59 -30.32 37.32
N ASP A 1001 32.19 -29.66 38.31
CA ASP A 1001 33.59 -29.89 38.72
C ASP A 1001 34.50 -28.95 37.91
N ILE A 1002 35.43 -28.30 38.61
CA ILE A 1002 36.38 -27.30 38.08
C ILE A 1002 35.94 -25.89 38.63
N PRO A 1003 34.67 -25.77 39.13
CA PRO A 1003 33.96 -24.64 39.75
C PRO A 1003 32.89 -25.25 40.67
N ARG A 1004 31.68 -25.41 40.15
CA ARG A 1004 30.55 -25.99 40.87
C ARG A 1004 30.31 -25.35 42.21
N THR A 1005 29.41 -24.38 42.25
CA THR A 1005 29.11 -23.63 43.49
C THR A 1005 27.84 -23.95 44.35
N PRO A 1006 26.84 -24.68 43.79
CA PRO A 1006 25.60 -25.04 44.46
C PRO A 1006 25.67 -25.74 45.80
N VAL A 1007 24.89 -25.22 46.76
CA VAL A 1007 24.79 -25.77 48.13
C VAL A 1007 23.50 -26.59 48.30
N GLU A 1023 14.91 -31.38 58.72
CA GLU A 1023 13.74 -30.55 59.00
C GLU A 1023 13.99 -29.80 60.28
N GLU A 1024 14.42 -28.55 60.13
CA GLU A 1024 14.74 -27.71 61.27
C GLU A 1024 16.04 -28.37 61.69
N PHE A 1025 16.66 -27.86 62.76
CA PHE A 1025 17.94 -28.41 63.24
C PHE A 1025 19.11 -27.66 62.59
N MET A 1026 20.26 -27.75 63.24
CA MET A 1026 21.52 -27.11 62.85
C MET A 1026 21.78 -27.02 61.36
N THR A 1027 22.13 -28.17 60.79
CA THR A 1027 22.46 -28.26 59.38
C THR A 1027 21.81 -27.12 58.63
N SER A 1028 20.55 -27.29 58.35
CA SER A 1028 19.84 -26.27 57.64
C SER A 1028 20.22 -24.94 58.24
N ARG A 1029 19.64 -24.63 59.40
CA ARG A 1029 19.90 -23.37 60.08
C ARG A 1029 21.32 -22.84 59.92
N VAL A 1030 22.30 -23.63 60.32
CA VAL A 1030 23.69 -23.21 60.24
C VAL A 1030 24.05 -22.85 58.80
N ASN A 1031 23.70 -23.72 57.87
CA ASN A 1031 24.03 -23.48 56.49
C ASN A 1031 23.44 -22.13 56.06
N TRP A 1032 22.18 -21.91 56.43
CA TRP A 1032 21.47 -20.71 56.06
C TRP A 1032 21.92 -19.40 56.68
N VAL A 1033 22.52 -19.46 57.85
CA VAL A 1033 23.02 -18.25 58.49
C VAL A 1033 23.94 -17.61 57.48
N VAL A 1034 25.02 -18.34 57.16
CA VAL A 1034 26.00 -17.88 56.21
C VAL A 1034 25.25 -17.37 55.00
N GLN A 1035 24.40 -18.22 54.43
CA GLN A 1035 23.66 -17.82 53.26
C GLN A 1035 22.82 -16.59 53.51
N SER A 1036 21.83 -16.68 54.39
CA SER A 1036 20.99 -15.54 54.66
C SER A 1036 21.83 -14.29 54.75
N SER A 1037 22.97 -14.41 55.44
CA SER A 1037 23.91 -13.30 55.64
C SER A 1037 24.67 -12.84 54.38
N ALA A 1038 24.74 -13.70 53.37
CA ALA A 1038 25.43 -13.29 52.15
C ALA A 1038 24.40 -12.62 51.28
N VAL A 1039 23.15 -12.72 51.69
CA VAL A 1039 22.06 -12.07 50.98
C VAL A 1039 22.21 -10.63 51.37
N ASP A 1040 22.28 -10.42 52.68
CA ASP A 1040 22.45 -9.10 53.27
C ASP A 1040 23.57 -8.46 52.48
N TYR A 1041 24.67 -9.19 52.40
CA TYR A 1041 25.84 -8.74 51.66
C TYR A 1041 25.40 -8.13 50.35
N LEU A 1042 24.79 -8.96 49.50
CA LEU A 1042 24.34 -8.48 48.23
C LEU A 1042 23.66 -7.12 48.30
N HIS A 1043 22.63 -7.00 49.13
CA HIS A 1043 21.84 -5.76 49.25
C HIS A 1043 22.56 -4.47 49.49
N LEU A 1044 23.74 -4.52 50.07
CA LEU A 1044 24.41 -3.30 50.32
C LEU A 1044 25.13 -2.88 49.09
N MET A 1045 25.88 -3.81 48.54
CA MET A 1045 26.63 -3.54 47.34
C MET A 1045 25.68 -2.75 46.50
N LEU A 1046 24.47 -3.29 46.43
CA LEU A 1046 23.38 -2.75 45.67
C LEU A 1046 22.89 -1.42 46.17
N VAL A 1047 22.39 -1.40 47.40
CA VAL A 1047 21.88 -0.18 47.99
C VAL A 1047 22.81 1.02 47.83
N ALA A 1048 24.10 0.82 48.11
CA ALA A 1048 25.06 1.90 47.99
C ALA A 1048 25.19 2.37 46.56
N MET A 1049 25.36 1.40 45.66
CA MET A 1049 25.51 1.66 44.23
C MET A 1049 24.32 2.40 43.65
N LYS A 1050 23.12 1.86 43.87
CA LYS A 1050 21.90 2.51 43.39
C LYS A 1050 22.00 3.92 43.92
N TRP A 1051 22.27 4.01 45.20
CA TRP A 1051 22.41 5.28 45.81
C TRP A 1051 23.33 6.17 45.02
N LEU A 1052 24.57 5.75 44.91
CA LEU A 1052 25.56 6.53 44.23
C LEU A 1052 25.28 6.83 42.77
N PHE A 1053 24.63 5.94 42.05
CA PHE A 1053 24.35 6.26 40.67
C PHE A 1053 23.51 7.53 40.72
N GLU A 1054 22.49 7.50 41.54
CA GLU A 1054 21.65 8.66 41.71
C GLU A 1054 22.62 9.80 41.97
N GLU A 1055 23.55 9.54 42.87
CA GLU A 1055 24.55 10.51 43.24
C GLU A 1055 25.45 10.94 42.06
N PHE A 1056 24.84 11.40 40.97
CA PHE A 1056 25.61 11.91 39.83
C PHE A 1056 26.47 10.94 39.05
N ALA A 1057 27.17 11.50 38.06
CA ALA A 1057 28.05 10.72 37.20
C ALA A 1057 27.16 9.59 36.74
N ILE A 1058 25.87 9.86 36.82
CA ILE A 1058 24.73 8.97 36.52
C ILE A 1058 24.82 7.52 35.99
N ASP A 1059 25.62 7.25 34.96
CA ASP A 1059 25.79 5.90 34.41
C ASP A 1059 24.54 5.09 33.95
N GLY A 1060 24.27 3.94 34.60
CA GLY A 1060 23.15 3.10 34.17
C GLY A 1060 22.24 2.10 34.94
N ARG A 1061 22.60 0.82 35.06
CA ARG A 1061 21.65 -0.12 35.66
C ARG A 1061 22.04 -1.53 36.12
N PHE A 1062 20.99 -2.31 36.36
CA PHE A 1062 20.97 -3.73 36.75
C PHE A 1062 20.90 -4.12 38.22
N CYS A 1063 20.59 -5.40 38.46
CA CYS A 1063 20.50 -5.97 39.80
C CYS A 1063 21.38 -7.23 39.97
N ILE A 1064 21.61 -7.97 38.89
CA ILE A 1064 22.41 -9.19 38.91
C ILE A 1064 22.26 -10.03 40.16
N SER A 1065 23.12 -9.83 41.16
CA SER A 1065 23.06 -10.60 42.40
C SER A 1065 23.18 -12.05 42.00
N ILE A 1066 24.05 -12.32 41.04
CA ILE A 1066 24.21 -13.68 40.59
C ILE A 1066 25.40 -14.32 41.28
N HIS A 1067 25.17 -15.45 41.96
CA HIS A 1067 26.21 -16.17 42.70
C HIS A 1067 26.99 -15.20 43.60
N ASP A 1068 28.24 -14.94 43.22
CA ASP A 1068 29.10 -14.02 43.95
C ASP A 1068 29.35 -12.87 42.95
N GLU A 1069 28.58 -12.86 41.87
CA GLU A 1069 28.69 -11.83 40.86
C GLU A 1069 27.51 -10.90 40.96
N VAL A 1070 27.79 -9.63 40.67
CA VAL A 1070 26.80 -8.57 40.72
C VAL A 1070 27.18 -7.52 39.64
N ARG A 1071 26.57 -7.65 38.47
CA ARG A 1071 26.79 -6.78 37.31
C ARG A 1071 25.81 -5.65 37.13
N TYR A 1072 26.31 -4.52 36.68
CA TYR A 1072 25.49 -3.35 36.46
C TYR A 1072 25.78 -2.80 35.09
N LEU A 1073 24.79 -2.19 34.48
CA LEU A 1073 25.02 -1.65 33.16
C LEU A 1073 25.35 -0.16 33.25
N VAL A 1074 26.17 0.33 32.31
CA VAL A 1074 26.60 1.74 32.24
C VAL A 1074 26.78 2.22 30.78
N ARG A 1075 26.68 3.53 30.57
CA ARG A 1075 26.94 4.08 29.24
C ARG A 1075 28.47 3.82 29.22
N GLU A 1076 29.15 3.96 28.08
CA GLU A 1076 30.61 3.67 28.08
C GLU A 1076 31.39 4.58 29.00
N GLU A 1077 31.16 5.87 28.82
CA GLU A 1077 31.76 6.90 29.65
C GLU A 1077 31.21 6.55 31.03
N ASP A 1078 31.62 7.25 32.08
CA ASP A 1078 31.11 6.93 33.42
C ASP A 1078 30.95 5.45 33.66
N ARG A 1079 31.73 4.66 32.94
CA ARG A 1079 31.69 3.22 33.13
C ARG A 1079 32.89 3.02 34.04
N TYR A 1080 33.82 3.95 33.90
CA TYR A 1080 35.03 3.98 34.69
C TYR A 1080 34.52 4.53 35.99
N ARG A 1081 33.64 5.51 35.87
CA ARG A 1081 33.02 6.17 37.02
C ARG A 1081 32.43 5.13 37.98
N ALA A 1082 31.55 4.29 37.48
CA ALA A 1082 30.92 3.27 38.30
C ALA A 1082 31.96 2.41 39.00
N ALA A 1083 33.05 2.13 38.28
CA ALA A 1083 34.12 1.31 38.83
C ALA A 1083 34.36 1.69 40.29
N LEU A 1084 34.59 2.96 40.54
CA LEU A 1084 34.80 3.40 41.91
C LEU A 1084 33.62 2.96 42.74
N ALA A 1085 32.44 3.29 42.24
CA ALA A 1085 31.21 2.96 42.93
C ALA A 1085 31.35 1.57 43.49
N LEU A 1086 31.36 0.58 42.61
CA LEU A 1086 31.48 -0.79 43.05
C LEU A 1086 32.61 -0.89 44.07
N GLN A 1087 33.81 -0.55 43.65
CA GLN A 1087 34.94 -0.64 44.55
C GLN A 1087 34.54 -0.21 45.93
N ILE A 1088 34.28 1.09 46.04
CA ILE A 1088 33.91 1.67 47.30
C ILE A 1088 32.76 0.95 47.98
N THR A 1089 31.71 0.71 47.20
CA THR A 1089 30.55 0.04 47.73
C THR A 1089 30.93 -1.21 48.52
N ASN A 1090 31.97 -1.91 48.08
CA ASN A 1090 32.34 -3.13 48.77
C ASN A 1090 33.09 -2.86 50.03
N LEU A 1091 33.93 -1.85 49.95
CA LEU A 1091 34.72 -1.43 51.09
C LEU A 1091 33.71 -1.21 52.19
N LEU A 1092 32.73 -0.38 51.89
CA LEU A 1092 31.66 -0.10 52.83
C LEU A 1092 31.01 -1.39 53.35
N THR A 1093 30.45 -2.18 52.44
CA THR A 1093 29.80 -3.42 52.79
C THR A 1093 30.69 -4.11 53.77
N ARG A 1094 31.85 -4.44 53.29
CA ARG A 1094 32.82 -5.12 54.08
C ARG A 1094 33.00 -4.39 55.37
N CYS A 1095 33.40 -3.14 55.27
CA CYS A 1095 33.61 -2.32 56.46
C CYS A 1095 32.49 -2.63 57.44
N MET A 1096 31.30 -2.19 57.06
CA MET A 1096 30.07 -2.34 57.84
C MET A 1096 29.86 -3.70 58.47
N PHE A 1097 30.07 -4.75 57.68
CA PHE A 1097 29.90 -6.06 58.23
C PHE A 1097 30.58 -6.16 59.60
N ALA A 1098 31.90 -5.93 59.65
CA ALA A 1098 32.70 -6.02 60.89
C ALA A 1098 32.17 -5.28 62.08
N TYR A 1099 31.71 -4.08 61.87
CA TYR A 1099 31.22 -3.29 62.97
C TYR A 1099 30.10 -3.96 63.71
N LYS A 1100 29.05 -4.34 62.98
CA LYS A 1100 27.94 -5.04 63.62
C LYS A 1100 28.56 -6.36 64.06
N LEU A 1101 28.63 -7.27 63.09
CA LEU A 1101 29.17 -8.62 63.25
C LEU A 1101 30.23 -8.75 64.33
N GLY A 1102 31.39 -8.16 64.06
CA GLY A 1102 32.49 -8.23 65.01
C GLY A 1102 32.60 -6.94 65.80
N LEU A 1103 33.16 -5.91 65.18
CA LEU A 1103 33.31 -4.62 65.82
C LEU A 1103 34.41 -3.70 65.28
N ASN A 1104 33.99 -2.47 65.00
CA ASN A 1104 34.80 -1.35 64.55
C ASN A 1104 36.02 -1.40 63.61
N ASP A 1105 36.21 -2.45 62.81
CA ASP A 1105 37.39 -2.45 61.91
C ASP A 1105 37.56 -3.67 61.00
N LEU A 1106 38.35 -3.47 59.94
CA LEU A 1106 38.66 -4.51 58.96
C LEU A 1106 39.84 -4.13 58.07
N PRO A 1107 40.43 -5.10 57.37
CA PRO A 1107 41.58 -5.03 56.44
C PRO A 1107 41.58 -4.68 54.95
N GLN A 1108 42.81 -4.59 54.45
CA GLN A 1108 43.12 -4.21 53.08
C GLN A 1108 42.75 -5.13 51.95
N SER A 1109 43.39 -6.28 51.89
CA SER A 1109 43.15 -7.22 50.81
C SER A 1109 41.73 -7.24 50.27
N VAL A 1110 40.77 -7.46 51.14
CA VAL A 1110 39.37 -7.47 50.71
C VAL A 1110 39.03 -6.13 50.07
N ALA A 1111 39.21 -5.08 50.86
CA ALA A 1111 38.94 -3.71 50.44
C ALA A 1111 39.03 -3.51 48.96
N PHE A 1112 40.22 -3.71 48.41
CA PHE A 1112 40.31 -3.48 47.00
C PHE A 1112 40.19 -4.60 46.02
N PHE A 1113 39.17 -5.38 46.35
CA PHE A 1113 38.73 -6.50 45.57
C PHE A 1113 39.82 -7.28 44.92
N SER A 1114 39.61 -7.45 43.64
CA SER A 1114 40.52 -8.16 42.78
C SER A 1114 40.72 -7.13 41.69
N ALA A 1115 39.58 -6.66 41.21
CA ALA A 1115 39.48 -5.69 40.16
C ALA A 1115 38.01 -5.66 39.72
N VAL A 1116 37.60 -4.54 39.13
CA VAL A 1116 36.23 -4.37 38.63
C VAL A 1116 36.23 -4.59 37.13
N ASP A 1117 35.41 -5.52 36.67
CA ASP A 1117 35.35 -5.87 35.26
C ASP A 1117 34.36 -5.12 34.40
N ILE A 1118 34.88 -4.73 33.24
CA ILE A 1118 34.16 -3.97 32.24
C ILE A 1118 34.25 -4.65 30.85
N ASP A 1119 33.10 -4.92 30.25
CA ASP A 1119 33.07 -5.54 28.94
C ASP A 1119 31.64 -5.55 28.41
N ARG A 1120 31.50 -5.76 27.10
CA ARG A 1120 30.20 -5.79 26.45
C ARG A 1120 29.74 -7.24 26.51
N CYS A 1121 30.61 -8.07 27.06
CA CYS A 1121 30.43 -9.51 27.20
C CYS A 1121 30.14 -9.92 28.63
N LEU A 1122 29.67 -11.16 28.82
CA LEU A 1122 29.31 -11.64 30.15
C LEU A 1122 30.00 -12.88 30.66
N ARG A 1123 31.32 -12.82 30.79
CA ARG A 1123 32.01 -13.95 31.33
C ARG A 1123 33.00 -13.47 32.35
N LYS A 1124 33.14 -14.26 33.40
CA LYS A 1124 34.00 -13.93 34.51
C LYS A 1124 35.50 -14.08 34.27
N GLU A 1125 36.16 -12.94 34.10
CA GLU A 1125 37.60 -12.85 33.86
C GLU A 1125 37.84 -12.75 32.36
N VAL A 1126 37.42 -11.58 31.85
CA VAL A 1126 37.44 -11.11 30.47
C VAL A 1126 38.24 -11.74 29.34
N THR A 1127 39.56 -11.68 29.41
CA THR A 1127 40.40 -12.22 28.34
C THR A 1127 39.90 -13.57 27.86
N MET A 1128 39.24 -14.29 28.75
CA MET A 1128 38.71 -15.62 28.46
C MET A 1128 38.53 -15.98 26.99
N ASP A 1129 37.55 -15.37 26.33
CA ASP A 1129 37.23 -15.60 24.90
C ASP A 1129 36.17 -16.65 24.65
N CYS A 1130 35.99 -17.49 25.67
CA CYS A 1130 35.04 -18.57 25.68
C CYS A 1130 34.89 -19.42 24.43
N LYS A 1131 35.93 -20.20 24.10
CA LYS A 1131 35.78 -21.12 23.00
C LYS A 1131 34.87 -22.05 23.75
N THR A 1132 33.89 -22.65 23.10
CA THR A 1132 32.96 -23.51 23.81
C THR A 1132 31.94 -22.67 24.58
N PRO A 1133 30.66 -22.85 24.30
CA PRO A 1133 30.15 -23.81 23.33
C PRO A 1133 31.13 -24.46 22.36
N SER A 1134 31.46 -25.74 22.58
CA SER A 1134 32.36 -26.51 21.71
C SER A 1134 31.78 -26.06 20.41
N ASN A 1135 30.48 -25.83 20.47
CA ASN A 1135 29.73 -25.24 19.39
C ASN A 1135 28.84 -24.30 20.19
N PRO A 1136 28.79 -23.03 19.81
CA PRO A 1136 29.50 -22.36 18.72
C PRO A 1136 30.88 -21.82 19.13
N THR A 1137 31.91 -22.09 18.30
CA THR A 1137 33.25 -21.65 18.64
C THR A 1137 34.25 -20.98 17.69
N GLY A 1138 33.87 -19.90 17.08
CA GLY A 1138 34.86 -19.18 16.33
C GLY A 1138 35.02 -18.21 17.47
N MET A 1139 33.88 -18.08 18.14
CA MET A 1139 33.60 -17.18 19.26
C MET A 1139 34.50 -16.14 19.86
N GLU A 1140 34.12 -14.95 19.44
CA GLU A 1140 34.80 -13.72 19.72
C GLU A 1140 35.86 -14.02 18.70
N ARG A 1141 35.38 -14.01 17.46
CA ARG A 1141 36.11 -14.31 16.26
C ARG A 1141 34.84 -14.56 15.49
N ARG A 1142 34.03 -15.48 16.01
CA ARG A 1142 32.70 -15.82 15.47
C ARG A 1142 32.13 -14.46 15.72
N TYR A 1143 32.59 -13.95 16.84
CA TYR A 1143 32.35 -12.61 17.28
C TYR A 1143 31.08 -11.91 17.70
N GLY A 1144 31.40 -10.62 17.81
CA GLY A 1144 30.56 -9.55 18.22
C GLY A 1144 31.65 -8.74 18.87
N ILE A 1145 31.78 -8.95 20.17
CA ILE A 1145 32.64 -8.24 21.09
C ILE A 1145 34.18 -8.18 21.26
N PRO A 1146 34.77 -9.11 22.03
CA PRO A 1146 36.11 -9.44 22.52
C PRO A 1146 36.80 -8.60 23.62
N GLN A 1147 36.94 -9.28 24.76
CA GLN A 1147 37.54 -8.86 26.02
C GLN A 1147 38.31 -7.56 26.27
N GLY A 1148 37.83 -6.85 27.29
CA GLY A 1148 38.40 -5.60 27.77
C GLY A 1148 38.60 -5.81 29.27
N GLU A 1149 39.76 -5.44 29.79
CA GLU A 1149 40.08 -5.67 31.20
C GLU A 1149 39.32 -4.95 32.30
N ALA A 1150 39.58 -5.38 33.52
CA ALA A 1150 39.00 -4.80 34.71
C ALA A 1150 40.19 -4.02 35.22
N LEU A 1151 40.01 -2.72 35.42
CA LEU A 1151 41.10 -1.84 35.82
C LEU A 1151 42.02 -2.03 37.03
N ASP A 1152 41.54 -2.63 38.11
CA ASP A 1152 42.33 -2.78 39.35
C ASP A 1152 41.80 -1.62 40.14
N ILE A 1153 42.33 -1.38 41.32
CA ILE A 1153 41.82 -0.27 42.07
C ILE A 1153 42.66 0.95 41.88
N TYR A 1154 43.96 0.73 41.87
CA TYR A 1154 44.93 1.82 41.71
C TYR A 1154 44.71 2.55 40.39
N GLN A 1155 44.67 1.79 39.32
CA GLN A 1155 44.47 2.34 37.99
C GLN A 1155 43.19 3.17 37.88
N ILE A 1156 42.06 2.48 37.99
CA ILE A 1156 40.77 3.11 37.89
C ILE A 1156 40.73 4.49 38.54
N ILE A 1157 41.15 4.58 39.78
CA ILE A 1157 41.11 5.86 40.45
C ILE A 1157 41.89 6.92 39.67
N GLU A 1158 43.00 6.53 39.05
CA GLU A 1158 43.80 7.50 38.29
C GLU A 1158 43.03 8.27 37.21
N LEU A 1159 42.20 7.58 36.45
CA LEU A 1159 41.44 8.21 35.37
C LEU A 1159 40.29 9.07 35.90
N THR A 1160 39.55 8.51 36.85
CA THR A 1160 38.41 9.20 37.43
C THR A 1160 38.85 10.30 38.38
N LYS A 1161 39.93 10.06 39.10
CA LYS A 1161 40.45 11.03 40.07
C LYS A 1161 39.34 11.56 40.93
N GLY A 1162 39.23 11.03 42.13
CA GLY A 1162 38.23 11.51 43.06
C GLY A 1162 36.79 11.66 42.60
N SER A 1163 36.31 10.65 41.89
CA SER A 1163 34.93 10.61 41.40
C SER A 1163 34.33 11.80 40.70
N LEU A 1164 33.06 12.09 40.97
CA LEU A 1164 32.43 13.19 40.24
C LEU A 1164 31.14 13.91 40.68
N GLU A 1165 30.71 14.70 39.70
CA GLU A 1165 29.53 15.56 39.59
C GLU A 1165 29.72 15.74 38.07
N LYS A 1166 30.42 16.81 37.68
CA LYS A 1166 30.78 17.11 36.29
C LYS A 1166 32.16 17.78 36.41
N ARG A 1167 32.70 17.69 37.62
CA ARG A 1167 33.98 18.28 37.99
C ARG A 1167 35.31 17.57 37.63
N SER A 1168 35.47 16.26 37.85
CA SER A 1168 36.77 15.62 37.55
C SER A 1168 37.16 15.78 36.07
N GLN A 1169 36.16 15.59 35.22
CA GLN A 1169 36.19 15.72 33.76
C GLN A 1169 37.37 15.57 32.77
N PRO A 1170 37.84 16.68 32.13
CA PRO A 1170 38.94 16.66 31.15
C PRO A 1170 40.37 16.26 31.51
N GLY A 1171 41.08 15.74 30.51
CA GLY A 1171 42.47 15.32 30.69
C GLY A 1171 42.86 13.93 30.18
N PRO A 1172 42.34 12.85 30.79
CA PRO A 1172 42.62 11.46 30.41
C PRO A 1172 42.81 11.25 28.92
N GLU B 9 30.03 -9.44 -35.17
CA GLU B 9 28.90 -10.24 -35.71
C GLU B 9 27.62 -9.85 -35.02
N ALA B 10 26.51 -10.03 -35.71
CA ALA B 10 25.18 -9.71 -35.16
C ALA B 10 25.11 -10.44 -33.83
N LEU B 11 25.39 -11.73 -33.85
CA LEU B 11 25.36 -12.47 -32.62
C LEU B 11 26.56 -12.07 -31.78
N LEU B 12 27.70 -11.84 -32.42
CA LEU B 12 28.88 -11.46 -31.66
C LEU B 12 28.61 -10.48 -30.53
N GLU B 13 27.96 -9.35 -30.84
CA GLU B 13 27.67 -8.33 -29.81
C GLU B 13 26.73 -8.84 -28.75
N ILE B 14 25.69 -9.57 -29.16
CA ILE B 14 24.75 -10.12 -28.21
C ILE B 14 25.46 -11.23 -27.44
N CYS B 15 26.22 -12.07 -28.15
CA CYS B 15 26.92 -13.18 -27.51
C CYS B 15 27.61 -12.85 -26.15
N GLN B 16 28.27 -11.70 -26.04
CA GLN B 16 28.95 -11.33 -24.78
C GLN B 16 27.96 -11.01 -23.68
N ARG B 17 26.94 -10.24 -24.01
CA ARG B 17 25.98 -9.73 -23.03
C ARG B 17 26.07 -10.35 -21.61
N ARG B 18 26.54 -9.50 -20.71
CA ARG B 18 26.74 -9.82 -19.31
C ARG B 18 27.76 -10.92 -19.45
N HIS B 19 28.64 -10.72 -20.43
CA HIS B 19 29.66 -11.68 -20.80
C HIS B 19 29.31 -13.13 -20.67
N PHE B 20 29.20 -13.80 -21.81
CA PHE B 20 28.88 -15.21 -21.87
C PHE B 20 30.14 -15.80 -22.47
N LEU B 21 31.26 -15.32 -21.94
CA LEU B 21 32.59 -15.70 -22.39
C LEU B 21 33.43 -14.53 -21.92
N SER B 22 34.59 -14.81 -21.31
CA SER B 22 35.46 -13.74 -20.83
C SER B 22 36.36 -13.19 -21.92
N GLY B 23 36.23 -11.90 -22.22
CA GLY B 23 37.05 -11.31 -23.25
C GLY B 23 36.43 -10.12 -23.95
N SER B 24 37.21 -9.05 -24.11
CA SER B 24 36.75 -7.85 -24.76
C SER B 24 36.67 -8.14 -26.26
N LYS B 25 36.49 -7.09 -27.05
CA LYS B 25 36.33 -7.20 -28.50
C LYS B 25 37.48 -7.83 -29.29
N GLN B 26 38.59 -7.11 -29.41
CA GLN B 26 39.72 -7.63 -30.17
C GLN B 26 40.34 -8.84 -29.49
N GLN B 27 40.13 -8.97 -28.18
CA GLN B 27 40.69 -10.09 -27.41
C GLN B 27 40.32 -11.43 -28.01
N LEU B 28 39.02 -11.59 -28.21
CA LEU B 28 38.45 -12.81 -28.73
C LEU B 28 38.17 -12.67 -30.23
N SER B 29 38.88 -13.43 -31.05
CA SER B 29 38.65 -13.38 -32.49
C SER B 29 38.21 -14.75 -32.94
N ARG B 30 37.41 -14.79 -33.99
CA ARG B 30 36.89 -16.03 -34.54
C ARG B 30 37.99 -17.01 -34.96
N ASP B 31 39.23 -16.73 -34.52
CA ASP B 31 40.41 -17.54 -34.82
C ASP B 31 41.16 -17.86 -33.51
N SER B 32 41.12 -16.90 -32.59
CA SER B 32 41.73 -17.06 -31.29
C SER B 32 40.73 -17.91 -30.53
N LEU B 33 39.47 -17.80 -30.94
CA LEU B 33 38.38 -18.55 -30.36
C LEU B 33 38.58 -19.97 -30.86
N LEU B 34 39.12 -20.06 -32.07
CA LEU B 34 39.41 -21.34 -32.68
C LEU B 34 40.80 -21.72 -32.19
N SER B 35 41.35 -20.87 -31.34
CA SER B 35 42.67 -21.12 -30.78
C SER B 35 42.56 -21.24 -29.27
N GLY B 36 41.37 -21.02 -28.73
CA GLY B 36 41.21 -21.09 -27.29
C GLY B 36 42.19 -20.13 -26.66
N CYS B 37 42.97 -19.44 -27.50
CA CYS B 37 43.96 -18.46 -27.05
C CYS B 37 43.26 -17.23 -26.53
N HIS B 38 41.99 -17.10 -26.92
CA HIS B 38 41.19 -15.98 -26.48
C HIS B 38 41.50 -15.82 -24.99
N PRO B 39 41.29 -14.61 -24.46
CA PRO B 39 41.55 -14.34 -23.05
C PRO B 39 41.05 -15.40 -22.07
N GLY B 40 40.12 -16.23 -22.54
CA GLY B 40 39.61 -17.26 -21.66
C GLY B 40 38.12 -17.46 -21.83
N PHE B 41 37.62 -18.50 -21.18
CA PHE B 41 36.22 -18.86 -21.25
C PHE B 41 35.42 -18.09 -20.20
N GLY B 42 34.22 -17.63 -20.56
CA GLY B 42 33.40 -16.84 -19.64
C GLY B 42 32.19 -17.42 -18.93
N PRO B 43 31.52 -16.61 -18.09
CA PRO B 43 30.35 -16.95 -17.29
C PRO B 43 29.43 -18.03 -17.82
N LEU B 44 28.37 -17.61 -18.50
CA LEU B 44 27.39 -18.57 -19.01
C LEU B 44 27.91 -19.74 -19.82
N GLY B 45 29.10 -19.60 -20.39
CA GLY B 45 29.65 -20.69 -21.18
C GLY B 45 29.79 -21.98 -20.38
N VAL B 46 30.45 -21.84 -19.24
CA VAL B 46 30.70 -22.95 -18.33
C VAL B 46 29.49 -23.82 -18.03
N GLU B 47 28.45 -23.19 -17.50
CA GLU B 47 27.26 -23.94 -17.18
C GLU B 47 27.10 -24.85 -18.38
N LEU B 48 26.96 -24.23 -19.54
CA LEU B 48 26.82 -24.99 -20.76
C LEU B 48 27.87 -26.09 -20.80
N ARG B 49 29.14 -25.71 -20.71
CA ARG B 49 30.23 -26.67 -20.76
C ARG B 49 30.10 -27.79 -19.75
N LYS B 50 30.03 -27.43 -18.47
CA LYS B 50 29.87 -28.44 -17.45
C LYS B 50 28.65 -29.23 -17.88
N ASN B 51 27.71 -28.51 -18.48
CA ASN B 51 26.46 -29.11 -18.96
C ASN B 51 26.70 -30.05 -20.14
N LEU B 52 27.49 -29.57 -21.09
CA LEU B 52 27.80 -30.33 -22.28
C LEU B 52 28.52 -31.62 -21.93
N ALA B 53 29.78 -31.46 -21.54
CA ALA B 53 30.62 -32.58 -21.18
C ALA B 53 29.75 -33.60 -20.49
N ALA B 54 29.12 -33.18 -19.40
CA ALA B 54 28.27 -34.06 -18.62
C ALA B 54 27.35 -34.91 -19.49
N GLU B 55 26.56 -34.30 -20.36
CA GLU B 55 25.66 -35.10 -21.19
C GLU B 55 26.42 -36.13 -22.04
N TRP B 56 27.70 -35.88 -22.28
CA TRP B 56 28.53 -36.80 -23.05
C TRP B 56 28.80 -37.93 -22.11
N TRP B 57 29.09 -37.52 -20.88
CA TRP B 57 29.37 -38.40 -19.78
C TRP B 57 28.30 -39.48 -19.84
N THR B 58 27.14 -39.10 -20.35
CA THR B 58 26.10 -40.07 -20.47
C THR B 58 26.40 -40.74 -21.79
N SER B 59 26.35 -39.93 -22.85
CA SER B 59 26.62 -40.38 -24.22
C SER B 59 27.25 -41.72 -24.41
N VAL B 60 28.46 -41.84 -23.94
CA VAL B 60 29.07 -43.10 -24.13
C VAL B 60 29.29 -43.63 -22.76
N VAL B 61 29.72 -42.75 -21.88
CA VAL B 61 30.01 -43.18 -20.53
C VAL B 61 28.87 -43.77 -19.72
N VAL B 62 27.71 -43.13 -19.65
CA VAL B 62 26.64 -43.73 -18.86
C VAL B 62 25.95 -44.94 -19.47
N PHE B 63 25.67 -44.84 -20.76
CA PHE B 63 24.95 -45.83 -21.57
C PHE B 63 25.16 -47.37 -21.52
N ARG B 64 26.40 -47.81 -21.58
CA ARG B 64 26.70 -49.24 -21.53
C ARG B 64 27.98 -49.31 -20.73
N GLU B 65 27.77 -49.40 -19.41
CA GLU B 65 28.80 -49.44 -18.38
C GLU B 65 29.89 -50.46 -18.64
N GLN B 66 30.37 -50.49 -19.87
CA GLN B 66 31.42 -51.41 -20.26
C GLN B 66 32.72 -50.63 -20.08
N VAL B 67 32.59 -49.30 -20.03
CA VAL B 67 33.73 -48.40 -19.88
C VAL B 67 33.73 -47.71 -18.53
N PHE B 68 34.83 -47.04 -18.21
CA PHE B 68 34.95 -46.34 -16.93
C PHE B 68 35.77 -45.05 -16.97
N PRO B 69 35.58 -44.20 -15.96
CA PRO B 69 36.32 -42.95 -15.90
C PRO B 69 37.76 -43.22 -15.54
N VAL B 70 38.63 -42.98 -16.50
CA VAL B 70 40.04 -43.18 -16.29
C VAL B 70 40.61 -41.81 -15.93
N ASP B 71 41.65 -41.78 -15.11
CA ASP B 71 42.28 -40.53 -14.70
C ASP B 71 43.74 -40.44 -15.15
N ALA B 72 43.95 -39.84 -16.32
CA ALA B 72 45.27 -39.67 -16.91
C ALA B 72 45.86 -38.31 -16.51
N LEU B 73 47.19 -38.21 -16.47
CA LEU B 73 47.85 -36.97 -16.08
C LEU B 73 47.72 -35.81 -17.06
N HIS B 74 48.09 -34.62 -16.58
CA HIS B 74 48.05 -33.42 -17.39
C HIS B 74 49.48 -33.02 -17.83
N HIS B 75 50.48 -33.37 -17.00
CA HIS B 75 51.91 -33.05 -17.27
C HIS B 75 52.82 -34.29 -17.46
N LYS B 76 54.07 -34.04 -17.84
CA LYS B 76 55.08 -35.11 -18.04
C LYS B 76 56.53 -34.69 -17.75
N PRO B 77 57.19 -35.36 -16.79
CA PRO B 77 58.58 -35.05 -16.43
C PRO B 77 59.55 -35.66 -17.43
N GLY B 78 60.83 -35.64 -17.09
CA GLY B 78 61.83 -36.18 -17.99
C GLY B 78 61.88 -35.30 -19.23
N PRO B 79 61.40 -35.80 -20.38
CA PRO B 79 61.41 -35.00 -21.62
C PRO B 79 60.54 -33.72 -21.59
N GLY B 121 60.03 -33.34 -20.41
CA GLY B 121 59.18 -32.14 -20.24
C GLY B 121 58.27 -31.75 -21.41
N LYS B 122 57.11 -32.41 -21.54
CA LYS B 122 56.20 -32.15 -22.66
C LYS B 122 54.80 -31.67 -22.24
N LEU B 123 54.03 -31.25 -23.23
CA LEU B 123 52.68 -30.77 -23.01
C LEU B 123 51.66 -31.88 -23.31
N ARG B 124 50.45 -31.72 -22.78
CA ARG B 124 49.36 -32.68 -22.98
C ARG B 124 48.69 -32.48 -24.34
N GLU B 125 49.21 -33.13 -25.38
CA GLU B 125 48.60 -32.95 -26.70
C GLU B 125 47.79 -34.14 -27.15
N ASN B 126 48.36 -35.33 -27.09
CA ASN B 126 47.60 -36.48 -27.51
C ASN B 126 47.00 -37.05 -26.25
N LEU B 127 45.95 -36.42 -25.75
CA LEU B 127 45.32 -36.92 -24.52
C LEU B 127 44.99 -38.39 -24.73
N LEU B 128 44.96 -38.78 -26.00
CA LEU B 128 44.68 -40.15 -26.38
C LEU B 128 45.74 -41.05 -25.73
N HIS B 129 46.84 -40.43 -25.29
CA HIS B 129 47.96 -41.13 -24.69
C HIS B 129 47.79 -41.62 -23.26
N GLY B 130 47.42 -40.73 -22.36
CA GLY B 130 47.25 -41.12 -20.97
C GLY B 130 46.60 -42.48 -20.80
N ALA B 131 45.62 -42.78 -21.65
CA ALA B 131 44.93 -44.05 -21.57
C ALA B 131 45.93 -45.18 -21.74
N LEU B 132 46.66 -45.10 -22.84
CA LEU B 132 47.67 -46.10 -23.17
C LEU B 132 48.32 -46.70 -21.92
N GLU B 133 48.90 -45.82 -21.10
CA GLU B 133 49.60 -46.25 -19.88
C GLU B 133 48.79 -47.05 -18.89
N HIS B 134 47.53 -46.73 -18.75
CA HIS B 134 46.71 -47.43 -17.80
C HIS B 134 46.05 -48.69 -18.33
N TYR B 135 46.04 -48.89 -19.65
CA TYR B 135 45.43 -50.09 -20.21
C TYR B 135 45.83 -51.29 -19.38
N VAL B 136 47.13 -51.47 -19.22
CA VAL B 136 47.63 -52.59 -18.43
C VAL B 136 47.05 -52.47 -17.03
N ASN B 137 47.13 -51.26 -16.50
CA ASN B 137 46.65 -50.95 -15.16
C ASN B 137 45.20 -51.42 -14.96
N CYS B 138 44.33 -51.04 -15.88
CA CYS B 138 42.91 -51.41 -15.79
C CYS B 138 42.59 -52.78 -16.42
N LEU B 139 43.44 -53.26 -17.32
CA LEU B 139 43.21 -54.56 -17.94
C LEU B 139 42.74 -55.50 -16.85
N ASP B 140 43.60 -55.68 -15.86
CA ASP B 140 43.36 -56.52 -14.70
C ASP B 140 41.91 -56.35 -14.20
N LEU B 141 41.32 -55.19 -14.46
CA LEU B 141 39.95 -54.90 -14.02
C LEU B 141 38.99 -56.02 -14.38
N VAL B 142 38.60 -56.10 -15.65
CA VAL B 142 37.68 -57.14 -16.09
C VAL B 142 38.34 -58.46 -16.48
N ASN B 143 38.83 -59.19 -15.48
CA ASN B 143 39.51 -60.45 -15.73
C ASN B 143 40.49 -60.15 -16.84
N LYS B 144 40.08 -60.50 -18.04
CA LYS B 144 40.89 -60.25 -19.21
C LYS B 144 39.98 -60.06 -20.41
N ARG B 145 38.67 -59.91 -20.25
CA ARG B 145 37.76 -59.75 -21.41
C ARG B 145 38.13 -58.62 -22.41
N LEU B 146 37.41 -58.57 -23.55
CA LEU B 146 37.60 -57.55 -24.60
C LEU B 146 36.26 -57.27 -25.28
N PRO B 147 35.93 -55.98 -25.54
CA PRO B 147 36.68 -54.76 -25.26
C PRO B 147 35.88 -53.69 -24.51
N TYR B 148 36.43 -52.47 -24.48
CA TYR B 148 35.83 -51.30 -23.83
C TYR B 148 36.85 -50.17 -23.88
N GLY B 149 36.53 -49.04 -23.27
CA GLY B 149 37.46 -47.93 -23.29
C GLY B 149 37.74 -47.37 -21.92
N LEU B 150 38.19 -46.13 -21.87
CA LEU B 150 38.49 -45.46 -20.62
C LEU B 150 38.40 -43.97 -20.89
N ALA B 151 37.18 -43.45 -20.81
CA ALA B 151 36.93 -42.04 -21.06
C ALA B 151 37.52 -41.11 -19.99
N GLN B 152 37.94 -39.93 -20.43
CA GLN B 152 38.51 -38.91 -19.56
C GLN B 152 38.47 -37.58 -20.31
N ILE B 153 37.61 -36.68 -19.84
CA ILE B 153 37.51 -35.39 -20.48
C ILE B 153 38.63 -34.52 -19.93
N GLY B 154 39.77 -34.57 -20.61
CA GLY B 154 40.92 -33.81 -20.19
C GLY B 154 41.23 -32.63 -21.09
N VAL B 155 41.42 -31.48 -20.49
CA VAL B 155 41.76 -30.26 -21.20
C VAL B 155 43.14 -30.46 -21.81
N CYS B 156 43.16 -31.02 -23.01
CA CYS B 156 44.39 -31.31 -23.72
C CYS B 156 45.12 -30.06 -24.21
N PHE B 157 45.97 -30.21 -25.23
CA PHE B 157 46.70 -29.05 -25.69
C PHE B 157 47.01 -28.74 -27.13
N HIS B 158 47.62 -27.57 -27.25
CA HIS B 158 48.01 -26.97 -28.49
C HIS B 158 47.91 -25.50 -28.07
N PRO B 159 49.05 -24.80 -27.99
CA PRO B 159 48.94 -23.39 -27.60
C PRO B 159 49.66 -22.49 -28.60
N VAL B 160 49.06 -22.27 -29.78
CA VAL B 160 49.66 -21.45 -30.84
C VAL B 160 49.75 -19.97 -30.53
N LYS B 171 54.67 -16.25 -32.00
CA LYS B 171 54.20 -17.39 -31.23
C LYS B 171 53.19 -16.93 -30.21
N SER B 172 52.45 -17.89 -29.66
CA SER B 172 51.42 -17.62 -28.66
C SER B 172 50.93 -18.96 -28.07
N ILE B 173 49.89 -18.92 -27.22
CA ILE B 173 49.36 -20.14 -26.59
C ILE B 173 47.86 -20.14 -26.23
N GLY B 174 47.30 -21.35 -26.11
CA GLY B 174 45.91 -21.50 -25.77
C GLY B 174 45.67 -22.90 -25.25
N GLU B 175 44.54 -23.12 -24.58
CA GLU B 175 44.20 -24.44 -24.03
C GLU B 175 42.91 -25.06 -24.56
N LYS B 176 43.00 -26.31 -25.04
CA LYS B 176 41.82 -27.00 -25.57
C LYS B 176 41.26 -28.00 -24.56
N THR B 177 40.15 -27.64 -23.93
CA THR B 177 39.56 -28.53 -22.92
C THR B 177 39.47 -29.98 -23.40
N GLU B 178 38.61 -30.25 -24.38
CA GLU B 178 38.50 -31.62 -24.90
C GLU B 178 38.09 -32.71 -23.91
N ALA B 179 37.74 -33.87 -24.49
CA ALA B 179 37.33 -35.05 -23.74
C ALA B 179 37.84 -36.18 -24.61
N SER B 180 38.16 -37.33 -24.04
CA SER B 180 38.66 -38.44 -24.86
C SER B 180 38.19 -39.85 -24.50
N LEU B 181 38.07 -40.69 -25.52
CA LEU B 181 37.69 -42.08 -25.33
C LEU B 181 38.70 -42.97 -26.02
N VAL B 182 39.12 -44.02 -25.33
CA VAL B 182 40.10 -44.93 -25.87
C VAL B 182 39.64 -46.37 -25.72
N TRP B 183 38.96 -46.85 -26.75
CA TRP B 183 38.46 -48.21 -26.78
C TRP B 183 39.50 -49.07 -27.50
N PHE B 184 39.51 -50.38 -27.26
CA PHE B 184 40.48 -51.27 -27.89
C PHE B 184 39.84 -52.54 -28.45
N THR B 185 39.53 -52.52 -29.75
CA THR B 185 38.89 -53.64 -30.46
C THR B 185 39.83 -54.58 -31.19
N PRO B 186 39.43 -55.86 -31.35
CA PRO B 186 40.27 -56.83 -32.05
C PRO B 186 40.10 -56.64 -33.55
N PRO B 187 41.07 -57.12 -34.33
CA PRO B 187 41.08 -57.02 -35.79
C PRO B 187 39.80 -57.40 -36.54
N ARG B 188 39.41 -58.67 -36.47
CA ARG B 188 38.21 -59.16 -37.16
C ARG B 188 37.05 -58.19 -37.02
N THR B 189 36.21 -58.44 -36.02
CA THR B 189 35.05 -57.59 -35.80
C THR B 189 35.51 -56.20 -35.36
N SER B 190 36.72 -55.81 -35.77
CA SER B 190 37.24 -54.49 -35.44
C SER B 190 36.53 -53.52 -36.35
N ASN B 191 36.64 -53.76 -37.65
CA ASN B 191 35.99 -52.90 -38.62
C ASN B 191 34.50 -52.81 -38.32
N GLN B 192 33.82 -53.94 -38.22
CA GLN B 192 32.39 -53.90 -37.91
C GLN B 192 32.26 -53.00 -36.69
N TRP B 193 32.84 -53.45 -35.58
CA TRP B 193 32.83 -52.69 -34.34
C TRP B 193 33.77 -51.52 -34.63
N LEU B 194 33.49 -50.77 -35.68
CA LEU B 194 34.32 -49.62 -36.04
C LEU B 194 33.45 -48.60 -36.80
N ASP B 195 33.10 -48.93 -38.04
CA ASP B 195 32.29 -48.04 -38.88
C ASP B 195 30.98 -47.64 -38.18
N PHE B 196 30.37 -48.60 -37.51
CA PHE B 196 29.14 -48.35 -36.79
C PHE B 196 29.37 -47.25 -35.77
N TRP B 197 30.49 -47.33 -35.08
CA TRP B 197 30.80 -46.35 -34.06
C TRP B 197 30.49 -44.94 -34.47
N LEU B 198 30.88 -44.59 -35.69
CA LEU B 198 30.59 -43.25 -36.18
C LEU B 198 29.14 -43.07 -35.81
N ARG B 199 28.32 -43.98 -36.30
CA ARG B 199 26.90 -43.95 -36.05
C ARG B 199 26.61 -43.50 -34.64
N HIS B 200 27.06 -44.28 -33.66
CA HIS B 200 26.74 -43.91 -32.29
C HIS B 200 26.63 -42.43 -32.05
N ARG B 201 27.71 -41.82 -31.61
CA ARG B 201 27.64 -40.41 -31.36
C ARG B 201 27.45 -39.68 -32.63
N LEU B 202 27.46 -40.37 -33.77
CA LEU B 202 27.21 -39.64 -35.00
C LEU B 202 26.16 -38.73 -34.41
N GLN B 203 25.22 -39.38 -33.73
CA GLN B 203 24.09 -38.74 -33.06
C GLN B 203 24.32 -37.92 -31.83
N TRP B 204 25.49 -37.92 -31.24
CA TRP B 204 25.63 -37.11 -30.06
C TRP B 204 25.16 -35.74 -30.36
N TRP B 205 26.08 -34.97 -30.89
CA TRP B 205 25.84 -33.63 -31.30
C TRP B 205 24.49 -33.57 -32.02
N ARG B 206 24.35 -34.27 -33.13
CA ARG B 206 23.05 -34.27 -33.80
C ARG B 206 21.99 -34.42 -32.70
N LYS B 207 22.27 -35.27 -31.73
CA LYS B 207 21.42 -35.58 -30.57
C LYS B 207 19.97 -35.24 -30.67
N PHE B 208 19.30 -35.69 -31.72
CA PHE B 208 17.88 -35.39 -31.87
C PHE B 208 17.80 -33.88 -32.14
N ALA B 209 18.49 -33.45 -33.20
CA ALA B 209 18.68 -32.05 -33.69
C ALA B 209 17.56 -30.96 -33.85
N MET B 210 18.03 -29.73 -34.09
CA MET B 210 17.24 -28.51 -34.33
C MET B 210 17.73 -28.01 -35.71
N SER B 211 18.98 -27.58 -35.76
CA SER B 211 19.59 -27.18 -37.01
C SER B 211 20.67 -28.20 -37.36
N PRO B 212 21.01 -29.10 -36.41
CA PRO B 212 22.02 -30.13 -36.68
C PRO B 212 21.63 -31.03 -37.84
N SER B 213 21.01 -30.42 -38.84
CA SER B 213 20.60 -31.10 -40.04
C SER B 213 21.82 -30.75 -40.88
N ASN B 214 22.83 -30.25 -40.18
CA ASN B 214 24.05 -29.80 -40.82
C ASN B 214 25.34 -30.20 -40.10
N PHE B 215 25.56 -31.52 -39.94
CA PHE B 215 26.77 -32.04 -39.31
C PHE B 215 27.45 -32.92 -40.33
N SER B 216 28.54 -32.42 -40.91
CA SER B 216 29.28 -33.14 -41.95
C SER B 216 30.38 -34.07 -41.46
N SER B 217 30.70 -35.05 -42.31
CA SER B 217 31.73 -36.05 -42.05
C SER B 217 32.47 -36.37 -43.35
N SER B 218 33.81 -36.30 -43.30
CA SER B 218 34.68 -36.60 -44.47
C SER B 218 35.55 -37.81 -44.22
N ASP B 219 35.97 -38.45 -45.32
CA ASP B 219 36.82 -39.65 -45.31
C ASP B 219 38.25 -39.28 -45.79
N CYS B 220 39.29 -39.75 -45.09
CA CYS B 220 40.64 -39.44 -45.53
C CYS B 220 41.45 -40.71 -45.76
N GLN B 221 42.09 -40.77 -46.93
CA GLN B 221 42.91 -41.89 -47.28
C GLN B 221 44.00 -41.84 -46.34
N ASP B 222 44.14 -43.00 -45.78
CA ASP B 222 45.27 -43.11 -44.93
C ASP B 222 45.24 -42.88 -43.40
N GLU B 223 46.50 -42.56 -43.17
CA GLU B 223 47.60 -42.21 -42.41
C GLU B 223 47.90 -42.69 -41.12
N GLU B 224 49.11 -43.26 -41.30
CA GLU B 224 49.84 -43.81 -40.26
C GLU B 224 49.02 -44.14 -39.07
N GLY B 225 47.97 -44.90 -39.29
CA GLY B 225 47.12 -45.26 -38.19
C GLY B 225 46.30 -46.40 -38.69
N ARG B 226 45.80 -46.20 -39.92
CA ARG B 226 44.98 -47.12 -40.70
C ARG B 226 43.60 -46.51 -40.99
N LYS B 227 43.46 -45.23 -40.67
CA LYS B 227 42.26 -44.46 -40.94
C LYS B 227 41.12 -44.24 -39.91
N GLY B 228 39.96 -43.81 -40.36
CA GLY B 228 38.88 -43.49 -39.46
C GLY B 228 38.62 -42.16 -40.08
N ASN B 229 37.45 -41.60 -39.86
CA ASN B 229 37.14 -40.35 -40.48
C ASN B 229 37.14 -39.21 -39.50
N LYS B 230 37.03 -37.99 -40.01
CA LYS B 230 36.99 -36.78 -39.19
C LYS B 230 35.56 -36.23 -39.08
N LEU B 231 35.38 -35.20 -38.27
CA LEU B 231 34.06 -34.60 -38.11
C LEU B 231 34.06 -33.09 -38.42
N TYR B 232 32.95 -32.58 -38.95
CA TYR B 232 32.85 -31.17 -39.29
C TYR B 232 31.43 -30.62 -39.08
N TYR B 233 31.32 -29.29 -39.01
CA TYR B 233 30.03 -28.60 -38.83
C TYR B 233 29.84 -27.53 -39.92
N ASN B 234 28.58 -27.32 -40.32
CA ASN B 234 28.25 -26.33 -41.35
C ASN B 234 28.39 -24.87 -40.96
N PHE B 235 29.61 -24.35 -41.06
CA PHE B 235 29.87 -22.97 -40.75
C PHE B 235 29.80 -22.14 -42.00
N PRO B 236 28.78 -21.27 -42.08
CA PRO B 236 28.65 -20.46 -43.28
C PRO B 236 29.98 -19.79 -43.57
N TRP B 237 30.45 -18.97 -42.65
CA TRP B 237 31.70 -18.26 -42.80
C TRP B 237 32.81 -19.20 -43.29
N GLY B 238 32.91 -20.36 -42.66
CA GLY B 238 33.93 -21.32 -43.04
C GLY B 238 33.87 -22.54 -42.15
N LYS B 239 33.41 -23.65 -42.71
CA LYS B 239 33.27 -24.92 -41.99
C LYS B 239 34.48 -25.23 -41.09
N GLU B 240 34.27 -26.05 -40.07
CA GLU B 240 35.37 -26.39 -39.16
C GLU B 240 35.35 -27.86 -38.68
N LEU B 241 36.54 -28.42 -38.46
CA LEU B 241 36.71 -29.80 -37.98
C LEU B 241 36.34 -29.87 -36.50
N ILE B 242 35.41 -30.77 -36.13
CA ILE B 242 34.97 -30.91 -34.73
C ILE B 242 35.61 -32.09 -33.95
N GLU B 243 35.64 -33.27 -34.56
CA GLU B 243 36.22 -34.42 -33.91
C GLU B 243 36.93 -35.26 -34.94
N THR B 244 37.94 -35.99 -34.51
CA THR B 244 38.70 -36.83 -35.42
C THR B 244 38.95 -38.24 -34.88
N LEU B 245 38.20 -39.20 -35.41
CA LEU B 245 38.35 -40.58 -34.98
C LEU B 245 39.32 -41.29 -35.88
N TRP B 246 40.23 -42.04 -35.27
CA TRP B 246 41.24 -42.75 -36.01
C TRP B 246 40.97 -44.26 -36.12
N ASN B 247 42.03 -45.01 -36.42
CA ASN B 247 41.99 -46.47 -36.51
C ASN B 247 43.45 -46.91 -36.38
N LEU B 248 44.05 -46.70 -35.22
CA LEU B 248 45.42 -47.12 -34.98
C LEU B 248 45.33 -48.62 -34.75
N GLY B 249 44.66 -49.28 -35.69
CA GLY B 249 44.50 -50.73 -35.62
C GLY B 249 45.87 -51.23 -35.29
N ASP B 250 46.81 -50.32 -35.48
CA ASP B 250 48.18 -50.58 -35.18
C ASP B 250 48.71 -49.68 -34.05
N HIS B 251 49.81 -50.20 -33.52
CA HIS B 251 50.71 -49.71 -32.50
C HIS B 251 50.93 -48.26 -32.06
N GLU B 252 50.27 -47.79 -31.03
CA GLU B 252 50.71 -46.51 -30.53
C GLU B 252 50.89 -46.94 -29.09
N LEU B 253 51.17 -48.23 -29.04
CA LEU B 253 51.46 -49.03 -27.86
C LEU B 253 52.63 -49.78 -28.47
N LEU B 254 52.57 -51.11 -28.53
CA LEU B 254 53.64 -51.90 -29.11
C LEU B 254 54.97 -51.37 -28.59
N HIS B 255 55.53 -50.37 -29.25
CA HIS B 255 56.77 -49.80 -28.76
C HIS B 255 56.50 -49.31 -27.34
N MET B 256 55.54 -48.40 -27.17
CA MET B 256 55.22 -47.87 -25.85
C MET B 256 55.19 -48.98 -24.82
N TYR B 257 54.68 -50.12 -25.25
CA TYR B 257 54.56 -51.30 -24.39
C TYR B 257 55.03 -52.47 -25.23
N PRO B 258 56.35 -52.61 -25.34
CA PRO B 258 57.07 -53.63 -26.10
C PRO B 258 57.50 -54.80 -25.23
N GLY B 259 58.55 -55.49 -25.69
CA GLY B 259 59.11 -56.61 -24.96
C GLY B 259 58.35 -57.93 -25.04
N ASN B 260 57.63 -58.25 -23.96
CA ASN B 260 56.83 -59.47 -23.87
C ASN B 260 55.38 -59.12 -24.20
N VAL B 261 55.11 -58.85 -25.48
CA VAL B 261 53.77 -58.46 -25.94
C VAL B 261 52.62 -59.27 -25.38
N SER B 262 52.87 -60.55 -25.09
CA SER B 262 51.82 -61.41 -24.55
C SER B 262 51.29 -60.90 -23.20
N LYS B 263 51.92 -59.86 -22.64
CA LYS B 263 51.47 -59.32 -21.34
C LYS B 263 50.26 -58.40 -21.52
N LEU B 264 50.16 -57.81 -22.71
CA LEU B 264 49.07 -56.91 -23.06
C LEU B 264 48.02 -57.73 -23.71
N HIS B 265 47.71 -57.28 -24.90
CA HIS B 265 46.78 -57.97 -25.71
C HIS B 265 45.52 -58.36 -24.98
N GLY B 266 44.53 -58.72 -25.78
CA GLY B 266 43.24 -59.13 -25.27
C GLY B 266 42.71 -60.48 -25.69
N ARG B 267 41.44 -60.52 -26.11
CA ARG B 267 40.78 -61.75 -26.54
C ARG B 267 39.63 -61.62 -27.50
N ASP B 268 39.44 -62.69 -28.27
CA ASP B 268 38.38 -62.80 -29.24
C ASP B 268 37.20 -63.29 -28.41
N GLY B 269 37.48 -64.28 -27.59
CA GLY B 269 36.47 -64.85 -26.73
C GLY B 269 37.04 -66.05 -26.00
N ARG B 270 38.07 -66.66 -26.59
CA ARG B 270 38.73 -67.84 -26.00
C ARG B 270 40.21 -67.69 -26.25
N LYS B 271 40.56 -66.85 -27.21
CA LYS B 271 41.95 -66.68 -27.57
C LYS B 271 42.63 -65.35 -27.30
N ASN B 272 43.77 -65.44 -26.63
CA ASN B 272 44.63 -64.31 -26.29
C ASN B 272 45.06 -63.63 -27.59
N VAL B 273 45.06 -62.30 -27.60
CA VAL B 273 45.46 -61.53 -28.79
C VAL B 273 45.73 -60.14 -28.30
N VAL B 274 46.50 -59.35 -29.04
CA VAL B 274 46.71 -57.98 -28.62
C VAL B 274 45.73 -57.18 -29.43
N PRO B 275 44.78 -56.51 -28.76
CA PRO B 275 43.78 -55.72 -29.46
C PRO B 275 44.36 -54.58 -30.26
N CYS B 276 43.47 -53.87 -30.94
CA CYS B 276 43.84 -52.73 -31.77
C CYS B 276 43.74 -51.44 -30.93
N VAL B 277 44.22 -50.35 -31.52
CA VAL B 277 44.22 -49.03 -30.88
C VAL B 277 43.25 -48.05 -31.58
N LEU B 278 42.56 -47.22 -30.81
CA LEU B 278 41.59 -46.26 -31.37
C LEU B 278 41.63 -44.87 -30.75
N SER B 279 41.04 -43.92 -31.47
CA SER B 279 40.98 -42.53 -31.05
C SER B 279 39.63 -41.88 -31.33
N VAL B 280 39.00 -41.37 -30.29
CA VAL B 280 37.72 -40.70 -30.44
C VAL B 280 37.77 -39.36 -29.76
N ASN B 281 38.59 -38.50 -30.34
CA ASN B 281 38.79 -37.15 -29.86
C ASN B 281 38.70 -36.11 -30.98
N GLY B 282 38.31 -34.92 -30.55
CA GLY B 282 38.12 -33.72 -31.33
C GLY B 282 37.96 -32.96 -30.04
N ASP B 283 38.22 -31.67 -29.98
CA ASP B 283 38.09 -31.11 -28.66
C ASP B 283 36.91 -30.27 -28.30
N LEU B 284 36.34 -30.61 -27.16
CA LEU B 284 35.18 -29.96 -26.61
C LEU B 284 35.24 -28.45 -26.42
N ASP B 285 36.34 -27.96 -25.84
CA ASP B 285 36.47 -26.54 -25.57
C ASP B 285 35.61 -25.65 -26.48
N ARG B 286 35.60 -25.97 -27.77
CA ARG B 286 34.84 -25.23 -28.78
C ARG B 286 33.64 -26.01 -29.26
N GLY B 287 33.50 -27.24 -28.76
CA GLY B 287 32.38 -28.08 -29.12
C GLY B 287 31.08 -27.38 -28.81
N MET B 288 31.16 -26.37 -27.96
CA MET B 288 29.98 -25.59 -27.59
C MET B 288 29.93 -24.39 -28.52
N LEU B 289 31.11 -23.97 -28.96
CA LEU B 289 31.26 -22.84 -29.88
C LEU B 289 30.33 -23.10 -31.07
N ALA B 290 30.37 -24.32 -31.58
CA ALA B 290 29.53 -24.71 -32.72
C ALA B 290 28.06 -24.67 -32.34
N TYR B 291 27.66 -25.56 -31.46
CA TYR B 291 26.28 -25.63 -30.98
C TYR B 291 25.81 -24.20 -30.73
N LEU B 292 26.77 -23.32 -30.51
CA LEU B 292 26.50 -21.92 -30.27
C LEU B 292 25.99 -21.21 -31.52
N TYR B 293 25.93 -21.92 -32.65
CA TYR B 293 25.48 -21.30 -33.89
C TYR B 293 24.15 -21.76 -34.44
N ASP B 294 23.79 -23.03 -34.20
CA ASP B 294 22.51 -23.54 -34.67
C ASP B 294 21.43 -22.63 -34.10
N SER B 295 21.71 -22.13 -32.91
CA SER B 295 20.79 -21.25 -32.21
C SER B 295 20.22 -20.16 -33.07
N PHE B 296 20.98 -19.07 -33.20
CA PHE B 296 20.55 -17.90 -33.96
C PHE B 296 19.92 -18.17 -35.34
N GLN B 297 19.38 -17.11 -35.93
CA GLN B 297 18.74 -17.16 -37.24
C GLN B 297 19.70 -16.61 -38.29
N ARG B 311 14.09 -5.75 -31.35
CA ARG B 311 13.94 -7.18 -31.12
C ARG B 311 15.27 -7.91 -31.22
N LYS B 312 15.55 -8.75 -30.22
CA LYS B 312 16.77 -9.56 -30.15
C LYS B 312 16.36 -10.81 -29.36
N VAL B 313 16.50 -11.99 -29.95
CA VAL B 313 16.14 -13.20 -29.23
C VAL B 313 17.05 -14.35 -29.58
N LEU B 314 17.43 -15.14 -28.57
CA LEU B 314 18.31 -16.29 -28.77
C LEU B 314 17.72 -17.57 -28.18
N LYS B 315 17.28 -18.47 -29.04
CA LYS B 315 16.68 -19.71 -28.59
C LYS B 315 17.74 -20.77 -28.38
N LEU B 316 17.44 -21.73 -27.50
CA LEU B 316 18.39 -22.79 -27.17
C LEU B 316 17.82 -24.17 -26.82
N HIS B 317 18.64 -25.18 -27.08
CA HIS B 317 18.28 -26.56 -26.81
C HIS B 317 18.15 -26.70 -25.30
N PRO B 318 16.90 -26.79 -24.83
CA PRO B 318 16.59 -26.92 -23.40
C PRO B 318 17.69 -27.50 -22.53
N CYS B 319 17.66 -28.82 -22.36
CA CYS B 319 18.63 -29.52 -21.53
C CYS B 319 20.00 -28.86 -21.50
N LEU B 320 20.37 -28.20 -22.58
CA LEU B 320 21.67 -27.57 -22.64
C LEU B 320 21.71 -26.21 -21.95
N ALA B 321 20.81 -25.33 -22.36
CA ALA B 321 20.73 -23.99 -21.81
C ALA B 321 21.34 -23.90 -20.44
N PRO B 322 22.54 -23.31 -20.34
CA PRO B 322 23.20 -23.19 -19.04
C PRO B 322 22.18 -23.11 -17.93
N ILE B 323 21.37 -22.06 -17.93
CA ILE B 323 20.34 -21.92 -16.91
C ILE B 323 19.03 -22.44 -17.48
N LYS B 324 18.07 -22.69 -16.60
CA LYS B 324 16.77 -23.24 -16.99
C LYS B 324 15.60 -22.24 -16.96
N VAL B 325 15.55 -21.39 -15.93
CA VAL B 325 14.47 -20.41 -15.81
C VAL B 325 14.87 -19.16 -15.02
N ALA B 326 13.95 -18.18 -14.95
CA ALA B 326 14.20 -16.93 -14.22
C ALA B 326 12.90 -16.29 -13.72
N LEU B 327 13.03 -15.21 -12.96
CA LEU B 327 11.87 -14.53 -12.41
C LEU B 327 12.31 -13.29 -11.65
N ASP B 328 11.33 -12.50 -11.22
CA ASP B 328 11.58 -11.29 -10.44
C ASP B 328 10.29 -11.00 -9.70
N VAL B 329 10.20 -9.82 -9.10
CA VAL B 329 9.02 -9.45 -8.37
C VAL B 329 8.05 -8.71 -9.26
N GLY B 330 6.91 -8.34 -8.70
CA GLY B 330 5.92 -7.63 -9.47
C GLY B 330 4.58 -7.59 -8.76
N ARG B 331 3.91 -6.45 -8.90
CA ARG B 331 2.60 -6.20 -8.32
C ARG B 331 2.52 -6.21 -6.80
N GLY B 332 3.28 -7.10 -6.16
CA GLY B 332 3.25 -7.19 -4.70
C GLY B 332 3.31 -5.85 -3.98
N PRO B 333 4.47 -5.18 -4.01
CA PRO B 333 5.66 -5.70 -4.68
C PRO B 333 6.80 -5.92 -3.71
N THR B 334 7.07 -4.90 -2.91
CA THR B 334 8.12 -4.94 -1.91
C THR B 334 7.91 -6.11 -0.90
N LEU B 335 9.00 -6.51 -0.25
CA LEU B 335 9.02 -7.56 0.78
C LEU B 335 8.71 -9.02 0.47
N GLU B 336 7.70 -9.53 1.17
CA GLU B 336 7.24 -10.92 1.12
C GLU B 336 7.05 -11.68 -0.21
N LEU B 337 6.49 -11.05 -1.24
CA LEU B 337 6.26 -11.74 -2.52
C LEU B 337 7.62 -12.15 -3.05
N ARG B 338 8.52 -11.18 -2.98
CA ARG B 338 9.87 -11.35 -3.40
C ARG B 338 10.54 -12.47 -2.60
N GLN B 339 10.33 -12.49 -1.29
CA GLN B 339 10.91 -13.52 -0.41
C GLN B 339 10.36 -14.90 -0.76
N VAL B 340 9.08 -14.94 -1.12
CA VAL B 340 8.44 -16.19 -1.50
C VAL B 340 9.01 -16.74 -2.80
N CYS B 341 9.30 -15.85 -3.74
CA CYS B 341 9.85 -16.26 -5.02
C CYS B 341 11.22 -16.93 -4.85
N GLN B 342 12.02 -16.39 -3.95
CA GLN B 342 13.35 -16.89 -3.68
C GLN B 342 13.27 -18.24 -3.08
N GLY B 343 12.36 -18.39 -2.14
CA GLY B 343 12.22 -19.69 -1.54
C GLY B 343 11.83 -20.67 -2.62
N LEU B 344 10.91 -20.27 -3.49
CA LEU B 344 10.46 -21.16 -4.55
C LEU B 344 11.68 -21.54 -5.34
N PHE B 345 12.49 -20.53 -5.67
CA PHE B 345 13.72 -20.72 -6.42
C PHE B 345 14.54 -21.82 -5.78
N ASN B 346 14.73 -21.70 -4.46
CA ASN B 346 15.54 -22.65 -3.69
C ASN B 346 14.99 -24.07 -3.76
N GLU B 347 13.67 -24.18 -3.68
CA GLU B 347 13.02 -25.47 -3.74
C GLU B 347 13.30 -26.15 -5.08
N LEU B 348 13.15 -25.38 -6.15
CA LEU B 348 13.39 -25.89 -7.50
C LEU B 348 14.85 -26.35 -7.63
N LEU B 349 15.74 -25.66 -6.94
CA LEU B 349 17.15 -25.97 -7.00
C LEU B 349 17.56 -27.28 -6.33
N GLU B 350 16.91 -27.59 -5.23
CA GLU B 350 17.23 -28.79 -4.46
C GLU B 350 17.25 -30.07 -5.27
N ASN B 351 16.23 -30.26 -6.10
CA ASN B 351 16.19 -31.49 -6.86
C ASN B 351 17.08 -31.45 -8.09
N GLY B 352 17.11 -30.32 -8.80
CA GLY B 352 17.97 -30.24 -9.98
C GLY B 352 17.54 -29.36 -11.15
N ILE B 353 17.31 -28.07 -10.91
CA ILE B 353 16.90 -27.16 -11.97
C ILE B 353 17.39 -25.73 -11.73
N SER B 354 18.25 -25.24 -12.63
CA SER B 354 18.82 -23.90 -12.55
C SER B 354 17.77 -22.86 -12.68
N VAL B 355 18.05 -21.65 -12.22
CA VAL B 355 17.06 -20.55 -12.33
C VAL B 355 17.75 -19.16 -12.06
N TRP B 356 16.96 -18.08 -12.05
CA TRP B 356 17.43 -16.68 -11.84
C TRP B 356 16.33 -15.71 -11.30
N PRO B 357 16.50 -15.15 -10.10
CA PRO B 357 15.49 -14.22 -9.58
C PRO B 357 15.98 -12.77 -9.78
N GLY B 358 15.12 -11.78 -9.52
CA GLY B 358 15.50 -10.38 -9.69
C GLY B 358 15.01 -9.48 -8.58
N TYR B 359 15.08 -10.02 -7.38
CA TYR B 359 14.63 -9.34 -6.18
C TYR B 359 15.65 -8.39 -5.56
N LEU B 360 15.23 -7.65 -4.55
CA LEU B 360 16.11 -6.68 -3.90
C LEU B 360 16.32 -5.66 -5.00
N GLU B 361 16.67 -6.16 -6.18
CA GLU B 361 16.88 -5.30 -7.32
C GLU B 361 15.76 -4.32 -7.25
N THR B 362 16.19 -3.08 -7.18
CA THR B 362 15.37 -1.90 -7.01
C THR B 362 14.62 -1.23 -8.18
N MET B 363 14.46 -1.92 -9.30
CA MET B 363 13.78 -1.30 -10.45
C MET B 363 12.97 -2.33 -11.22
N GLN B 364 11.88 -1.88 -11.84
CA GLN B 364 11.07 -2.81 -12.61
C GLN B 364 11.80 -3.21 -13.88
N SER B 365 12.79 -2.39 -14.27
CA SER B 365 13.57 -2.64 -15.47
C SER B 365 12.66 -2.93 -16.66
N SER B 366 11.43 -2.45 -16.56
CA SER B 366 10.43 -2.66 -17.59
C SER B 366 10.12 -4.14 -17.64
N LEU B 367 9.63 -4.60 -18.78
CA LEU B 367 9.27 -6.00 -18.93
C LEU B 367 9.65 -6.56 -20.30
N GLU B 368 9.85 -5.68 -21.30
CA GLU B 368 10.23 -6.09 -22.66
C GLU B 368 11.62 -5.58 -22.99
N GLN B 369 12.20 -4.87 -22.04
CA GLN B 369 13.53 -4.33 -22.16
C GLN B 369 14.34 -5.27 -21.24
N LEU B 370 13.60 -6.03 -20.44
CA LEU B 370 14.17 -7.00 -19.51
C LEU B 370 13.98 -8.40 -20.10
N TYR B 371 12.94 -8.55 -20.92
CA TYR B 371 12.64 -9.83 -21.57
C TYR B 371 13.56 -10.08 -22.76
N SER B 372 14.07 -9.00 -23.37
CA SER B 372 14.95 -9.12 -24.51
C SER B 372 16.28 -9.71 -24.04
N LYS B 373 16.58 -9.49 -22.76
CA LYS B 373 17.81 -10.04 -22.18
C LYS B 373 17.68 -11.54 -22.01
N TYR B 374 16.45 -12.02 -21.79
CA TYR B 374 16.19 -13.45 -21.63
C TYR B 374 16.51 -14.07 -22.97
N ASP B 375 16.09 -13.33 -24.00
CA ASP B 375 16.33 -13.71 -25.38
C ASP B 375 17.84 -13.78 -25.47
N GLU B 376 18.47 -12.61 -25.32
CA GLU B 376 19.92 -12.51 -25.38
C GLU B 376 20.59 -13.48 -24.42
N MET B 377 19.95 -13.75 -23.27
CA MET B 377 20.51 -14.72 -22.31
C MET B 377 19.96 -16.09 -22.66
N SER B 378 19.57 -16.23 -23.92
CA SER B 378 19.02 -17.45 -24.48
C SER B 378 18.51 -18.35 -23.39
N ILE B 379 17.64 -17.79 -22.55
CA ILE B 379 17.07 -18.53 -21.44
C ILE B 379 16.03 -19.52 -21.97
N LEU B 380 14.93 -19.71 -21.25
CA LEU B 380 13.93 -20.66 -21.71
C LEU B 380 12.49 -20.30 -21.35
N PHE B 381 12.27 -19.91 -20.11
CA PHE B 381 10.94 -19.53 -19.66
C PHE B 381 11.04 -18.28 -18.80
N THR B 382 10.17 -18.21 -17.79
CA THR B 382 10.13 -17.09 -16.86
C THR B 382 8.93 -17.35 -15.97
N VAL B 383 8.72 -16.48 -14.99
CA VAL B 383 7.59 -16.63 -14.09
C VAL B 383 7.37 -15.34 -13.35
N LEU B 384 6.66 -14.42 -13.98
CA LEU B 384 6.39 -13.15 -13.32
C LEU B 384 5.51 -13.32 -12.11
N VAL B 385 6.12 -13.53 -10.95
CA VAL B 385 5.35 -13.68 -9.72
C VAL B 385 4.76 -12.32 -9.39
N THR B 386 3.46 -12.30 -9.13
CA THR B 386 2.77 -11.06 -8.85
C THR B 386 1.82 -11.20 -7.66
N GLU B 387 1.10 -10.13 -7.37
CA GLU B 387 0.15 -10.08 -6.27
C GLU B 387 -1.17 -10.74 -6.71
N THR B 388 -1.41 -10.78 -8.02
CA THR B 388 -2.61 -11.41 -8.56
C THR B 388 -2.31 -12.90 -8.48
N THR B 389 -1.73 -13.29 -7.33
CA THR B 389 -1.32 -14.66 -7.08
C THR B 389 -1.28 -14.97 -5.57
N LEU B 390 -1.08 -13.92 -4.77
CA LEU B 390 -0.99 -14.06 -3.31
C LEU B 390 -2.28 -14.59 -2.69
N GLU B 391 -3.36 -14.51 -3.44
CA GLU B 391 -4.65 -14.99 -2.94
C GLU B 391 -5.24 -16.03 -3.88
N ASN B 392 -4.53 -16.31 -4.98
CA ASN B 392 -4.98 -17.30 -5.95
C ASN B 392 -3.87 -18.30 -6.19
N GLY B 393 -2.66 -17.80 -6.39
CA GLY B 393 -1.54 -18.69 -6.62
C GLY B 393 -1.30 -18.97 -8.09
N LEU B 394 -1.51 -17.96 -8.93
CA LEU B 394 -1.30 -18.11 -10.38
C LEU B 394 -0.36 -17.08 -10.98
N ILE B 395 0.78 -17.57 -11.49
CA ILE B 395 1.79 -16.73 -12.11
C ILE B 395 1.66 -16.74 -13.62
N HIS B 396 2.08 -15.67 -14.25
CA HIS B 396 2.02 -15.59 -15.70
C HIS B 396 3.43 -15.85 -16.20
N LEU B 397 3.59 -16.91 -16.98
CA LEU B 397 4.90 -17.26 -17.50
C LEU B 397 4.90 -17.34 -19.02
N ARG B 398 6.11 -17.37 -19.57
CA ARG B 398 6.31 -17.47 -21.01
C ARG B 398 7.34 -18.55 -21.29
N SER B 399 7.91 -18.45 -22.50
CA SER B 399 8.95 -19.32 -23.00
C SER B 399 9.80 -18.37 -23.84
N ARG B 400 11.01 -18.77 -24.17
CA ARG B 400 11.91 -17.94 -24.94
C ARG B 400 12.03 -18.44 -26.39
N ASP B 401 10.90 -18.66 -27.06
CA ASP B 401 10.84 -19.14 -28.44
C ASP B 401 9.72 -18.44 -29.18
N THR B 402 8.50 -18.78 -28.79
CA THR B 402 7.33 -18.11 -29.35
C THR B 402 6.78 -17.53 -28.08
N THR B 403 6.34 -16.29 -28.12
CA THR B 403 5.77 -15.79 -26.90
C THR B 403 4.27 -15.94 -27.01
N MET B 404 3.76 -16.74 -26.08
CA MET B 404 2.33 -17.02 -25.96
C MET B 404 2.20 -17.03 -24.45
N LYS B 405 2.21 -15.83 -23.89
CA LYS B 405 2.11 -15.69 -22.46
C LYS B 405 0.96 -16.53 -21.91
N GLU B 406 1.33 -17.51 -21.10
CA GLU B 406 0.39 -18.42 -20.46
C GLU B 406 0.17 -18.10 -18.99
N MET B 407 -0.82 -18.78 -18.41
CA MET B 407 -1.19 -18.62 -17.02
C MET B 407 -0.89 -19.99 -16.38
N MET B 408 -0.62 -20.06 -15.07
CA MET B 408 -0.32 -21.36 -14.50
C MET B 408 -0.33 -21.52 -12.98
N HIS B 409 -0.57 -22.76 -12.57
CA HIS B 409 -0.61 -23.13 -11.17
C HIS B 409 0.81 -23.19 -10.60
N ILE B 410 1.26 -22.09 -9.99
CA ILE B 410 2.60 -22.05 -9.43
C ILE B 410 2.80 -22.94 -8.23
N SER B 411 3.12 -24.20 -8.49
CA SER B 411 3.31 -25.15 -7.43
C SER B 411 3.67 -26.44 -8.09
N LYS B 412 2.69 -27.05 -8.76
CA LYS B 412 2.90 -28.31 -9.44
C LYS B 412 4.09 -28.07 -10.37
N LEU B 413 4.51 -26.81 -10.38
CA LEU B 413 5.64 -26.31 -11.16
C LEU B 413 6.91 -27.12 -10.86
N LYS B 414 6.82 -27.97 -9.85
CA LYS B 414 7.93 -28.82 -9.44
C LYS B 414 8.06 -29.92 -10.48
N ASP B 415 7.07 -30.81 -10.54
CA ASP B 415 7.09 -31.91 -11.50
C ASP B 415 6.92 -31.36 -12.91
N PHE B 416 6.73 -30.05 -13.01
CA PHE B 416 6.61 -29.41 -14.32
C PHE B 416 8.04 -29.20 -14.75
N LEU B 417 8.24 -28.85 -16.01
CA LEU B 417 9.57 -28.64 -16.54
C LEU B 417 10.18 -30.01 -16.75
N ILE B 418 10.34 -30.77 -15.65
CA ILE B 418 10.90 -32.12 -15.72
C ILE B 418 10.35 -32.76 -17.00
N LYS B 419 9.07 -32.50 -17.26
CA LYS B 419 8.41 -33.02 -18.45
C LYS B 419 9.07 -32.38 -19.64
N TYR B 420 8.88 -31.06 -19.76
CA TYR B 420 9.45 -30.31 -20.86
C TYR B 420 10.96 -30.60 -20.87
N ILE B 421 11.50 -30.95 -19.72
CA ILE B 421 12.93 -31.24 -19.58
C ILE B 421 13.28 -32.65 -20.01
N SER B 422 12.91 -33.60 -19.17
CA SER B 422 13.17 -35.00 -19.42
C SER B 422 12.69 -35.38 -20.80
N SER B 423 11.54 -34.84 -21.19
CA SER B 423 11.01 -35.17 -22.50
C SER B 423 11.65 -34.32 -23.61
N ALA B 424 12.49 -33.35 -23.25
CA ALA B 424 13.16 -32.51 -24.23
C ALA B 424 14.36 -33.24 -24.81
N LYS B 425 14.73 -34.33 -24.13
CA LYS B 425 15.85 -35.16 -24.54
C LYS B 425 15.28 -36.18 -25.53
N ASN B 426 13.97 -36.09 -25.77
CA ASN B 426 13.25 -36.99 -26.66
C ASN B 426 13.34 -36.66 -28.17
N VAL B 427 12.32 -35.98 -28.70
CA VAL B 427 12.24 -35.62 -30.12
C VAL B 427 13.56 -35.21 -30.75
N ALA C 1 52.79 -47.72 16.34
CA ALA C 1 53.48 -47.49 15.05
C ALA C 1 53.41 -48.67 14.09
N PRO C 2 53.75 -49.91 14.54
CA PRO C 2 53.69 -51.08 13.64
C PRO C 2 52.24 -51.39 13.29
N GLY C 3 51.37 -51.11 14.26
CA GLY C 3 49.94 -51.31 14.08
C GLY C 3 49.44 -50.23 13.15
N SER C 4 50.03 -49.05 13.25
CA SER C 4 49.64 -47.96 12.36
C SER C 4 50.10 -48.31 10.92
N GLY C 5 51.30 -48.88 10.78
CA GLY C 5 51.81 -49.27 9.47
C GLY C 5 50.92 -50.32 8.81
N GLU C 6 50.46 -51.29 9.60
CA GLU C 6 49.58 -52.35 9.11
C GLU C 6 48.23 -51.78 8.68
N GLY C 7 47.76 -50.77 9.38
CA GLY C 7 46.50 -50.18 9.00
C GLY C 7 46.67 -49.53 7.65
N SER C 8 47.80 -48.86 7.45
CA SER C 8 48.07 -48.16 6.19
C SER C 8 48.13 -49.11 5.00
N GLU C 9 48.84 -50.22 5.16
CA GLU C 9 48.94 -51.21 4.09
C GLU C 9 47.51 -51.65 3.76
N ALA C 10 46.76 -51.96 4.80
CA ALA C 10 45.40 -52.39 4.66
C ALA C 10 44.65 -51.37 3.81
N LEU C 11 44.66 -50.11 4.24
CA LEU C 11 43.92 -49.09 3.50
C LEU C 11 44.56 -48.66 2.21
N LEU C 12 45.82 -49.01 2.00
CA LEU C 12 46.48 -48.62 0.77
C LEU C 12 46.44 -49.78 -0.18
N GLU C 13 46.94 -50.91 0.29
CA GLU C 13 46.94 -52.11 -0.51
C GLU C 13 45.58 -52.23 -1.18
N ILE C 14 44.54 -52.18 -0.36
CA ILE C 14 43.18 -52.30 -0.87
C ILE C 14 42.95 -51.32 -2.00
N CYS C 15 43.67 -50.20 -1.97
CA CYS C 15 43.53 -49.19 -3.00
C CYS C 15 44.27 -49.53 -4.27
N GLN C 16 45.41 -50.20 -4.12
CA GLN C 16 46.15 -50.60 -5.30
C GLN C 16 45.21 -51.65 -5.88
N ARG C 17 44.92 -52.67 -5.07
CA ARG C 17 44.03 -53.76 -5.44
C ARG C 17 42.68 -53.06 -5.47
N ARG C 18 41.64 -53.74 -5.93
CA ARG C 18 40.34 -53.09 -5.94
C ARG C 18 40.35 -51.72 -6.63
N HIS C 19 41.40 -51.46 -7.38
CA HIS C 19 41.56 -50.24 -8.18
C HIS C 19 41.12 -48.86 -7.73
N PHE C 20 41.71 -48.33 -6.68
CA PHE C 20 41.29 -47.00 -6.37
C PHE C 20 42.44 -46.10 -6.68
N LEU C 21 43.65 -46.65 -6.65
CA LEU C 21 44.81 -45.85 -6.98
C LEU C 21 45.55 -46.45 -8.15
N SER C 22 45.22 -45.93 -9.31
CA SER C 22 45.81 -46.34 -10.56
C SER C 22 47.26 -46.71 -10.54
N GLY C 23 48.10 -45.86 -9.99
CA GLY C 23 49.51 -46.16 -9.98
C GLY C 23 50.05 -46.93 -8.80
N SER C 24 51.14 -47.66 -9.04
CA SER C 24 51.82 -48.44 -8.00
C SER C 24 53.26 -47.99 -7.83
N LYS C 25 53.87 -48.32 -6.68
CA LYS C 25 55.27 -48.00 -6.36
C LYS C 25 55.54 -47.00 -5.24
N GLN C 26 56.74 -46.43 -5.29
CA GLN C 26 57.19 -45.46 -4.30
C GLN C 26 56.56 -44.10 -4.48
N GLN C 27 56.32 -43.74 -5.73
CA GLN C 27 55.70 -42.47 -6.09
C GLN C 27 54.33 -42.40 -5.41
N LEU C 28 53.97 -43.53 -4.82
CA LEU C 28 52.71 -43.73 -4.11
C LEU C 28 52.82 -43.62 -2.60
N SER C 29 53.90 -44.13 -2.03
CA SER C 29 54.10 -44.07 -0.57
C SER C 29 53.49 -42.82 0.05
N ARG C 30 52.76 -43.02 1.15
CA ARG C 30 52.11 -41.92 1.88
C ARG C 30 52.62 -40.52 1.57
N ASP C 31 53.88 -40.31 1.88
CA ASP C 31 54.54 -39.03 1.67
C ASP C 31 54.41 -38.57 0.23
N SER C 32 54.72 -39.47 -0.70
CA SER C 32 54.63 -39.20 -2.15
C SER C 32 53.19 -39.06 -2.59
N LEU C 33 52.36 -39.94 -2.08
CA LEU C 33 50.95 -39.91 -2.40
C LEU C 33 50.43 -38.50 -2.17
N LEU C 34 50.77 -37.96 -1.01
CA LEU C 34 50.34 -36.65 -0.59
C LEU C 34 50.95 -35.53 -1.38
N SER C 35 52.11 -35.81 -1.96
CA SER C 35 52.81 -34.84 -2.78
C SER C 35 52.19 -34.90 -4.17
N GLY C 36 51.97 -36.10 -4.69
CA GLY C 36 51.35 -36.19 -5.99
C GLY C 36 52.15 -36.76 -7.12
N CYS C 37 53.26 -37.42 -6.81
CA CYS C 37 54.04 -38.02 -7.86
C CYS C 37 53.53 -39.46 -8.02
N HIS C 38 52.21 -39.62 -7.91
CA HIS C 38 51.50 -40.90 -8.01
C HIS C 38 50.92 -41.10 -9.42
N PRO C 39 50.71 -42.35 -9.86
CA PRO C 39 50.13 -42.45 -11.20
C PRO C 39 48.64 -42.11 -11.24
N GLY C 40 47.92 -42.25 -10.14
CA GLY C 40 46.51 -41.88 -10.20
C GLY C 40 45.56 -42.69 -9.34
N PHE C 41 44.31 -42.81 -9.81
CA PHE C 41 43.29 -43.55 -9.09
C PHE C 41 42.52 -44.53 -9.99
N GLY C 42 41.98 -45.57 -9.38
CA GLY C 42 41.19 -46.52 -10.14
C GLY C 42 39.92 -45.85 -10.65
N PRO C 43 39.07 -46.56 -11.41
CA PRO C 43 37.83 -45.96 -11.94
C PRO C 43 37.09 -45.55 -10.69
N LEU C 44 37.22 -46.42 -9.71
CA LEU C 44 36.64 -46.26 -8.42
C LEU C 44 37.10 -44.90 -7.97
N GLY C 45 38.38 -44.66 -8.20
CA GLY C 45 38.99 -43.40 -7.83
C GLY C 45 38.20 -42.24 -8.34
N VAL C 46 37.94 -42.30 -9.63
CA VAL C 46 37.22 -41.26 -10.31
C VAL C 46 35.79 -41.06 -9.84
N GLU C 47 35.05 -42.16 -9.71
CA GLU C 47 33.66 -42.12 -9.28
C GLU C 47 33.47 -41.42 -7.95
N LEU C 48 34.37 -41.71 -7.02
CA LEU C 48 34.28 -41.05 -5.72
C LEU C 48 34.59 -39.57 -5.88
N ARG C 49 35.81 -39.23 -6.31
CA ARG C 49 36.15 -37.83 -6.45
C ARG C 49 35.08 -37.12 -7.27
N LYS C 50 34.53 -37.81 -8.25
CA LYS C 50 33.51 -37.14 -9.02
C LYS C 50 32.30 -36.94 -8.12
N ASN C 51 31.82 -38.01 -7.49
CA ASN C 51 30.68 -37.88 -6.60
C ASN C 51 30.94 -36.66 -5.73
N LEU C 52 32.12 -36.64 -5.12
CA LEU C 52 32.49 -35.56 -4.23
C LEU C 52 32.33 -34.20 -4.88
N ALA C 53 33.23 -33.88 -5.80
CA ALA C 53 33.16 -32.60 -6.49
C ALA C 53 31.69 -32.32 -6.65
N ALA C 54 31.04 -33.24 -7.34
CA ALA C 54 29.63 -33.15 -7.59
C ALA C 54 28.85 -32.89 -6.33
N GLU C 55 29.01 -33.75 -5.34
CA GLU C 55 28.27 -33.60 -4.10
C GLU C 55 28.59 -32.31 -3.41
N TRP C 56 29.87 -31.98 -3.35
CA TRP C 56 30.29 -30.76 -2.69
C TRP C 56 29.76 -29.61 -3.49
N TRP C 57 29.90 -29.77 -4.80
CA TRP C 57 29.47 -28.77 -5.71
C TRP C 57 28.02 -28.34 -5.50
N THR C 58 27.10 -29.30 -5.38
CA THR C 58 25.68 -28.96 -5.19
C THR C 58 25.46 -27.94 -4.09
N SER C 59 26.03 -28.21 -2.92
CA SER C 59 25.89 -27.30 -1.81
C SER C 59 26.29 -25.88 -2.22
N VAL C 60 27.48 -25.76 -2.78
CA VAL C 60 28.03 -24.48 -3.23
C VAL C 60 27.07 -23.71 -4.15
N VAL C 61 26.48 -24.41 -5.10
CA VAL C 61 25.58 -23.85 -6.08
C VAL C 61 24.26 -23.28 -5.57
N VAL C 62 23.69 -23.94 -4.56
CA VAL C 62 22.39 -23.58 -4.03
C VAL C 62 21.97 -22.15 -3.69
N PHE C 63 22.52 -21.55 -2.65
CA PHE C 63 22.02 -20.24 -2.27
C PHE C 63 21.95 -19.18 -3.33
N ARG C 64 21.03 -18.25 -3.07
CA ARG C 64 20.71 -17.09 -3.89
C ARG C 64 21.94 -16.57 -4.66
N GLU C 65 23.12 -16.91 -4.18
CA GLU C 65 24.32 -16.45 -4.85
C GLU C 65 25.14 -17.65 -5.19
N GLN C 66 25.76 -17.60 -6.36
CA GLN C 66 26.55 -18.71 -6.85
C GLN C 66 27.13 -18.46 -8.25
N VAL C 67 28.43 -18.66 -8.45
CA VAL C 67 29.01 -18.51 -9.79
C VAL C 67 30.30 -19.29 -10.01
N PHE C 68 31.01 -19.01 -11.10
CA PHE C 68 32.19 -19.75 -11.43
C PHE C 68 33.42 -18.91 -11.77
N PRO C 69 34.65 -19.44 -11.56
CA PRO C 69 35.85 -18.65 -11.89
C PRO C 69 35.60 -18.64 -13.39
N VAL C 70 34.62 -19.47 -13.66
CA VAL C 70 34.08 -19.80 -14.93
C VAL C 70 35.07 -20.66 -15.68
N ASP C 71 36.32 -20.24 -15.87
CA ASP C 71 37.07 -21.22 -16.59
C ASP C 71 38.02 -22.24 -15.97
N ALA C 72 39.02 -21.79 -15.21
CA ALA C 72 40.01 -22.73 -14.66
C ALA C 72 40.95 -23.01 -15.85
N LEU C 73 42.03 -22.23 -15.93
CA LEU C 73 42.96 -22.33 -17.02
C LEU C 73 44.43 -22.49 -16.69
N HIS C 74 44.94 -23.71 -16.85
CA HIS C 74 46.34 -24.06 -16.60
C HIS C 74 47.17 -22.83 -16.93
N HIS C 75 47.12 -22.43 -18.18
CA HIS C 75 47.66 -21.16 -18.66
C HIS C 75 48.97 -20.49 -18.30
N LYS C 76 48.65 -19.24 -17.94
CA LYS C 76 49.40 -18.09 -17.46
C LYS C 76 50.57 -17.40 -18.15
N PRO C 77 50.75 -17.60 -19.46
CA PRO C 77 51.88 -16.90 -20.06
C PRO C 77 51.76 -15.37 -19.83
N GLY C 78 52.89 -14.71 -19.58
CA GLY C 78 52.87 -13.28 -19.33
C GLY C 78 54.13 -12.89 -18.57
N PRO C 79 54.56 -11.61 -18.64
CA PRO C 79 55.77 -11.08 -17.97
C PRO C 79 55.63 -9.95 -16.92
N LEU C 80 56.48 -10.04 -15.88
CA LEU C 80 56.62 -9.08 -14.76
C LEU C 80 55.58 -8.87 -13.66
N LEU C 81 55.01 -7.68 -13.62
CA LEU C 81 54.04 -7.25 -12.61
C LEU C 81 52.92 -8.10 -11.98
N PRO C 82 52.26 -8.99 -12.73
CA PRO C 82 51.19 -9.76 -12.06
C PRO C 82 51.62 -10.78 -10.99
N GLY C 83 52.28 -11.83 -11.42
CA GLY C 83 52.72 -12.82 -10.48
C GLY C 83 54.23 -12.71 -10.44
N ASP C 84 54.83 -12.96 -9.29
CA ASP C 84 56.28 -12.87 -9.19
C ASP C 84 56.96 -14.20 -9.01
N SER C 85 57.73 -14.60 -10.02
CA SER C 85 58.44 -15.87 -9.97
C SER C 85 59.40 -15.86 -8.78
N ALA C 86 59.33 -16.90 -7.96
CA ALA C 86 60.22 -16.97 -6.82
C ALA C 86 60.71 -18.41 -6.62
N PHE C 87 61.92 -18.71 -7.12
CA PHE C 87 62.56 -20.03 -7.02
C PHE C 87 62.77 -20.77 -8.37
N ARG C 88 61.83 -21.62 -8.84
CA ARG C 88 62.00 -22.35 -10.13
C ARG C 88 60.98 -23.44 -10.46
N SER C 120 60.80 -23.77 -11.75
CA SER C 120 59.89 -24.85 -12.08
C SER C 120 58.81 -24.91 -13.16
N GLY C 121 57.79 -24.04 -13.11
CA GLY C 121 56.75 -24.12 -14.13
C GLY C 121 55.66 -23.08 -14.23
N LYS C 122 54.85 -23.22 -15.26
CA LYS C 122 53.76 -22.28 -15.50
C LYS C 122 52.41 -22.92 -15.67
N LEU C 123 51.82 -23.31 -14.53
CA LEU C 123 50.50 -23.92 -14.48
C LEU C 123 49.87 -23.36 -13.22
N ARG C 124 48.65 -22.88 -13.34
CA ARG C 124 47.97 -22.27 -12.22
C ARG C 124 48.29 -22.84 -10.85
N GLU C 125 48.36 -21.94 -9.88
CA GLU C 125 48.63 -22.24 -8.47
C GLU C 125 47.54 -21.56 -7.62
N ASN C 126 46.70 -20.77 -8.29
CA ASN C 126 45.60 -20.02 -7.67
C ASN C 126 44.35 -20.13 -8.54
N LEU C 127 43.57 -21.19 -8.36
CA LEU C 127 42.35 -21.27 -9.16
C LEU C 127 41.64 -19.94 -8.92
N LEU C 128 41.92 -19.38 -7.76
CA LEU C 128 41.35 -18.11 -7.37
C LEU C 128 41.79 -16.96 -8.26
N HIS C 129 43.09 -16.87 -8.55
CA HIS C 129 43.60 -15.79 -9.40
C HIS C 129 42.70 -15.53 -10.60
N GLY C 130 42.56 -16.55 -11.44
CA GLY C 130 41.75 -16.40 -12.62
C GLY C 130 40.36 -15.95 -12.23
N ALA C 131 39.78 -16.64 -11.26
CA ALA C 131 38.45 -16.32 -10.78
C ALA C 131 38.28 -14.80 -10.66
N LEU C 132 39.40 -14.10 -10.50
CA LEU C 132 39.42 -12.66 -10.34
C LEU C 132 39.23 -11.85 -11.59
N GLU C 133 39.99 -12.14 -12.64
CA GLU C 133 39.81 -11.38 -13.86
C GLU C 133 38.33 -11.44 -14.14
N HIS C 134 37.81 -12.66 -14.10
CA HIS C 134 36.40 -12.88 -14.34
C HIS C 134 35.54 -12.06 -13.39
N TYR C 135 36.14 -11.63 -12.27
CA TYR C 135 35.45 -10.85 -11.26
C TYR C 135 34.59 -9.68 -11.72
N VAL C 136 35.21 -8.62 -12.22
CA VAL C 136 34.38 -7.49 -12.62
C VAL C 136 33.16 -7.92 -13.44
N ASN C 137 33.33 -8.81 -14.41
CA ASN C 137 32.18 -9.22 -15.17
C ASN C 137 31.23 -10.01 -14.30
N CYS C 138 31.79 -10.80 -13.41
CA CYS C 138 30.96 -11.58 -12.49
C CYS C 138 30.17 -10.51 -11.75
N LEU C 139 30.75 -9.33 -11.67
CA LEU C 139 30.13 -8.22 -11.00
C LEU C 139 28.94 -7.70 -11.82
N ASP C 140 29.14 -7.52 -13.12
CA ASP C 140 28.05 -7.05 -13.98
C ASP C 140 26.89 -7.97 -13.70
N LEU C 141 27.27 -9.20 -13.36
CA LEU C 141 26.33 -10.24 -13.06
C LEU C 141 25.61 -9.98 -11.73
N VAL C 142 24.34 -10.38 -11.67
CA VAL C 142 23.50 -10.21 -10.49
C VAL C 142 23.14 -8.74 -10.35
N ASN C 143 23.41 -8.00 -11.42
CA ASN C 143 23.08 -6.57 -11.48
C ASN C 143 24.06 -5.72 -10.74
N LYS C 144 25.28 -6.21 -10.62
CA LYS C 144 26.31 -5.51 -9.90
C LYS C 144 25.90 -5.76 -8.46
N ARG C 145 24.62 -6.06 -8.27
CA ARG C 145 24.10 -6.36 -6.95
C ARG C 145 24.81 -7.65 -6.59
N LEU C 146 24.73 -8.08 -5.32
CA LEU C 146 25.30 -9.38 -4.92
C LEU C 146 26.26 -9.74 -3.78
N PRO C 147 27.53 -9.33 -3.86
CA PRO C 147 28.41 -9.75 -2.76
C PRO C 147 28.28 -11.26 -2.54
N TYR C 148 28.57 -11.99 -3.63
CA TYR C 148 28.52 -13.46 -3.80
C TYR C 148 29.86 -14.18 -3.85
N GLY C 149 29.77 -15.45 -4.26
CA GLY C 149 30.90 -16.35 -4.40
C GLY C 149 31.05 -17.01 -5.77
N LEU C 150 31.98 -16.47 -6.52
CA LEU C 150 32.39 -16.81 -7.88
C LEU C 150 33.39 -17.97 -7.99
N ALA C 151 32.95 -19.16 -8.38
CA ALA C 151 33.88 -20.29 -8.45
C ALA C 151 33.56 -21.56 -9.27
N GLN C 152 34.54 -22.47 -9.37
CA GLN C 152 34.39 -23.75 -10.09
C GLN C 152 35.53 -24.68 -9.68
N ILE C 153 35.60 -25.85 -10.30
CA ILE C 153 36.60 -26.86 -9.99
C ILE C 153 37.53 -27.31 -11.15
N GLY C 154 38.82 -27.44 -10.86
CA GLY C 154 39.78 -27.86 -11.86
C GLY C 154 41.15 -28.17 -11.28
N VAL C 155 42.03 -28.76 -12.08
CA VAL C 155 43.38 -29.15 -11.65
C VAL C 155 44.49 -28.09 -11.68
N CYS C 156 45.28 -28.02 -10.61
CA CYS C 156 46.39 -27.07 -10.54
C CYS C 156 47.60 -27.90 -10.15
N PHE C 157 48.81 -27.38 -10.31
CA PHE C 157 49.99 -28.20 -10.02
C PHE C 157 50.94 -27.75 -8.91
N HIS C 158 51.38 -28.72 -8.11
CA HIS C 158 52.31 -28.44 -7.02
C HIS C 158 53.61 -29.13 -7.18
N PRO C 159 54.67 -28.43 -6.90
CA PRO C 159 55.96 -29.08 -7.03
C PRO C 159 56.42 -29.44 -5.63
N VAL C 160 57.24 -30.49 -5.54
CA VAL C 160 57.79 -30.91 -4.26
C VAL C 160 59.29 -30.73 -4.40
N PHE C 161 59.84 -29.76 -3.69
CA PHE C 161 61.27 -29.52 -3.76
C PHE C 161 61.79 -29.49 -2.34
N ASP C 162 62.01 -30.65 -1.73
CA ASP C 162 62.52 -30.65 -0.36
C ASP C 162 63.73 -29.73 -0.37
N THR C 163 64.84 -30.22 -0.91
CA THR C 163 66.03 -29.40 -1.01
C THR C 163 66.96 -29.86 -2.12
N LYS C 164 67.84 -28.94 -2.48
CA LYS C 164 68.77 -29.12 -3.59
C LYS C 164 70.24 -29.43 -3.38
N GLN C 165 70.89 -29.30 -4.53
CA GLN C 165 72.30 -29.49 -4.81
C GLN C 165 72.47 -30.52 -5.92
N ILE C 166 72.12 -31.77 -5.65
CA ILE C 166 72.33 -32.80 -6.65
C ILE C 166 71.88 -32.46 -8.07
N ARG C 167 72.86 -32.49 -8.97
CA ARG C 167 72.75 -32.26 -10.42
C ARG C 167 71.93 -31.12 -11.00
N ASN C 168 71.29 -31.45 -12.12
CA ASN C 168 70.45 -30.53 -12.90
C ASN C 168 69.72 -29.49 -12.06
N GLY C 169 68.65 -29.92 -11.37
CA GLY C 169 67.90 -28.99 -10.52
C GLY C 169 66.40 -28.79 -10.74
N VAL C 170 65.73 -28.37 -9.66
CA VAL C 170 64.30 -28.09 -9.65
C VAL C 170 63.43 -29.00 -10.52
N LYS C 171 63.66 -30.30 -10.47
CA LYS C 171 62.85 -31.25 -11.24
C LYS C 171 61.67 -31.72 -10.38
N SER C 172 60.79 -32.53 -10.97
CA SER C 172 59.59 -33.09 -10.30
C SER C 172 58.34 -32.22 -10.26
N ILE C 173 57.19 -32.87 -10.13
CA ILE C 173 55.94 -32.14 -10.11
C ILE C 173 54.84 -33.00 -9.50
N GLY C 174 53.97 -32.38 -8.70
CA GLY C 174 52.84 -33.07 -8.10
C GLY C 174 51.58 -32.36 -8.59
N GLU C 175 50.47 -33.08 -8.67
CA GLU C 175 49.20 -32.50 -9.16
C GLU C 175 48.04 -32.66 -8.17
N LYS C 176 47.13 -31.69 -8.14
CA LYS C 176 45.96 -31.74 -7.26
C LYS C 176 44.80 -30.90 -7.81
N THR C 177 43.63 -31.53 -7.89
CA THR C 177 42.39 -30.92 -8.42
C THR C 177 41.61 -30.01 -7.47
N GLU C 178 41.79 -28.68 -7.50
CA GLU C 178 41.05 -27.84 -6.55
C GLU C 178 39.70 -27.17 -6.76
N ALA C 179 39.12 -26.75 -5.63
CA ALA C 179 37.84 -26.08 -5.55
C ALA C 179 38.07 -24.77 -4.87
N SER C 180 37.89 -23.69 -5.60
CA SER C 180 38.10 -22.43 -4.98
C SER C 180 36.81 -21.65 -5.12
N LEU C 181 36.33 -21.09 -4.02
CA LEU C 181 35.14 -20.24 -4.00
C LEU C 181 35.65 -18.86 -3.65
N VAL C 182 35.48 -17.88 -4.52
CA VAL C 182 35.94 -16.57 -4.13
C VAL C 182 34.66 -15.81 -3.76
N TRP C 183 34.79 -14.62 -3.19
CA TRP C 183 33.64 -13.87 -2.79
C TRP C 183 34.18 -12.52 -2.71
N PHE C 184 33.44 -11.62 -3.29
CA PHE C 184 33.89 -10.29 -3.22
C PHE C 184 32.91 -9.75 -2.21
N THR C 185 33.41 -9.62 -0.98
CA THR C 185 32.58 -9.16 0.13
C THR C 185 32.82 -7.75 0.63
N PRO C 186 31.74 -7.10 1.10
CA PRO C 186 31.79 -5.74 1.66
C PRO C 186 32.69 -5.72 2.93
N PRO C 187 32.77 -4.57 3.65
CA PRO C 187 33.62 -4.59 4.85
C PRO C 187 32.85 -5.31 5.96
N ARG C 188 31.55 -5.43 5.75
CA ARG C 188 30.61 -6.06 6.67
C ARG C 188 30.26 -7.51 6.49
N THR C 189 30.09 -7.96 5.24
CA THR C 189 29.83 -9.38 5.02
C THR C 189 30.99 -9.82 5.89
N SER C 190 32.10 -9.13 5.66
CA SER C 190 33.31 -9.24 6.43
C SER C 190 33.63 -10.53 7.17
N ASN C 191 34.01 -10.31 8.41
CA ASN C 191 34.37 -11.33 9.37
C ASN C 191 33.22 -12.31 9.53
N GLN C 192 31.99 -11.79 9.53
CA GLN C 192 30.78 -12.62 9.66
C GLN C 192 30.59 -13.58 8.48
N TRP C 193 30.79 -13.11 7.25
CA TRP C 193 30.63 -13.95 6.08
C TRP C 193 31.72 -14.97 6.06
N LEU C 194 32.89 -14.58 6.51
CA LEU C 194 33.99 -15.52 6.57
C LEU C 194 33.52 -16.52 7.59
N ASP C 195 33.29 -16.04 8.81
CA ASP C 195 32.85 -16.91 9.88
C ASP C 195 31.66 -17.76 9.48
N PHE C 196 30.82 -17.26 8.58
CA PHE C 196 29.67 -18.01 8.12
C PHE C 196 30.13 -19.27 7.45
N TRP C 197 31.15 -19.13 6.63
CA TRP C 197 31.67 -20.27 5.93
C TRP C 197 32.16 -21.32 6.89
N LEU C 198 32.98 -20.90 7.84
CA LEU C 198 33.49 -21.81 8.85
C LEU C 198 32.34 -22.76 9.12
N ARG C 199 31.28 -22.19 9.69
CA ARG C 199 30.09 -22.94 10.01
C ARG C 199 29.82 -23.95 8.92
N HIS C 200 29.14 -23.52 7.86
CA HIS C 200 28.77 -24.41 6.78
C HIS C 200 29.76 -25.51 6.42
N ARG C 201 30.96 -25.15 5.98
CA ARG C 201 31.91 -26.18 5.59
C ARG C 201 31.99 -27.34 6.55
N LEU C 202 32.18 -27.02 7.83
CA LEU C 202 32.28 -28.03 8.86
C LEU C 202 31.10 -29.03 8.88
N GLN C 203 29.86 -28.53 8.75
CA GLN C 203 28.68 -29.41 8.79
C GLN C 203 28.59 -30.29 7.55
N TRP C 204 29.25 -29.84 6.50
CA TRP C 204 29.27 -30.58 5.25
C TRP C 204 30.08 -31.87 5.50
N TRP C 205 31.29 -31.72 6.02
CA TRP C 205 32.18 -32.83 6.33
C TRP C 205 31.63 -33.86 7.27
N ARG C 206 31.18 -33.38 8.42
CA ARG C 206 30.59 -34.27 9.39
C ARG C 206 29.54 -35.06 8.57
N LYS C 207 28.74 -34.33 7.79
CA LYS C 207 27.66 -34.93 6.98
C LYS C 207 28.18 -36.13 6.20
N PHE C 208 29.36 -35.98 5.63
CA PHE C 208 29.91 -37.06 4.85
C PHE C 208 30.95 -37.82 5.60
N ALA C 209 31.03 -37.56 6.91
CA ALA C 209 32.02 -38.22 7.75
C ALA C 209 31.42 -39.28 8.66
N MET C 210 32.11 -40.42 8.75
CA MET C 210 31.74 -41.57 9.60
C MET C 210 32.13 -41.36 11.08
N SER C 211 33.11 -40.47 11.29
CA SER C 211 33.63 -40.13 12.62
C SER C 211 34.29 -38.76 12.48
N PRO C 212 33.52 -37.74 12.03
CA PRO C 212 33.89 -36.34 11.78
C PRO C 212 34.65 -35.58 12.84
N SER C 213 34.92 -36.21 13.98
CA SER C 213 35.67 -35.54 15.05
C SER C 213 37.09 -35.28 14.62
N ASN C 214 37.46 -35.87 13.47
CA ASN C 214 38.80 -35.73 12.90
C ASN C 214 38.82 -34.71 11.78
N PHE C 215 38.23 -33.55 12.07
CA PHE C 215 38.13 -32.45 11.13
C PHE C 215 38.06 -31.09 11.87
N SER C 216 39.22 -30.61 12.32
CA SER C 216 39.33 -29.34 13.07
C SER C 216 39.74 -28.15 12.22
N SER C 217 39.92 -27.02 12.89
CA SER C 217 40.34 -25.79 12.24
C SER C 217 41.28 -25.11 13.22
N SER C 218 42.25 -24.37 12.71
CA SER C 218 43.22 -23.69 13.55
C SER C 218 43.23 -22.29 13.05
N ASP C 219 43.95 -21.41 13.73
CA ASP C 219 44.02 -20.04 13.27
C ASP C 219 45.38 -19.55 13.45
N CYS C 220 46.23 -20.49 13.11
CA CYS C 220 47.65 -20.37 13.16
C CYS C 220 48.17 -19.08 12.53
N GLN C 221 47.69 -18.73 11.34
CA GLN C 221 48.32 -17.59 10.70
C GLN C 221 47.85 -16.21 10.29
N ASP C 222 48.95 -15.50 10.11
CA ASP C 222 49.16 -14.16 9.70
C ASP C 222 48.94 -13.00 10.57
N GLU C 223 50.04 -12.27 10.61
CA GLU C 223 50.26 -11.02 11.31
C GLU C 223 49.66 -9.98 10.37
N GLU C 224 48.98 -10.46 9.32
CA GLU C 224 48.33 -9.60 8.34
C GLU C 224 47.17 -10.28 7.63
N GLY C 225 46.16 -9.48 7.29
CA GLY C 225 44.98 -10.00 6.62
C GLY C 225 44.14 -10.67 7.68
N ARG C 226 44.81 -10.93 8.79
CA ARG C 226 44.18 -11.56 9.92
C ARG C 226 43.67 -12.97 9.67
N LYS C 227 42.41 -13.19 10.06
CA LYS C 227 41.82 -14.51 9.99
C LYS C 227 41.37 -15.16 8.71
N GLY C 228 41.16 -16.47 8.88
CA GLY C 228 40.76 -17.39 7.83
C GLY C 228 41.51 -18.59 8.37
N ASN C 229 40.83 -19.60 8.88
CA ASN C 229 41.54 -20.74 9.44
C ASN C 229 41.84 -21.92 8.54
N LYS C 230 42.86 -22.70 8.89
CA LYS C 230 43.24 -23.85 8.09
C LYS C 230 42.51 -25.07 8.57
N LEU C 231 42.22 -25.96 7.64
CA LEU C 231 41.49 -27.18 7.93
C LEU C 231 42.36 -28.40 7.87
N TYR C 232 41.97 -29.47 8.54
CA TYR C 232 42.80 -30.67 8.58
C TYR C 232 41.99 -31.94 8.85
N TYR C 233 42.61 -33.11 8.67
CA TYR C 233 41.98 -34.42 8.94
C TYR C 233 42.89 -35.19 9.87
N ASN C 234 42.33 -36.08 10.68
CA ASN C 234 43.17 -36.84 11.59
C ASN C 234 43.59 -38.20 11.05
N PHE C 235 44.61 -38.23 10.21
CA PHE C 235 45.08 -39.49 9.67
C PHE C 235 45.66 -40.34 10.75
N PRO C 236 45.99 -41.59 10.40
CA PRO C 236 46.58 -42.54 11.34
C PRO C 236 47.91 -42.05 11.88
N TRP C 237 48.36 -40.90 11.39
CA TRP C 237 49.64 -40.37 11.84
C TRP C 237 49.62 -38.85 11.99
N GLY C 238 48.50 -38.31 12.48
CA GLY C 238 48.42 -36.87 12.69
C GLY C 238 47.57 -36.09 11.72
N LYS C 239 47.56 -34.78 11.90
CA LYS C 239 46.76 -33.86 11.08
C LYS C 239 47.31 -33.60 9.67
N GLU C 240 46.42 -33.12 8.79
CA GLU C 240 46.75 -32.74 7.40
C GLU C 240 45.89 -31.60 6.88
N LEU C 241 46.60 -30.59 6.41
CA LEU C 241 46.11 -29.29 5.94
C LEU C 241 44.93 -29.01 5.01
N ILE C 242 44.39 -30.01 4.32
CA ILE C 242 43.21 -29.80 3.45
C ILE C 242 42.86 -28.36 2.97
N GLU C 243 41.63 -27.92 3.26
CA GLU C 243 41.12 -26.61 2.87
C GLU C 243 41.75 -25.41 3.63
N THR C 244 41.52 -24.16 3.21
CA THR C 244 42.22 -23.05 3.90
C THR C 244 41.55 -21.77 4.50
N LEU C 245 40.66 -21.09 3.78
CA LEU C 245 39.87 -19.92 4.31
C LEU C 245 40.19 -18.45 4.63
N TRP C 246 41.06 -17.78 3.90
CA TRP C 246 41.34 -16.40 4.23
C TRP C 246 40.40 -15.26 3.90
N ASN C 247 40.61 -14.20 4.68
CA ASN C 247 39.93 -12.93 4.54
C ASN C 247 41.07 -11.98 4.22
N LEU C 248 41.33 -11.83 2.93
CA LEU C 248 42.35 -10.93 2.38
C LEU C 248 41.48 -9.89 1.68
N GLY C 249 40.52 -9.40 2.45
CA GLY C 249 39.57 -8.43 1.96
C GLY C 249 40.08 -7.32 1.07
N ASP C 250 39.66 -7.35 -0.17
CA ASP C 250 39.98 -6.31 -1.12
C ASP C 250 41.40 -5.76 -1.06
N HIS C 251 42.38 -6.54 -1.49
CA HIS C 251 43.75 -6.05 -1.47
C HIS C 251 44.46 -6.44 -2.75
N GLU C 252 43.96 -7.51 -3.37
CA GLU C 252 44.53 -8.02 -4.59
C GLU C 252 43.90 -7.44 -5.82
N LEU C 253 42.65 -6.99 -5.71
CA LEU C 253 41.97 -6.42 -6.86
C LEU C 253 42.66 -5.14 -7.18
N LEU C 254 43.04 -4.40 -6.13
CA LEU C 254 43.73 -3.13 -6.29
C LEU C 254 45.01 -3.46 -7.00
N HIS C 255 45.53 -4.64 -6.68
CA HIS C 255 46.73 -5.19 -7.27
C HIS C 255 46.45 -5.38 -8.78
N MET C 256 45.37 -6.11 -9.06
CA MET C 256 44.93 -6.42 -10.41
C MET C 256 44.54 -5.23 -11.27
N TYR C 257 43.58 -4.46 -10.80
CA TYR C 257 43.07 -3.34 -11.56
C TYR C 257 43.33 -1.97 -11.03
N PRO C 258 44.55 -1.49 -11.27
CA PRO C 258 44.97 -0.15 -10.81
C PRO C 258 43.92 0.91 -11.12
N GLY C 259 43.95 1.99 -10.36
CA GLY C 259 43.01 3.04 -10.64
C GLY C 259 43.59 4.40 -10.39
N ASN C 260 42.72 5.40 -10.53
CA ASN C 260 43.07 6.79 -10.23
C ASN C 260 42.73 6.63 -8.74
N VAL C 261 42.40 5.36 -8.44
CA VAL C 261 41.90 4.72 -7.22
C VAL C 261 40.62 4.51 -8.01
N SER C 262 40.73 3.61 -8.97
CA SER C 262 39.71 3.35 -9.96
C SER C 262 38.45 2.59 -9.81
N LYS C 263 38.06 2.27 -11.04
CA LYS C 263 36.93 1.48 -11.40
C LYS C 263 35.70 1.62 -10.56
N LEU C 264 34.98 0.51 -10.57
CA LEU C 264 33.76 0.36 -9.86
C LEU C 264 34.15 -0.22 -8.55
N HIS C 265 33.44 0.22 -7.54
CA HIS C 265 33.69 -0.25 -6.22
C HIS C 265 32.88 -1.51 -6.06
N GLY C 266 31.58 -1.41 -6.34
CA GLY C 266 30.69 -2.55 -6.20
C GLY C 266 29.56 -2.09 -5.29
N ARG C 267 28.37 -2.62 -5.47
CA ARG C 267 27.25 -2.18 -4.66
C ARG C 267 27.00 -2.84 -3.31
N ASP C 268 26.46 -2.02 -2.42
CA ASP C 268 26.09 -2.31 -1.04
C ASP C 268 24.57 -2.50 -1.05
N GLY C 269 23.98 -1.63 -1.87
CA GLY C 269 22.55 -1.51 -2.04
C GLY C 269 22.27 -0.03 -1.81
N ARG C 270 22.75 0.82 -2.72
CA ARG C 270 22.57 2.28 -2.68
C ARG C 270 23.76 3.09 -2.13
N LYS C 271 24.89 2.43 -1.97
CA LYS C 271 26.15 3.03 -1.48
C LYS C 271 27.25 2.41 -2.38
N ASN C 272 28.52 2.61 -2.02
CA ASN C 272 29.60 2.08 -2.85
C ASN C 272 30.78 1.52 -2.01
N VAL C 273 31.25 0.34 -2.38
CA VAL C 273 32.34 -0.33 -1.66
C VAL C 273 33.24 -1.16 -2.56
N VAL C 274 34.48 -1.36 -2.15
CA VAL C 274 35.39 -2.20 -2.93
C VAL C 274 35.28 -3.57 -2.30
N PRO C 275 34.80 -4.58 -3.05
CA PRO C 275 34.56 -5.99 -2.70
C PRO C 275 35.70 -6.70 -2.00
N CYS C 276 35.36 -7.63 -1.10
CA CYS C 276 36.37 -8.35 -0.36
C CYS C 276 36.82 -9.68 -0.91
N VAL C 277 37.63 -10.30 -0.09
CA VAL C 277 38.24 -11.59 -0.33
C VAL C 277 37.33 -12.74 -0.04
N LEU C 278 37.54 -13.81 -0.78
CA LEU C 278 36.85 -14.98 -0.33
C LEU C 278 37.81 -16.11 -0.28
N SER C 279 37.84 -16.64 0.91
CA SER C 279 38.63 -17.77 1.18
C SER C 279 38.13 -19.02 0.51
N VAL C 280 39.03 -19.61 -0.23
CA VAL C 280 38.70 -20.82 -0.92
C VAL C 280 39.43 -21.99 -0.38
N ASN C 281 38.76 -22.80 0.41
CA ASN C 281 39.44 -23.99 0.83
C ASN C 281 39.98 -24.41 -0.50
N GLY C 282 41.21 -24.86 -0.58
CA GLY C 282 41.62 -25.25 -1.90
C GLY C 282 40.73 -26.44 -2.20
N ASP C 283 41.42 -27.53 -2.49
CA ASP C 283 40.86 -28.85 -2.75
C ASP C 283 42.00 -29.63 -2.15
N LEU C 284 42.29 -30.71 -2.82
CA LEU C 284 43.29 -31.64 -2.48
C LEU C 284 42.42 -32.70 -3.10
N ASP C 285 42.95 -33.83 -3.48
CA ASP C 285 42.02 -34.80 -3.97
C ASP C 285 41.74 -35.28 -2.57
N ARG C 286 42.72 -34.99 -1.73
CA ARG C 286 42.76 -35.32 -0.33
C ARG C 286 41.50 -35.36 0.51
N GLY C 287 40.60 -34.40 0.36
CA GLY C 287 39.38 -34.39 1.16
C GLY C 287 38.81 -35.77 0.99
N MET C 288 38.80 -36.17 -0.26
CA MET C 288 38.33 -37.45 -0.62
C MET C 288 39.29 -38.41 0.11
N LEU C 289 40.58 -38.19 -0.11
CA LEU C 289 41.67 -38.99 0.47
C LEU C 289 41.51 -39.26 1.94
N ALA C 290 40.84 -38.36 2.65
CA ALA C 290 40.64 -38.52 4.06
C ALA C 290 39.37 -39.32 4.34
N TYR C 291 38.41 -39.21 3.44
CA TYR C 291 37.13 -39.91 3.59
C TYR C 291 37.29 -41.42 3.57
N LEU C 292 37.84 -41.94 2.47
CA LEU C 292 38.09 -43.37 2.35
C LEU C 292 38.85 -43.65 3.60
N TYR C 293 39.56 -42.63 4.08
CA TYR C 293 40.22 -42.86 5.32
C TYR C 293 39.05 -42.95 6.26
N ASP C 294 38.64 -41.86 6.89
CA ASP C 294 37.52 -41.95 7.83
C ASP C 294 36.88 -43.31 7.81
N SER C 295 36.18 -43.59 6.71
CA SER C 295 35.50 -44.85 6.45
C SER C 295 36.24 -46.01 7.08
N PHE C 296 37.18 -46.53 6.30
CA PHE C 296 38.00 -47.64 6.71
C PHE C 296 39.18 -47.11 7.50
N GLN C 297 39.44 -45.80 7.38
CA GLN C 297 40.53 -45.10 8.11
C GLN C 297 40.48 -45.90 9.34
N LEU C 298 39.23 -46.01 9.78
CA LEU C 298 38.87 -46.74 10.93
C LEU C 298 39.60 -48.06 10.96
N THR C 299 40.84 -47.85 11.42
CA THR C 299 41.93 -48.76 11.70
C THR C 299 41.70 -48.53 13.19
N GLU C 300 42.37 -49.24 14.08
CA GLU C 300 42.13 -49.06 15.52
C GLU C 300 40.75 -49.67 15.76
N ASN C 301 39.86 -49.45 14.78
CA ASN C 301 38.53 -50.03 14.83
C ASN C 301 38.87 -51.47 15.02
N SER C 302 38.55 -52.00 16.19
CA SER C 302 38.82 -53.39 16.44
C SER C 302 40.31 -53.65 16.57
N PHE C 303 41.05 -52.66 17.06
CA PHE C 303 42.47 -52.86 17.26
C PHE C 303 42.61 -53.26 18.69
N THR C 304 41.56 -53.01 19.47
CA THR C 304 41.59 -53.33 20.87
C THR C 304 40.18 -53.58 21.42
N ARG C 305 39.55 -54.60 20.84
CA ARG C 305 38.19 -54.96 21.18
C ARG C 305 37.79 -56.45 21.19
N LYS C 306 37.54 -56.93 19.97
CA LYS C 306 37.10 -58.29 19.73
C LYS C 306 38.12 -59.18 19.06
N LYS C 307 37.76 -60.45 18.95
CA LYS C 307 38.58 -61.48 18.32
C LYS C 307 39.09 -60.95 16.97
N ASN C 308 40.24 -61.48 16.52
CA ASN C 308 40.83 -61.04 15.25
C ASN C 308 40.31 -61.79 14.02
N LEU C 309 39.28 -61.16 13.49
CA LEU C 309 38.52 -61.58 12.36
C LEU C 309 38.29 -60.23 11.71
N HIS C 310 39.23 -59.34 12.01
CA HIS C 310 39.31 -57.99 11.52
C HIS C 310 39.51 -57.94 9.98
N ARG C 311 38.50 -58.39 9.22
CA ARG C 311 38.55 -58.37 7.73
C ARG C 311 38.24 -56.94 7.32
N LYS C 312 37.42 -56.29 8.15
CA LYS C 312 37.03 -54.92 7.92
C LYS C 312 36.35 -54.79 6.56
N VAL C 313 35.99 -53.56 6.26
CA VAL C 313 35.31 -53.21 5.04
C VAL C 313 35.59 -51.73 5.03
N LEU C 314 35.52 -51.10 3.88
CA LEU C 314 35.72 -49.68 3.90
C LEU C 314 34.28 -49.26 4.10
N LYS C 315 34.03 -47.98 4.30
CA LYS C 315 32.65 -47.56 4.48
C LYS C 315 32.46 -46.18 3.96
N LEU C 316 31.60 -46.03 2.99
CA LEU C 316 31.40 -44.71 2.49
C LEU C 316 29.97 -44.40 2.82
N HIS C 317 29.69 -43.15 3.13
CA HIS C 317 28.31 -42.79 3.38
C HIS C 317 27.74 -43.26 2.06
N PRO C 318 26.48 -43.71 2.04
CA PRO C 318 25.99 -44.15 0.74
C PRO C 318 26.35 -43.25 -0.44
N CYS C 319 26.03 -41.96 -0.37
CA CYS C 319 26.34 -41.04 -1.48
C CYS C 319 27.82 -41.11 -1.78
N LEU C 320 28.59 -41.33 -0.72
CA LEU C 320 30.04 -41.42 -0.81
C LEU C 320 30.52 -42.49 -1.79
N ALA C 321 30.25 -43.74 -1.45
CA ALA C 321 30.68 -44.87 -2.27
C ALA C 321 30.63 -44.64 -3.76
N PRO C 322 31.67 -45.11 -4.48
CA PRO C 322 31.71 -44.96 -5.93
C PRO C 322 30.63 -45.85 -6.56
N ILE C 323 30.54 -47.08 -6.06
CA ILE C 323 29.55 -48.06 -6.53
C ILE C 323 28.47 -48.34 -5.47
N LYS C 324 27.22 -48.38 -5.91
CA LYS C 324 26.10 -48.65 -5.01
C LYS C 324 25.83 -50.12 -4.81
N VAL C 325 25.97 -50.90 -5.87
CA VAL C 325 25.71 -52.32 -5.75
C VAL C 325 26.31 -53.17 -6.86
N ALA C 326 26.52 -54.44 -6.55
CA ALA C 326 27.07 -55.37 -7.52
C ALA C 326 25.96 -56.35 -7.89
N LEU C 327 25.42 -56.22 -9.10
CA LEU C 327 24.38 -57.13 -9.55
C LEU C 327 24.97 -58.52 -9.61
N ASP C 328 24.15 -59.54 -9.37
CA ASP C 328 24.68 -60.89 -9.40
C ASP C 328 23.76 -61.86 -10.13
N VAL C 329 24.35 -62.96 -10.58
CA VAL C 329 23.58 -63.95 -11.32
C VAL C 329 24.23 -65.33 -11.33
N GLY C 330 23.47 -66.36 -10.96
CA GLY C 330 24.01 -67.72 -10.95
C GLY C 330 23.01 -68.81 -11.26
N ARG C 331 23.47 -69.87 -11.91
CA ARG C 331 22.67 -71.03 -12.29
C ARG C 331 21.84 -70.88 -13.56
N GLY C 332 20.99 -71.87 -13.84
CA GLY C 332 20.25 -71.88 -15.09
C GLY C 332 18.79 -71.77 -15.44
N PRO C 333 18.55 -71.61 -16.76
CA PRO C 333 19.76 -71.59 -17.60
C PRO C 333 20.69 -70.39 -17.40
N THR C 334 21.97 -70.72 -17.32
CA THR C 334 23.04 -69.74 -17.09
C THR C 334 22.72 -68.35 -17.62
N LEU C 335 22.18 -68.32 -18.83
CA LEU C 335 21.86 -67.07 -19.47
C LEU C 335 20.63 -66.36 -18.99
N GLU C 336 19.51 -67.06 -18.93
CA GLU C 336 18.26 -66.45 -18.49
C GLU C 336 18.54 -65.67 -17.25
N LEU C 337 19.41 -66.21 -16.43
CA LEU C 337 19.75 -65.55 -15.20
C LEU C 337 20.78 -64.46 -15.44
N ARG C 338 21.79 -64.75 -16.28
CA ARG C 338 22.80 -63.73 -16.59
C ARG C 338 21.91 -62.65 -17.20
N GLN C 339 20.84 -63.14 -17.82
CA GLN C 339 19.81 -62.33 -18.45
C GLN C 339 19.03 -61.77 -17.27
N VAL C 340 18.23 -60.74 -17.51
CA VAL C 340 17.45 -60.14 -16.43
C VAL C 340 18.35 -59.57 -15.32
N CYS C 341 19.61 -60.01 -15.26
CA CYS C 341 20.53 -59.43 -14.30
C CYS C 341 20.78 -58.35 -15.29
N GLN C 342 20.99 -58.84 -16.51
CA GLN C 342 21.16 -58.01 -17.66
C GLN C 342 20.00 -57.10 -17.36
N GLY C 343 18.88 -57.75 -17.10
CA GLY C 343 17.65 -57.04 -16.80
C GLY C 343 17.74 -56.02 -15.69
N LEU C 344 18.32 -56.37 -14.57
CA LEU C 344 18.38 -55.39 -13.51
C LEU C 344 19.24 -54.23 -13.94
N PHE C 345 20.51 -54.51 -14.22
CA PHE C 345 21.45 -53.46 -14.61
C PHE C 345 20.79 -52.29 -15.32
N ASN C 346 20.32 -52.49 -16.54
CA ASN C 346 19.70 -51.40 -17.28
C ASN C 346 18.71 -50.65 -16.41
N GLU C 347 17.64 -51.35 -16.05
CA GLU C 347 16.62 -50.77 -15.20
C GLU C 347 17.35 -49.92 -14.19
N LEU C 348 18.32 -50.54 -13.55
CA LEU C 348 19.13 -49.87 -12.55
C LEU C 348 19.89 -48.73 -13.22
N LEU C 349 20.83 -49.07 -14.10
CA LEU C 349 21.61 -48.08 -14.83
C LEU C 349 20.74 -46.86 -14.99
N GLU C 350 19.60 -47.09 -15.63
CA GLU C 350 18.67 -46.04 -15.91
C GLU C 350 18.34 -45.18 -14.70
N ASN C 351 17.74 -45.79 -13.69
CA ASN C 351 17.31 -45.07 -12.49
C ASN C 351 18.18 -43.89 -12.05
N GLY C 352 19.49 -44.10 -11.97
CA GLY C 352 20.38 -43.06 -11.52
C GLY C 352 21.23 -43.66 -10.43
N ILE C 353 21.49 -44.95 -10.57
CA ILE C 353 22.27 -45.75 -9.64
C ILE C 353 23.53 -46.33 -10.28
N SER C 354 24.66 -46.19 -9.60
CA SER C 354 25.92 -46.73 -10.10
C SER C 354 25.89 -48.24 -9.86
N VAL C 355 26.37 -49.02 -10.82
CA VAL C 355 26.36 -50.46 -10.67
C VAL C 355 27.57 -51.19 -11.25
N TRP C 356 27.79 -52.40 -10.78
CA TRP C 356 28.91 -53.22 -11.20
C TRP C 356 28.60 -54.47 -12.04
N PRO C 357 27.37 -54.60 -12.52
CA PRO C 357 27.14 -55.81 -13.32
C PRO C 357 27.86 -57.08 -12.88
N GLY C 358 27.13 -57.99 -12.26
CA GLY C 358 27.73 -59.22 -11.80
C GLY C 358 27.57 -60.47 -12.67
N TYR C 359 27.18 -60.31 -13.93
CA TYR C 359 27.03 -61.45 -14.85
C TYR C 359 28.42 -61.95 -15.11
N LEU C 360 29.28 -60.97 -15.36
CA LEU C 360 30.68 -61.24 -15.56
C LEU C 360 30.99 -61.95 -14.26
N GLU C 361 30.73 -61.22 -13.18
CA GLU C 361 30.96 -61.65 -11.81
C GLU C 361 30.83 -63.14 -11.43
N THR C 362 29.85 -63.89 -11.96
CA THR C 362 29.70 -65.31 -11.59
C THR C 362 30.93 -66.13 -11.93
N MET C 363 31.64 -65.66 -12.95
CA MET C 363 32.86 -66.27 -13.46
C MET C 363 34.03 -66.40 -12.45
N GLN C 364 34.59 -65.25 -12.03
CA GLN C 364 35.74 -65.18 -11.11
C GLN C 364 35.38 -65.44 -9.67
N SER C 365 36.26 -66.19 -8.97
CA SER C 365 36.09 -66.51 -7.54
C SER C 365 35.09 -67.62 -7.11
N SER C 366 34.55 -67.41 -5.91
CA SER C 366 33.56 -68.23 -5.22
C SER C 366 32.83 -67.26 -4.30
N LEU C 367 31.53 -67.41 -4.19
CA LEU C 367 30.75 -66.53 -3.37
C LEU C 367 31.41 -65.71 -2.27
N GLU C 368 31.90 -66.38 -1.22
CA GLU C 368 32.50 -65.68 -0.10
C GLU C 368 33.43 -64.51 -0.43
N GLN C 369 34.50 -64.78 -1.19
CA GLN C 369 35.46 -63.71 -1.53
C GLN C 369 34.75 -62.63 -2.33
N LEU C 370 33.60 -62.95 -2.88
CA LEU C 370 32.89 -61.92 -3.62
C LEU C 370 32.56 -60.97 -2.52
N TYR C 371 31.80 -61.47 -1.56
CA TYR C 371 31.44 -60.67 -0.41
C TYR C 371 32.64 -59.82 -0.01
N SER C 372 33.69 -60.48 0.47
CA SER C 372 34.92 -59.82 0.92
C SER C 372 35.41 -58.71 0.02
N LYS C 373 35.57 -58.99 -1.27
CA LYS C 373 36.02 -58.00 -2.24
C LYS C 373 35.12 -56.78 -2.12
N TYR C 374 33.84 -57.02 -2.41
CA TYR C 374 32.76 -56.03 -2.37
C TYR C 374 32.77 -55.17 -1.11
N ASP C 375 32.90 -55.82 0.04
CA ASP C 375 32.97 -55.14 1.31
C ASP C 375 34.29 -54.37 1.25
N GLU C 376 35.33 -55.04 0.73
CA GLU C 376 36.62 -54.40 0.58
C GLU C 376 36.40 -53.34 -0.50
N MET C 377 35.22 -53.36 -1.10
CA MET C 377 34.87 -52.41 -2.16
C MET C 377 33.90 -51.29 -1.76
N SER C 378 33.06 -51.54 -0.77
CA SER C 378 32.13 -50.52 -0.32
C SER C 378 30.83 -50.69 -1.03
N ILE C 379 30.82 -51.46 -2.12
CA ILE C 379 29.56 -51.65 -2.84
C ILE C 379 28.56 -52.10 -1.78
N LEU C 380 27.54 -51.27 -1.59
CA LEU C 380 26.52 -51.50 -0.59
C LEU C 380 26.10 -52.92 -0.36
N PHE C 381 25.12 -53.33 -1.15
CA PHE C 381 24.57 -54.67 -1.09
C PHE C 381 24.89 -55.36 -2.43
N THR C 382 24.63 -56.66 -2.50
CA THR C 382 24.85 -57.43 -3.72
C THR C 382 23.70 -58.44 -3.87
N VAL C 383 23.13 -58.60 -5.06
CA VAL C 383 22.04 -59.55 -5.23
C VAL C 383 22.28 -60.59 -6.28
N LEU C 384 22.51 -61.80 -5.80
CA LEU C 384 22.80 -62.94 -6.66
C LEU C 384 21.60 -63.64 -7.27
N VAL C 385 21.19 -63.20 -8.45
CA VAL C 385 20.10 -63.81 -9.14
C VAL C 385 20.57 -65.26 -9.54
N THR C 386 20.07 -66.30 -8.83
CA THR C 386 20.39 -67.74 -9.06
C THR C 386 19.12 -68.64 -9.09
N GLU C 387 19.26 -69.97 -9.20
CA GLU C 387 18.08 -70.88 -9.22
C GLU C 387 16.87 -70.24 -8.55
N THR C 388 17.13 -69.61 -7.41
CA THR C 388 16.09 -68.94 -6.66
C THR C 388 15.42 -67.81 -7.46
N THR C 389 16.20 -67.16 -8.30
CA THR C 389 15.63 -66.13 -9.13
C THR C 389 14.70 -66.95 -9.98
N LEU C 390 13.79 -66.33 -10.72
CA LEU C 390 12.81 -67.14 -11.44
C LEU C 390 13.19 -68.59 -11.65
N GLU C 391 12.45 -69.40 -10.89
CA GLU C 391 12.51 -70.86 -10.74
C GLU C 391 12.37 -71.11 -9.25
N ASN C 392 12.42 -69.99 -8.54
CA ASN C 392 12.25 -69.85 -7.11
C ASN C 392 11.55 -68.53 -7.42
N GLY C 393 10.84 -68.59 -8.55
CA GLY C 393 10.08 -67.48 -9.09
C GLY C 393 10.07 -66.31 -8.16
N LEU C 394 10.92 -65.33 -8.48
CA LEU C 394 11.07 -64.09 -7.72
C LEU C 394 12.34 -64.02 -6.89
N ILE C 395 12.24 -63.21 -5.85
CA ILE C 395 13.31 -63.01 -4.92
C ILE C 395 14.34 -62.05 -5.48
N HIS C 396 14.78 -61.19 -4.59
CA HIS C 396 15.81 -60.23 -4.87
C HIS C 396 16.59 -60.87 -3.78
N LEU C 397 17.68 -61.45 -4.17
CA LEU C 397 18.38 -62.21 -3.27
C LEU C 397 19.39 -61.48 -2.37
N ARG C 398 18.91 -61.40 -1.10
CA ARG C 398 19.56 -60.91 0.12
C ARG C 398 20.58 -59.82 0.39
N SER C 399 21.85 -60.05 -0.07
CA SER C 399 22.91 -59.22 0.35
C SER C 399 22.90 -57.74 0.58
N ARG C 400 23.50 -57.55 1.73
CA ARG C 400 23.82 -56.29 2.41
C ARG C 400 24.03 -56.60 3.80
N ASP C 401 25.01 -55.91 4.29
CA ASP C 401 25.35 -56.22 5.59
C ASP C 401 24.77 -55.78 6.83
N THR C 402 25.42 -56.49 7.72
CA THR C 402 25.18 -56.62 9.05
C THR C 402 24.49 -57.93 8.65
N THR C 403 24.89 -58.50 7.51
CA THR C 403 24.33 -59.76 7.05
C THR C 403 22.80 -59.86 6.91
N MET C 404 22.18 -58.87 6.29
CA MET C 404 20.74 -58.93 6.10
C MET C 404 20.57 -59.55 4.74
N LYS C 405 20.48 -60.87 4.73
CA LYS C 405 20.32 -61.60 3.49
C LYS C 405 18.84 -61.82 3.24
N GLU C 406 18.00 -60.95 3.78
CA GLU C 406 16.57 -61.13 3.58
C GLU C 406 16.18 -61.17 2.09
N MET C 407 15.28 -62.07 1.74
CA MET C 407 14.83 -62.18 0.35
C MET C 407 14.09 -60.92 0.01
N MET C 408 14.29 -60.42 -1.18
CA MET C 408 13.62 -59.21 -1.58
C MET C 408 12.86 -59.46 -2.87
N HIS C 409 11.55 -59.28 -2.91
CA HIS C 409 10.93 -59.46 -4.20
C HIS C 409 11.77 -58.45 -4.97
N ILE C 410 12.30 -58.72 -6.15
CA ILE C 410 13.20 -57.69 -6.74
C ILE C 410 12.79 -56.20 -6.78
N SER C 411 11.55 -55.87 -7.15
CA SER C 411 11.07 -54.47 -7.29
C SER C 411 10.98 -53.41 -6.14
N LYS C 412 10.04 -53.59 -5.20
CA LYS C 412 9.83 -52.68 -4.04
C LYS C 412 11.17 -52.09 -3.60
N LEU C 413 12.02 -53.06 -3.23
CA LEU C 413 13.39 -52.96 -2.76
C LEU C 413 14.20 -52.19 -3.78
N LYS C 414 14.17 -52.63 -5.02
CA LYS C 414 14.87 -51.91 -6.05
C LYS C 414 14.46 -50.48 -5.85
N ASP C 415 13.14 -50.28 -5.79
CA ASP C 415 12.66 -48.95 -5.60
C ASP C 415 12.72 -48.56 -4.13
N PHE C 416 13.38 -49.39 -3.32
CA PHE C 416 13.57 -49.07 -1.90
C PHE C 416 14.94 -48.43 -1.87
N LEU C 417 15.79 -48.94 -2.76
CA LEU C 417 17.13 -48.41 -2.87
C LEU C 417 16.98 -46.99 -3.38
N ILE C 418 16.09 -46.78 -4.33
CA ILE C 418 15.94 -45.44 -4.85
C ILE C 418 15.66 -44.58 -3.66
N LYS C 419 14.87 -45.09 -2.73
CA LYS C 419 14.58 -44.33 -1.54
C LYS C 419 15.92 -44.21 -0.84
N TYR C 420 16.49 -45.36 -0.50
CA TYR C 420 17.76 -45.44 0.18
C TYR C 420 18.61 -44.19 -0.05
N ILE C 421 19.06 -44.02 -1.28
CA ILE C 421 19.85 -42.86 -1.63
C ILE C 421 19.28 -41.59 -1.05
N SER C 422 18.06 -41.27 -1.47
CA SER C 422 17.38 -40.07 -1.05
C SER C 422 17.53 -39.76 0.43
N SER C 423 17.00 -40.63 1.30
CA SER C 423 17.09 -40.38 2.74
C SER C 423 18.55 -40.30 3.20
N ALA C 424 19.31 -41.30 2.78
CA ALA C 424 20.72 -41.38 3.10
C ALA C 424 21.33 -40.02 2.82
N LYS C 425 21.25 -39.61 1.55
CA LYS C 425 21.78 -38.32 1.11
C LYS C 425 21.44 -37.19 2.09
N ASN C 426 20.13 -36.99 2.23
CA ASN C 426 19.55 -35.95 3.05
C ASN C 426 20.15 -35.54 4.36
N VAL C 427 19.97 -36.33 5.41
CA VAL C 427 20.52 -35.91 6.68
C VAL C 427 20.00 -34.47 6.86
N ARG D 1 8.64 72.84 -1.55
CA ARG D 1 7.95 74.15 -1.77
C ARG D 1 7.68 74.55 -3.25
N HIS D 2 8.73 74.68 -4.06
CA HIS D 2 8.67 75.12 -5.48
C HIS D 2 7.76 74.49 -6.57
N ASN D 3 7.11 75.37 -7.36
CA ASN D 3 6.20 75.02 -8.49
C ASN D 3 5.98 76.22 -9.47
N PRO D 4 5.53 75.96 -10.72
CA PRO D 4 5.36 77.11 -11.63
C PRO D 4 4.35 76.92 -12.76
N LEU D 5 4.05 78.00 -13.48
CA LEU D 5 3.08 77.87 -14.56
C LEU D 5 3.17 78.55 -15.93
N ASP D 6 4.11 78.14 -16.77
CA ASP D 6 4.14 78.63 -18.14
C ASP D 6 3.53 77.34 -18.66
N ILE D 7 3.41 76.44 -17.67
CA ILE D 7 2.87 75.09 -17.73
C ILE D 7 2.24 74.80 -16.35
N GLN D 8 1.34 73.82 -16.25
CA GLN D 8 0.66 73.58 -14.98
C GLN D 8 1.27 72.89 -13.74
N MET D 9 2.42 72.22 -13.84
CA MET D 9 3.01 71.61 -12.63
C MET D 9 4.11 70.54 -12.78
N LEU D 10 5.08 70.62 -11.87
CA LEU D 10 6.25 69.74 -11.71
C LEU D 10 7.02 70.32 -10.52
N SER D 11 7.67 69.48 -9.71
CA SER D 11 8.39 70.01 -8.58
C SER D 11 9.72 69.34 -8.34
N ARG D 12 10.38 69.83 -7.31
CA ARG D 12 11.67 69.35 -6.87
C ARG D 12 12.13 68.08 -7.57
N GLY D 13 11.21 67.13 -7.71
CA GLY D 13 11.54 65.90 -8.37
C GLY D 13 12.26 66.17 -9.67
N LEU D 14 11.88 67.20 -10.40
CA LEU D 14 12.53 67.46 -11.67
C LEU D 14 14.01 67.57 -11.43
N HIS D 15 14.37 68.58 -10.67
CA HIS D 15 15.74 68.87 -10.33
C HIS D 15 16.77 67.77 -10.45
N GLU D 16 16.58 66.65 -9.77
CA GLU D 16 17.55 65.54 -9.81
C GLU D 16 17.86 64.97 -11.20
N GLN D 17 16.83 64.70 -11.99
CA GLN D 17 17.03 64.16 -13.32
C GLN D 17 16.54 65.16 -14.37
N ILE D 18 15.61 66.01 -13.96
CA ILE D 18 15.02 66.98 -14.88
C ILE D 18 14.81 68.36 -14.30
N PHE D 19 13.99 69.13 -15.01
CA PHE D 19 13.69 70.50 -14.61
C PHE D 19 12.16 70.68 -14.54
N GLY D 20 11.68 71.59 -13.69
CA GLY D 20 10.25 71.82 -13.56
C GLY D 20 9.59 72.78 -14.52
N GLN D 21 10.35 73.79 -14.95
CA GLN D 21 9.89 74.81 -15.91
C GLN D 21 11.03 74.92 -16.93
N GLY D 22 11.92 73.93 -16.87
CA GLY D 22 13.10 73.86 -17.72
C GLY D 22 13.02 73.88 -19.24
N GLY D 23 12.21 73.01 -19.83
CA GLY D 23 12.09 72.99 -21.27
C GLY D 23 12.25 74.41 -21.77
N GLU D 24 13.14 74.63 -22.71
CA GLU D 24 13.36 75.98 -23.22
C GLU D 24 12.30 76.33 -24.24
N MET D 25 11.72 77.52 -24.11
CA MET D 25 10.69 77.97 -25.03
C MET D 25 10.84 79.47 -25.33
N PRO D 26 10.48 79.89 -26.57
CA PRO D 26 10.54 81.26 -27.09
C PRO D 26 9.46 82.24 -26.62
N GLY D 27 9.68 83.52 -26.89
CA GLY D 27 8.75 84.56 -26.48
C GLY D 27 7.48 84.75 -27.29
N GLU D 28 7.27 85.96 -27.78
CA GLU D 28 6.10 86.33 -28.56
C GLU D 28 5.64 85.24 -29.54
N ALA D 29 6.31 85.07 -30.67
CA ALA D 29 5.88 84.06 -31.66
C ALA D 29 5.32 82.74 -31.12
N ALA D 30 6.18 81.90 -30.52
CA ALA D 30 5.71 80.61 -30.02
C ALA D 30 4.60 80.78 -29.02
N VAL D 31 4.87 81.48 -27.93
CA VAL D 31 3.84 81.70 -26.94
C VAL D 31 2.60 82.00 -27.78
N ARG D 32 2.76 83.00 -28.65
CA ARG D 32 1.70 83.47 -29.51
C ARG D 32 0.99 82.46 -30.39
N ARG D 33 1.71 81.72 -31.23
CA ARG D 33 1.02 80.73 -32.06
C ARG D 33 0.08 79.98 -31.12
N SER D 34 0.68 79.21 -30.22
CA SER D 34 -0.06 78.40 -29.25
C SER D 34 -1.29 79.13 -28.75
N VAL D 35 -1.07 80.22 -28.06
CA VAL D 35 -2.13 81.02 -27.48
C VAL D 35 -3.28 81.41 -28.41
N GLU D 36 -2.96 81.91 -29.59
CA GLU D 36 -3.95 82.34 -30.56
C GLU D 36 -4.89 81.21 -30.95
N HIS D 37 -4.33 80.03 -31.18
CA HIS D 37 -5.10 78.86 -31.57
C HIS D 37 -6.04 78.35 -30.51
N LEU D 38 -5.56 78.31 -29.28
CA LEU D 38 -6.42 77.86 -28.22
C LEU D 38 -7.58 78.80 -28.17
N GLN D 39 -7.30 80.08 -28.41
CA GLN D 39 -8.35 81.09 -28.42
C GLN D 39 -9.18 80.81 -29.67
N LYS D 40 -8.52 80.46 -30.77
CA LYS D 40 -9.21 80.14 -32.01
C LYS D 40 -10.13 78.95 -31.75
N HIS D 41 -9.71 78.07 -30.84
CA HIS D 41 -10.49 76.87 -30.51
C HIS D 41 -11.25 76.97 -29.19
N GLY D 42 -11.34 78.21 -28.70
CA GLY D 42 -12.06 78.52 -27.49
C GLY D 42 -11.84 77.73 -26.23
N LEU D 43 -10.60 77.54 -25.81
CA LEU D 43 -10.33 76.82 -24.56
C LEU D 43 -9.95 77.82 -23.45
N TRP D 44 -9.49 78.99 -23.88
CA TRP D 44 -9.07 80.04 -22.97
C TRP D 44 -10.22 80.66 -22.17
N GLY D 45 -9.82 81.44 -21.18
CA GLY D 45 -10.74 82.11 -20.27
C GLY D 45 -10.40 81.51 -18.93
N GLN D 46 -11.10 80.43 -18.61
CA GLN D 46 -10.82 79.72 -17.39
C GLN D 46 -10.24 78.36 -17.72
N PRO D 47 -8.91 78.31 -17.79
CA PRO D 47 -7.88 77.31 -18.03
C PRO D 47 -7.02 77.67 -16.83
N ALA D 48 -7.41 78.81 -16.25
CA ALA D 48 -6.79 79.34 -15.05
C ALA D 48 -7.36 78.37 -14.02
N VAL D 49 -6.58 77.32 -13.71
CA VAL D 49 -7.01 76.27 -12.78
C VAL D 49 -6.40 76.29 -11.38
N PRO D 50 -7.22 75.92 -10.37
CA PRO D 50 -6.88 75.84 -8.94
C PRO D 50 -6.43 74.46 -8.45
N LEU D 51 -7.10 73.45 -9.00
CA LEU D 51 -6.92 72.02 -8.69
C LEU D 51 -5.56 71.40 -8.36
N PRO D 52 -4.50 71.73 -9.11
CA PRO D 52 -3.17 71.15 -8.84
C PRO D 52 -2.59 71.17 -7.44
N ASP D 53 -2.28 69.99 -6.90
CA ASP D 53 -1.68 69.83 -5.57
C ASP D 53 -0.75 68.62 -5.51
N VAL D 54 0.50 68.86 -5.16
CA VAL D 54 1.48 67.79 -5.01
C VAL D 54 2.59 68.36 -4.20
N GLU D 55 3.32 67.47 -3.56
CA GLU D 55 4.43 67.87 -2.76
C GLU D 55 5.46 66.84 -3.18
N LEU D 56 6.35 67.24 -4.10
CA LEU D 56 7.38 66.37 -4.65
C LEU D 56 8.56 66.10 -3.73
N ARG D 57 8.88 64.83 -3.48
CA ARG D 57 10.00 64.44 -2.63
C ARG D 57 10.51 63.00 -2.84
N LEU D 58 11.57 62.78 -3.64
CA LEU D 58 12.11 61.40 -3.81
C LEU D 58 13.55 61.23 -4.35
N PRO D 59 14.29 60.22 -3.82
CA PRO D 59 15.68 59.85 -4.16
C PRO D 59 16.12 58.56 -4.91
N PRO D 60 15.25 57.93 -5.70
CA PRO D 60 15.84 56.74 -6.33
C PRO D 60 16.85 57.25 -7.35
N LEU D 61 16.58 58.47 -7.79
CA LEU D 61 17.31 59.28 -8.78
C LEU D 61 18.79 59.11 -9.08
N TYR D 62 19.12 59.25 -10.37
CA TYR D 62 20.50 59.14 -10.84
C TYR D 62 20.93 60.04 -12.05
N GLY D 63 20.17 60.01 -13.16
CA GLY D 63 20.45 60.69 -14.44
C GLY D 63 20.53 62.13 -15.04
N ASP D 64 21.53 62.29 -15.91
CA ASP D 64 21.86 63.51 -16.67
C ASP D 64 20.90 63.46 -17.83
N ASN D 65 20.57 62.22 -18.16
CA ASN D 65 19.61 61.90 -19.19
C ASN D 65 18.96 60.65 -18.61
N LEU D 66 17.75 60.81 -18.07
CA LEU D 66 16.99 59.71 -17.52
C LEU D 66 17.14 58.68 -18.61
N ASP D 67 17.04 59.21 -19.83
CA ASP D 67 17.21 58.49 -21.07
C ASP D 67 18.50 57.72 -20.92
N GLN D 68 19.59 58.45 -20.73
CA GLN D 68 20.89 57.83 -20.54
C GLN D 68 20.73 56.67 -19.52
N HIS D 69 19.97 56.91 -18.45
CA HIS D 69 19.78 55.87 -17.44
C HIS D 69 18.87 54.73 -17.80
N PHE D 70 17.95 54.96 -18.72
CA PHE D 70 17.08 53.88 -19.14
C PHE D 70 17.92 52.97 -19.97
N ARG D 71 18.79 53.55 -20.78
CA ARG D 71 19.64 52.73 -21.61
C ARG D 71 20.41 51.78 -20.69
N LEU D 72 20.87 52.29 -19.54
CA LEU D 72 21.62 51.46 -18.58
C LEU D 72 20.72 50.40 -17.99
N LEU D 73 19.56 50.83 -17.52
CA LEU D 73 18.58 49.93 -16.90
C LEU D 73 18.31 48.75 -17.81
N ALA D 74 17.81 49.06 -19.00
CA ALA D 74 17.53 48.01 -19.95
C ALA D 74 18.83 47.33 -20.24
N GLN D 75 19.91 48.12 -20.31
CA GLN D 75 21.22 47.58 -20.62
C GLN D 75 21.69 46.48 -19.68
N LYS D 76 21.54 46.70 -18.37
CA LYS D 76 21.97 45.70 -17.42
C LYS D 76 21.15 44.44 -17.55
N GLN D 77 19.85 44.57 -17.72
CA GLN D 77 19.02 43.39 -17.88
C GLN D 77 19.45 42.70 -19.16
N SER D 78 19.47 43.46 -20.25
CA SER D 78 19.85 42.93 -21.57
C SER D 78 21.24 42.27 -21.63
N LEU D 79 22.24 42.88 -21.02
CA LEU D 79 23.59 42.31 -21.06
C LEU D 79 23.65 40.86 -20.61
N PRO D 80 23.20 40.57 -19.37
CA PRO D 80 23.21 39.19 -18.88
C PRO D 80 22.46 38.30 -19.85
N TYR D 81 21.31 38.79 -20.30
CA TYR D 81 20.48 38.10 -21.25
C TYR D 81 21.34 37.82 -22.45
N LEU D 82 21.98 38.89 -22.91
CA LEU D 82 22.83 38.84 -24.07
C LEU D 82 23.99 37.88 -24.03
N GLU D 83 24.95 38.14 -23.15
CA GLU D 83 26.14 37.28 -23.07
C GLU D 83 25.83 35.81 -23.32
N ALA D 84 24.70 35.32 -22.81
CA ALA D 84 24.31 33.92 -23.00
C ALA D 84 23.86 33.66 -24.44
N ALA D 85 23.25 34.67 -25.04
CA ALA D 85 22.77 34.57 -26.40
C ALA D 85 23.94 34.44 -27.39
N ASN D 86 24.86 35.40 -27.35
CA ASN D 86 26.03 35.39 -28.23
C ASN D 86 26.56 33.97 -28.45
N LEU D 87 27.02 33.35 -27.36
CA LEU D 87 27.58 32.00 -27.36
C LEU D 87 26.82 31.09 -28.31
N LEU D 88 25.50 31.02 -28.12
CA LEU D 88 24.67 30.15 -28.95
C LEU D 88 24.63 30.53 -30.41
N LEU D 89 24.47 31.82 -30.67
CA LEU D 89 24.41 32.26 -32.04
C LEU D 89 25.69 32.00 -32.81
N GLN D 90 26.82 32.36 -32.20
CA GLN D 90 28.10 32.19 -32.87
C GLN D 90 28.28 30.78 -33.44
N ALA D 91 27.87 29.78 -32.66
CA ALA D 91 28.01 28.37 -33.06
C ALA D 91 27.40 28.01 -34.41
N GLN D 92 28.14 27.18 -35.11
CA GLN D 92 27.75 26.75 -36.44
C GLN D 92 27.83 25.22 -36.52
N LEU D 93 28.08 24.56 -35.40
CA LEU D 93 28.27 23.11 -35.44
C LEU D 93 27.22 22.09 -35.03
N PRO D 94 26.61 21.42 -36.02
CA PRO D 94 25.60 20.41 -35.75
C PRO D 94 25.75 19.19 -36.68
N PRO D 95 26.41 18.11 -36.24
CA PRO D 95 26.48 16.99 -37.17
C PRO D 95 25.09 16.44 -36.87
N LYS D 96 24.59 16.99 -35.77
CA LYS D 96 23.31 16.71 -35.18
C LYS D 96 23.10 15.24 -35.02
N PRO D 97 22.06 14.92 -34.26
CA PRO D 97 21.91 13.49 -34.17
C PRO D 97 20.64 13.28 -34.97
N PRO D 98 20.46 12.06 -35.40
CA PRO D 98 19.35 11.48 -36.15
C PRO D 98 19.29 10.38 -35.10
N ALA D 99 20.27 9.48 -35.23
CA ALA D 99 20.49 8.34 -34.34
C ALA D 99 19.11 7.79 -34.12
N TRP D 100 18.20 8.33 -34.94
CA TRP D 100 16.82 8.00 -34.88
C TRP D 100 16.52 7.74 -33.41
N ALA D 101 16.41 8.85 -32.71
CA ALA D 101 16.08 8.85 -31.32
C ALA D 101 16.60 7.64 -30.48
N TRP D 102 15.62 7.01 -29.84
CA TRP D 102 15.67 6.01 -28.80
C TRP D 102 15.28 7.26 -28.04
N ALA D 103 15.41 7.38 -26.73
CA ALA D 103 14.97 8.67 -26.19
C ALA D 103 14.88 8.91 -24.70
N GLU D 104 14.76 10.20 -24.39
CA GLU D 104 14.66 10.75 -23.05
C GLU D 104 15.59 11.91 -23.04
N GLY D 105 15.32 12.89 -22.19
CA GLY D 105 16.23 14.02 -22.11
C GLY D 105 17.65 13.46 -21.98
N TRP D 106 18.35 13.29 -23.11
CA TRP D 106 19.74 12.77 -23.11
C TRP D 106 20.68 13.35 -24.22
N THR D 107 21.69 12.66 -24.77
CA THR D 107 22.49 13.48 -25.71
C THR D 107 23.16 13.17 -27.06
N ARG D 108 23.14 14.27 -27.83
CA ARG D 108 23.54 14.55 -29.24
C ARG D 108 24.91 14.40 -29.95
N TYR D 109 25.88 15.34 -29.72
CA TYR D 109 27.18 15.29 -30.41
C TYR D 109 27.24 13.88 -30.03
N GLY D 110 27.22 13.13 -31.09
CA GLY D 110 27.18 11.74 -30.97
C GLY D 110 26.84 11.33 -32.37
N PRO D 111 27.71 11.77 -33.30
CA PRO D 111 27.53 11.44 -34.71
C PRO D 111 27.42 9.93 -34.43
N GLU D 112 27.93 9.65 -33.22
CA GLU D 112 27.93 8.43 -32.45
C GLU D 112 27.93 8.90 -31.02
N GLY D 113 26.67 9.24 -30.70
CA GLY D 113 26.25 9.79 -29.44
C GLY D 113 24.87 9.27 -29.17
N GLU D 114 24.66 9.16 -27.88
CA GLU D 114 23.46 8.57 -27.37
C GLU D 114 23.82 8.26 -25.93
N ALA D 115 22.79 8.06 -25.11
CA ALA D 115 22.90 7.72 -23.68
C ALA D 115 23.40 8.84 -22.78
N VAL D 116 22.75 9.02 -21.63
CA VAL D 116 23.14 10.07 -20.68
C VAL D 116 22.57 9.91 -19.27
N PRO D 117 23.10 10.69 -18.31
CA PRO D 117 22.65 10.69 -16.92
C PRO D 117 21.47 11.64 -16.99
N VAL D 118 20.50 11.53 -16.09
CA VAL D 118 19.34 12.40 -16.21
C VAL D 118 19.33 13.75 -15.49
N ALA D 119 19.44 14.83 -16.25
CA ALA D 119 19.42 16.20 -15.71
C ALA D 119 19.02 17.15 -16.85
N ILE D 120 18.09 18.09 -16.63
CA ILE D 120 17.76 19.01 -17.73
C ILE D 120 19.16 19.48 -17.99
N PRO D 121 19.55 19.66 -19.25
CA PRO D 121 20.93 20.09 -19.53
C PRO D 121 21.71 21.04 -18.63
N GLU D 122 22.95 20.61 -18.40
CA GLU D 122 23.99 21.28 -17.62
C GLU D 122 24.28 22.52 -18.44
N GLU D 123 23.34 22.71 -19.35
CA GLU D 123 23.21 23.87 -20.19
C GLU D 123 24.29 24.55 -20.98
N ARG D 124 24.40 25.76 -20.49
CA ARG D 124 25.16 26.90 -20.87
C ARG D 124 24.02 27.52 -21.63
N ALA D 125 23.63 26.93 -22.75
CA ALA D 125 22.53 27.51 -23.50
C ALA D 125 21.78 26.51 -24.40
N LEU D 126 20.46 26.69 -24.52
CA LEU D 126 19.64 25.76 -25.30
C LEU D 126 18.44 26.27 -26.13
N VAL D 127 17.80 25.33 -26.82
CA VAL D 127 16.62 25.53 -27.67
C VAL D 127 15.85 24.21 -27.71
N PHE D 128 14.58 24.28 -27.35
CA PHE D 128 13.75 23.09 -27.32
C PHE D 128 12.55 23.19 -28.21
N ASP D 129 12.32 22.12 -28.96
CA ASP D 129 11.15 22.04 -29.78
C ASP D 129 10.28 21.29 -28.79
N VAL D 130 8.96 21.48 -28.81
CA VAL D 130 8.11 20.74 -27.87
C VAL D 130 6.84 20.38 -28.60
N GLU D 131 6.23 19.27 -28.22
CA GLU D 131 5.00 18.83 -28.84
C GLU D 131 4.05 18.28 -27.80
N VAL D 132 2.78 18.17 -28.16
CA VAL D 132 1.81 17.61 -27.23
C VAL D 132 0.70 16.89 -27.96
N CYS D 133 0.08 15.97 -27.23
CA CYS D 133 -0.96 15.13 -27.75
C CYS D 133 -2.30 15.80 -27.90
N LEU D 134 -2.93 15.51 -29.04
CA LEU D 134 -4.27 16.03 -29.37
C LEU D 134 -5.34 15.38 -28.49
N ALA D 135 -5.21 14.06 -28.25
CA ALA D 135 -6.15 13.32 -27.39
C ALA D 135 -6.64 14.40 -26.49
N GLU D 136 -5.67 14.88 -25.75
CA GLU D 136 -5.77 15.96 -24.81
C GLU D 136 -5.03 15.49 -23.57
N GLY D 137 -4.68 16.48 -22.78
CA GLY D 137 -3.83 16.28 -21.64
C GLY D 137 -2.88 17.16 -22.38
N THR D 138 -2.51 18.27 -21.79
CA THR D 138 -1.59 19.16 -22.46
C THR D 138 -0.23 18.69 -21.99
N CYS D 139 -0.26 17.52 -21.38
CA CYS D 139 0.91 16.84 -20.85
C CYS D 139 1.94 16.81 -21.96
N PRO D 140 3.20 17.04 -21.61
CA PRO D 140 4.21 17.05 -22.65
C PRO D 140 4.51 15.69 -23.22
N THR D 141 5.36 15.72 -24.23
CA THR D 141 5.85 14.57 -24.96
C THR D 141 6.67 15.28 -26.00
N LEU D 142 7.96 14.96 -26.05
CA LEU D 142 8.90 15.57 -26.97
C LEU D 142 9.75 16.54 -26.24
N ALA D 143 10.67 17.12 -27.00
CA ALA D 143 11.63 18.07 -26.50
C ALA D 143 12.65 17.82 -27.56
N VAL D 144 13.92 18.06 -27.21
CA VAL D 144 14.99 17.92 -28.18
C VAL D 144 15.95 19.09 -27.78
N ALA D 145 17.25 19.09 -28.12
CA ALA D 145 18.11 20.23 -27.74
C ALA D 145 19.36 20.63 -28.57
N ILE D 146 20.25 21.43 -27.97
CA ILE D 146 21.48 21.94 -28.62
C ILE D 146 22.67 22.25 -27.70
N SER D 147 23.63 21.35 -27.55
CA SER D 147 24.72 21.61 -26.72
C SER D 147 24.37 22.19 -25.39
N PRO D 148 23.85 21.30 -24.43
CA PRO D 148 24.02 19.83 -24.26
C PRO D 148 23.24 18.78 -25.12
N SER D 149 22.05 19.04 -25.68
CA SER D 149 21.30 18.09 -26.57
C SER D 149 19.98 17.56 -26.07
N ALA D 150 19.79 17.63 -24.74
CA ALA D 150 18.60 17.14 -24.04
C ALA D 150 17.80 16.10 -24.80
N TRP D 151 16.46 16.12 -24.66
CA TRP D 151 15.59 15.17 -25.36
C TRP D 151 14.22 14.82 -24.74
N TYR D 152 13.41 14.16 -25.57
CA TYR D 152 12.03 13.67 -25.35
C TYR D 152 11.29 13.64 -23.99
N SER D 153 11.86 12.92 -23.01
CA SER D 153 11.25 12.79 -21.70
C SER D 153 10.21 11.67 -21.69
N TRP D 154 9.95 11.16 -20.49
CA TRP D 154 9.02 10.06 -20.14
C TRP D 154 7.68 9.84 -20.87
N CYS D 155 7.11 10.87 -21.47
CA CYS D 155 5.82 10.72 -22.10
C CYS D 155 5.48 9.51 -22.98
N SER D 156 6.02 9.43 -24.19
CA SER D 156 5.70 8.33 -25.12
C SER D 156 5.33 6.99 -24.50
N GLN D 157 6.15 6.54 -23.57
CA GLN D 157 5.90 5.27 -22.90
C GLN D 157 4.77 5.44 -21.87
N ARG D 158 4.62 6.66 -21.35
CA ARG D 158 3.57 6.95 -20.37
C ARG D 158 2.20 7.11 -21.00
N LEU D 159 2.07 8.04 -21.96
CA LEU D 159 0.79 8.28 -22.63
C LEU D 159 0.10 7.02 -23.18
N VAL D 160 0.73 6.38 -24.15
CA VAL D 160 0.20 5.18 -24.79
C VAL D 160 -0.42 4.15 -23.83
N GLU D 161 0.33 3.82 -22.78
CA GLU D 161 -0.07 2.79 -21.83
C GLU D 161 -1.36 2.90 -21.03
N GLU D 162 -1.58 3.98 -20.30
CA GLU D 162 -2.75 4.02 -19.43
C GLU D 162 -4.23 4.18 -19.77
N ARG D 163 -4.96 3.56 -18.83
CA ARG D 163 -6.41 3.41 -18.63
C ARG D 163 -7.58 3.23 -19.64
N TYR D 164 -7.55 2.16 -20.43
CA TYR D 164 -8.66 1.80 -21.36
C TYR D 164 -9.02 2.35 -22.75
N SER D 165 -8.50 3.51 -23.22
CA SER D 165 -8.85 4.02 -24.58
C SER D 165 -8.79 5.54 -24.69
N TRP D 166 -9.71 6.08 -25.50
CA TRP D 166 -9.82 7.52 -25.76
C TRP D 166 -11.25 8.10 -25.50
N THR D 167 -11.36 9.43 -25.59
CA THR D 167 -12.56 10.24 -25.28
C THR D 167 -13.04 9.88 -23.88
N SER D 168 -14.23 10.34 -23.51
CA SER D 168 -14.77 10.08 -22.19
C SER D 168 -13.88 10.77 -21.18
N GLN D 169 -13.14 9.95 -20.45
CA GLN D 169 -12.30 10.41 -19.40
C GLN D 169 -11.01 11.12 -19.61
N LEU D 170 -10.69 11.73 -18.48
CA LEU D 170 -9.46 12.44 -18.28
C LEU D 170 -8.76 11.36 -17.51
N SER D 171 -9.05 10.09 -17.82
CA SER D 171 -8.39 9.01 -17.09
C SER D 171 -6.91 9.26 -17.31
N PRO D 172 -6.48 9.60 -18.54
CA PRO D 172 -5.06 9.86 -18.69
C PRO D 172 -4.84 11.32 -18.27
N ALA D 173 -5.87 11.92 -17.68
CA ALA D 173 -5.72 13.29 -17.26
C ALA D 173 -5.84 13.41 -15.73
N ASP D 174 -5.28 12.40 -15.07
CA ASP D 174 -5.16 12.33 -13.62
C ASP D 174 -3.81 13.01 -13.70
N LEU D 175 -3.10 12.63 -14.76
CA LEU D 175 -1.80 13.18 -15.09
C LEU D 175 -1.90 14.60 -15.68
N ILE D 176 -3.03 14.95 -16.31
CA ILE D 176 -3.15 16.30 -16.87
C ILE D 176 -3.30 17.38 -15.82
N PRO D 177 -4.29 17.23 -14.93
CA PRO D 177 -4.30 18.33 -14.02
C PRO D 177 -3.05 18.15 -13.19
N LEU D 178 -2.87 19.04 -12.24
CA LEU D 178 -1.76 19.05 -11.36
C LEU D 178 -0.47 18.91 -12.14
N GLU D 179 0.53 18.38 -11.52
CA GLU D 179 1.70 18.19 -12.15
C GLU D 179 2.94 18.80 -11.70
N VAL D 180 3.39 18.49 -12.91
CA VAL D 180 4.63 18.45 -13.61
C VAL D 180 5.99 17.94 -13.19
N PRO D 181 6.36 16.83 -13.87
CA PRO D 181 7.70 16.22 -13.73
C PRO D 181 8.65 17.18 -14.44
N THR D 182 8.12 17.78 -15.50
CA THR D 182 8.88 18.71 -16.28
C THR D 182 8.96 20.06 -15.52
N GLY D 183 7.87 20.53 -14.92
CA GLY D 183 7.91 21.77 -14.17
C GLY D 183 8.29 22.92 -15.10
N ALA D 184 7.82 22.85 -16.33
CA ALA D 184 8.15 23.83 -17.37
C ALA D 184 9.30 23.17 -18.03
N SER D 185 9.61 22.01 -17.46
CA SER D 185 10.74 21.17 -17.85
C SER D 185 11.84 21.28 -16.84
N SER D 186 11.72 22.26 -15.93
CA SER D 186 12.73 22.46 -14.86
C SER D 186 11.95 22.90 -13.58
N PRO D 187 11.74 24.26 -13.38
CA PRO D 187 11.87 25.42 -14.28
C PRO D 187 13.30 25.95 -14.62
N THR D 188 14.27 25.89 -13.72
CA THR D 188 15.55 26.46 -14.11
C THR D 188 16.87 25.70 -14.16
N GLN D 189 16.85 24.41 -14.43
CA GLN D 189 18.12 23.70 -14.62
C GLN D 189 19.31 24.16 -13.78
N ARG D 190 19.25 23.93 -12.48
CA ARG D 190 20.29 24.33 -11.54
C ARG D 190 20.06 25.73 -11.02
N ASP D 191 19.73 26.64 -11.92
CA ASP D 191 19.47 28.05 -11.64
C ASP D 191 20.76 28.83 -11.34
N TRP D 192 21.92 28.36 -11.81
CA TRP D 192 23.13 29.08 -11.48
C TRP D 192 23.95 29.78 -12.57
N GLN D 193 24.29 31.04 -12.27
CA GLN D 193 25.07 31.91 -13.13
C GLN D 193 24.35 32.32 -14.39
N GLU D 194 25.06 32.27 -15.49
CA GLU D 194 24.48 32.62 -16.76
C GLU D 194 23.37 31.64 -17.09
N GLN D 195 22.22 32.18 -17.47
CA GLN D 195 21.06 31.38 -17.86
C GLN D 195 20.88 31.56 -19.34
N LEU D 196 20.70 30.49 -20.11
CA LEU D 196 20.52 30.72 -21.54
C LEU D 196 19.17 31.28 -21.87
N VAL D 197 19.17 32.10 -22.91
CA VAL D 197 17.95 32.65 -23.43
C VAL D 197 17.71 31.67 -24.53
N VAL D 198 16.98 30.63 -24.21
CA VAL D 198 16.67 29.58 -25.17
C VAL D 198 16.17 30.24 -26.48
N GLY D 199 16.15 29.51 -27.57
CA GLY D 199 15.70 30.08 -28.84
C GLY D 199 14.40 29.37 -29.17
N HIS D 200 13.40 29.70 -28.37
CA HIS D 200 12.06 29.12 -28.38
C HIS D 200 11.04 29.67 -29.32
N ASN D 201 10.25 28.75 -29.88
CA ASN D 201 9.22 29.10 -30.83
C ASN D 201 7.84 29.54 -30.42
N VAL D 202 7.55 30.77 -30.83
CA VAL D 202 6.26 31.40 -30.64
C VAL D 202 5.64 31.15 -29.32
N SER D 203 4.49 30.56 -29.51
CA SER D 203 3.59 30.12 -28.53
C SER D 203 4.47 28.97 -28.11
N PHE D 204 4.27 28.44 -26.93
CA PHE D 204 5.09 27.32 -26.56
C PHE D 204 6.52 27.77 -26.36
N ASP D 205 6.62 29.09 -26.23
CA ASP D 205 7.82 29.80 -25.83
C ASP D 205 7.01 30.17 -24.62
N ARG D 206 5.71 30.11 -24.87
CA ARG D 206 4.70 30.29 -23.87
C ARG D 206 5.18 29.16 -23.01
N ALA D 207 5.15 27.99 -23.65
CA ALA D 207 5.54 26.71 -23.06
C ALA D 207 6.77 26.90 -22.25
N HIS D 208 7.82 27.34 -22.94
CA HIS D 208 9.07 27.59 -22.27
C HIS D 208 8.75 28.54 -21.09
N ILE D 209 8.19 29.71 -21.43
CA ILE D 209 7.82 30.74 -20.45
C ILE D 209 6.97 30.20 -19.30
N ARG D 210 5.72 29.98 -19.62
CA ARG D 210 4.67 29.52 -18.72
C ARG D 210 4.64 28.52 -17.54
N GLU D 211 5.43 27.44 -17.45
CA GLU D 211 5.29 26.68 -16.18
C GLU D 211 6.47 27.15 -15.24
N GLN D 212 7.55 27.75 -15.79
CA GLN D 212 8.73 28.24 -15.01
C GLN D 212 8.47 29.59 -14.39
N TYR D 213 7.44 30.23 -14.92
CA TYR D 213 7.00 31.54 -14.49
C TYR D 213 5.83 31.35 -13.54
N LEU D 214 5.44 30.10 -13.33
CA LEU D 214 4.36 29.77 -12.42
C LEU D 214 4.95 29.72 -10.99
N ILE D 215 5.89 28.80 -10.73
CA ILE D 215 6.53 28.72 -9.42
C ILE D 215 6.99 30.15 -9.24
N GLN D 216 7.50 30.66 -10.36
CA GLN D 216 8.03 32.00 -10.52
C GLN D 216 9.20 32.38 -9.65
N GLY D 217 10.34 31.96 -10.15
CA GLY D 217 11.63 32.23 -9.56
C GLY D 217 12.39 31.99 -10.84
N SER D 218 13.69 32.29 -10.89
CA SER D 218 14.48 32.08 -12.11
C SER D 218 14.51 33.26 -13.05
N ARG D 219 15.70 33.48 -13.63
CA ARG D 219 15.94 34.59 -14.54
C ARG D 219 15.93 34.25 -16.03
N MET D 220 15.28 33.15 -16.38
CA MET D 220 15.21 32.72 -17.77
C MET D 220 14.19 33.57 -18.56
N ARG D 221 14.53 34.02 -19.78
CA ARG D 221 13.63 34.84 -20.65
C ARG D 221 13.52 34.29 -22.11
N PHE D 222 12.30 34.08 -22.58
CA PHE D 222 12.06 33.44 -23.90
C PHE D 222 11.80 34.12 -25.23
N LEU D 223 12.75 34.88 -25.78
CA LEU D 223 12.43 35.52 -27.04
C LEU D 223 11.87 34.56 -28.07
N ASP D 224 10.54 34.60 -28.05
CA ASP D 224 9.65 33.83 -28.88
C ASP D 224 10.05 33.93 -30.36
N THR D 225 9.90 32.81 -31.04
CA THR D 225 10.30 32.72 -32.42
C THR D 225 9.56 33.55 -33.41
N MET D 226 8.25 33.37 -33.47
CA MET D 226 7.47 34.17 -34.39
C MET D 226 7.80 35.54 -33.85
N SER D 227 7.76 35.64 -32.52
CA SER D 227 8.05 36.89 -31.84
C SER D 227 9.17 37.63 -32.51
N MET D 228 10.35 37.05 -32.44
CA MET D 228 11.48 37.69 -33.07
C MET D 228 11.19 37.83 -34.56
N HIS D 229 10.60 36.78 -35.11
CA HIS D 229 10.27 36.70 -36.51
C HIS D 229 9.22 37.57 -37.17
N MET D 230 7.97 37.40 -36.79
CA MET D 230 6.91 38.20 -37.41
C MET D 230 7.14 39.71 -37.27
N ALA D 231 7.49 40.15 -36.07
CA ALA D 231 7.72 41.56 -35.81
C ALA D 231 8.64 42.23 -36.83
N ILE D 232 9.87 41.75 -36.92
CA ILE D 232 10.85 42.34 -37.83
C ILE D 232 10.46 42.44 -39.29
N SER D 233 9.86 41.38 -39.79
CA SER D 233 9.47 41.28 -41.18
C SER D 233 8.07 41.84 -41.33
N GLY D 234 7.25 41.50 -40.35
CA GLY D 234 5.88 41.94 -40.28
C GLY D 234 5.20 42.63 -41.44
N LEU D 235 4.14 41.99 -41.93
CA LEU D 235 3.31 42.51 -43.03
C LEU D 235 2.02 42.98 -42.36
N SER D 236 1.25 43.81 -43.03
CA SER D 236 0.01 44.29 -42.44
C SER D 236 -1.11 43.29 -42.65
N SER D 237 -2.10 43.36 -41.78
CA SER D 237 -3.24 42.45 -41.81
C SER D 237 -3.80 42.20 -43.20
N PHE D 238 -4.58 43.15 -43.70
CA PHE D 238 -5.13 42.98 -45.03
C PHE D 238 -4.00 42.72 -45.98
N GLN D 239 -3.00 43.57 -45.91
CA GLN D 239 -1.83 43.43 -46.74
C GLN D 239 -1.51 41.97 -46.90
N ARG D 240 -1.12 41.34 -45.80
CA ARG D 240 -0.77 39.95 -45.91
C ARG D 240 -1.97 39.14 -46.35
N SER D 241 -3.12 39.33 -45.73
CA SER D 241 -4.25 38.54 -46.17
C SER D 241 -4.32 38.51 -47.70
N LEU D 242 -4.14 39.67 -48.33
CA LEU D 242 -4.18 39.72 -49.79
C LEU D 242 -2.88 39.18 -50.26
N TRP D 243 -1.83 39.70 -49.64
CA TRP D 243 -0.48 39.29 -49.96
C TRP D 243 -0.43 37.78 -49.95
N ILE D 244 -0.76 37.15 -48.83
CA ILE D 244 -0.71 35.70 -48.72
C ILE D 244 -1.31 34.97 -49.92
N ALA D 245 -2.58 35.26 -50.25
CA ALA D 245 -3.27 34.60 -51.36
C ALA D 245 -2.41 34.51 -52.63
N ALA D 246 -2.08 35.67 -53.18
CA ALA D 246 -1.26 35.79 -54.39
C ALA D 246 0.13 35.13 -54.26
N LYS D 247 0.75 35.34 -53.10
CA LYS D 247 2.10 34.83 -52.81
C LYS D 247 2.33 33.33 -52.77
N GLN D 248 1.51 32.58 -52.04
CA GLN D 248 1.72 31.14 -51.94
C GLN D 248 0.84 30.24 -52.79
N GLY D 249 0.38 30.74 -53.93
CA GLY D 249 -0.46 29.92 -54.79
C GLY D 249 -1.40 30.71 -55.67
N TRP D 276 2.96 44.88 -57.98
CA TRP D 276 3.56 43.81 -57.15
C TRP D 276 4.67 44.36 -56.26
N ASP D 277 4.36 45.24 -55.33
CA ASP D 277 5.46 45.71 -54.53
C ASP D 277 5.72 44.73 -53.51
N TRP D 278 6.37 44.90 -52.37
CA TRP D 278 6.48 43.55 -51.95
C TRP D 278 6.29 42.61 -50.82
N LEU D 279 6.70 41.41 -51.27
CA LEU D 279 6.60 40.13 -50.61
C LEU D 279 7.87 39.43 -50.15
N ASP D 280 8.26 39.76 -48.94
CA ASP D 280 9.39 39.14 -48.30
C ASP D 280 8.65 38.40 -47.21
N ILE D 281 7.91 37.43 -47.73
CA ILE D 281 7.07 36.53 -46.98
C ILE D 281 7.63 36.53 -45.61
N SER D 282 7.13 37.48 -44.86
CA SER D 282 7.51 37.69 -43.54
C SER D 282 6.23 37.14 -43.22
N SER D 283 5.61 36.28 -44.20
CA SER D 283 4.22 35.40 -44.01
C SER D 283 4.13 34.39 -42.59
N VAL D 284 3.03 33.85 -42.19
CA VAL D 284 3.02 33.22 -40.96
C VAL D 284 3.63 31.85 -40.70
N ASN D 285 3.50 31.54 -39.41
CA ASN D 285 3.83 30.31 -38.68
C ASN D 285 5.10 29.47 -38.74
N SER D 288 6.27 30.12 -38.85
CA SER D 288 7.57 29.44 -38.79
C SER D 288 8.05 28.53 -39.92
N LEU D 289 7.33 28.49 -41.02
CA LEU D 289 7.79 27.68 -42.14
C LEU D 289 8.03 28.63 -43.27
N ALA D 290 7.31 29.74 -43.29
CA ALA D 290 7.56 30.61 -44.44
C ALA D 290 8.19 31.83 -43.95
N GLU D 291 8.15 32.13 -42.66
CA GLU D 291 8.71 33.46 -42.60
C GLU D 291 10.26 33.30 -43.02
N VAL D 292 10.62 32.01 -43.24
CA VAL D 292 11.96 31.64 -43.67
C VAL D 292 12.11 31.58 -45.19
N HIS D 293 10.97 31.21 -45.90
CA HIS D 293 11.09 31.19 -47.40
C HIS D 293 11.92 32.53 -47.31
N ARG D 294 11.36 33.52 -46.56
CA ARG D 294 11.94 34.86 -46.37
C ARG D 294 13.44 34.98 -46.07
N LEU D 295 13.90 34.53 -44.91
CA LEU D 295 15.31 34.80 -44.71
C LEU D 295 16.37 33.87 -45.14
N TYR D 296 16.05 32.58 -45.18
CA TYR D 296 17.01 31.54 -45.55
C TYR D 296 16.72 30.86 -46.87
N VAL D 297 15.49 30.37 -47.01
CA VAL D 297 15.06 29.79 -48.29
C VAL D 297 15.19 28.30 -48.75
N GLY D 298 15.75 27.43 -47.90
CA GLY D 298 15.91 26.03 -48.30
C GLY D 298 15.74 24.93 -47.24
N GLY D 299 14.91 23.93 -47.60
CA GLY D 299 14.59 22.77 -46.76
C GLY D 299 13.66 22.99 -45.54
N PRO D 300 13.04 24.14 -45.44
CA PRO D 300 12.12 24.51 -44.37
C PRO D 300 10.75 23.87 -44.37
N PRO D 301 10.15 23.50 -45.49
CA PRO D 301 8.81 22.90 -45.38
C PRO D 301 8.68 21.66 -46.27
N LEU D 302 8.04 20.66 -45.63
CA LEU D 302 8.03 20.62 -44.20
C LEU D 302 8.61 19.35 -43.67
N GLU D 303 9.88 19.33 -43.31
CA GLU D 303 10.34 18.06 -42.76
C GLU D 303 9.39 17.89 -41.58
N LYS D 304 8.48 16.94 -41.76
CA LYS D 304 7.43 16.61 -40.80
C LYS D 304 6.27 17.52 -41.27
N GLU D 305 5.24 17.70 -40.44
CA GLU D 305 4.13 18.60 -40.77
C GLU D 305 2.84 18.09 -41.47
N PRO D 306 2.94 17.16 -42.47
CA PRO D 306 1.71 16.63 -43.15
C PRO D 306 1.32 15.31 -42.47
N ARG D 307 2.22 14.97 -41.55
CA ARG D 307 2.22 13.77 -40.73
C ARG D 307 1.44 14.01 -39.45
N GLU D 308 2.10 14.70 -38.51
CA GLU D 308 1.53 15.02 -37.20
C GLU D 308 0.15 15.67 -37.37
N LEU D 309 0.01 16.68 -38.24
CA LEU D 309 -1.32 17.26 -38.44
C LEU D 309 -2.27 16.04 -38.65
N PHE D 310 -1.89 15.20 -39.62
CA PHE D 310 -2.59 13.97 -40.02
C PHE D 310 -2.22 12.93 -38.96
N VAL D 311 -1.63 13.39 -37.85
CA VAL D 311 -1.22 12.49 -36.77
C VAL D 311 -0.72 13.08 -35.43
N LYS D 312 -1.13 14.31 -35.05
CA LYS D 312 -0.71 14.91 -33.77
C LYS D 312 -1.80 14.75 -32.74
N GLY D 313 -1.48 13.97 -31.72
CA GLY D 313 -2.45 13.68 -30.69
C GLY D 313 -2.39 12.19 -30.64
N THR D 314 -3.51 11.53 -30.44
CA THR D 314 -3.54 10.06 -30.38
C THR D 314 -2.66 9.48 -29.27
N MET D 315 -2.38 8.18 -29.36
CA MET D 315 -1.55 7.47 -28.37
C MET D 315 -0.75 6.29 -28.95
N LYS D 316 -1.51 5.25 -29.29
CA LYS D 316 -0.99 3.98 -29.80
C LYS D 316 -0.17 3.96 -31.09
N ASP D 317 -0.63 4.63 -32.15
CA ASP D 317 0.14 4.59 -33.39
C ASP D 317 1.21 5.67 -33.43
N ILE D 318 0.95 6.78 -32.74
CA ILE D 318 1.91 7.86 -32.71
C ILE D 318 3.24 7.23 -32.33
N ARG D 319 3.20 6.24 -31.44
CA ARG D 319 4.42 5.60 -30.99
C ARG D 319 5.26 4.91 -32.07
N GLU D 320 4.76 3.90 -32.77
CA GLU D 320 5.64 3.33 -33.80
C GLU D 320 6.02 4.50 -34.72
N ASN D 321 5.13 5.48 -34.81
CA ASN D 321 5.34 6.67 -35.62
C ASN D 321 6.42 7.54 -35.00
N PHE D 322 6.71 7.32 -33.71
CA PHE D 322 7.73 8.12 -33.02
C PHE D 322 9.15 7.78 -33.38
N GLN D 323 9.36 6.51 -33.69
CA GLN D 323 10.70 6.04 -34.00
C GLN D 323 11.32 6.63 -35.25
N ASP D 324 10.48 7.15 -36.14
CA ASP D 324 10.98 7.73 -37.40
C ASP D 324 10.62 9.19 -37.55
N LEU D 325 9.47 9.38 -38.17
CA LEU D 325 8.87 10.67 -38.45
C LEU D 325 9.20 11.80 -37.47
N MET D 326 9.35 11.42 -36.21
CA MET D 326 9.60 12.36 -35.13
C MET D 326 10.97 13.02 -35.12
N GLN D 327 12.01 12.23 -35.38
CA GLN D 327 13.35 12.77 -35.47
C GLN D 327 13.23 13.90 -36.51
N TYR D 328 12.33 13.66 -37.47
CA TYR D 328 12.05 14.62 -38.52
C TYR D 328 11.62 15.93 -37.84
N CYS D 329 10.47 15.87 -37.17
CA CYS D 329 9.89 16.98 -36.44
C CYS D 329 10.99 17.72 -35.71
N ALA D 330 11.49 17.04 -34.69
CA ALA D 330 12.54 17.56 -33.84
C ALA D 330 13.62 18.28 -34.62
N GLN D 331 14.22 17.60 -35.58
CA GLN D 331 15.33 18.18 -36.34
C GLN D 331 14.98 19.42 -37.11
N ASP D 332 13.92 19.38 -37.90
CA ASP D 332 13.56 20.55 -38.66
C ASP D 332 13.20 21.73 -37.74
N VAL D 333 12.49 21.42 -36.65
CA VAL D 333 12.06 22.42 -35.67
C VAL D 333 13.20 23.31 -35.21
N TRP D 334 14.43 22.82 -35.31
CA TRP D 334 15.56 23.64 -34.88
C TRP D 334 16.18 24.36 -36.03
N ALA D 335 16.09 23.73 -37.20
CA ALA D 335 16.63 24.31 -38.42
C ALA D 335 15.94 25.64 -38.33
N THR D 336 14.62 25.61 -38.15
CA THR D 336 13.85 26.86 -38.03
C THR D 336 14.44 27.80 -36.96
N HIS D 337 14.86 27.28 -35.81
CA HIS D 337 15.43 28.14 -34.77
C HIS D 337 16.60 28.90 -35.33
N GLU D 338 17.56 28.16 -35.85
CA GLU D 338 18.69 28.80 -36.48
C GLU D 338 18.17 29.79 -37.55
N VAL D 339 17.67 29.26 -38.68
CA VAL D 339 17.23 30.10 -39.80
C VAL D 339 16.67 31.35 -39.23
N PHE D 340 15.64 31.17 -38.41
CA PHE D 340 15.04 32.32 -37.82
C PHE D 340 16.07 32.99 -36.94
N GLN D 341 16.44 32.35 -35.84
CA GLN D 341 17.35 32.98 -34.92
C GLN D 341 18.61 33.64 -35.44
N GLN D 342 19.56 32.82 -35.88
CA GLN D 342 20.82 33.34 -36.38
C GLN D 342 20.63 34.41 -37.44
N GLN D 343 19.69 34.21 -38.36
CA GLN D 343 19.51 35.22 -39.37
C GLN D 343 18.97 36.50 -38.75
N LEU D 344 17.80 36.46 -38.14
CA LEU D 344 17.19 37.65 -37.55
C LEU D 344 17.74 38.41 -36.31
N PRO D 345 18.81 37.94 -35.67
CA PRO D 345 19.15 38.77 -34.51
C PRO D 345 19.63 40.14 -34.95
N LEU D 346 20.51 40.10 -35.94
CA LEU D 346 21.17 41.27 -36.51
C LEU D 346 20.26 42.16 -37.33
N PHE D 347 19.48 41.54 -38.22
CA PHE D 347 18.55 42.28 -39.03
C PHE D 347 17.55 42.82 -38.00
N LEU D 348 17.53 42.21 -36.80
CA LEU D 348 16.63 42.61 -35.68
C LEU D 348 17.17 43.82 -34.94
N GLU D 349 18.43 43.75 -34.54
CA GLU D 349 19.04 44.86 -33.88
C GLU D 349 19.31 45.80 -35.02
N ARG D 350 18.63 45.57 -36.14
CA ARG D 350 18.78 46.44 -37.28
C ARG D 350 17.83 47.57 -36.95
N CYS D 351 17.48 47.66 -35.65
CA CYS D 351 16.61 48.70 -35.08
C CYS D 351 16.89 49.00 -33.57
N PRO D 352 18.20 49.17 -33.24
CA PRO D 352 19.07 49.45 -32.10
C PRO D 352 18.52 49.78 -30.75
N HIS D 353 18.12 48.82 -29.95
CA HIS D 353 17.63 49.24 -28.65
C HIS D 353 17.90 48.42 -27.42
N PRO D 354 17.89 49.09 -26.25
CA PRO D 354 18.12 48.39 -24.98
C PRO D 354 16.77 48.21 -24.33
N VAL D 355 15.98 49.26 -24.41
CA VAL D 355 14.66 49.29 -23.82
C VAL D 355 13.67 48.34 -24.48
N THR D 356 13.69 48.33 -25.80
CA THR D 356 12.77 47.49 -26.56
C THR D 356 13.11 46.02 -26.39
N LEU D 357 14.30 45.68 -26.83
CA LEU D 357 14.77 44.32 -26.76
C LEU D 357 14.77 43.81 -25.32
N ALA D 358 15.39 44.57 -24.41
CA ALA D 358 15.46 44.21 -22.99
C ALA D 358 14.06 44.23 -22.37
N GLY D 359 13.17 45.05 -22.92
CA GLY D 359 11.83 45.13 -22.37
C GLY D 359 10.92 44.00 -22.80
N MET D 360 11.09 43.51 -24.03
CA MET D 360 10.23 42.46 -24.59
C MET D 360 10.27 41.13 -23.90
N LEU D 361 11.45 40.69 -23.50
CA LEU D 361 11.60 39.40 -22.81
C LEU D 361 10.62 39.32 -21.64
N GLU D 362 10.26 40.48 -21.11
CA GLU D 362 9.35 40.55 -20.00
C GLU D 362 7.90 40.45 -20.43
N MET D 363 7.58 40.99 -21.61
CA MET D 363 6.21 40.93 -22.14
C MET D 363 5.88 39.48 -22.47
N GLY D 364 6.87 38.63 -22.29
CA GLY D 364 6.70 37.20 -22.52
C GLY D 364 6.69 36.47 -21.18
N VAL D 365 7.38 37.04 -20.19
CA VAL D 365 7.49 36.47 -18.84
C VAL D 365 6.14 36.36 -18.19
N SER D 366 5.29 37.31 -18.53
CA SER D 366 3.93 37.38 -18.02
C SER D 366 3.48 36.10 -17.29
N TYR D 367 2.91 36.28 -16.11
CA TYR D 367 2.45 35.18 -15.28
C TYR D 367 0.93 35.33 -15.06
N LEU D 368 0.38 34.53 -14.15
CA LEU D 368 -1.04 34.50 -13.76
C LEU D 368 -1.26 33.30 -12.81
N PRO D 369 -1.81 33.54 -11.60
CA PRO D 369 -2.07 32.53 -10.56
C PRO D 369 -3.49 32.01 -10.31
N VAL D 370 -3.71 30.69 -10.40
CA VAL D 370 -5.02 30.11 -10.14
C VAL D 370 -5.13 29.63 -8.70
N ASN D 371 -6.37 29.47 -8.23
CA ASN D 371 -6.68 29.03 -6.89
C ASN D 371 -7.99 28.30 -6.98
N GLN D 372 -8.31 27.56 -5.94
CA GLN D 372 -9.53 26.80 -5.94
C GLN D 372 -10.79 27.62 -6.26
N ASN D 373 -10.94 28.79 -5.63
CA ASN D 373 -12.13 29.64 -5.89
C ASN D 373 -12.21 29.67 -7.40
N TRP D 374 -11.02 29.63 -7.97
CA TRP D 374 -10.81 29.72 -9.39
C TRP D 374 -11.20 28.52 -10.20
N GLU D 375 -10.99 27.34 -9.67
CA GLU D 375 -11.32 26.19 -10.48
C GLU D 375 -12.81 25.94 -10.72
N ARG D 376 -13.64 26.15 -9.70
CA ARG D 376 -15.07 25.91 -9.90
C ARG D 376 -15.68 26.84 -10.91
N TYR D 377 -15.35 28.12 -10.83
CA TYR D 377 -15.90 29.07 -11.77
C TYR D 377 -15.57 28.71 -13.19
N LEU D 378 -14.35 28.24 -13.40
CA LEU D 378 -13.94 27.85 -14.74
C LEU D 378 -15.00 26.85 -15.14
N ALA D 379 -15.55 26.16 -14.15
CA ALA D 379 -16.59 25.17 -14.36
C ALA D 379 -18.06 25.67 -14.23
N GLU D 380 -18.41 26.45 -13.20
CA GLU D 380 -19.80 26.89 -13.03
C GLU D 380 -20.36 27.59 -14.26
N ALA D 381 -19.48 28.27 -15.01
CA ALA D 381 -19.86 29.00 -16.23
C ALA D 381 -20.33 28.10 -17.37
N GLN D 382 -19.93 26.84 -17.35
CA GLN D 382 -20.37 25.92 -18.39
C GLN D 382 -21.82 25.62 -18.09
N GLY D 383 -22.06 25.15 -16.86
CA GLY D 383 -23.41 24.78 -16.44
C GLY D 383 -24.53 25.73 -16.79
N THR D 384 -24.26 27.03 -16.67
CA THR D 384 -25.25 28.06 -16.93
C THR D 384 -25.62 28.33 -18.39
N TYR D 385 -24.64 28.56 -19.26
CA TYR D 385 -24.99 28.82 -20.66
C TYR D 385 -25.85 27.69 -21.15
N GLU D 386 -25.58 26.51 -20.62
CA GLU D 386 -26.39 25.40 -21.00
C GLU D 386 -27.75 25.86 -20.50
N GLU D 387 -27.92 26.06 -19.19
CA GLU D 387 -29.21 26.52 -18.68
C GLU D 387 -29.89 27.47 -19.66
N LEU D 388 -29.14 28.45 -20.13
CA LEU D 388 -29.68 29.41 -21.10
C LEU D 388 -29.98 28.71 -22.40
N GLN D 389 -29.08 27.82 -22.79
CA GLN D 389 -29.24 27.04 -24.00
C GLN D 389 -30.32 25.97 -23.77
N ARG D 390 -30.74 25.77 -22.51
CA ARG D 390 -31.77 24.75 -22.19
C ARG D 390 -33.14 25.30 -21.87
N GLU D 391 -33.22 26.61 -21.60
CA GLU D 391 -34.50 27.24 -21.32
C GLU D 391 -35.01 27.84 -22.65
N MET D 392 -34.08 28.45 -23.37
CA MET D 392 -34.29 29.08 -24.67
C MET D 392 -35.17 28.22 -25.58
N LYS D 393 -34.73 27.01 -25.82
CA LYS D 393 -35.46 26.07 -26.64
C LYS D 393 -36.86 25.82 -26.14
N LYS D 394 -37.05 25.50 -24.87
CA LYS D 394 -38.43 25.25 -24.50
C LYS D 394 -39.18 26.40 -25.07
N SER D 395 -38.73 27.61 -24.75
CA SER D 395 -39.39 28.81 -25.23
C SER D 395 -39.58 28.72 -26.72
N LEU D 396 -38.54 28.30 -27.40
CA LEU D 396 -38.64 28.23 -28.82
C LEU D 396 -39.63 27.16 -29.21
N MET D 397 -39.46 25.97 -28.68
CA MET D 397 -40.39 24.90 -28.98
C MET D 397 -41.85 25.33 -28.84
N ASP D 398 -42.13 26.06 -27.76
CA ASP D 398 -43.46 26.52 -27.49
C ASP D 398 -43.97 27.55 -28.48
N LEU D 399 -43.19 28.56 -28.87
CA LEU D 399 -43.72 29.51 -29.85
C LEU D 399 -44.06 28.67 -31.06
N ALA D 400 -43.30 27.58 -31.23
CA ALA D 400 -43.44 26.64 -32.33
C ALA D 400 -44.67 25.77 -32.24
N ASN D 401 -44.66 24.84 -31.31
CA ASN D 401 -45.82 23.99 -31.19
C ASN D 401 -47.08 24.84 -31.00
N ASP D 402 -47.01 25.82 -30.11
CA ASP D 402 -48.13 26.72 -29.85
C ASP D 402 -48.71 27.25 -31.16
N ALA D 403 -48.00 28.25 -31.69
CA ALA D 403 -48.31 28.96 -32.94
C ALA D 403 -48.78 28.14 -34.15
N CYS D 404 -47.81 27.52 -34.82
CA CYS D 404 -48.09 26.73 -36.01
C CYS D 404 -49.37 25.94 -35.84
N GLN D 405 -49.39 25.14 -34.78
CA GLN D 405 -50.48 24.26 -34.56
C GLN D 405 -51.88 24.77 -34.24
N LEU D 406 -52.08 25.46 -33.13
CA LEU D 406 -53.44 25.92 -32.81
C LEU D 406 -54.27 26.25 -34.06
N LEU D 407 -53.65 26.93 -35.00
CA LEU D 407 -54.31 27.29 -36.24
C LEU D 407 -54.53 26.03 -37.06
N SER D 408 -55.60 25.94 -37.83
CA SER D 408 -55.81 24.77 -38.66
C SER D 408 -56.17 25.24 -40.06
N GLY D 409 -55.54 24.64 -41.08
CA GLY D 409 -55.83 25.04 -42.45
C GLY D 409 -55.21 24.24 -43.59
N GLU D 410 -55.78 24.39 -44.79
CA GLU D 410 -55.35 23.71 -46.03
C GLU D 410 -55.70 22.21 -46.10
N ARG D 411 -54.70 21.36 -46.39
CA ARG D 411 -54.87 19.89 -46.49
C ARG D 411 -53.92 19.15 -45.52
N TYR D 412 -54.41 18.11 -44.85
CA TYR D 412 -53.58 17.43 -43.85
C TYR D 412 -52.31 16.70 -44.28
N LYS D 413 -51.37 16.59 -43.32
CA LYS D 413 -50.06 15.95 -43.47
C LYS D 413 -49.12 16.86 -44.24
N GLU D 414 -49.73 17.81 -44.93
CA GLU D 414 -49.01 18.76 -45.76
C GLU D 414 -49.34 20.13 -45.21
N ASP D 415 -48.67 21.17 -45.73
CA ASP D 415 -48.84 22.57 -45.36
C ASP D 415 -47.83 22.93 -44.26
N PRO D 416 -48.04 24.02 -43.48
CA PRO D 416 -46.99 24.24 -42.49
C PRO D 416 -46.75 23.05 -41.53
N TRP D 417 -47.77 22.23 -41.25
CA TRP D 417 -47.58 21.06 -40.36
C TRP D 417 -46.29 20.34 -40.78
N LEU D 418 -46.09 20.24 -42.08
CA LEU D 418 -44.91 19.61 -42.64
C LEU D 418 -43.75 20.23 -41.88
N TRP D 419 -43.92 21.50 -41.54
CA TRP D 419 -42.94 22.27 -40.79
C TRP D 419 -42.72 21.63 -39.47
N ASP D 420 -43.80 21.58 -38.70
CA ASP D 420 -43.77 21.01 -37.36
C ASP D 420 -43.03 19.70 -37.45
N LEU D 421 -43.42 18.88 -38.40
CA LEU D 421 -42.82 17.56 -38.56
C LEU D 421 -41.32 17.49 -38.90
N GLU D 422 -40.88 18.19 -39.94
CA GLU D 422 -39.46 18.15 -40.33
C GLU D 422 -38.59 18.42 -39.10
N TRP D 423 -39.05 19.38 -38.33
CA TRP D 423 -38.35 19.79 -37.15
C TRP D 423 -38.36 18.76 -36.02
N ASP D 424 -39.54 18.25 -35.70
CA ASP D 424 -39.75 17.32 -34.59
C ASP D 424 -39.28 15.88 -34.65
N LEU D 425 -38.92 15.38 -35.83
CA LEU D 425 -38.52 13.99 -35.98
C LEU D 425 -38.15 13.31 -34.66
N GLN D 426 -38.57 12.06 -34.51
CA GLN D 426 -38.33 11.30 -33.30
C GLN D 426 -38.82 9.87 -33.50
N GLU D 427 -38.27 8.93 -32.73
CA GLU D 427 -38.65 7.52 -32.74
C GLU D 427 -38.43 6.74 -34.02
N PHE D 428 -37.45 7.13 -34.82
CA PHE D 428 -37.18 6.41 -36.06
C PHE D 428 -36.27 5.24 -35.76
N LYS D 429 -36.09 4.37 -36.75
CA LYS D 429 -35.27 3.18 -36.57
C LYS D 429 -34.59 2.63 -37.82
N GLN D 430 -34.66 3.33 -38.95
CA GLN D 430 -34.03 2.82 -40.18
C GLN D 430 -32.52 2.55 -40.00
N LYS D 431 -31.95 3.09 -38.93
CA LYS D 431 -30.55 2.83 -38.56
C LYS D 431 -29.34 3.46 -39.22
N LYS D 432 -28.22 2.95 -38.75
CA LYS D 432 -26.87 3.30 -39.13
C LYS D 432 -26.12 2.01 -38.83
N ALA D 433 -26.80 0.92 -39.13
CA ALA D 433 -26.31 -0.45 -38.93
C ALA D 433 -24.79 -0.65 -38.80
N LYS D 434 -24.37 -1.15 -37.63
CA LYS D 434 -22.98 -1.44 -37.34
C LYS D 434 -22.88 -2.92 -36.89
N LYS D 435 -23.68 -3.32 -35.92
CA LYS D 435 -23.70 -4.67 -35.48
C LYS D 435 -24.24 -5.37 -36.72
N VAL D 436 -23.66 -6.53 -37.05
CA VAL D 436 -24.24 -7.37 -38.21
C VAL D 436 -25.07 -8.41 -37.57
N LYS D 437 -25.91 -9.04 -38.35
CA LYS D 437 -26.74 -10.23 -38.09
C LYS D 437 -26.10 -11.13 -37.11
N LYS D 438 -25.21 -10.54 -36.36
CA LYS D 438 -24.41 -11.23 -35.39
C LYS D 438 -24.29 -10.28 -34.26
N GLU D 439 -24.74 -10.73 -33.11
CA GLU D 439 -24.66 -9.90 -31.97
C GLU D 439 -25.13 -10.65 -30.76
N PRO D 440 -24.50 -10.38 -29.61
CA PRO D 440 -24.86 -11.03 -28.34
C PRO D 440 -26.37 -10.90 -28.28
N ALA D 441 -27.05 -11.76 -27.54
CA ALA D 441 -28.50 -11.60 -27.48
C ALA D 441 -28.86 -10.28 -26.78
N THR D 442 -29.52 -9.38 -27.51
CA THR D 442 -29.95 -8.12 -26.93
C THR D 442 -30.81 -8.65 -25.82
N ALA D 443 -31.06 -7.87 -24.77
CA ALA D 443 -31.97 -8.33 -23.74
C ALA D 443 -33.24 -8.25 -24.58
N SER D 444 -34.38 -7.97 -23.98
CA SER D 444 -35.61 -7.82 -24.74
C SER D 444 -35.37 -6.71 -25.78
N LYS D 445 -34.53 -6.95 -26.78
CA LYS D 445 -34.25 -5.92 -27.78
C LYS D 445 -34.25 -6.43 -29.18
N LEU D 446 -35.04 -5.77 -30.02
CA LEU D 446 -35.20 -6.15 -31.41
C LEU D 446 -35.47 -4.93 -32.29
N PRO D 447 -34.44 -4.36 -32.94
CA PRO D 447 -34.77 -3.22 -33.78
C PRO D 447 -35.68 -3.70 -34.89
N ILE D 448 -36.08 -2.80 -35.78
CA ILE D 448 -37.05 -3.20 -36.81
C ILE D 448 -36.92 -2.91 -38.30
N GLU D 449 -36.50 -1.70 -38.66
CA GLU D 449 -36.50 -1.27 -40.07
C GLU D 449 -35.33 -1.21 -41.05
N GLY D 450 -34.11 -1.02 -40.57
CA GLY D 450 -32.94 -0.89 -41.44
C GLY D 450 -32.85 -1.50 -42.82
N ALA D 451 -31.60 -1.57 -43.30
CA ALA D 451 -31.28 -2.13 -44.61
C ALA D 451 -29.91 -2.82 -44.60
N GLY D 452 -28.89 -2.14 -45.10
CA GLY D 452 -27.55 -2.72 -45.18
C GLY D 452 -26.99 -3.63 -44.09
N ALA D 453 -26.43 -3.04 -43.03
CA ALA D 453 -25.81 -3.82 -41.98
C ALA D 453 -26.65 -4.35 -40.78
N PRO D 454 -28.02 -4.33 -40.82
CA PRO D 454 -28.74 -4.87 -39.64
C PRO D 454 -29.89 -5.92 -39.77
N GLY D 455 -30.19 -6.38 -40.99
CA GLY D 455 -31.30 -7.30 -41.17
C GLY D 455 -31.00 -8.71 -41.62
N ASP D 456 -29.77 -9.15 -41.43
CA ASP D 456 -29.36 -10.52 -41.71
C ASP D 456 -29.98 -10.95 -40.37
N PRO D 457 -31.31 -11.14 -40.38
CA PRO D 457 -31.98 -11.51 -39.15
C PRO D 457 -31.99 -12.97 -39.11
N MET D 458 -32.75 -13.45 -38.16
CA MET D 458 -32.98 -14.82 -38.05
C MET D 458 -33.54 -15.21 -36.73
N ASP D 459 -34.73 -15.76 -36.88
CA ASP D 459 -35.48 -16.33 -35.81
C ASP D 459 -35.80 -15.59 -34.54
N GLN D 460 -35.46 -16.40 -33.55
CA GLN D 460 -35.55 -16.26 -32.13
C GLN D 460 -36.89 -16.38 -31.49
N GLU D 461 -37.16 -15.48 -30.57
CA GLU D 461 -38.34 -15.63 -29.76
C GLU D 461 -39.54 -14.70 -29.79
N ASP D 462 -40.49 -15.12 -28.93
CA ASP D 462 -41.80 -14.52 -28.57
C ASP D 462 -42.69 -15.66 -28.06
N LEU D 463 -43.79 -15.29 -27.38
CA LEU D 463 -44.77 -16.23 -26.81
C LEU D 463 -45.27 -15.72 -25.44
N GLY D 464 -46.27 -16.38 -24.85
CA GLY D 464 -46.83 -15.93 -23.58
C GLY D 464 -46.83 -16.87 -22.36
N PRO D 465 -46.94 -16.30 -21.13
CA PRO D 465 -46.96 -16.90 -19.79
C PRO D 465 -48.08 -17.73 -19.15
N CYS D 466 -47.60 -18.77 -18.48
CA CYS D 466 -48.42 -19.65 -17.68
C CYS D 466 -48.17 -18.76 -16.49
N SER D 467 -46.98 -18.94 -15.91
CA SER D 467 -46.50 -18.15 -14.77
C SER D 467 -47.70 -17.86 -13.88
N GLU D 468 -47.93 -16.58 -13.58
CA GLU D 468 -49.09 -16.11 -12.81
C GLU D 468 -49.31 -14.66 -13.21
N GLU D 469 -50.56 -14.22 -13.16
CA GLU D 469 -50.88 -12.85 -13.56
C GLU D 469 -51.41 -11.90 -12.49
N GLU D 470 -51.33 -10.62 -12.82
CA GLU D 470 -51.70 -9.47 -11.99
C GLU D 470 -52.96 -9.34 -11.11
N GLU D 471 -54.15 -9.57 -11.66
CA GLU D 471 -55.39 -9.35 -10.88
C GLU D 471 -56.49 -10.45 -10.99
N PHE D 472 -57.39 -10.50 -10.00
CA PHE D 472 -58.52 -11.44 -10.03
C PHE D 472 -59.71 -10.50 -10.08
N GLN D 473 -60.61 -10.72 -11.03
CA GLN D 473 -61.81 -9.90 -11.27
C GLN D 473 -61.80 -9.57 -12.75
N GLN D 474 -62.43 -8.47 -13.13
CA GLN D 474 -62.51 -8.05 -14.54
C GLN D 474 -61.20 -7.56 -15.16
N ASP D 475 -60.31 -7.05 -14.32
CA ASP D 475 -59.03 -6.54 -14.77
C ASP D 475 -58.28 -7.58 -15.56
N VAL D 476 -58.10 -8.76 -15.00
CA VAL D 476 -57.39 -9.81 -15.71
C VAL D 476 -58.09 -10.15 -17.03
N MET D 477 -59.42 -10.16 -17.04
CA MET D 477 -60.15 -10.45 -18.26
C MET D 477 -59.90 -9.26 -19.17
N ALA D 478 -60.32 -8.11 -18.67
CA ALA D 478 -60.15 -6.88 -19.40
C ALA D 478 -58.69 -6.75 -19.79
N ARG D 479 -57.80 -6.82 -18.81
CA ARG D 479 -56.36 -6.69 -19.04
C ARG D 479 -55.75 -7.82 -19.81
N ALA D 480 -56.44 -8.95 -19.87
CA ALA D 480 -55.92 -10.05 -20.64
C ALA D 480 -56.84 -10.18 -21.85
N CYS D 481 -57.63 -9.12 -22.09
CA CYS D 481 -58.51 -9.05 -23.26
C CYS D 481 -57.96 -7.89 -24.10
N LEU D 482 -57.23 -6.97 -23.45
CA LEU D 482 -56.56 -5.82 -24.09
C LEU D 482 -55.21 -6.16 -24.82
N GLN D 483 -54.18 -6.65 -24.10
CA GLN D 483 -52.86 -7.02 -24.69
C GLN D 483 -53.09 -7.85 -25.94
N LYS D 484 -54.11 -8.70 -25.83
CA LYS D 484 -54.60 -9.60 -26.86
C LYS D 484 -55.20 -8.71 -27.92
N LEU D 485 -56.06 -7.79 -27.48
CA LEU D 485 -56.70 -6.83 -28.39
C LEU D 485 -55.55 -6.14 -29.13
N LYS D 486 -54.53 -5.77 -28.37
CA LYS D 486 -53.38 -5.08 -28.92
C LYS D 486 -52.51 -6.01 -29.78
N GLY D 487 -52.20 -7.19 -29.28
CA GLY D 487 -51.40 -8.11 -30.04
C GLY D 487 -51.97 -8.29 -31.44
N THR D 488 -53.25 -8.59 -31.49
CA THR D 488 -53.96 -8.80 -32.76
C THR D 488 -53.61 -7.65 -33.71
N THR D 489 -53.52 -6.45 -33.17
CA THR D 489 -53.19 -5.25 -33.95
C THR D 489 -51.80 -5.35 -34.53
N GLU D 490 -50.85 -5.71 -33.68
CA GLU D 490 -49.46 -5.85 -34.07
C GLU D 490 -49.46 -6.82 -35.28
N LEU D 491 -50.16 -7.94 -35.14
CA LEU D 491 -50.29 -8.91 -36.24
C LEU D 491 -50.86 -8.19 -37.49
N LEU D 492 -51.83 -7.31 -37.21
CA LEU D 492 -52.57 -6.45 -38.16
C LEU D 492 -51.57 -5.58 -39.00
N PRO D 493 -52.00 -4.46 -39.64
CA PRO D 493 -51.12 -3.60 -40.46
C PRO D 493 -49.66 -3.45 -40.10
N LYS D 494 -48.86 -3.24 -41.14
CA LYS D 494 -47.44 -3.03 -40.98
C LYS D 494 -46.63 -4.30 -40.70
N ARG D 495 -47.28 -5.47 -40.76
CA ARG D 495 -46.62 -6.78 -40.56
C ARG D 495 -46.57 -7.39 -39.15
N PRO D 496 -46.16 -8.68 -39.06
CA PRO D 496 -45.96 -9.54 -37.88
C PRO D 496 -44.47 -9.71 -37.43
N GLN D 497 -43.51 -9.46 -38.34
CA GLN D 497 -42.06 -9.59 -38.06
C GLN D 497 -41.11 -8.35 -38.17
N HIS D 498 -41.51 -7.28 -38.87
CA HIS D 498 -40.69 -6.06 -38.91
C HIS D 498 -40.57 -5.97 -37.39
N LEU D 499 -41.74 -6.10 -36.75
CA LEU D 499 -41.94 -6.18 -35.28
C LEU D 499 -42.04 -7.72 -35.36
N PRO D 500 -41.60 -8.49 -34.28
CA PRO D 500 -41.22 -8.01 -32.95
C PRO D 500 -39.99 -7.15 -32.72
N GLY D 501 -39.29 -6.69 -33.75
CA GLY D 501 -38.23 -5.77 -33.41
C GLY D 501 -39.13 -4.80 -32.65
N HIS D 502 -39.06 -4.66 -31.34
CA HIS D 502 -40.00 -3.74 -30.65
C HIS D 502 -39.29 -2.64 -29.90
N PRO D 503 -38.11 -2.95 -29.32
CA PRO D 503 -37.38 -1.93 -28.58
C PRO D 503 -37.16 -0.75 -29.50
N GLY D 504 -37.07 0.45 -28.94
CA GLY D 504 -36.83 1.59 -29.79
C GLY D 504 -36.91 3.00 -29.23
N TRP D 505 -37.17 3.95 -30.14
CA TRP D 505 -37.34 5.37 -29.84
C TRP D 505 -36.11 6.26 -29.70
N TYR D 506 -36.06 7.25 -30.59
CA TYR D 506 -34.99 8.24 -30.64
C TYR D 506 -35.02 9.28 -29.52
N ARG D 507 -33.93 9.25 -28.77
CA ARG D 507 -33.66 10.04 -27.59
C ARG D 507 -33.87 11.55 -27.51
N LYS D 508 -33.62 12.33 -28.58
CA LYS D 508 -33.88 13.78 -28.50
C LYS D 508 -35.36 13.72 -28.14
N LEU D 509 -35.86 14.66 -27.35
CA LEU D 509 -37.22 14.54 -26.85
C LEU D 509 -38.43 15.17 -27.55
N CYS D 510 -39.14 16.01 -26.77
CA CYS D 510 -40.33 16.70 -27.19
C CYS D 510 -40.07 17.07 -28.64
N PRO D 511 -41.00 17.75 -29.28
CA PRO D 511 -40.59 18.05 -30.65
C PRO D 511 -39.25 18.74 -30.65
N ARG D 512 -38.46 18.51 -29.60
CA ARG D 512 -37.11 19.04 -29.50
C ARG D 512 -36.73 18.60 -30.87
N LEU D 513 -36.79 19.59 -31.74
CA LEU D 513 -36.54 19.47 -33.16
C LEU D 513 -35.09 19.28 -33.52
N ASP D 514 -34.27 18.94 -32.53
CA ASP D 514 -32.85 18.86 -32.83
C ASP D 514 -31.99 17.62 -32.75
N ASP D 515 -31.56 17.09 -33.89
CA ASP D 515 -30.62 15.97 -33.83
C ASP D 515 -29.35 16.45 -34.50
N PRO D 516 -28.34 16.81 -33.68
CA PRO D 516 -26.99 17.29 -34.04
C PRO D 516 -26.02 16.22 -34.59
N ALA D 517 -25.45 16.51 -35.77
CA ALA D 517 -24.51 15.57 -36.39
C ALA D 517 -23.18 15.68 -35.66
N TRP D 518 -22.90 16.88 -35.13
CA TRP D 518 -21.63 17.20 -34.44
C TRP D 518 -21.51 17.13 -32.90
N THR D 519 -20.34 16.66 -32.43
CA THR D 519 -19.97 16.60 -31.00
C THR D 519 -19.18 17.86 -30.62
N PRO D 520 -18.65 18.62 -31.61
CA PRO D 520 -17.88 19.85 -31.38
C PRO D 520 -18.62 20.89 -30.54
N GLY D 521 -17.95 21.41 -29.51
CA GLY D 521 -18.54 22.37 -28.60
C GLY D 521 -19.40 23.53 -29.10
N PRO D 522 -20.07 24.23 -28.16
CA PRO D 522 -20.98 25.36 -28.26
C PRO D 522 -21.77 25.59 -29.56
N SER D 523 -22.67 24.66 -29.84
CA SER D 523 -23.51 24.74 -31.03
C SER D 523 -24.99 24.54 -30.69
N LEU D 524 -25.85 25.26 -31.40
CA LEU D 524 -27.31 25.18 -31.23
C LEU D 524 -28.02 25.51 -32.58
N LEU D 525 -28.22 24.45 -33.37
CA LEU D 525 -28.80 24.55 -34.70
C LEU D 525 -30.27 24.88 -34.85
N SER D 526 -31.07 24.59 -33.84
CA SER D 526 -32.47 24.89 -33.97
C SER D 526 -32.54 26.36 -34.38
N LEU D 527 -31.74 27.18 -33.73
CA LEU D 527 -31.70 28.61 -34.02
C LEU D 527 -31.22 28.86 -35.43
N GLN D 528 -30.76 27.79 -36.05
CA GLN D 528 -30.29 27.91 -37.41
C GLN D 528 -31.33 27.30 -38.31
N MET D 529 -31.80 26.09 -37.99
CA MET D 529 -32.83 25.46 -38.82
C MET D 529 -33.65 26.69 -39.15
N ARG D 530 -33.59 27.13 -40.40
CA ARG D 530 -34.25 28.37 -40.82
C ARG D 530 -35.47 28.80 -40.02
N VAL D 531 -36.67 28.36 -40.43
CA VAL D 531 -37.95 28.75 -39.79
C VAL D 531 -37.81 29.60 -38.55
N THR D 532 -36.95 29.15 -37.64
CA THR D 532 -36.64 29.81 -36.38
C THR D 532 -37.21 31.22 -36.19
N PRO D 533 -37.11 32.06 -37.22
CA PRO D 533 -37.64 33.41 -37.02
C PRO D 533 -38.99 33.74 -37.66
N LYS D 534 -39.64 32.77 -38.26
CA LYS D 534 -40.97 33.04 -38.80
C LYS D 534 -41.91 32.81 -37.61
N LEU D 535 -41.39 32.06 -36.65
CA LEU D 535 -42.08 31.73 -35.41
C LEU D 535 -41.70 32.85 -34.47
N MET D 536 -40.40 33.07 -34.37
CA MET D 536 -39.88 34.11 -33.53
C MET D 536 -40.33 35.40 -34.15
N ALA D 537 -41.54 35.83 -33.83
CA ALA D 537 -42.00 37.08 -34.38
C ALA D 537 -40.80 37.96 -34.12
N LEU D 538 -40.04 38.25 -35.17
CA LEU D 538 -38.83 38.97 -34.93
C LEU D 538 -38.65 40.40 -35.33
N THR D 539 -39.49 40.98 -36.14
CA THR D 539 -38.97 42.27 -36.45
C THR D 539 -39.49 43.63 -36.20
N TRP D 540 -38.54 44.52 -36.48
CA TRP D 540 -38.72 45.94 -36.43
C TRP D 540 -38.50 46.51 -37.84
N ASP D 541 -37.27 46.49 -38.34
CA ASP D 541 -36.84 47.10 -39.62
C ASP D 541 -37.15 48.50 -39.53
N GLY D 542 -36.92 49.25 -40.62
CA GLY D 542 -37.19 50.69 -40.62
C GLY D 542 -37.84 50.84 -39.28
N PHE D 543 -39.10 50.42 -39.28
CA PHE D 543 -39.97 50.40 -38.12
C PHE D 543 -41.07 49.35 -38.32
N PRO D 544 -41.06 48.60 -39.46
CA PRO D 544 -42.12 47.58 -39.66
C PRO D 544 -41.64 46.11 -39.96
N LEU D 545 -42.13 45.59 -41.09
CA LEU D 545 -41.93 44.27 -41.71
C LEU D 545 -41.32 43.12 -40.97
N HIS D 546 -42.15 42.16 -40.67
CA HIS D 546 -41.65 40.98 -40.08
C HIS D 546 -40.94 40.33 -41.25
N TYR D 547 -39.73 39.87 -41.00
CA TYR D 547 -38.95 39.23 -42.03
C TYR D 547 -39.57 38.10 -42.82
N SER D 548 -38.62 37.20 -43.05
CA SER D 548 -38.66 35.92 -43.70
C SER D 548 -37.24 35.70 -43.19
N GLU D 549 -36.97 34.50 -42.71
CA GLU D 549 -35.68 34.20 -42.12
C GLU D 549 -34.32 34.45 -42.74
N ARG D 550 -33.52 35.23 -42.03
CA ARG D 550 -32.15 35.54 -42.44
C ARG D 550 -31.90 36.25 -43.78
N HIS D 551 -32.72 37.21 -44.17
CA HIS D 551 -32.47 37.96 -45.42
C HIS D 551 -33.11 39.36 -45.30
N GLY D 552 -34.43 39.45 -45.52
CA GLY D 552 -35.12 40.73 -45.41
C GLY D 552 -36.52 40.68 -44.84
N TRP D 553 -37.15 41.86 -44.73
CA TRP D 553 -38.50 42.06 -44.18
C TRP D 553 -39.40 42.77 -45.24
N GLY D 554 -40.71 42.52 -45.34
CA GLY D 554 -41.57 43.13 -46.37
C GLY D 554 -42.64 44.22 -46.11
N TYR D 555 -42.41 45.44 -46.62
CA TYR D 555 -43.26 46.68 -46.44
C TYR D 555 -44.68 46.88 -47.06
N LEU D 556 -45.33 47.97 -46.68
CA LEU D 556 -46.70 48.29 -47.11
C LEU D 556 -47.03 49.03 -48.41
N VAL D 557 -46.32 48.84 -49.51
CA VAL D 557 -46.76 49.56 -50.72
C VAL D 557 -47.87 48.73 -51.32
N PRO D 558 -49.10 48.86 -50.76
CA PRO D 558 -50.28 48.14 -51.19
C PRO D 558 -50.42 48.39 -52.66
N GLY D 559 -49.28 48.27 -53.32
CA GLY D 559 -49.15 48.46 -54.73
C GLY D 559 -49.93 49.54 -55.41
N ARG D 560 -50.88 49.08 -56.21
CA ARG D 560 -51.64 49.91 -57.14
C ARG D 560 -50.40 49.71 -57.99
N ARG D 561 -50.13 48.41 -58.22
CA ARG D 561 -48.97 47.90 -58.92
C ARG D 561 -48.54 46.80 -57.97
N ASP D 562 -47.54 46.02 -58.33
CA ASP D 562 -47.05 45.01 -57.41
C ASP D 562 -48.10 43.95 -57.15
N ASN D 563 -49.25 44.36 -56.63
CA ASN D 563 -50.30 43.43 -56.31
C ASN D 563 -51.55 43.55 -57.17
N LEU D 564 -51.77 42.56 -58.02
CA LEU D 564 -52.98 42.59 -58.81
C LEU D 564 -53.75 41.34 -58.39
N ALA D 565 -54.19 41.35 -57.13
CA ALA D 565 -54.98 40.28 -56.51
C ALA D 565 -56.28 40.28 -57.29
N LYS D 566 -56.19 39.62 -58.42
CA LYS D 566 -57.21 39.51 -59.44
C LYS D 566 -58.73 39.46 -59.29
N LEU D 567 -59.31 40.12 -60.27
CA LEU D 567 -60.72 40.29 -60.50
C LEU D 567 -61.64 39.19 -59.99
N PRO D 568 -62.69 39.59 -59.26
CA PRO D 568 -63.72 38.72 -58.69
C PRO D 568 -64.31 37.97 -59.89
N THR D 569 -65.25 37.05 -59.68
CA THR D 569 -65.80 36.33 -60.83
C THR D 569 -64.69 35.52 -61.50
N GLY D 570 -64.22 36.01 -62.65
CA GLY D 570 -63.18 35.34 -63.41
C GLY D 570 -61.96 34.98 -62.62
N THR D 571 -61.33 35.94 -61.98
CA THR D 571 -60.15 35.59 -61.24
C THR D 571 -60.35 35.16 -59.79
N THR D 572 -61.58 35.24 -59.33
CA THR D 572 -61.87 34.76 -58.00
C THR D 572 -62.03 33.24 -58.20
N LEU D 573 -62.51 32.85 -59.39
CA LEU D 573 -62.68 31.44 -59.75
C LEU D 573 -61.29 30.83 -59.94
N GLU D 574 -60.39 31.62 -60.52
CA GLU D 574 -59.00 31.21 -60.75
C GLU D 574 -58.30 31.10 -59.39
N SER D 575 -58.96 31.60 -58.34
CA SER D 575 -58.41 31.55 -57.00
C SER D 575 -59.29 30.70 -56.06
N ALA D 576 -60.28 30.00 -56.63
CA ALA D 576 -61.27 29.14 -55.91
C ALA D 576 -60.74 28.09 -54.90
N GLY D 577 -60.65 26.81 -55.31
CA GLY D 577 -60.08 25.77 -54.44
C GLY D 577 -58.66 25.98 -54.91
N VAL D 578 -58.72 26.36 -56.18
CA VAL D 578 -57.70 26.79 -57.08
C VAL D 578 -56.21 26.44 -57.30
N VAL D 579 -55.96 25.18 -57.59
CA VAL D 579 -54.62 24.81 -58.00
C VAL D 579 -53.35 25.07 -57.18
N CYS D 580 -52.33 24.30 -57.55
CA CYS D 580 -50.96 24.38 -57.01
C CYS D 580 -50.90 24.69 -55.51
N PRO D 581 -49.68 24.95 -55.00
CA PRO D 581 -49.53 25.29 -53.58
C PRO D 581 -49.42 26.79 -53.77
N TYR D 582 -49.07 27.10 -55.02
CA TYR D 582 -48.83 28.41 -55.55
C TYR D 582 -50.04 29.28 -55.91
N ARG D 583 -51.21 28.69 -56.13
CA ARG D 583 -52.32 29.57 -56.44
C ARG D 583 -53.08 29.77 -55.16
N ALA D 584 -52.82 28.83 -54.25
CA ALA D 584 -53.35 28.91 -52.92
C ALA D 584 -52.27 29.88 -52.37
N ILE D 585 -51.15 29.92 -53.09
CA ILE D 585 -50.05 30.82 -52.76
C ILE D 585 -50.26 32.22 -53.34
N GLU D 586 -50.70 32.35 -54.59
CA GLU D 586 -50.93 33.71 -55.10
C GLU D 586 -51.74 34.24 -53.93
N SER D 587 -52.72 33.46 -53.50
CA SER D 587 -53.55 33.83 -52.37
C SER D 587 -52.66 34.03 -51.13
N LEU D 588 -51.67 33.15 -50.96
CA LEU D 588 -50.76 33.28 -49.82
C LEU D 588 -50.35 34.76 -49.92
N TYR D 589 -49.48 35.05 -50.87
CA TYR D 589 -49.03 36.43 -51.13
C TYR D 589 -49.96 37.49 -50.52
N ARG D 590 -51.23 37.34 -50.87
CA ARG D 590 -52.27 38.28 -50.51
C ARG D 590 -52.92 38.36 -49.14
N LYS D 591 -53.23 37.23 -48.49
CA LYS D 591 -53.87 37.27 -47.18
C LYS D 591 -53.06 38.09 -46.19
N HIS D 592 -51.81 37.67 -45.99
CA HIS D 592 -50.92 38.37 -45.11
C HIS D 592 -50.72 39.77 -45.61
N CYS D 593 -50.80 39.92 -46.93
CA CYS D 593 -50.67 41.22 -47.57
C CYS D 593 -51.36 42.36 -46.77
N LEU D 594 -52.68 42.24 -46.64
CA LEU D 594 -53.50 43.21 -45.91
C LEU D 594 -53.02 43.25 -44.46
N GLU D 595 -53.02 42.08 -43.84
CA GLU D 595 -52.63 41.92 -42.45
C GLU D 595 -51.40 42.73 -42.03
N GLN D 596 -50.23 42.50 -42.63
CA GLN D 596 -49.02 43.23 -42.25
C GLN D 596 -49.22 44.75 -42.15
N GLY D 597 -49.97 45.34 -43.09
CA GLY D 597 -50.21 46.77 -43.08
C GLY D 597 -50.68 47.25 -41.72
N LYS D 598 -51.51 46.45 -41.07
CA LYS D 598 -52.02 46.76 -39.73
C LYS D 598 -50.82 46.72 -38.83
N GLN D 599 -50.00 45.68 -39.01
CA GLN D 599 -48.79 45.46 -38.23
C GLN D 599 -47.80 46.60 -38.33
N GLN D 600 -48.03 47.50 -39.30
CA GLN D 600 -47.18 48.66 -39.43
C GLN D 600 -47.86 49.61 -38.43
N LEU D 601 -49.07 50.08 -38.76
CA LEU D 601 -49.86 50.97 -37.90
C LEU D 601 -49.73 50.48 -36.48
N MET D 602 -50.15 49.22 -36.33
CA MET D 602 -50.03 48.51 -35.08
C MET D 602 -48.78 47.84 -35.55
N PRO D 603 -47.74 47.82 -34.75
CA PRO D 603 -48.10 48.53 -33.52
C PRO D 603 -47.93 50.08 -33.70
N GLN D 604 -47.05 50.52 -34.62
CA GLN D 604 -46.73 51.96 -34.82
C GLN D 604 -46.80 52.68 -33.50
N GLU D 605 -46.15 51.94 -32.61
CA GLU D 605 -45.81 52.04 -31.19
C GLU D 605 -45.00 50.77 -31.41
N ALA D 606 -43.84 50.94 -32.04
CA ALA D 606 -42.99 49.81 -32.40
C ALA D 606 -41.70 50.34 -32.99
N ARG D 642 -60.06 35.79 -38.49
CA ARG D 642 -60.12 34.78 -37.45
C ARG D 642 -59.06 33.66 -37.65
N ALA D 643 -58.18 33.88 -38.63
CA ALA D 643 -57.01 33.03 -39.03
C ALA D 643 -56.80 31.49 -38.87
N ALA D 644 -57.05 30.73 -39.93
CA ALA D 644 -56.85 29.28 -39.88
C ALA D 644 -55.54 28.85 -40.56
N VAL D 645 -54.39 29.30 -40.02
CA VAL D 645 -53.02 29.01 -40.55
C VAL D 645 -52.41 30.10 -41.48
N PRO D 646 -53.25 31.04 -41.99
CA PRO D 646 -52.73 32.08 -42.87
C PRO D 646 -52.99 33.52 -42.38
N GLY D 647 -52.59 33.81 -41.15
CA GLY D 647 -52.78 35.14 -40.60
C GLY D 647 -51.44 35.71 -40.17
N GLN D 648 -50.59 34.83 -39.61
CA GLN D 648 -49.26 35.15 -39.12
C GLN D 648 -48.43 35.36 -40.37
N PRO D 649 -48.36 36.64 -40.83
CA PRO D 649 -47.61 37.01 -42.03
C PRO D 649 -46.44 36.07 -42.24
N LEU D 650 -45.67 35.90 -41.18
CA LEU D 650 -44.49 35.05 -41.12
C LEU D 650 -44.75 33.67 -41.75
N ALA D 651 -45.98 33.17 -41.62
CA ALA D 651 -46.36 31.88 -42.19
C ALA D 651 -46.36 31.97 -43.72
N LEU D 652 -46.62 33.16 -44.25
CA LEU D 652 -46.66 33.38 -45.69
C LEU D 652 -45.44 32.84 -46.41
N THR D 653 -44.32 33.55 -46.32
CA THR D 653 -43.14 33.01 -46.95
C THR D 653 -42.00 32.76 -46.01
N ALA D 654 -42.45 31.98 -45.05
CA ALA D 654 -41.68 31.29 -44.05
C ALA D 654 -41.89 30.21 -45.13
N ARG D 655 -41.45 28.97 -44.99
CA ARG D 655 -41.65 28.01 -46.09
C ARG D 655 -40.59 28.41 -47.14
N GLY D 656 -39.67 29.29 -46.73
CA GLY D 656 -38.63 29.77 -47.61
C GLY D 656 -38.21 31.23 -47.42
N GLY D 657 -37.89 31.60 -46.19
CA GLY D 657 -37.47 32.96 -45.95
C GLY D 657 -35.96 33.02 -45.91
N PRO D 658 -35.32 33.88 -46.70
CA PRO D 658 -36.03 34.76 -47.62
C PRO D 658 -35.62 34.65 -49.09
N LYS D 659 -34.96 33.55 -49.43
CA LYS D 659 -34.66 33.23 -50.84
C LYS D 659 -33.50 33.50 -51.77
N ASP D 660 -32.49 34.25 -51.38
CA ASP D 660 -31.39 34.59 -52.29
C ASP D 660 -31.79 36.00 -52.53
N THR D 661 -31.06 36.65 -53.42
CA THR D 661 -31.21 38.05 -53.76
C THR D 661 -29.83 38.36 -53.19
N GLN D 662 -29.58 39.51 -52.59
CA GLN D 662 -28.22 39.70 -52.14
C GLN D 662 -27.87 40.23 -50.76
N PRO D 663 -26.57 40.16 -50.40
CA PRO D 663 -25.86 40.58 -49.20
C PRO D 663 -24.88 41.69 -49.66
N SER D 664 -25.17 42.21 -50.86
CA SER D 664 -24.39 43.22 -51.56
C SER D 664 -24.34 44.61 -50.90
N TYR D 665 -24.44 44.66 -49.57
CA TYR D 665 -24.42 45.96 -48.91
C TYR D 665 -25.70 46.54 -49.48
N HIS D 666 -26.73 45.71 -49.31
CA HIS D 666 -28.10 45.93 -49.76
C HIS D 666 -29.00 46.63 -48.77
N HIS D 667 -29.27 47.90 -49.00
CA HIS D 667 -30.21 48.59 -48.13
C HIS D 667 -31.39 48.41 -49.03
N GLY D 668 -32.36 47.73 -48.51
CA GLY D 668 -33.55 47.47 -49.26
C GLY D 668 -33.99 47.82 -50.65
N ASN D 669 -34.46 46.70 -51.20
CA ASN D 669 -35.10 46.36 -52.46
C ASN D 669 -34.77 46.47 -53.93
N GLY D 670 -34.93 45.26 -54.45
CA GLY D 670 -34.82 44.84 -55.82
C GLY D 670 -36.27 44.39 -55.70
N PRO D 671 -37.17 45.19 -56.24
CA PRO D 671 -38.62 45.04 -56.29
C PRO D 671 -38.88 44.04 -57.35
N TYR D 672 -40.04 43.41 -57.33
CA TYR D 672 -40.32 42.40 -58.34
C TYR D 672 -39.16 41.45 -58.15
N ASN D 673 -38.89 40.61 -59.16
CA ASN D 673 -37.83 39.62 -59.05
C ASN D 673 -38.21 39.00 -57.73
N ASP D 674 -37.50 39.43 -56.70
CA ASP D 674 -37.72 39.01 -55.36
C ASP D 674 -38.84 39.92 -54.82
N VAL D 675 -39.88 39.29 -54.29
CA VAL D 675 -41.09 39.93 -53.71
C VAL D 675 -42.31 39.97 -54.59
N ASP D 676 -43.45 40.19 -53.93
CA ASP D 676 -44.70 40.25 -54.62
C ASP D 676 -45.77 40.98 -53.80
N ILE D 677 -46.98 40.91 -54.35
CA ILE D 677 -48.21 41.49 -53.83
C ILE D 677 -48.41 42.93 -53.29
N PRO D 678 -48.83 43.12 -52.01
CA PRO D 678 -49.04 44.52 -51.64
C PRO D 678 -47.92 45.19 -50.91
N GLY D 679 -46.85 44.46 -50.64
CA GLY D 679 -45.78 45.08 -49.91
C GLY D 679 -44.40 44.90 -50.49
N CYS D 680 -43.61 45.98 -50.49
CA CYS D 680 -42.23 45.97 -51.00
C CYS D 680 -41.30 45.66 -49.84
N TRP D 681 -40.13 45.12 -50.09
CA TRP D 681 -39.26 44.90 -48.96
C TRP D 681 -37.79 45.16 -49.17
N PHE D 682 -37.17 45.72 -48.14
CA PHE D 682 -35.78 46.06 -48.18
C PHE D 682 -34.96 44.87 -47.69
N PHE D 683 -34.02 44.42 -48.52
CA PHE D 683 -33.17 43.31 -48.13
C PHE D 683 -32.24 43.92 -47.15
N LYS D 684 -32.56 43.67 -45.91
CA LYS D 684 -31.85 44.19 -44.79
C LYS D 684 -30.36 44.00 -44.66
N LEU D 685 -29.72 45.05 -44.19
CA LEU D 685 -28.28 45.13 -43.98
C LEU D 685 -27.86 44.48 -42.66
N PRO D 686 -26.54 44.29 -42.46
CA PRO D 686 -25.46 44.62 -43.37
C PRO D 686 -24.48 43.46 -43.36
N HIS D 687 -23.81 43.23 -44.46
CA HIS D 687 -22.87 42.15 -44.42
C HIS D 687 -21.45 42.56 -44.65
N LYS D 688 -21.24 43.87 -44.74
CA LYS D 688 -19.91 44.41 -44.91
C LYS D 688 -19.07 43.72 -43.85
N ASP D 689 -19.58 43.82 -42.63
CA ASP D 689 -18.97 43.25 -41.43
C ASP D 689 -18.77 41.74 -41.59
N GLY D 690 -19.62 41.13 -42.41
CA GLY D 690 -19.51 39.71 -42.67
C GLY D 690 -18.60 39.58 -43.87
N ASN D 691 -19.03 40.17 -44.99
CA ASN D 691 -18.29 40.23 -46.27
C ASN D 691 -18.85 39.48 -47.50
N SER D 692 -19.66 38.41 -47.37
CA SER D 692 -20.05 37.72 -48.60
C SER D 692 -21.43 37.09 -48.97
N CYS D 693 -22.12 36.37 -48.08
CA CYS D 693 -23.40 35.76 -48.48
C CYS D 693 -24.66 36.36 -47.91
N ASN D 694 -25.76 36.22 -48.65
CA ASN D 694 -27.05 36.72 -48.22
C ASN D 694 -27.00 36.66 -46.70
N VAL D 695 -27.19 37.81 -46.05
CA VAL D 695 -27.14 37.91 -44.59
C VAL D 695 -26.98 36.56 -43.88
N GLY D 696 -27.84 35.59 -44.23
CA GLY D 696 -27.70 34.28 -43.63
C GLY D 696 -28.13 34.08 -42.20
N SER D 697 -27.83 35.01 -41.30
CA SER D 697 -28.28 34.83 -39.92
C SER D 697 -28.86 36.07 -39.28
N PRO D 698 -29.96 35.90 -38.56
CA PRO D 698 -30.63 37.00 -37.89
C PRO D 698 -29.84 37.19 -36.61
N PHE D 699 -29.32 36.08 -36.13
CA PHE D 699 -28.53 36.08 -34.92
C PHE D 699 -27.11 36.04 -35.42
N ALA D 700 -26.70 37.15 -36.00
CA ALA D 700 -25.39 37.24 -36.59
C ALA D 700 -24.22 37.61 -35.73
N LYS D 701 -24.45 38.13 -34.53
CA LYS D 701 -23.31 38.64 -33.73
C LYS D 701 -23.07 39.79 -34.72
N ASP D 702 -22.07 40.63 -34.51
CA ASP D 702 -21.80 41.70 -35.47
C ASP D 702 -22.88 42.77 -35.37
N PHE D 703 -23.09 43.45 -36.50
CA PHE D 703 -24.08 44.52 -36.58
C PHE D 703 -25.41 44.07 -36.00
N LEU D 704 -25.78 42.82 -36.29
CA LEU D 704 -27.05 42.30 -35.84
C LEU D 704 -27.32 42.35 -34.32
N PRO D 705 -26.47 41.72 -33.49
CA PRO D 705 -26.80 41.85 -32.07
C PRO D 705 -26.57 43.24 -31.55
N LYS D 706 -25.82 44.08 -32.25
CA LYS D 706 -25.65 45.45 -31.77
C LYS D 706 -27.06 45.95 -31.95
N MET D 707 -27.70 45.39 -32.97
CA MET D 707 -29.07 45.74 -33.26
C MET D 707 -29.92 45.01 -32.26
N GLU D 708 -29.53 43.79 -31.91
CA GLU D 708 -30.28 43.11 -30.87
C GLU D 708 -29.79 43.95 -29.73
N ASP D 709 -30.69 44.72 -29.13
CA ASP D 709 -30.37 45.67 -28.06
C ASP D 709 -30.46 46.94 -28.88
N GLY D 710 -30.10 48.08 -28.33
CA GLY D 710 -30.24 49.29 -29.14
C GLY D 710 -31.74 49.37 -29.32
N THR D 711 -32.22 50.00 -30.39
CA THR D 711 -33.66 50.12 -30.58
C THR D 711 -34.37 49.02 -31.43
N LEU D 712 -33.65 48.36 -32.35
CA LEU D 712 -34.26 47.31 -33.17
C LEU D 712 -33.91 45.84 -32.89
N GLN D 713 -34.97 45.07 -32.69
CA GLN D 713 -34.95 43.64 -32.46
C GLN D 713 -36.20 42.84 -32.08
N ALA D 714 -36.23 41.63 -32.62
CA ALA D 714 -37.25 40.60 -32.46
C ALA D 714 -38.28 40.67 -31.37
N GLY D 715 -39.46 40.17 -31.71
CA GLY D 715 -40.57 40.17 -30.78
C GLY D 715 -41.78 40.83 -31.41
N PRO D 716 -42.96 40.64 -30.80
CA PRO D 716 -44.26 41.18 -31.25
C PRO D 716 -44.99 41.94 -30.14
N GLY D 717 -45.84 41.22 -29.42
CA GLY D 717 -46.57 41.80 -28.32
C GLY D 717 -46.32 40.84 -27.19
N GLY D 718 -45.06 40.41 -27.10
CA GLY D 718 -44.75 39.46 -26.08
C GLY D 718 -43.78 39.72 -24.94
N ALA D 719 -43.66 38.61 -24.23
CA ALA D 719 -42.81 38.35 -23.08
C ALA D 719 -42.59 36.98 -23.71
N SER D 720 -41.35 36.70 -24.03
CA SER D 720 -40.90 35.52 -24.75
C SER D 720 -40.20 36.45 -25.74
N GLY D 721 -39.73 35.96 -26.87
CA GLY D 721 -39.07 36.88 -27.80
C GLY D 721 -37.92 37.59 -27.10
N PRO D 722 -38.03 38.89 -26.77
CA PRO D 722 -36.94 39.61 -26.10
C PRO D 722 -36.12 38.81 -25.10
N ARG D 723 -36.79 38.07 -24.23
CA ARG D 723 -36.04 37.27 -23.27
C ARG D 723 -35.41 36.17 -24.08
N ALA D 724 -36.14 35.76 -25.12
CA ALA D 724 -35.67 34.74 -26.04
C ALA D 724 -34.53 35.37 -26.83
N LEU D 725 -34.19 36.61 -26.47
CA LEU D 725 -33.12 37.34 -27.11
C LEU D 725 -32.07 37.72 -26.10
N GLU D 726 -32.45 38.57 -25.14
CA GLU D 726 -31.50 39.01 -24.12
C GLU D 726 -30.59 37.87 -23.71
N ILE D 727 -31.10 36.63 -23.71
CA ILE D 727 -30.23 35.54 -23.32
C ILE D 727 -29.33 35.05 -24.45
N ASN D 728 -29.79 35.23 -25.69
CA ASN D 728 -28.98 34.83 -26.82
C ASN D 728 -27.80 35.73 -26.71
N LYS D 729 -28.11 36.99 -26.52
CA LYS D 729 -27.09 37.99 -26.42
C LYS D 729 -26.03 37.60 -25.44
N MET D 730 -26.44 37.27 -24.24
CA MET D 730 -25.45 36.90 -23.26
C MET D 730 -24.71 35.63 -23.73
N ILE D 731 -25.43 34.67 -24.33
CA ILE D 731 -24.77 33.44 -24.78
C ILE D 731 -23.63 33.63 -25.80
N SER D 732 -23.87 34.50 -26.79
CA SER D 732 -22.89 34.74 -27.83
C SER D 732 -21.54 35.11 -27.29
N PHE D 733 -21.45 36.27 -26.66
CA PHE D 733 -20.20 36.75 -26.08
C PHE D 733 -19.46 35.60 -25.45
N TRP D 734 -20.22 34.81 -24.73
CA TRP D 734 -19.74 33.67 -24.02
C TRP D 734 -19.21 32.52 -24.85
N ARG D 735 -20.15 31.77 -25.42
CA ARG D 735 -19.89 30.57 -26.18
C ARG D 735 -18.48 30.42 -26.70
N ASN D 736 -17.98 31.46 -27.36
CA ASN D 736 -16.64 31.44 -27.91
C ASN D 736 -15.59 31.46 -26.81
N ALA D 737 -15.83 32.29 -25.80
CA ALA D 737 -14.90 32.42 -24.68
C ALA D 737 -14.50 31.05 -24.16
N HIS D 738 -15.48 30.21 -23.90
CA HIS D 738 -15.15 28.90 -23.35
C HIS D 738 -14.06 28.12 -23.95
N LYS D 739 -14.28 27.73 -25.19
CA LYS D 739 -13.28 26.93 -25.82
C LYS D 739 -11.90 27.45 -25.53
N ARG D 740 -11.63 28.70 -25.82
CA ARG D 740 -10.30 29.19 -25.51
C ARG D 740 -10.13 28.96 -24.04
N ILE D 741 -10.99 29.61 -23.27
CA ILE D 741 -10.89 29.49 -21.82
C ILE D 741 -10.73 28.05 -21.39
N SER D 742 -11.44 27.13 -22.01
CA SER D 742 -11.32 25.77 -21.57
C SER D 742 -10.56 24.87 -22.53
N SER D 743 -9.29 24.84 -22.22
CA SER D 743 -8.23 24.11 -22.84
C SER D 743 -7.53 24.74 -21.68
N GLN D 744 -7.27 26.04 -21.81
CA GLN D 744 -6.65 26.86 -20.76
C GLN D 744 -5.87 25.97 -19.79
N MET D 745 -4.72 25.49 -20.24
CA MET D 745 -3.88 24.64 -19.42
C MET D 745 -3.31 25.31 -18.19
N VAL D 746 -3.17 24.54 -17.13
CA VAL D 746 -2.68 25.10 -15.89
C VAL D 746 -1.87 24.08 -15.09
N VAL D 747 -0.70 24.50 -14.64
CA VAL D 747 0.18 23.65 -13.82
C VAL D 747 -0.17 23.85 -12.34
N TRP D 748 0.33 23.01 -11.44
CA TRP D 748 -0.01 23.15 -10.02
C TRP D 748 1.12 22.98 -8.99
N LEU D 749 0.92 23.52 -7.78
CA LEU D 749 1.93 23.44 -6.71
C LEU D 749 1.36 22.63 -5.56
N PRO D 750 1.64 21.32 -5.50
CA PRO D 750 1.14 20.42 -4.45
C PRO D 750 1.54 20.63 -2.98
N ARG D 751 2.81 20.51 -2.65
CA ARG D 751 3.24 20.67 -1.26
C ARG D 751 4.46 21.56 -1.19
N SER D 752 5.29 21.41 -2.23
CA SER D 752 6.54 22.13 -2.38
C SER D 752 6.38 23.53 -2.95
N ALA D 753 5.47 24.27 -2.33
CA ALA D 753 5.18 25.63 -2.72
C ALA D 753 5.74 26.55 -1.65
N LEU D 754 7.00 26.93 -1.82
CA LEU D 754 7.65 27.79 -0.85
C LEU D 754 7.03 29.16 -0.92
N PRO D 755 7.13 29.93 0.19
CA PRO D 755 7.95 29.61 1.37
C PRO D 755 7.03 29.04 2.49
N ARG D 756 7.67 28.61 3.59
CA ARG D 756 6.92 28.08 4.72
C ARG D 756 5.89 29.11 5.26
N ALA D 757 6.34 30.33 5.57
CA ALA D 757 5.46 31.40 6.07
C ALA D 757 4.50 31.80 4.99
N VAL D 758 4.92 31.50 3.77
CA VAL D 758 4.10 31.79 2.65
C VAL D 758 2.95 30.86 2.85
N ILE D 759 3.21 29.56 2.98
CA ILE D 759 2.05 28.73 3.24
C ILE D 759 1.63 29.16 4.66
N ARG D 760 2.58 29.15 5.60
CA ARG D 760 2.27 29.53 6.98
C ARG D 760 1.29 30.66 7.15
N HIS D 761 1.61 31.90 6.76
CA HIS D 761 0.58 32.92 6.95
C HIS D 761 -0.32 32.80 5.75
N PRO D 762 -1.52 32.21 5.94
CA PRO D 762 -2.39 32.08 4.80
C PRO D 762 -3.81 32.06 5.32
N ASP D 763 -4.67 31.65 4.40
CA ASP D 763 -6.09 31.48 4.59
C ASP D 763 -6.33 30.42 3.50
N TYR D 764 -5.54 29.34 3.58
CA TYR D 764 -5.59 28.23 2.60
C TYR D 764 -6.24 26.94 3.11
N ASP D 765 -7.11 26.36 2.29
CA ASP D 765 -7.79 25.13 2.67
C ASP D 765 -6.86 23.93 2.74
N GLU D 766 -5.85 23.90 1.88
CA GLU D 766 -4.92 22.77 1.84
C GLU D 766 -5.64 21.61 1.19
N GLU D 767 -6.86 21.89 0.74
CA GLU D 767 -7.68 20.91 0.04
C GLU D 767 -7.84 21.58 -1.30
N GLY D 768 -7.08 22.66 -1.45
CA GLY D 768 -7.13 23.44 -2.66
C GLY D 768 -6.00 23.25 -3.64
N LEU D 769 -6.16 23.92 -4.77
CA LEU D 769 -5.20 23.86 -5.85
C LEU D 769 -4.64 25.27 -6.04
N TYR D 770 -3.31 25.38 -6.15
CA TYR D 770 -2.65 26.68 -6.32
C TYR D 770 -1.73 26.86 -7.50
N GLY D 771 -1.84 26.01 -8.51
CA GLY D 771 -0.99 26.14 -9.69
C GLY D 771 -1.57 27.20 -10.59
N ALA D 772 -0.98 27.42 -11.77
CA ALA D 772 -1.53 28.44 -12.63
C ALA D 772 -1.25 28.28 -14.11
N ILE D 773 -2.05 28.98 -14.90
CA ILE D 773 -1.90 28.97 -16.32
C ILE D 773 -1.02 30.13 -16.66
N LEU D 774 -0.31 30.00 -17.76
CA LEU D 774 0.57 31.05 -18.22
C LEU D 774 0.41 31.00 -19.76
N PRO D 775 -0.10 32.09 -20.36
CA PRO D 775 -0.37 32.30 -21.79
C PRO D 775 0.72 32.89 -22.73
N GLN D 776 1.15 32.14 -23.75
CA GLN D 776 2.17 32.66 -24.67
C GLN D 776 1.75 34.02 -25.10
N VAL D 777 2.59 34.95 -24.70
CA VAL D 777 2.37 36.32 -25.04
C VAL D 777 3.49 36.57 -25.98
N VAL D 778 3.17 36.75 -27.24
CA VAL D 778 4.24 36.98 -28.15
C VAL D 778 4.72 38.40 -27.99
N THR D 779 6.01 38.53 -27.72
CA THR D 779 6.63 39.82 -27.66
C THR D 779 6.46 40.05 -29.14
N ALA D 780 6.54 41.27 -29.66
CA ALA D 780 6.31 41.41 -31.08
C ALA D 780 4.97 40.69 -31.34
N GLY D 781 4.94 39.78 -32.30
CA GLY D 781 3.71 39.06 -32.58
C GLY D 781 2.59 40.01 -32.92
N THR D 782 2.96 41.01 -33.72
CA THR D 782 2.07 42.07 -34.20
C THR D 782 2.88 42.88 -35.18
N ILE D 783 2.20 43.61 -36.04
CA ILE D 783 2.88 44.48 -36.95
C ILE D 783 3.51 45.42 -35.91
N THR D 784 2.75 45.63 -34.83
CA THR D 784 3.09 46.51 -33.71
C THR D 784 3.89 45.90 -32.57
N ARG D 785 3.95 44.57 -32.53
CA ARG D 785 4.68 43.89 -31.47
C ARG D 785 3.83 43.96 -30.21
N ARG D 786 2.72 44.68 -30.33
CA ARG D 786 1.81 44.90 -29.23
C ARG D 786 1.62 43.75 -28.23
N ALA D 787 0.90 42.71 -28.65
CA ALA D 787 0.61 41.63 -27.71
C ALA D 787 0.05 40.42 -28.43
N VAL D 788 -0.07 39.30 -27.72
CA VAL D 788 -0.58 38.10 -28.37
C VAL D 788 -1.18 36.94 -27.52
N GLU D 789 -2.37 37.12 -26.98
CA GLU D 789 -3.08 36.07 -26.22
C GLU D 789 -4.53 36.22 -26.62
N PRO D 790 -5.02 35.30 -27.44
CA PRO D 790 -6.42 35.50 -27.80
C PRO D 790 -7.26 35.55 -26.55
N THR D 791 -7.00 34.60 -25.68
CA THR D 791 -7.80 34.54 -24.49
C THR D 791 -7.53 35.60 -23.43
N TRP D 792 -6.28 35.76 -23.03
CA TRP D 792 -5.99 36.67 -21.94
C TRP D 792 -5.58 38.12 -22.17
N LEU D 793 -4.93 38.46 -23.29
CA LEU D 793 -4.55 39.86 -23.48
C LEU D 793 -5.69 40.64 -24.03
N THR D 794 -6.67 39.90 -24.54
CA THR D 794 -7.87 40.50 -25.06
C THR D 794 -8.79 40.20 -23.91
N ALA D 795 -8.86 41.14 -22.95
CA ALA D 795 -9.68 40.95 -21.77
C ALA D 795 -10.68 42.04 -21.50
N SER D 796 -11.55 41.80 -20.52
CA SER D 796 -12.57 42.76 -20.21
C SER D 796 -13.16 42.56 -18.82
N ASN D 797 -13.99 43.51 -18.42
CA ASN D 797 -14.67 43.43 -17.15
C ASN D 797 -15.85 42.53 -17.49
N ALA D 798 -16.93 42.61 -16.72
CA ALA D 798 -18.10 41.77 -16.96
C ALA D 798 -19.28 42.45 -17.59
N ARG D 799 -19.07 43.23 -18.64
CA ARG D 799 -20.21 43.93 -19.19
C ARG D 799 -21.46 43.17 -19.67
N PRO D 800 -21.41 42.50 -20.85
CA PRO D 800 -22.61 41.79 -21.31
C PRO D 800 -23.22 40.68 -20.45
N ASP D 801 -22.37 40.01 -19.66
CA ASP D 801 -22.78 38.91 -18.76
C ASP D 801 -22.48 37.50 -19.32
N ARG D 802 -22.37 36.57 -18.38
CA ARG D 802 -22.09 35.15 -18.58
C ARG D 802 -20.72 34.66 -18.21
N VAL D 803 -20.02 33.80 -18.91
CA VAL D 803 -18.79 33.46 -18.21
C VAL D 803 -17.63 34.44 -18.27
N GLY D 804 -17.50 35.10 -19.41
CA GLY D 804 -16.38 36.00 -19.63
C GLY D 804 -16.52 37.32 -18.94
N SER D 805 -17.76 37.74 -18.76
CA SER D 805 -17.99 38.98 -18.08
C SER D 805 -17.15 38.87 -16.81
N GLU D 806 -17.17 37.68 -16.22
CA GLU D 806 -16.49 37.32 -14.97
C GLU D 806 -15.07 36.79 -14.98
N LEU D 807 -14.63 36.14 -16.03
CA LEU D 807 -13.33 35.52 -15.90
C LEU D 807 -12.02 36.23 -15.62
N LYS D 808 -11.66 37.36 -16.21
CA LYS D 808 -10.34 37.86 -15.84
C LYS D 808 -10.17 37.89 -14.34
N ALA D 809 -11.06 38.58 -13.67
CA ALA D 809 -10.95 38.63 -12.25
C ALA D 809 -10.98 37.20 -11.73
N MET D 810 -12.19 36.69 -11.69
CA MET D 810 -12.47 35.38 -11.17
C MET D 810 -11.52 34.29 -11.44
N VAL D 811 -10.71 34.41 -12.45
CA VAL D 811 -9.83 33.31 -12.60
C VAL D 811 -8.69 33.37 -11.62
N GLN D 812 -8.32 34.53 -11.03
CA GLN D 812 -7.16 34.40 -10.16
C GLN D 812 -6.51 35.32 -9.14
N ALA D 813 -5.70 34.66 -8.30
CA ALA D 813 -4.91 35.26 -7.20
C ALA D 813 -4.46 34.18 -6.18
N PRO D 814 -3.15 34.13 -5.82
CA PRO D 814 -2.57 33.17 -4.85
C PRO D 814 -2.33 33.83 -3.47
N PRO D 815 -3.02 33.34 -2.42
CA PRO D 815 -3.11 33.67 -0.97
C PRO D 815 -1.94 34.32 -0.27
N GLY D 816 -2.22 35.49 0.30
CA GLY D 816 -1.18 36.19 1.00
C GLY D 816 -0.27 36.90 0.01
N TYR D 817 -0.65 36.84 -1.26
CA TYR D 817 0.10 37.51 -2.33
C TYR D 817 -0.91 38.39 -3.03
N THR D 818 -0.63 39.67 -3.12
CA THR D 818 -1.59 40.55 -3.74
C THR D 818 -1.09 41.06 -5.06
N LEU D 819 -1.95 41.78 -5.79
CA LEU D 819 -1.59 42.29 -7.11
C LEU D 819 -1.78 43.80 -7.40
N VAL D 820 -0.64 44.50 -7.51
CA VAL D 820 -0.55 45.94 -7.78
C VAL D 820 -0.51 46.26 -9.27
N GLY D 821 -1.49 47.00 -9.77
CA GLY D 821 -1.46 47.35 -11.18
C GLY D 821 -2.21 48.66 -11.37
N ALA D 822 -2.43 49.08 -12.61
CA ALA D 822 -3.16 50.34 -12.83
C ALA D 822 -3.38 50.75 -14.28
N ASP D 823 -4.42 51.56 -14.46
CA ASP D 823 -4.84 51.99 -15.78
C ASP D 823 -3.77 52.50 -16.71
N VAL D 824 -4.20 52.90 -17.90
CA VAL D 824 -3.21 53.20 -18.93
C VAL D 824 -3.73 53.77 -20.27
N ASP D 825 -5.05 53.92 -20.42
CA ASP D 825 -5.57 54.48 -21.66
C ASP D 825 -5.28 55.97 -21.66
N SER D 826 -5.45 56.57 -20.49
CA SER D 826 -5.21 58.00 -20.27
C SER D 826 -3.82 58.27 -20.74
N GLN D 827 -2.87 57.50 -20.23
CA GLN D 827 -1.50 57.70 -20.65
C GLN D 827 -1.37 57.57 -22.17
N GLU D 828 -1.73 56.41 -22.71
CA GLU D 828 -1.64 56.20 -24.16
C GLU D 828 -2.17 57.42 -24.95
N LEU D 829 -3.28 58.00 -24.50
CA LEU D 829 -3.85 59.16 -25.21
C LEU D 829 -3.03 60.44 -25.06
N TRP D 830 -2.55 60.68 -23.84
CA TRP D 830 -1.76 61.88 -23.59
C TRP D 830 -0.50 61.85 -24.48
N ILE D 831 -0.08 60.67 -24.90
CA ILE D 831 1.11 60.53 -25.76
C ILE D 831 0.95 61.11 -27.18
N ALA D 832 -0.09 60.65 -27.88
CA ALA D 832 -0.42 61.06 -29.24
C ALA D 832 -0.53 62.55 -29.16
N ALA D 833 -1.18 62.99 -28.10
CA ALA D 833 -1.38 64.38 -27.84
C ALA D 833 -0.06 65.19 -27.78
N VAL D 834 0.78 64.97 -26.77
CA VAL D 834 2.04 65.71 -26.63
C VAL D 834 2.85 65.62 -27.89
N LEU D 835 2.86 64.41 -28.44
CA LEU D 835 3.60 64.18 -29.66
C LEU D 835 3.49 65.43 -30.50
N GLY D 836 2.30 65.66 -31.03
CA GLY D 836 2.08 66.83 -31.85
C GLY D 836 2.49 68.14 -31.23
N ASP D 837 1.69 68.64 -30.28
CA ASP D 837 1.96 69.91 -29.62
C ASP D 837 3.43 70.12 -29.43
N ALA D 838 4.10 69.02 -29.09
CA ALA D 838 5.52 69.05 -28.89
C ALA D 838 6.17 69.74 -30.07
N HIS D 839 5.79 69.34 -31.28
CA HIS D 839 6.40 69.92 -32.46
C HIS D 839 6.03 71.32 -32.90
N PHE D 840 4.82 71.77 -32.60
CA PHE D 840 4.47 73.12 -32.99
C PHE D 840 4.34 74.00 -31.78
N ALA D 841 5.32 74.87 -31.64
CA ALA D 841 5.37 75.81 -30.54
C ALA D 841 5.34 75.13 -29.17
N GLY D 842 4.54 75.68 -28.26
CA GLY D 842 4.43 75.16 -26.89
C GLY D 842 3.94 73.73 -26.74
N MET D 843 4.63 72.98 -25.89
CA MET D 843 4.28 71.60 -25.63
C MET D 843 2.85 71.41 -25.13
N HIS D 844 2.32 72.36 -24.37
CA HIS D 844 0.93 72.24 -23.94
C HIS D 844 0.23 72.15 -25.30
N GLY D 845 0.77 72.93 -26.25
CA GLY D 845 0.34 72.89 -27.64
C GLY D 845 -0.83 73.51 -28.37
N CYS D 846 -1.99 72.90 -28.18
CA CYS D 846 -3.23 73.31 -28.82
C CYS D 846 -4.20 72.21 -28.44
N THR D 847 -4.33 71.23 -29.31
CA THR D 847 -5.25 70.11 -29.13
C THR D 847 -4.81 68.92 -28.33
N ALA D 848 -3.54 68.64 -28.26
CA ALA D 848 -3.27 67.47 -27.48
C ALA D 848 -3.57 67.86 -26.06
N PHE D 849 -2.67 68.61 -25.45
CA PHE D 849 -2.96 68.97 -24.10
C PHE D 849 -3.83 70.19 -24.01
N GLY D 850 -3.75 71.08 -24.98
CA GLY D 850 -4.60 72.24 -24.93
C GLY D 850 -5.95 71.63 -25.08
N TRP D 851 -6.09 70.61 -25.91
CA TRP D 851 -7.39 70.01 -26.03
C TRP D 851 -7.73 69.24 -24.76
N MET D 852 -6.84 68.38 -24.26
CA MET D 852 -7.12 67.68 -22.99
C MET D 852 -7.20 68.91 -22.14
N THR D 853 -6.64 69.97 -22.73
CA THR D 853 -6.47 71.28 -22.13
C THR D 853 -6.05 70.87 -20.76
N LEU D 854 -6.21 71.76 -19.83
CA LEU D 854 -5.85 71.43 -18.49
C LEU D 854 -6.90 70.40 -18.06
N GLN D 855 -8.14 70.84 -18.20
CA GLN D 855 -9.39 70.18 -17.84
C GLN D 855 -9.78 68.69 -17.83
N GLY D 856 -10.57 68.40 -16.79
CA GLY D 856 -11.16 67.11 -16.51
C GLY D 856 -12.61 67.44 -16.14
N ARG D 857 -12.78 68.49 -15.35
CA ARG D 857 -14.10 68.99 -14.90
C ARG D 857 -15.20 68.01 -14.42
N LYS D 858 -15.04 67.53 -13.18
CA LYS D 858 -15.97 66.63 -12.45
C LYS D 858 -16.54 65.34 -13.04
N SER D 859 -16.46 65.17 -14.36
CA SER D 859 -16.94 63.95 -14.95
C SER D 859 -15.79 63.46 -15.81
N ARG D 860 -14.59 63.60 -15.24
CA ARG D 860 -13.33 63.22 -15.84
C ARG D 860 -13.08 63.88 -17.21
N GLY D 861 -12.17 63.29 -17.97
CA GLY D 861 -11.85 63.79 -19.30
C GLY D 861 -12.85 63.20 -20.26
N THR D 862 -13.65 62.25 -19.76
CA THR D 862 -14.68 61.63 -20.56
C THR D 862 -15.78 62.70 -20.73
N ASP D 863 -15.97 63.50 -19.68
CA ASP D 863 -16.96 64.59 -19.70
C ASP D 863 -16.57 65.63 -20.76
N LEU D 864 -15.27 65.71 -21.03
CA LEU D 864 -14.74 66.68 -21.98
C LEU D 864 -14.62 66.20 -23.43
N HIS D 865 -14.53 64.89 -23.67
CA HIS D 865 -14.53 64.42 -25.06
C HIS D 865 -16.03 64.53 -25.32
N SER D 866 -16.79 64.14 -24.30
CA SER D 866 -18.24 64.14 -24.30
C SER D 866 -18.70 65.52 -24.66
N LYS D 867 -18.06 66.51 -24.05
CA LYS D 867 -18.38 67.90 -24.31
C LYS D 867 -18.46 68.02 -25.84
N THR D 868 -17.81 67.10 -26.54
CA THR D 868 -17.80 67.12 -28.01
C THR D 868 -18.81 66.24 -28.71
N ALA D 869 -19.51 65.39 -27.96
CA ALA D 869 -20.55 64.56 -28.56
C ALA D 869 -21.75 65.50 -28.52
N THR D 870 -21.81 66.29 -27.46
CA THR D 870 -22.87 67.28 -27.26
C THR D 870 -22.78 68.18 -28.50
N THR D 871 -21.56 68.59 -28.87
CA THR D 871 -21.39 69.34 -30.10
C THR D 871 -21.72 68.16 -30.98
N VAL D 872 -22.84 68.24 -31.69
CA VAL D 872 -23.30 67.13 -32.52
C VAL D 872 -24.34 66.38 -31.67
N GLY D 873 -24.96 67.08 -30.72
CA GLY D 873 -25.94 66.47 -29.84
C GLY D 873 -26.28 65.02 -30.09
N ILE D 874 -25.63 64.10 -29.38
CA ILE D 874 -25.87 62.66 -29.52
C ILE D 874 -25.06 61.85 -28.49
N SER D 875 -25.26 60.53 -28.49
CA SER D 875 -24.56 59.66 -27.54
C SER D 875 -23.05 59.91 -27.54
N ARG D 876 -22.42 59.58 -26.41
CA ARG D 876 -20.98 59.81 -26.22
C ARG D 876 -20.06 58.61 -26.36
N GLU D 877 -20.34 57.53 -25.65
CA GLU D 877 -19.44 56.38 -25.76
C GLU D 877 -19.15 56.05 -27.21
N HIS D 878 -20.20 55.85 -28.00
CA HIS D 878 -20.03 55.55 -29.43
C HIS D 878 -19.00 56.55 -29.95
N ALA D 879 -19.00 57.74 -29.36
CA ALA D 879 -18.09 58.82 -29.75
C ALA D 879 -16.61 58.66 -29.43
N LYS D 880 -16.27 58.49 -28.15
CA LYS D 880 -14.87 58.36 -27.74
C LYS D 880 -14.13 57.38 -28.62
N ILE D 881 -14.74 56.23 -28.89
CA ILE D 881 -14.07 55.23 -29.71
C ILE D 881 -13.77 55.64 -31.13
N PHE D 882 -14.72 56.23 -31.82
CA PHE D 882 -14.42 56.58 -33.19
C PHE D 882 -13.33 57.66 -33.22
N ASN D 883 -13.26 58.50 -32.19
CA ASN D 883 -12.24 59.52 -32.16
C ASN D 883 -10.94 58.78 -32.10
N TYR D 884 -10.91 57.71 -31.31
CA TYR D 884 -9.72 56.87 -31.22
C TYR D 884 -9.54 56.62 -32.71
N GLY D 885 -10.64 56.26 -33.35
CA GLY D 885 -10.59 56.02 -34.78
C GLY D 885 -10.11 57.27 -35.48
N ARG D 886 -10.60 58.44 -35.08
CA ARG D 886 -10.17 59.67 -35.74
C ARG D 886 -8.68 59.57 -35.66
N ILE D 887 -8.21 59.23 -34.47
CA ILE D 887 -6.80 59.05 -34.30
C ILE D 887 -6.52 57.85 -35.18
N TYR D 888 -5.25 57.69 -35.54
CA TYR D 888 -4.84 56.61 -36.43
C TYR D 888 -5.60 56.76 -37.73
N GLY D 889 -6.30 55.71 -38.11
CA GLY D 889 -7.07 55.73 -39.34
C GLY D 889 -7.67 57.01 -39.87
N ALA D 890 -8.05 56.95 -41.14
CA ALA D 890 -8.65 58.07 -41.87
C ALA D 890 -10.14 58.27 -41.59
N GLY D 891 -10.58 59.53 -41.65
CA GLY D 891 -11.97 59.87 -41.41
C GLY D 891 -12.84 59.92 -42.65
N GLN D 892 -13.58 61.00 -42.83
CA GLN D 892 -14.45 61.12 -43.97
C GLN D 892 -15.14 59.75 -44.19
N PRO D 893 -14.73 58.97 -45.23
CA PRO D 893 -15.41 57.67 -45.40
C PRO D 893 -15.45 56.62 -44.27
N PHE D 894 -14.30 56.21 -43.73
CA PHE D 894 -14.31 55.21 -42.68
C PHE D 894 -15.28 55.71 -41.63
N ALA D 895 -15.24 57.02 -41.41
CA ALA D 895 -16.09 57.68 -40.43
C ALA D 895 -17.54 57.53 -40.80
N GLU D 896 -17.91 57.95 -42.00
CA GLU D 896 -19.29 57.85 -42.43
C GLU D 896 -19.80 56.43 -42.39
N ARG D 897 -19.01 55.46 -42.88
CA ARG D 897 -19.47 54.07 -42.87
C ARG D 897 -19.83 53.64 -41.44
N LEU D 898 -18.90 53.80 -40.50
CA LEU D 898 -19.16 53.44 -39.11
C LEU D 898 -20.45 54.10 -38.62
N LEU D 899 -20.52 55.42 -38.81
CA LEU D 899 -21.70 56.17 -38.41
C LEU D 899 -22.89 55.42 -39.02
N MET D 900 -22.96 55.43 -40.34
CA MET D 900 -24.02 54.78 -41.11
C MET D 900 -24.53 53.50 -40.51
N GLN D 901 -23.61 52.56 -40.38
CA GLN D 901 -23.94 51.28 -39.82
C GLN D 901 -24.76 51.55 -38.55
N PHE D 902 -24.16 52.22 -37.56
CA PHE D 902 -24.86 52.49 -36.31
C PHE D 902 -25.95 53.54 -36.30
N ASN D 903 -25.81 54.59 -37.09
CA ASN D 903 -26.85 55.62 -37.14
C ASN D 903 -27.94 55.09 -38.08
N HIS D 904 -28.98 55.89 -38.35
CA HIS D 904 -30.07 55.36 -39.16
C HIS D 904 -30.47 55.89 -40.54
N ARG D 905 -31.42 56.82 -40.59
CA ARG D 905 -31.90 57.33 -41.88
C ARG D 905 -31.18 58.55 -42.43
N LEU D 906 -30.36 59.19 -41.62
CA LEU D 906 -29.63 60.35 -42.07
C LEU D 906 -28.90 59.79 -43.30
N THR D 907 -28.78 58.46 -43.30
CA THR D 907 -28.17 57.70 -44.37
C THR D 907 -26.89 58.28 -44.93
N GLN D 908 -26.38 57.63 -45.97
CA GLN D 908 -25.14 58.03 -46.60
C GLN D 908 -25.03 59.50 -46.83
N GLN D 909 -26.13 60.12 -47.27
CA GLN D 909 -26.07 61.53 -47.54
C GLN D 909 -25.57 62.26 -46.31
N GLU D 910 -26.23 62.06 -45.18
CA GLU D 910 -25.80 62.76 -43.99
C GLU D 910 -24.55 62.15 -43.40
N ALA D 911 -24.35 60.85 -43.59
CA ALA D 911 -23.15 60.20 -43.07
C ALA D 911 -21.97 60.85 -43.75
N ALA D 912 -22.16 61.11 -45.04
CA ALA D 912 -21.12 61.76 -45.81
C ALA D 912 -20.86 63.13 -45.18
N GLU D 913 -21.92 63.93 -45.05
CA GLU D 913 -21.82 65.28 -44.47
C GLU D 913 -21.08 65.32 -43.14
N LYS D 914 -21.49 64.46 -42.20
CA LYS D 914 -20.90 64.39 -40.85
C LYS D 914 -19.44 63.94 -40.73
N ALA D 915 -19.12 62.79 -41.30
CA ALA D 915 -17.77 62.25 -41.25
C ALA D 915 -16.83 63.29 -41.82
N GLN D 916 -17.26 63.94 -42.89
CA GLN D 916 -16.45 64.99 -43.48
C GLN D 916 -16.31 66.04 -42.37
N GLN D 917 -17.44 66.46 -41.82
CA GLN D 917 -17.47 67.48 -40.77
C GLN D 917 -16.55 67.18 -39.61
N MET D 918 -16.56 65.92 -39.19
CA MET D 918 -15.72 65.48 -38.08
C MET D 918 -14.26 65.51 -38.51
N TYR D 919 -13.93 64.75 -39.55
CA TYR D 919 -12.55 64.77 -40.00
C TYR D 919 -12.18 66.23 -40.11
N ALA D 920 -13.13 67.04 -40.57
CA ALA D 920 -12.89 68.45 -40.75
C ALA D 920 -12.74 69.22 -39.45
N ALA D 921 -13.72 69.14 -38.57
CA ALA D 921 -13.60 69.88 -37.33
C ALA D 921 -12.16 69.84 -36.84
N THR D 922 -11.71 68.66 -36.43
CA THR D 922 -10.36 68.50 -35.93
C THR D 922 -9.26 68.43 -36.97
N LYS D 923 -9.61 68.54 -38.25
CA LYS D 923 -8.63 68.49 -39.36
C LYS D 923 -9.24 69.18 -40.58
N GLY D 924 -10.00 70.25 -40.33
CA GLY D 924 -10.72 70.93 -41.39
C GLY D 924 -10.21 71.72 -42.57
N LEU D 925 -9.37 72.71 -42.34
CA LEU D 925 -8.87 73.60 -43.41
C LEU D 925 -8.34 72.92 -44.70
N ARG D 926 -7.63 73.71 -45.53
CA ARG D 926 -7.06 73.28 -46.83
C ARG D 926 -5.56 72.88 -46.84
N TRP D 927 -5.22 71.69 -47.36
CA TRP D 927 -3.82 71.21 -47.50
C TRP D 927 -3.04 70.74 -46.26
N TYR D 928 -3.66 69.98 -45.35
CA TYR D 928 -2.92 69.52 -44.17
C TYR D 928 -2.93 70.55 -43.00
N ARG D 929 -3.99 71.33 -42.87
CA ARG D 929 -4.00 72.37 -41.85
C ARG D 929 -5.15 72.54 -40.87
N LEU D 930 -4.82 73.27 -39.82
CA LEU D 930 -5.75 73.62 -38.77
C LEU D 930 -6.40 72.56 -37.96
N SER D 931 -7.16 73.07 -37.04
CA SER D 931 -7.83 72.27 -36.10
C SER D 931 -6.67 71.61 -35.42
N ASP D 932 -6.86 70.37 -35.07
CA ASP D 932 -5.92 69.67 -34.24
C ASP D 932 -4.94 68.61 -34.75
N GLU D 933 -5.45 67.57 -35.38
CA GLU D 933 -4.59 66.52 -35.89
C GLU D 933 -3.43 67.11 -36.70
N GLY D 934 -3.38 68.43 -36.81
CA GLY D 934 -2.30 69.06 -37.54
C GLY D 934 -0.99 68.39 -37.18
N GLU D 935 -0.91 67.92 -35.95
CA GLU D 935 0.27 67.23 -35.46
C GLU D 935 0.30 65.91 -36.15
N TRP D 936 -0.87 65.28 -36.15
CA TRP D 936 -1.05 63.99 -36.77
C TRP D 936 -0.44 64.20 -38.12
N LEU D 937 -0.75 65.37 -38.62
CA LEU D 937 -0.28 65.78 -39.90
C LEU D 937 1.25 65.67 -39.98
N VAL D 938 1.98 65.88 -38.89
CA VAL D 938 3.45 65.72 -38.96
C VAL D 938 3.77 64.25 -38.99
N ARG D 939 3.08 63.51 -38.14
CA ARG D 939 3.30 62.10 -38.14
C ARG D 939 3.13 61.70 -39.58
N GLU D 940 1.92 61.99 -40.05
CA GLU D 940 1.52 61.70 -41.40
C GLU D 940 2.51 62.21 -42.38
N LEU D 941 3.22 63.29 -42.05
CA LEU D 941 4.18 63.80 -43.03
C LEU D 941 5.57 63.33 -42.69
N ASN D 942 5.80 63.01 -41.43
CA ASN D 942 7.13 62.57 -41.04
C ASN D 942 7.37 61.14 -41.53
N LEU D 943 6.30 60.46 -41.91
CA LEU D 943 6.45 59.10 -42.39
C LEU D 943 6.12 58.80 -43.85
N PRO D 944 5.37 59.70 -44.54
CA PRO D 944 5.03 59.51 -45.93
C PRO D 944 6.36 59.80 -46.61
N VAL D 945 7.32 60.18 -45.75
CA VAL D 945 8.70 60.47 -46.13
C VAL D 945 9.76 59.82 -45.20
N ASP D 946 10.71 59.20 -45.88
CA ASP D 946 11.84 58.48 -45.34
C ASP D 946 11.74 57.36 -44.34
N ARG D 947 10.83 56.44 -44.57
CA ARG D 947 10.84 55.23 -43.78
C ARG D 947 10.95 55.38 -42.24
N THR D 948 9.94 55.92 -41.59
CA THR D 948 9.91 55.99 -40.15
C THR D 948 10.91 56.56 -39.18
N GLU D 949 10.71 56.01 -37.98
CA GLU D 949 11.38 56.28 -36.74
C GLU D 949 10.72 57.54 -36.26
N GLY D 950 10.64 58.51 -37.17
CA GLY D 950 10.06 59.80 -36.85
C GLY D 950 10.92 60.39 -35.77
N GLY D 951 12.12 59.84 -35.62
CA GLY D 951 13.02 60.31 -34.60
C GLY D 951 12.97 59.33 -33.45
N TRP D 952 11.78 58.89 -33.07
CA TRP D 952 11.74 57.93 -31.99
C TRP D 952 11.70 56.46 -32.39
N ILE D 953 12.89 55.93 -32.13
CA ILE D 953 13.42 54.60 -32.35
C ILE D 953 12.66 53.28 -32.24
N SER D 954 13.16 52.38 -33.07
CA SER D 954 12.73 51.01 -33.32
C SER D 954 12.07 51.26 -34.65
N LEU D 955 12.29 50.40 -35.62
CA LEU D 955 11.68 50.64 -36.92
C LEU D 955 10.56 49.68 -37.25
N GLN D 956 9.40 50.25 -37.49
CA GLN D 956 8.26 49.45 -37.84
C GLN D 956 8.72 48.77 -39.09
N ASP D 957 8.68 47.45 -39.10
CA ASP D 957 9.14 46.79 -40.29
C ASP D 957 8.40 47.25 -41.50
N LEU D 958 9.10 47.18 -42.62
CA LEU D 958 8.54 47.54 -43.90
C LEU D 958 7.80 48.85 -43.89
N ARG D 959 7.92 49.58 -42.79
CA ARG D 959 7.30 50.89 -42.73
C ARG D 959 7.12 51.25 -44.20
N LYS D 960 5.85 51.24 -44.55
CA LYS D 960 5.33 51.42 -45.88
C LYS D 960 5.54 52.50 -46.97
N VAL D 961 6.51 53.41 -46.85
CA VAL D 961 6.75 54.40 -47.91
C VAL D 961 8.05 53.95 -48.49
N GLN D 962 8.43 52.82 -47.91
CA GLN D 962 9.61 52.02 -48.18
C GLN D 962 9.51 51.49 -49.58
N ARG D 963 8.58 50.56 -49.76
CA ARG D 963 8.35 49.93 -51.07
C ARG D 963 7.36 50.63 -51.97
N GLU D 964 6.55 51.54 -51.45
CA GLU D 964 5.70 52.28 -52.37
C GLU D 964 6.68 53.46 -52.62
N THR D 965 7.94 53.09 -52.85
CA THR D 965 9.06 54.01 -53.10
C THR D 965 9.01 54.88 -54.35
N ALA D 966 8.62 56.14 -54.19
CA ALA D 966 8.52 57.11 -55.31
C ALA D 966 9.85 57.46 -56.04
N ARG D 967 9.78 57.48 -57.37
CA ARG D 967 10.89 57.74 -58.29
C ARG D 967 10.20 57.79 -59.63
N LYS D 968 8.98 57.28 -59.61
CA LYS D 968 8.09 57.27 -60.74
C LYS D 968 8.14 56.20 -61.82
N SER D 969 8.31 54.93 -61.45
CA SER D 969 8.25 53.83 -62.42
C SER D 969 6.75 53.50 -62.30
N GLN D 970 6.09 53.26 -63.43
CA GLN D 970 4.61 53.15 -63.58
C GLN D 970 3.37 52.36 -63.10
N TRP D 971 3.36 51.43 -62.13
CA TRP D 971 2.01 50.82 -61.92
C TRP D 971 1.21 50.53 -60.62
N LYS D 972 1.86 50.31 -59.48
CA LYS D 972 1.13 50.06 -58.24
C LYS D 972 0.30 48.79 -58.23
N LYS D 973 0.02 48.34 -57.02
CA LYS D 973 -0.74 47.14 -56.78
C LYS D 973 -2.18 47.12 -57.28
N TRP D 974 -2.40 46.68 -58.52
CA TRP D 974 -3.75 46.57 -59.09
C TRP D 974 -4.46 47.93 -59.24
N GLU D 975 -3.78 48.96 -58.70
CA GLU D 975 -4.16 50.38 -58.71
C GLU D 975 -5.16 50.99 -57.69
N VAL D 976 -6.30 51.56 -58.13
CA VAL D 976 -7.24 52.18 -57.15
C VAL D 976 -7.67 51.10 -56.16
N VAL D 977 -7.28 49.86 -56.49
CA VAL D 977 -7.54 48.70 -55.66
C VAL D 977 -6.71 48.77 -54.36
N ALA D 978 -5.44 49.18 -54.46
CA ALA D 978 -4.63 49.31 -53.25
C ALA D 978 -5.30 50.33 -52.32
N GLU D 979 -5.77 51.43 -52.89
CA GLU D 979 -6.46 52.42 -52.09
C GLU D 979 -7.59 51.64 -51.38
N ARG D 980 -8.03 50.52 -51.98
CA ARG D 980 -9.11 49.70 -51.41
C ARG D 980 -8.81 48.96 -50.11
N ALA D 981 -7.70 48.23 -50.03
CA ALA D 981 -7.42 47.50 -48.80
C ALA D 981 -7.75 48.33 -47.57
N TRP D 982 -7.63 49.67 -47.64
CA TRP D 982 -7.99 50.49 -46.49
C TRP D 982 -9.48 50.71 -46.45
N LYS D 983 -10.15 50.59 -47.61
CA LYS D 983 -11.61 50.70 -47.64
C LYS D 983 -11.98 49.31 -47.12
N GLY D 984 -11.05 48.39 -47.34
CA GLY D 984 -11.19 47.03 -46.87
C GLY D 984 -10.52 47.06 -45.52
N GLY D 985 -9.96 48.23 -45.22
CA GLY D 985 -9.30 48.46 -43.96
C GLY D 985 -10.47 48.61 -43.04
N THR D 986 -11.57 49.14 -43.58
CA THR D 986 -12.83 49.31 -42.84
C THR D 986 -13.13 47.88 -42.41
N GLU D 987 -13.17 47.01 -43.43
CA GLU D 987 -13.41 45.57 -43.32
C GLU D 987 -12.33 45.01 -42.38
N SER D 988 -11.11 45.60 -42.48
CA SER D 988 -9.95 45.21 -41.67
C SER D 988 -10.04 45.62 -40.21
N GLU D 989 -10.59 46.81 -39.97
CA GLU D 989 -10.77 47.30 -38.61
C GLU D 989 -11.59 46.29 -37.86
N MET D 990 -12.36 45.56 -38.65
CA MET D 990 -13.21 44.49 -38.18
C MET D 990 -12.42 43.22 -38.45
N PHE D 991 -11.62 43.23 -39.54
CA PHE D 991 -10.79 42.08 -39.91
C PHE D 991 -10.13 41.72 -38.62
N ASN D 992 -9.69 42.75 -37.93
CA ASN D 992 -8.98 42.49 -36.74
C ASN D 992 -9.69 41.87 -35.59
N LYS D 993 -9.16 40.66 -35.43
CA LYS D 993 -9.42 39.59 -34.46
C LYS D 993 -10.69 38.73 -34.45
N LEU D 994 -10.41 37.49 -34.91
CA LEU D 994 -11.33 36.34 -35.02
C LEU D 994 -12.24 36.25 -33.78
N GLU D 995 -11.59 36.28 -32.61
CA GLU D 995 -12.26 36.25 -31.31
C GLU D 995 -13.52 37.14 -31.34
N SER D 996 -13.30 38.45 -31.17
CA SER D 996 -14.36 39.48 -31.15
C SER D 996 -14.12 40.50 -32.27
N ILE D 997 -15.17 41.22 -32.70
CA ILE D 997 -15.03 42.23 -33.78
C ILE D 997 -15.51 43.66 -33.47
N ALA D 998 -14.53 44.58 -33.34
CA ALA D 998 -14.79 45.99 -33.03
C ALA D 998 -15.60 46.14 -31.72
N THR D 999 -15.72 45.08 -30.93
CA THR D 999 -16.51 45.19 -29.71
C THR D 999 -16.00 46.40 -28.94
N SER D 1000 -16.76 47.45 -29.19
CA SER D 1000 -16.58 48.73 -28.57
C SER D 1000 -18.02 48.87 -28.08
N ASP D 1001 -18.30 48.06 -27.06
CA ASP D 1001 -19.59 47.97 -26.43
C ASP D 1001 -19.73 49.19 -25.51
N ILE D 1002 -20.06 48.93 -24.25
CA ILE D 1002 -20.15 49.95 -23.22
C ILE D 1002 -18.67 50.34 -23.50
N PRO D 1003 -17.66 49.69 -22.86
CA PRO D 1003 -16.19 49.72 -22.91
C PRO D 1003 -15.73 49.16 -24.27
N ARG D 1004 -15.65 50.16 -25.12
CA ARG D 1004 -15.34 50.23 -26.53
C ARG D 1004 -13.87 50.13 -26.95
N THR D 1005 -13.29 48.93 -27.04
CA THR D 1005 -11.86 48.83 -27.36
C THR D 1005 -11.26 48.70 -28.79
N PRO D 1006 -11.92 47.97 -29.70
CA PRO D 1006 -11.62 47.66 -31.11
C PRO D 1006 -10.21 47.72 -31.74
N VAL D 1007 -9.81 48.91 -32.19
CA VAL D 1007 -8.52 49.16 -32.87
C VAL D 1007 -7.86 47.87 -33.38
N GLU D 1023 -2.65 49.33 -47.07
CA GLU D 1023 -1.79 48.88 -48.16
C GLU D 1023 -0.48 49.68 -48.21
N GLU D 1024 0.18 49.81 -47.06
CA GLU D 1024 1.43 50.54 -47.02
C GLU D 1024 1.24 51.98 -47.42
N PHE D 1025 0.19 52.66 -46.98
CA PHE D 1025 0.01 54.04 -47.42
C PHE D 1025 -0.08 55.12 -46.35
N MET D 1026 -1.26 55.45 -45.88
CA MET D 1026 -1.32 56.49 -44.86
C MET D 1026 -1.93 55.91 -43.60
N THR D 1027 -3.24 56.07 -43.49
CA THR D 1027 -4.02 55.57 -42.37
C THR D 1027 -3.37 54.33 -41.70
N SER D 1028 -2.93 53.40 -42.53
CA SER D 1028 -2.29 52.18 -42.05
C SER D 1028 -0.96 52.51 -41.38
N ARG D 1029 -0.01 52.99 -42.18
CA ARG D 1029 1.30 53.35 -41.65
C ARG D 1029 1.14 54.15 -40.38
N VAL D 1030 0.38 55.24 -40.49
CA VAL D 1030 0.13 56.11 -39.35
C VAL D 1030 -0.29 55.23 -38.16
N ASN D 1031 -1.37 54.47 -38.34
CA ASN D 1031 -1.81 53.64 -37.23
C ASN D 1031 -0.61 52.89 -36.65
N TRP D 1032 0.11 52.21 -37.52
CA TRP D 1032 1.26 51.44 -37.10
C TRP D 1032 2.22 52.26 -36.27
N VAL D 1033 2.47 53.49 -36.70
CA VAL D 1033 3.36 54.37 -35.98
C VAL D 1033 2.88 54.67 -34.58
N VAL D 1034 1.58 54.91 -34.46
CA VAL D 1034 1.00 55.20 -33.17
C VAL D 1034 1.30 54.07 -32.22
N GLN D 1035 1.09 52.85 -32.68
CA GLN D 1035 1.35 51.69 -31.86
C GLN D 1035 2.78 51.70 -31.31
N SER D 1036 3.77 51.84 -32.18
CA SER D 1036 5.15 51.88 -31.75
C SER D 1036 5.23 52.69 -30.48
N SER D 1037 5.09 54.00 -30.61
CA SER D 1037 5.14 54.92 -29.47
C SER D 1037 4.59 54.28 -28.20
N ALA D 1038 3.40 53.67 -28.27
CA ALA D 1038 2.78 53.02 -27.12
C ALA D 1038 3.68 51.92 -26.61
N VAL D 1039 4.10 51.07 -27.55
CA VAL D 1039 4.98 49.96 -27.24
C VAL D 1039 6.10 50.51 -26.38
N ASP D 1040 6.89 51.41 -26.96
CA ASP D 1040 7.99 52.01 -26.24
C ASP D 1040 7.47 52.29 -24.84
N TYR D 1041 6.48 53.16 -24.74
CA TYR D 1041 5.95 53.54 -23.45
C TYR D 1041 5.93 52.39 -22.47
N LEU D 1042 4.99 51.50 -22.66
CA LEU D 1042 4.90 50.37 -21.77
C LEU D 1042 6.29 49.81 -21.51
N HIS D 1043 7.07 49.63 -22.57
CA HIS D 1043 8.42 49.08 -22.45
C HIS D 1043 9.23 49.79 -21.39
N LEU D 1044 9.39 51.08 -21.62
CA LEU D 1044 10.15 51.91 -20.72
C LEU D 1044 9.59 51.62 -19.36
N MET D 1045 8.30 51.81 -19.25
CA MET D 1045 7.62 51.58 -18.01
C MET D 1045 8.13 50.31 -17.33
N LEU D 1046 7.79 49.17 -17.90
CA LEU D 1046 8.18 47.90 -17.32
C LEU D 1046 9.64 47.87 -16.85
N VAL D 1047 10.53 48.35 -17.71
CA VAL D 1047 11.96 48.39 -17.43
C VAL D 1047 12.30 49.03 -16.09
N ALA D 1048 11.84 50.27 -15.93
CA ALA D 1048 12.07 50.98 -14.71
C ALA D 1048 11.56 50.10 -13.59
N MET D 1049 10.31 49.67 -13.72
CA MET D 1049 9.68 48.83 -12.73
C MET D 1049 10.65 47.78 -12.25
N LYS D 1050 10.96 46.84 -13.13
CA LYS D 1050 11.89 45.78 -12.80
C LYS D 1050 13.10 46.34 -12.08
N TRP D 1051 13.74 47.32 -12.71
CA TRP D 1051 14.92 47.91 -12.11
C TRP D 1051 14.74 48.21 -10.63
N LEU D 1052 13.97 49.24 -10.34
CA LEU D 1052 13.75 49.60 -8.96
C LEU D 1052 13.47 48.39 -8.10
N PHE D 1053 12.68 47.46 -8.62
CA PHE D 1053 12.34 46.25 -7.86
C PHE D 1053 13.60 45.51 -7.42
N GLU D 1054 14.51 45.33 -8.37
CA GLU D 1054 15.74 44.66 -8.05
C GLU D 1054 16.48 45.57 -7.10
N GLU D 1055 16.43 46.86 -7.40
CA GLU D 1055 17.11 47.83 -6.56
C GLU D 1055 16.49 47.93 -5.18
N PHE D 1056 16.49 46.79 -4.48
CA PHE D 1056 16.00 46.73 -3.12
C PHE D 1056 14.53 46.51 -2.95
N ALA D 1057 14.18 46.13 -1.73
CA ALA D 1057 12.79 45.88 -1.32
C ALA D 1057 12.08 44.89 -2.24
N ILE D 1058 12.86 44.08 -2.97
CA ILE D 1058 12.31 43.12 -3.92
C ILE D 1058 11.21 42.14 -3.42
N ASP D 1059 10.09 42.15 -4.15
CA ASP D 1059 8.88 41.40 -3.81
C ASP D 1059 8.27 40.37 -4.81
N GLY D 1060 8.33 40.64 -6.12
CA GLY D 1060 7.77 39.71 -7.09
C GLY D 1060 8.08 39.75 -8.59
N ARG D 1061 7.06 40.07 -9.39
CA ARG D 1061 7.15 40.13 -10.85
C ARG D 1061 5.69 40.27 -11.29
N PHE D 1062 5.38 40.06 -12.57
CA PHE D 1062 3.98 40.17 -12.92
C PHE D 1062 3.41 39.55 -14.18
N CYS D 1063 2.12 39.81 -14.35
CA CYS D 1063 1.24 39.22 -15.37
C CYS D 1063 0.48 39.86 -16.54
N ILE D 1064 0.20 41.15 -16.51
CA ILE D 1064 -0.65 41.72 -17.55
C ILE D 1064 -0.40 43.03 -18.27
N SER D 1065 -0.26 42.93 -19.57
CA SER D 1065 -0.10 44.07 -20.45
C SER D 1065 -1.36 43.87 -21.24
N ILE D 1066 -2.43 44.45 -20.80
CA ILE D 1066 -3.63 44.30 -21.57
C ILE D 1066 -3.57 45.55 -22.36
N HIS D 1067 -4.23 45.62 -23.52
CA HIS D 1067 -4.18 46.88 -24.25
C HIS D 1067 -4.41 47.81 -23.09
N ASP D 1068 -3.35 48.45 -22.60
CA ASP D 1068 -3.51 49.32 -21.46
C ASP D 1068 -3.48 48.62 -20.06
N GLU D 1069 -2.98 47.43 -19.91
CA GLU D 1069 -3.03 47.02 -18.52
C GLU D 1069 -1.71 46.53 -18.07
N VAL D 1070 -1.48 46.80 -16.79
CA VAL D 1070 -0.23 46.46 -16.12
C VAL D 1070 -0.39 46.18 -14.60
N ARG D 1071 -0.74 44.95 -14.27
CA ARG D 1071 -0.90 44.52 -12.88
C ARG D 1071 0.37 43.81 -12.42
N TYR D 1072 1.00 44.40 -11.41
CA TYR D 1072 2.23 43.90 -10.82
C TYR D 1072 1.98 43.04 -9.62
N LEU D 1073 2.76 41.99 -9.44
CA LEU D 1073 2.54 41.11 -8.31
C LEU D 1073 3.52 41.34 -7.18
N VAL D 1074 3.04 41.29 -5.93
CA VAL D 1074 3.86 41.51 -4.71
C VAL D 1074 3.60 40.57 -3.50
N ARG D 1075 4.65 40.08 -2.85
CA ARG D 1075 4.44 39.26 -1.65
C ARG D 1075 3.54 40.25 -0.91
N GLU D 1076 2.47 39.79 -0.27
CA GLU D 1076 1.54 40.71 0.35
C GLU D 1076 2.14 41.88 1.11
N GLU D 1077 3.05 41.60 2.02
CA GLU D 1077 3.70 42.69 2.73
C GLU D 1077 4.52 43.25 1.58
N ASP D 1078 5.18 44.39 1.76
CA ASP D 1078 6.00 44.91 0.67
C ASP D 1078 5.14 45.46 -0.48
N ARG D 1079 3.82 45.38 -0.32
CA ARG D 1079 2.92 45.86 -1.35
C ARG D 1079 2.90 47.37 -1.51
N TYR D 1080 3.49 48.09 -0.57
CA TYR D 1080 3.48 49.53 -0.70
C TYR D 1080 4.75 50.00 -1.38
N ARG D 1081 5.86 49.34 -1.08
CA ARG D 1081 7.11 49.71 -1.74
C ARG D 1081 6.88 49.44 -3.23
N ALA D 1082 6.10 48.39 -3.51
CA ALA D 1082 5.77 48.03 -4.89
C ALA D 1082 5.04 49.20 -5.49
N ALA D 1083 3.92 49.54 -4.86
CA ALA D 1083 3.11 50.66 -5.30
C ALA D 1083 4.03 51.82 -5.62
N LEU D 1084 4.85 52.20 -4.64
CA LEU D 1084 5.78 53.30 -4.84
C LEU D 1084 6.60 53.14 -6.11
N ALA D 1085 7.32 52.03 -6.20
CA ALA D 1085 8.14 51.76 -7.36
C ALA D 1085 7.27 52.01 -8.58
N LEU D 1086 6.09 51.43 -8.56
CA LEU D 1086 5.12 51.55 -9.64
C LEU D 1086 4.83 52.98 -10.06
N GLN D 1087 4.30 53.77 -9.14
CA GLN D 1087 3.98 55.17 -9.43
C GLN D 1087 5.22 55.81 -10.00
N ILE D 1088 6.33 55.61 -9.30
CA ILE D 1088 7.58 56.16 -9.72
C ILE D 1088 7.77 55.92 -11.21
N THR D 1089 8.00 54.65 -11.56
CA THR D 1089 8.21 54.30 -12.95
C THR D 1089 7.33 55.17 -13.87
N ASN D 1090 6.12 55.47 -13.42
CA ASN D 1090 5.24 56.29 -14.23
C ASN D 1090 5.83 57.64 -14.54
N LEU D 1091 5.88 58.51 -13.56
CA LEU D 1091 6.42 59.84 -13.78
C LEU D 1091 7.63 59.75 -14.66
N LEU D 1092 8.71 59.24 -14.12
CA LEU D 1092 9.93 59.12 -14.88
C LEU D 1092 9.71 58.73 -16.34
N THR D 1093 9.05 57.60 -16.57
CA THR D 1093 8.82 57.12 -17.93
C THR D 1093 8.18 58.19 -18.79
N ARG D 1094 7.04 58.70 -18.34
CA ARG D 1094 6.35 59.75 -19.07
C ARG D 1094 7.32 60.88 -19.33
N CYS D 1095 8.12 61.22 -18.32
CA CYS D 1095 9.10 62.27 -18.47
C CYS D 1095 9.98 62.03 -19.68
N MET D 1096 10.94 61.14 -19.54
CA MET D 1096 11.86 60.83 -20.63
C MET D 1096 11.12 60.78 -21.95
N PHE D 1097 9.93 60.21 -21.91
CA PHE D 1097 9.11 60.11 -23.11
C PHE D 1097 9.05 61.49 -23.75
N ALA D 1098 8.66 62.44 -22.90
CA ALA D 1098 8.49 63.87 -23.21
C ALA D 1098 9.62 64.56 -23.94
N TYR D 1099 10.77 63.90 -23.97
CA TYR D 1099 11.94 64.49 -24.57
C TYR D 1099 12.31 63.79 -25.86
N LYS D 1100 12.31 62.46 -25.82
CA LYS D 1100 12.61 61.68 -27.00
C LYS D 1100 11.73 62.26 -28.08
N LEU D 1101 10.43 62.16 -27.85
CA LEU D 1101 9.45 62.69 -28.78
C LEU D 1101 9.23 64.10 -28.30
N GLY D 1102 10.18 64.64 -27.54
CA GLY D 1102 9.95 65.98 -27.04
C GLY D 1102 11.03 66.90 -26.56
N LEU D 1103 10.62 67.77 -25.64
CA LEU D 1103 11.49 68.81 -25.13
C LEU D 1103 11.44 69.06 -23.62
N ASN D 1104 12.36 68.42 -22.91
CA ASN D 1104 12.54 68.55 -21.48
C ASN D 1104 11.45 68.91 -20.47
N ASP D 1105 10.26 68.33 -20.55
CA ASP D 1105 9.23 68.62 -19.54
C ASP D 1105 7.79 68.33 -19.82
N LEU D 1106 7.00 68.18 -18.75
CA LEU D 1106 5.58 67.89 -18.87
C LEU D 1106 4.74 67.86 -17.59
N PRO D 1107 3.54 68.44 -17.65
CA PRO D 1107 2.44 68.65 -16.69
C PRO D 1107 2.35 67.71 -15.51
N GLN D 1108 1.63 68.15 -14.48
CA GLN D 1108 1.44 67.34 -13.28
C GLN D 1108 0.45 66.27 -13.65
N SER D 1109 0.14 65.44 -12.68
CA SER D 1109 -0.82 64.38 -12.87
C SER D 1109 -0.50 63.56 -14.11
N VAL D 1110 0.45 64.02 -14.90
CA VAL D 1110 0.84 63.23 -16.04
C VAL D 1110 1.86 62.38 -15.32
N ALA D 1111 2.47 63.00 -14.33
CA ALA D 1111 3.44 62.30 -13.53
C ALA D 1111 2.60 61.31 -12.79
N PHE D 1112 1.45 61.77 -12.32
CA PHE D 1112 0.63 60.88 -11.54
C PHE D 1112 -0.71 60.33 -11.89
N PHE D 1113 -0.63 59.03 -11.65
CA PHE D 1113 -1.51 57.90 -11.79
C PHE D 1113 -2.92 57.71 -11.25
N SER D 1114 -3.81 58.69 -11.20
CA SER D 1114 -5.12 58.38 -10.63
C SER D 1114 -4.77 57.77 -9.24
N ALA D 1115 -4.55 56.45 -9.21
CA ALA D 1115 -4.15 55.74 -7.98
C ALA D 1115 -3.72 54.31 -8.31
N VAL D 1116 -2.79 53.75 -7.54
CA VAL D 1116 -2.35 52.37 -7.80
C VAL D 1116 -3.30 51.43 -7.04
N ASP D 1117 -3.73 50.38 -7.73
CA ASP D 1117 -4.66 49.40 -7.18
C ASP D 1117 -4.00 48.10 -6.75
N ILE D 1118 -4.15 47.81 -5.46
CA ILE D 1118 -3.64 46.57 -4.91
C ILE D 1118 -4.82 45.75 -4.43
N ASP D 1119 -4.89 44.55 -4.96
CA ASP D 1119 -5.94 43.64 -4.61
C ASP D 1119 -5.41 42.31 -5.09
N ARG D 1120 -6.15 41.24 -4.83
CA ARG D 1120 -5.68 39.95 -5.26
C ARG D 1120 -6.47 39.48 -6.48
N CYS D 1121 -7.56 40.14 -6.79
CA CYS D 1121 -8.37 39.73 -7.93
C CYS D 1121 -7.93 40.37 -9.26
N LEU D 1122 -8.82 40.38 -10.26
CA LEU D 1122 -8.49 40.94 -11.58
C LEU D 1122 -9.55 41.76 -12.28
N ARG D 1123 -9.94 42.90 -11.70
CA ARG D 1123 -10.90 43.74 -12.38
C ARG D 1123 -10.48 45.20 -12.34
N LYS D 1124 -10.69 45.87 -13.47
CA LYS D 1124 -10.33 47.27 -13.63
C LYS D 1124 -10.91 48.27 -12.66
N GLU D 1125 -10.13 48.60 -11.64
CA GLU D 1125 -10.53 49.58 -10.65
C GLU D 1125 -11.26 49.01 -9.44
N VAL D 1126 -11.14 47.70 -9.26
CA VAL D 1126 -11.70 47.03 -8.09
C VAL D 1126 -12.99 47.59 -7.47
N THR D 1127 -13.16 47.32 -6.17
CA THR D 1127 -14.33 47.73 -5.41
C THR D 1127 -15.50 47.77 -6.32
N MET D 1128 -15.61 46.68 -7.05
CA MET D 1128 -16.66 46.48 -8.01
C MET D 1128 -17.39 45.32 -7.45
N ASP D 1129 -16.76 44.20 -7.75
CA ASP D 1129 -17.22 42.87 -7.52
C ASP D 1129 -17.69 42.91 -8.96
N CYS D 1130 -17.87 41.79 -9.60
CA CYS D 1130 -18.35 41.89 -10.97
C CYS D 1130 -19.62 41.06 -11.00
N LYS D 1131 -20.72 41.61 -10.45
CA LYS D 1131 -22.00 40.88 -10.35
C LYS D 1131 -22.33 40.12 -11.59
N THR D 1132 -22.37 40.80 -12.72
CA THR D 1132 -22.58 40.05 -13.93
C THR D 1132 -21.22 39.41 -14.02
N PRO D 1133 -21.14 38.25 -14.65
CA PRO D 1133 -22.29 37.56 -15.22
C PRO D 1133 -23.09 36.81 -14.18
N SER D 1134 -24.36 37.15 -14.03
CA SER D 1134 -25.13 36.41 -13.06
C SER D 1134 -24.40 36.25 -11.71
N ASN D 1135 -24.05 35.02 -11.38
CA ASN D 1135 -23.43 34.68 -10.12
C ASN D 1135 -21.99 34.94 -9.81
N PRO D 1136 -21.09 34.83 -10.77
CA PRO D 1136 -19.70 35.10 -10.44
C PRO D 1136 -19.63 35.96 -9.22
N THR D 1137 -19.72 37.26 -9.40
CA THR D 1137 -19.71 38.17 -8.26
C THR D 1137 -20.68 37.56 -7.31
N GLY D 1138 -21.85 37.26 -7.84
CA GLY D 1138 -22.89 36.67 -7.05
C GLY D 1138 -22.13 35.84 -6.07
N MET D 1139 -21.60 34.72 -6.56
CA MET D 1139 -20.80 33.82 -5.75
C MET D 1139 -19.48 34.50 -5.32
N GLU D 1140 -19.03 35.51 -6.05
CA GLU D 1140 -17.78 36.22 -5.77
C GLU D 1140 -17.51 36.90 -4.41
N ARG D 1141 -18.37 37.80 -4.00
CA ARG D 1141 -18.12 38.37 -2.70
C ARG D 1141 -17.82 37.13 -1.86
N ARG D 1142 -18.77 36.18 -1.86
CA ARG D 1142 -18.70 34.92 -1.12
C ARG D 1142 -17.88 33.84 -1.86
N TYR D 1143 -17.32 34.20 -3.03
CA TYR D 1143 -16.49 33.25 -3.76
C TYR D 1143 -15.28 33.35 -2.90
N GLY D 1144 -14.93 34.60 -2.58
CA GLY D 1144 -13.78 34.82 -1.75
C GLY D 1144 -13.36 36.24 -1.46
N ILE D 1145 -12.77 36.90 -2.43
CA ILE D 1145 -12.26 38.22 -2.15
C ILE D 1145 -13.12 39.30 -1.55
N PRO D 1146 -12.51 40.03 -0.62
CA PRO D 1146 -12.86 41.15 0.25
C PRO D 1146 -12.92 42.52 -0.42
N GLN D 1147 -12.49 42.61 -1.67
CA GLN D 1147 -12.42 43.89 -2.41
C GLN D 1147 -11.03 44.40 -2.09
N GLY D 1148 -10.54 45.38 -2.85
CA GLY D 1148 -9.20 45.89 -2.57
C GLY D 1148 -9.10 47.40 -2.64
N GLU D 1149 -7.93 47.95 -2.31
CA GLU D 1149 -7.74 49.40 -2.35
C GLU D 1149 -6.93 49.89 -3.54
N ALA D 1150 -6.89 51.22 -3.66
CA ALA D 1150 -6.18 51.93 -4.72
C ALA D 1150 -5.76 53.25 -4.05
N LEU D 1151 -4.48 53.56 -4.05
CA LEU D 1151 -4.04 54.78 -3.36
C LEU D 1151 -3.42 55.90 -4.20
N ASP D 1152 -3.80 57.14 -3.91
CA ASP D 1152 -3.24 58.25 -4.66
C ASP D 1152 -1.93 58.61 -4.03
N ILE D 1153 -0.88 58.37 -4.78
CA ILE D 1153 0.47 58.70 -4.36
C ILE D 1153 0.74 58.73 -2.86
N TYR D 1154 1.05 59.93 -2.40
CA TYR D 1154 1.37 60.19 -1.02
C TYR D 1154 0.75 59.23 -0.01
N GLN D 1155 -0.57 59.17 0.04
CA GLN D 1155 -1.22 58.30 1.00
C GLN D 1155 -0.34 57.08 1.05
N ILE D 1156 -0.09 56.50 -0.12
CA ILE D 1156 0.73 55.32 -0.20
C ILE D 1156 2.09 55.63 0.41
N ILE D 1157 2.74 56.71 -0.04
CA ILE D 1157 4.03 56.99 0.54
C ILE D 1157 3.93 57.29 2.02
N GLU D 1158 2.82 57.85 2.48
CA GLU D 1158 2.70 58.12 3.90
C GLU D 1158 3.01 56.82 4.60
N LEU D 1159 2.59 55.72 3.99
CA LEU D 1159 2.86 54.40 4.55
C LEU D 1159 4.32 54.06 4.28
N THR D 1160 4.78 54.35 3.07
CA THR D 1160 6.17 54.10 2.71
C THR D 1160 6.85 55.45 2.49
N LYS D 1161 7.28 56.06 3.57
CA LYS D 1161 7.92 57.33 3.43
C LYS D 1161 9.29 56.99 2.88
N GLY D 1162 9.68 57.70 1.83
CA GLY D 1162 10.99 57.46 1.26
C GLY D 1162 11.32 56.05 0.83
N SER D 1163 10.34 55.37 0.26
CA SER D 1163 10.52 54.02 -0.25
C SER D 1163 11.17 53.03 0.70
N LEU D 1164 12.08 52.22 0.17
CA LEU D 1164 12.69 51.23 1.04
C LEU D 1164 14.08 50.68 0.82
N GLU D 1165 14.37 49.77 1.74
CA GLU D 1165 15.58 49.00 1.94
C GLU D 1165 15.15 48.10 3.12
N LYS D 1166 15.81 48.45 4.21
CA LYS D 1166 15.67 47.92 5.56
C LYS D 1166 15.91 49.34 6.11
N ARG D 1167 15.29 50.29 5.41
CA ARG D 1167 15.38 51.73 5.63
C ARG D 1167 14.22 52.36 6.45
N SER D 1168 13.11 52.70 5.79
CA SER D 1168 11.96 53.34 6.45
C SER D 1168 11.29 52.53 7.57
N GLN D 1169 11.13 51.24 7.29
CA GLN D 1169 10.58 50.19 8.16
C GLN D 1169 9.38 50.21 9.19
N PRO D 1170 9.64 50.17 10.53
CA PRO D 1170 8.68 50.14 11.65
C PRO D 1170 7.43 51.01 11.94
N GLY D 1171 7.56 52.33 11.88
CA GLY D 1171 6.44 53.22 12.17
C GLY D 1171 4.99 52.75 12.12
N PRO D 1172 4.41 52.57 10.90
CA PRO D 1172 3.03 52.14 10.63
C PRO D 1172 2.42 51.03 11.52
N GLU E 9 -39.01 -7.03 26.32
CA GLU E 9 -39.07 -6.75 24.86
C GLU E 9 -37.86 -5.92 24.47
N ALA E 10 -37.06 -6.48 23.57
CA ALA E 10 -35.82 -5.84 23.13
C ALA E 10 -35.96 -4.71 22.13
N LEU E 11 -37.06 -4.72 21.38
CA LEU E 11 -37.23 -3.68 20.38
C LEU E 11 -36.83 -2.28 20.87
N LEU E 12 -37.53 -1.75 21.87
CA LEU E 12 -37.25 -0.40 22.39
C LEU E 12 -35.84 0.08 22.09
N GLU E 13 -34.90 -0.30 22.95
CA GLU E 13 -33.51 0.11 22.81
C GLU E 13 -33.11 -0.04 21.36
N ILE E 14 -33.42 -1.20 20.80
CA ILE E 14 -33.09 -1.48 19.41
C ILE E 14 -33.68 -0.44 18.45
N CYS E 15 -34.58 0.39 18.95
CA CYS E 15 -35.21 1.42 18.11
C CYS E 15 -34.44 2.73 18.12
N GLN E 16 -34.03 3.18 19.31
CA GLN E 16 -33.30 4.42 19.42
C GLN E 16 -32.04 4.31 18.57
N ARG E 17 -31.33 3.19 18.74
CA ARG E 17 -30.12 2.96 17.95
C ARG E 17 -30.52 3.28 16.52
N ARG E 18 -29.91 4.33 15.97
CA ARG E 18 -30.17 4.72 14.61
C ARG E 18 -31.53 5.36 14.43
N HIS E 19 -31.98 5.97 15.51
CA HIS E 19 -33.23 6.71 15.55
C HIS E 19 -34.43 6.27 14.74
N PHE E 20 -35.11 5.28 15.27
CA PHE E 20 -36.35 4.81 14.72
C PHE E 20 -37.01 5.57 15.83
N LEU E 21 -37.68 6.70 15.54
CA LEU E 21 -38.29 7.54 16.59
C LEU E 21 -37.24 8.45 17.25
N SER E 22 -37.67 9.28 18.19
CA SER E 22 -36.75 10.19 18.89
C SER E 22 -37.21 10.33 20.33
N GLY E 23 -36.26 10.25 21.27
CA GLY E 23 -36.60 10.37 22.68
C GLY E 23 -35.79 9.49 23.63
N SER E 24 -35.70 9.91 24.89
CA SER E 24 -34.96 9.18 25.93
C SER E 24 -35.90 8.05 26.40
N LYS E 25 -36.21 7.99 27.70
CA LYS E 25 -37.10 6.92 28.19
C LYS E 25 -38.31 7.43 28.95
N GLN E 26 -38.13 8.52 29.68
CA GLN E 26 -39.23 9.13 30.41
C GLN E 26 -40.06 9.82 29.34
N GLN E 27 -39.45 10.03 28.17
CA GLN E 27 -40.06 10.69 27.01
C GLN E 27 -41.33 10.01 26.48
N LEU E 28 -41.12 9.08 25.56
CA LEU E 28 -42.21 8.33 24.96
C LEU E 28 -42.22 6.88 25.45
N SER E 29 -42.47 6.70 26.74
CA SER E 29 -42.50 5.37 27.36
C SER E 29 -43.54 4.48 26.67
N ARG E 30 -43.88 3.39 27.32
CA ARG E 30 -44.85 2.43 26.79
C ARG E 30 -46.28 2.98 26.75
N ASP E 31 -46.40 4.30 26.55
CA ASP E 31 -47.70 4.98 26.52
C ASP E 31 -47.72 6.25 25.66
N SER E 32 -46.72 7.11 25.83
CA SER E 32 -46.63 8.35 25.07
C SER E 32 -46.90 8.07 23.60
N LEU E 33 -46.35 6.98 23.10
CA LEU E 33 -46.57 6.61 21.72
C LEU E 33 -48.07 6.45 21.54
N LEU E 34 -48.62 5.42 22.17
CA LEU E 34 -50.05 5.16 22.10
C LEU E 34 -50.74 6.44 22.53
N SER E 35 -49.98 7.38 23.05
CA SER E 35 -50.52 8.65 23.50
C SER E 35 -50.18 9.75 22.51
N GLY E 36 -49.42 9.41 21.47
CA GLY E 36 -49.03 10.37 20.45
C GLY E 36 -48.35 11.55 21.09
N CYS E 37 -48.34 11.51 22.41
CA CYS E 37 -47.76 12.55 23.20
C CYS E 37 -46.25 12.53 22.95
N HIS E 38 -45.77 11.43 22.38
CA HIS E 38 -44.36 11.25 22.06
C HIS E 38 -43.64 12.57 21.80
N PRO E 39 -42.43 12.73 22.37
CA PRO E 39 -41.67 13.96 22.17
C PRO E 39 -41.37 14.15 20.69
N GLY E 40 -41.82 13.16 19.91
CA GLY E 40 -41.61 13.18 18.48
C GLY E 40 -41.02 11.88 17.96
N PHE E 41 -41.22 11.66 16.66
CA PHE E 41 -40.72 10.47 16.00
C PHE E 41 -39.25 10.68 15.67
N GLY E 42 -38.62 9.68 15.06
CA GLY E 42 -37.20 9.82 14.73
C GLY E 42 -36.93 9.47 13.28
N PRO E 43 -35.75 9.81 12.74
CA PRO E 43 -35.31 9.57 11.36
C PRO E 43 -35.71 8.26 10.74
N LEU E 44 -35.48 7.16 11.44
CA LEU E 44 -35.89 5.91 10.86
C LEU E 44 -37.41 5.97 10.81
N GLY E 45 -38.00 6.35 11.95
CA GLY E 45 -39.44 6.46 12.04
C GLY E 45 -40.05 7.44 11.04
N VAL E 46 -39.36 8.54 10.75
CA VAL E 46 -39.87 9.53 9.82
C VAL E 46 -39.83 9.02 8.39
N GLU E 47 -38.79 8.27 8.10
CA GLU E 47 -38.68 7.69 6.80
C GLU E 47 -39.79 6.68 6.70
N LEU E 48 -40.10 6.04 7.83
CA LEU E 48 -41.12 5.01 7.88
C LEU E 48 -42.56 5.46 7.60
N ARG E 49 -42.95 6.62 8.12
CA ARG E 49 -44.29 7.14 7.86
C ARG E 49 -44.60 7.26 6.40
N LYS E 50 -43.69 7.91 5.68
CA LYS E 50 -43.84 8.13 4.25
C LYS E 50 -44.00 6.82 3.54
N ASN E 51 -43.04 5.94 3.71
CA ASN E 51 -43.18 4.69 3.04
C ASN E 51 -44.52 4.04 3.44
N LEU E 52 -44.87 4.01 4.73
CA LEU E 52 -46.14 3.39 5.17
C LEU E 52 -47.44 3.98 4.62
N ALA E 53 -47.48 5.32 4.64
CA ALA E 53 -48.62 6.12 4.24
C ALA E 53 -48.99 6.19 2.75
N ALA E 54 -48.02 6.36 1.85
CA ALA E 54 -48.33 6.43 0.42
C ALA E 54 -49.10 5.14 0.04
N GLU E 55 -48.54 3.95 0.25
CA GLU E 55 -49.25 2.70 -0.05
C GLU E 55 -50.74 2.75 0.38
N TRP E 56 -51.03 3.31 1.56
CA TRP E 56 -52.42 3.44 1.97
C TRP E 56 -53.07 4.33 0.90
N TRP E 57 -52.31 5.35 0.48
CA TRP E 57 -52.67 6.33 -0.54
C TRP E 57 -52.35 5.75 -1.92
N THR E 58 -53.13 4.75 -2.33
CA THR E 58 -52.95 4.10 -3.62
C THR E 58 -54.03 3.04 -3.80
N SER E 59 -53.91 1.93 -3.08
CA SER E 59 -54.85 0.82 -3.15
C SER E 59 -56.30 1.27 -3.07
N VAL E 60 -56.49 2.56 -2.84
CA VAL E 60 -57.82 3.13 -2.76
C VAL E 60 -57.93 4.25 -3.82
N VAL E 61 -57.13 5.28 -3.66
CA VAL E 61 -57.13 6.39 -4.59
C VAL E 61 -56.70 5.96 -5.98
N VAL E 62 -55.68 5.10 -6.04
CA VAL E 62 -55.13 4.65 -7.31
C VAL E 62 -55.91 3.61 -8.10
N PHE E 63 -56.44 2.59 -7.44
CA PHE E 63 -57.21 1.58 -8.16
C PHE E 63 -58.45 2.34 -8.61
N ARG E 64 -59.43 2.46 -7.72
CA ARG E 64 -60.64 3.19 -8.04
C ARG E 64 -60.28 4.66 -7.83
N GLU E 65 -59.85 5.31 -8.92
CA GLU E 65 -59.47 6.72 -8.86
C GLU E 65 -60.68 7.59 -8.57
N GLN E 66 -61.88 7.00 -8.57
CA GLN E 66 -63.10 7.74 -8.27
C GLN E 66 -62.88 8.43 -6.95
N VAL E 67 -61.81 8.01 -6.29
CA VAL E 67 -61.42 8.59 -5.00
C VAL E 67 -60.48 9.71 -5.38
N PHE E 68 -60.61 10.85 -4.72
CA PHE E 68 -59.76 11.98 -5.02
C PHE E 68 -59.20 12.64 -3.79
N PRO E 69 -57.97 13.18 -3.89
CA PRO E 69 -57.34 13.85 -2.76
C PRO E 69 -58.18 15.04 -2.28
N VAL E 70 -58.61 15.00 -1.04
CA VAL E 70 -59.43 16.07 -0.49
C VAL E 70 -58.59 17.13 0.24
N ASP E 71 -59.15 18.31 0.43
CA ASP E 71 -58.48 19.43 1.11
C ASP E 71 -58.77 19.44 2.59
N ALA E 72 -57.85 18.89 3.39
CA ALA E 72 -58.01 18.84 4.85
C ALA E 72 -57.31 20.02 5.50
N LEU E 73 -58.09 21.04 5.85
CA LEU E 73 -57.56 22.24 6.51
C LEU E 73 -57.10 21.86 7.93
N HIS E 74 -56.31 22.71 8.58
CA HIS E 74 -55.82 22.40 9.92
C HIS E 74 -56.54 23.11 11.07
N HIS E 75 -56.92 24.38 10.89
CA HIS E 75 -57.62 25.11 11.95
C HIS E 75 -59.04 25.49 11.50
N LYS E 76 -59.89 25.88 12.45
CA LYS E 76 -61.27 26.24 12.15
C LYS E 76 -61.78 27.47 12.92
N PRO E 77 -62.44 28.40 12.23
CA PRO E 77 -62.98 29.62 12.86
C PRO E 77 -64.04 29.38 13.94
N GLY E 78 -63.57 29.09 15.16
CA GLY E 78 -64.45 28.86 16.31
C GLY E 78 -63.77 29.26 17.63
N PRO E 79 -64.13 28.63 18.78
CA PRO E 79 -63.54 28.93 20.10
C PRO E 79 -62.11 28.39 20.17
N GLY E 121 -61.32 28.64 19.13
CA GLY E 121 -59.98 28.09 19.08
C GLY E 121 -60.34 26.65 18.76
N LYS E 122 -60.04 26.19 17.56
CA LYS E 122 -60.40 24.84 17.18
C LYS E 122 -59.18 24.04 16.82
N LEU E 123 -59.25 22.74 17.04
CA LEU E 123 -58.14 21.86 16.73
C LEU E 123 -58.53 21.03 15.51
N ARG E 124 -58.07 19.78 15.47
CA ARG E 124 -58.36 18.84 14.38
C ARG E 124 -58.36 17.44 15.00
N GLU E 125 -59.42 16.68 14.75
CA GLU E 125 -59.52 15.34 15.30
C GLU E 125 -60.35 14.45 14.38
N ASN E 126 -61.31 15.06 13.70
CA ASN E 126 -62.16 14.32 12.80
C ASN E 126 -61.97 14.84 11.40
N LEU E 127 -60.99 14.28 10.71
CA LEU E 127 -60.72 14.68 9.34
C LEU E 127 -62.07 14.71 8.62
N LEU E 128 -63.01 13.91 9.10
CA LEU E 128 -64.34 13.82 8.53
C LEU E 128 -64.92 15.18 8.17
N HIS E 129 -65.03 16.06 9.16
CA HIS E 129 -65.59 17.38 8.87
C HIS E 129 -64.96 17.85 7.58
N GLY E 130 -63.63 17.77 7.53
CA GLY E 130 -62.91 18.18 6.35
C GLY E 130 -63.56 17.68 5.07
N ALA E 131 -63.66 16.36 4.92
CA ALA E 131 -64.25 15.78 3.74
C ALA E 131 -65.69 16.21 3.64
N LEU E 132 -66.33 16.35 4.79
CA LEU E 132 -67.72 16.75 4.85
C LEU E 132 -67.92 18.06 4.13
N GLU E 133 -66.86 18.87 4.03
CA GLU E 133 -66.95 20.18 3.38
C GLU E 133 -66.95 20.15 1.88
N HIS E 134 -66.89 18.97 1.28
CA HIS E 134 -66.85 18.94 -0.16
C HIS E 134 -67.96 18.19 -0.88
N TYR E 135 -68.87 17.57 -0.14
CA TYR E 135 -69.95 16.87 -0.80
C TYR E 135 -70.44 17.75 -1.94
N VAL E 136 -70.74 19.02 -1.62
CA VAL E 136 -71.24 19.97 -2.62
C VAL E 136 -70.20 20.48 -3.60
N ASN E 137 -69.13 21.03 -3.06
CA ASN E 137 -68.07 21.60 -3.88
C ASN E 137 -67.46 20.62 -4.89
N CYS E 138 -67.34 19.35 -4.52
CA CYS E 138 -66.77 18.31 -5.40
C CYS E 138 -67.82 17.46 -6.13
N LEU E 139 -68.91 17.14 -5.45
CA LEU E 139 -69.97 16.35 -6.08
C LEU E 139 -70.16 16.96 -7.43
N ASP E 140 -70.20 18.29 -7.45
CA ASP E 140 -70.38 19.06 -8.67
C ASP E 140 -69.58 18.49 -9.84
N LEU E 141 -68.42 17.92 -9.55
CA LEU E 141 -67.56 17.35 -10.57
C LEU E 141 -67.78 15.86 -10.83
N VAL E 142 -67.11 15.34 -11.85
CA VAL E 142 -67.19 13.94 -12.20
C VAL E 142 -68.65 13.62 -12.50
N ASN E 143 -69.37 14.67 -12.86
CA ASN E 143 -70.77 14.57 -13.23
C ASN E 143 -71.64 13.95 -12.19
N LYS E 144 -71.76 14.64 -11.07
CA LYS E 144 -72.58 14.16 -10.00
C LYS E 144 -72.24 12.69 -9.75
N ARG E 145 -73.26 11.82 -9.82
CA ARG E 145 -73.11 10.37 -9.56
C ARG E 145 -72.53 10.02 -8.19
N LEU E 146 -72.72 8.78 -7.77
CA LEU E 146 -72.23 8.29 -6.49
C LEU E 146 -71.98 6.78 -6.51
N PRO E 147 -71.01 6.30 -5.66
CA PRO E 147 -70.40 7.09 -4.58
C PRO E 147 -68.90 7.42 -4.93
N TYR E 148 -68.26 8.16 -4.04
CA TYR E 148 -66.85 8.54 -4.24
C TYR E 148 -66.10 8.64 -2.92
N GLY E 149 -64.89 9.14 -3.02
CA GLY E 149 -64.09 9.28 -1.83
C GLY E 149 -63.27 10.55 -1.86
N LEU E 150 -62.84 10.97 -0.69
CA LEU E 150 -62.03 12.16 -0.55
C LEU E 150 -60.93 11.82 0.42
N ALA E 151 -60.20 10.74 0.13
CA ALA E 151 -59.12 10.31 0.99
C ALA E 151 -57.99 11.33 1.08
N GLN E 152 -57.39 11.40 2.25
CA GLN E 152 -56.31 12.35 2.50
C GLN E 152 -55.73 12.13 3.89
N ILE E 153 -54.78 11.20 3.98
CA ILE E 153 -54.14 10.92 5.25
C ILE E 153 -53.76 12.25 5.84
N GLY E 154 -53.58 12.28 7.15
CA GLY E 154 -53.21 13.53 7.81
C GLY E 154 -53.05 13.33 9.29
N VAL E 155 -52.62 14.38 9.98
CA VAL E 155 -52.44 14.34 11.42
C VAL E 155 -53.65 14.83 12.18
N CYS E 156 -54.17 13.99 13.06
CA CYS E 156 -55.28 14.36 13.92
C CYS E 156 -54.54 14.49 15.25
N PHE E 157 -55.28 14.57 16.34
CA PHE E 157 -54.67 14.68 17.65
C PHE E 157 -55.76 14.88 18.66
N HIS E 158 -55.69 14.07 19.72
CA HIS E 158 -56.66 14.12 20.78
C HIS E 158 -55.84 14.36 22.03
N PRO E 159 -56.32 15.23 22.91
CA PRO E 159 -55.66 15.56 24.18
C PRO E 159 -55.54 14.37 25.14
N VAL E 160 -54.47 14.37 25.94
CA VAL E 160 -54.21 13.30 26.92
C VAL E 160 -53.90 13.86 28.30
N LYS E 171 -52.60 19.44 31.48
CA LYS E 171 -52.86 18.29 30.63
C LYS E 171 -51.71 18.02 29.66
N SER E 172 -51.59 16.76 29.21
CA SER E 172 -50.54 16.34 28.28
C SER E 172 -50.93 16.68 26.86
N ILE E 173 -51.83 15.89 26.28
CA ILE E 173 -52.28 16.12 24.91
C ILE E 173 -51.22 15.68 23.89
N GLY E 174 -51.67 14.98 22.84
CA GLY E 174 -50.76 14.50 21.81
C GLY E 174 -51.25 14.68 20.38
N GLU E 175 -50.37 14.36 19.43
CA GLU E 175 -50.68 14.49 18.01
C GLU E 175 -50.62 13.11 17.35
N LYS E 176 -51.43 12.91 16.31
CA LYS E 176 -51.45 11.63 15.62
C LYS E 176 -52.05 11.68 14.20
N THR E 177 -51.28 11.20 13.22
CA THR E 177 -51.74 11.22 11.83
C THR E 177 -52.94 10.35 11.52
N GLU E 178 -54.13 10.88 11.74
CA GLU E 178 -55.35 10.14 11.44
C GLU E 178 -55.51 10.16 9.92
N ALA E 179 -55.60 8.99 9.31
CA ALA E 179 -55.75 8.90 7.87
C ALA E 179 -57.20 9.21 7.55
N SER E 180 -57.60 9.00 6.29
CA SER E 180 -58.96 9.31 5.93
C SER E 180 -59.63 8.37 4.92
N LEU E 181 -60.65 8.88 4.25
CA LEU E 181 -61.42 8.19 3.21
C LEU E 181 -62.64 9.09 2.99
N VAL E 182 -63.75 8.73 3.63
CA VAL E 182 -65.00 9.50 3.52
C VAL E 182 -65.72 9.17 2.23
N TRP E 183 -66.47 8.08 2.28
CA TRP E 183 -67.20 7.63 1.12
C TRP E 183 -68.62 8.13 1.16
N PHE E 184 -69.30 8.05 0.03
CA PHE E 184 -70.66 8.51 -0.05
C PHE E 184 -71.48 7.58 -0.94
N THR E 185 -71.81 6.39 -0.43
CA THR E 185 -72.61 5.37 -1.16
C THR E 185 -74.12 5.43 -0.90
N PRO E 186 -74.93 4.85 -1.80
CA PRO E 186 -76.39 4.81 -1.72
C PRO E 186 -76.92 3.46 -1.18
N PRO E 187 -78.13 3.47 -0.56
CA PRO E 187 -78.74 2.25 -0.01
C PRO E 187 -78.73 1.14 -1.06
N ARG E 188 -78.77 1.56 -2.31
CA ARG E 188 -78.76 0.68 -3.47
C ARG E 188 -77.76 -0.45 -3.22
N THR E 189 -76.58 -0.09 -2.74
CA THR E 189 -75.54 -1.08 -2.45
C THR E 189 -74.65 -0.53 -1.33
N SER E 190 -75.20 0.42 -0.58
CA SER E 190 -74.50 1.07 0.52
C SER E 190 -73.76 0.13 1.46
N ASN E 191 -74.35 -0.15 2.63
CA ASN E 191 -73.71 -1.04 3.59
C ASN E 191 -73.23 -2.27 2.84
N GLN E 192 -73.92 -2.60 1.76
CA GLN E 192 -73.54 -3.74 0.93
C GLN E 192 -72.05 -3.54 0.64
N TRP E 193 -71.72 -2.33 0.20
CA TRP E 193 -70.34 -1.93 -0.12
C TRP E 193 -69.49 -1.70 1.14
N LEU E 194 -70.15 -1.43 2.26
CA LEU E 194 -69.51 -1.19 3.54
C LEU E 194 -68.59 -2.35 3.90
N ASP E 195 -68.99 -3.55 3.48
CA ASP E 195 -68.23 -4.76 3.77
C ASP E 195 -66.98 -4.96 2.91
N PHE E 196 -67.08 -4.71 1.61
CA PHE E 196 -65.93 -4.85 0.73
C PHE E 196 -64.91 -3.81 1.12
N TRP E 197 -65.43 -2.63 1.47
CA TRP E 197 -64.57 -1.57 1.90
C TRP E 197 -63.85 -2.18 3.10
N LEU E 198 -64.53 -3.09 3.78
CA LEU E 198 -63.96 -3.76 4.92
C LEU E 198 -63.15 -4.89 4.34
N ARG E 199 -63.76 -5.58 3.38
CA ARG E 199 -63.14 -6.71 2.70
C ARG E 199 -61.85 -6.26 2.06
N HIS E 200 -61.99 -5.34 1.13
CA HIS E 200 -60.81 -4.83 0.45
C HIS E 200 -59.88 -4.33 1.52
N ARG E 201 -60.44 -3.63 2.49
CA ARG E 201 -59.65 -3.07 3.58
C ARG E 201 -58.77 -4.15 4.20
N LEU E 202 -59.41 -5.07 4.91
CA LEU E 202 -58.71 -6.17 5.56
C LEU E 202 -57.60 -6.66 4.64
N GLN E 203 -57.93 -6.81 3.36
CA GLN E 203 -56.98 -7.30 2.37
C GLN E 203 -55.68 -6.49 2.28
N TRP E 204 -55.77 -5.17 2.46
CA TRP E 204 -54.60 -4.27 2.37
C TRP E 204 -53.53 -4.27 3.46
N TRP E 205 -53.96 -4.09 4.70
CA TRP E 205 -53.00 -4.06 5.79
C TRP E 205 -52.32 -5.39 5.75
N ARG E 206 -53.07 -6.40 6.18
CA ARG E 206 -52.59 -7.77 6.23
C ARG E 206 -51.82 -8.04 4.94
N LYS E 207 -52.03 -7.20 3.93
CA LYS E 207 -51.37 -7.32 2.63
C LYS E 207 -49.84 -7.23 2.73
N PHE E 208 -49.32 -6.79 3.88
CA PHE E 208 -47.87 -6.69 4.07
C PHE E 208 -47.41 -7.15 5.44
N ALA E 209 -47.66 -8.40 5.81
CA ALA E 209 -47.22 -8.87 7.12
C ALA E 209 -46.65 -10.29 7.09
N MET E 210 -45.51 -10.49 7.75
CA MET E 210 -44.91 -11.83 7.81
C MET E 210 -45.85 -12.71 8.61
N SER E 211 -46.82 -12.07 9.27
CA SER E 211 -47.82 -12.74 10.11
C SER E 211 -49.17 -11.97 10.15
N PRO E 212 -49.89 -11.93 9.01
CA PRO E 212 -51.18 -11.24 8.90
C PRO E 212 -52.24 -11.84 9.80
N SER E 213 -51.91 -12.97 10.39
CA SER E 213 -52.84 -13.63 11.25
C SER E 213 -53.16 -12.67 12.37
N ASN E 214 -52.17 -11.87 12.73
CA ASN E 214 -52.35 -10.90 13.81
C ASN E 214 -53.40 -9.89 13.44
N PHE E 215 -54.13 -10.14 12.36
CA PHE E 215 -55.17 -9.20 11.95
C PHE E 215 -56.54 -9.82 12.00
N SER E 216 -57.49 -9.04 12.52
CA SER E 216 -58.88 -9.44 12.66
C SER E 216 -59.77 -8.21 12.91
N SER E 217 -61.07 -8.43 13.05
CA SER E 217 -62.01 -7.31 13.29
C SER E 217 -63.15 -7.60 14.26
N SER E 218 -63.79 -6.53 14.77
CA SER E 218 -64.90 -6.64 15.71
C SER E 218 -66.10 -5.81 15.28
N ASP E 219 -67.29 -6.40 15.39
CA ASP E 219 -68.52 -5.73 15.00
C ASP E 219 -69.02 -4.92 16.19
N CYS E 220 -69.26 -3.63 15.97
CA CYS E 220 -69.73 -2.77 17.03
C CYS E 220 -70.92 -2.01 16.50
N GLN E 221 -71.66 -1.39 17.41
CA GLN E 221 -72.83 -0.65 17.01
C GLN E 221 -72.94 0.76 17.52
N ASP E 222 -73.40 1.63 16.64
CA ASP E 222 -73.70 3.01 17.01
C ASP E 222 -72.79 4.06 17.62
N GLU E 223 -73.39 5.25 17.56
CA GLU E 223 -72.96 6.55 18.02
C GLU E 223 -73.98 7.33 17.19
N GLU E 224 -73.74 8.59 16.87
CA GLU E 224 -74.72 9.33 16.06
C GLU E 224 -75.10 8.54 14.82
N GLY E 225 -74.11 7.89 14.22
CA GLY E 225 -74.37 7.06 13.06
C GLY E 225 -74.76 5.69 13.63
N ARG E 226 -75.50 4.89 12.88
CA ARG E 226 -75.94 3.56 13.36
C ARG E 226 -75.23 2.33 12.77
N LYS E 227 -74.60 1.53 13.64
CA LYS E 227 -73.87 0.33 13.24
C LYS E 227 -72.41 0.61 12.95
N GLY E 228 -71.51 -0.23 13.46
CA GLY E 228 -70.10 0.03 13.20
C GLY E 228 -69.14 -1.12 13.42
N ASN E 229 -67.86 -0.85 13.20
CA ASN E 229 -66.78 -1.84 13.37
C ASN E 229 -65.39 -1.22 13.56
N LYS E 230 -64.50 -1.97 14.22
CA LYS E 230 -63.15 -1.48 14.52
C LYS E 230 -62.03 -2.49 14.21
N LEU E 231 -60.78 -2.02 14.13
CA LEU E 231 -59.62 -2.88 13.85
C LEU E 231 -58.73 -3.06 15.04
N TYR E 232 -57.86 -4.07 15.02
CA TYR E 232 -56.96 -4.34 16.13
C TYR E 232 -55.79 -5.23 15.67
N TYR E 233 -54.66 -5.19 16.39
CA TYR E 233 -53.45 -6.00 16.08
C TYR E 233 -52.79 -6.68 17.29
N ASN E 234 -52.21 -7.86 17.06
CA ASN E 234 -51.54 -8.61 18.14
C ASN E 234 -50.38 -7.83 18.75
N PHE E 235 -50.70 -7.13 19.83
CA PHE E 235 -49.75 -6.28 20.55
C PHE E 235 -49.44 -6.83 21.93
N PRO E 236 -48.24 -7.39 22.12
CA PRO E 236 -47.79 -7.97 23.40
C PRO E 236 -48.82 -8.01 24.51
N TRP E 237 -49.14 -6.83 25.05
CA TRP E 237 -50.12 -6.75 26.13
C TRP E 237 -51.51 -7.12 25.65
N GLY E 238 -51.62 -7.37 24.35
CA GLY E 238 -52.89 -7.74 23.78
C GLY E 238 -53.77 -6.56 23.47
N LYS E 239 -54.68 -6.77 22.53
CA LYS E 239 -55.65 -5.75 22.09
C LYS E 239 -55.11 -4.46 21.45
N GLU E 240 -56.03 -3.51 21.25
CA GLU E 240 -55.79 -2.19 20.65
C GLU E 240 -56.20 -2.06 19.17
N LEU E 241 -56.83 -0.92 18.84
CA LEU E 241 -57.34 -0.58 17.49
C LEU E 241 -56.38 0.26 16.59
N ILE E 242 -56.59 0.23 15.27
CA ILE E 242 -55.75 1.01 14.32
C ILE E 242 -56.61 1.84 13.38
N GLU E 243 -57.82 1.35 13.13
CA GLU E 243 -58.72 2.02 12.21
C GLU E 243 -60.20 1.85 12.54
N THR E 244 -61.00 2.82 12.17
CA THR E 244 -62.42 2.77 12.42
C THR E 244 -63.18 2.94 11.11
N LEU E 245 -64.31 2.26 11.01
CA LEU E 245 -65.13 2.33 9.81
C LEU E 245 -66.61 2.31 10.18
N TRP E 246 -67.16 3.49 10.41
CA TRP E 246 -68.57 3.64 10.76
C TRP E 246 -69.46 3.84 9.54
N ASN E 247 -70.76 4.03 9.81
CA ASN E 247 -71.81 4.26 8.79
C ASN E 247 -72.85 5.13 9.51
N LEU E 248 -72.62 6.44 9.57
CA LEU E 248 -73.50 7.36 10.28
C LEU E 248 -74.86 7.70 9.66
N GLY E 249 -75.15 7.18 8.47
CA GLY E 249 -76.42 7.49 7.86
C GLY E 249 -76.60 8.99 7.64
N ASP E 250 -77.76 9.51 8.02
CA ASP E 250 -78.02 10.94 7.85
C ASP E 250 -77.15 11.82 8.73
N HIS E 251 -77.49 11.85 10.02
CA HIS E 251 -76.81 12.67 11.04
C HIS E 251 -75.47 13.31 10.71
N GLU E 252 -75.27 14.50 11.28
CA GLU E 252 -74.09 15.34 11.08
C GLU E 252 -73.77 15.47 9.60
N LEU E 253 -74.68 16.14 8.90
CA LEU E 253 -74.58 16.40 7.47
C LEU E 253 -75.77 17.28 7.10
N LEU E 254 -76.95 16.67 6.95
CA LEU E 254 -78.16 17.44 6.67
C LEU E 254 -78.13 18.41 7.86
N HIS E 255 -77.81 17.82 9.00
CA HIS E 255 -77.64 18.49 10.26
C HIS E 255 -76.73 19.65 9.88
N MET E 256 -75.50 19.28 9.52
CA MET E 256 -74.48 20.22 9.13
C MET E 256 -74.92 21.03 7.92
N TYR E 257 -74.54 20.63 6.71
CA TYR E 257 -74.96 21.38 5.55
C TYR E 257 -76.44 21.65 5.64
N PRO E 258 -76.83 22.93 5.52
CA PRO E 258 -78.22 23.37 5.58
C PRO E 258 -79.22 22.47 4.88
N GLY E 259 -80.50 22.90 4.90
CA GLY E 259 -81.57 22.11 4.30
C GLY E 259 -82.18 22.48 2.96
N ASN E 260 -81.36 22.59 1.91
CA ASN E 260 -81.83 22.88 0.57
C ASN E 260 -81.64 21.57 -0.17
N VAL E 261 -82.02 20.47 0.49
CA VAL E 261 -81.90 19.11 -0.05
C VAL E 261 -81.70 19.19 -1.54
N SER E 262 -82.53 20.01 -2.18
CA SER E 262 -82.48 20.25 -3.62
C SER E 262 -81.04 20.45 -4.06
N LYS E 263 -80.22 21.00 -3.18
CA LYS E 263 -78.80 21.25 -3.42
C LYS E 263 -77.95 19.98 -3.27
N LEU E 264 -78.28 19.14 -2.30
CA LEU E 264 -77.54 17.89 -2.07
C LEU E 264 -77.97 16.84 -3.07
N HIS E 265 -79.28 16.67 -3.21
CA HIS E 265 -79.90 15.74 -4.16
C HIS E 265 -78.91 14.83 -4.81
N GLY E 266 -77.79 14.56 -4.17
CA GLY E 266 -76.81 13.72 -4.82
C GLY E 266 -77.70 12.66 -5.46
N ARG E 267 -77.82 12.56 -6.79
CA ARG E 267 -78.73 11.59 -7.41
C ARG E 267 -78.36 10.11 -7.78
N ASP E 268 -78.93 9.11 -7.09
CA ASP E 268 -78.67 7.74 -7.50
C ASP E 268 -79.75 7.53 -8.55
N GLY E 269 -79.60 6.52 -9.38
CA GLY E 269 -80.59 6.30 -10.40
C GLY E 269 -81.08 7.61 -11.02
N ARG E 270 -80.13 8.45 -11.39
CA ARG E 270 -80.42 9.73 -12.06
C ARG E 270 -81.40 10.75 -11.51
N LYS E 271 -82.00 10.52 -10.35
CA LYS E 271 -82.92 11.54 -9.86
C LYS E 271 -82.91 11.71 -8.34
N ASN E 272 -82.18 12.75 -7.94
CA ASN E 272 -81.90 13.17 -6.56
C ASN E 272 -81.74 12.07 -5.52
N VAL E 273 -81.22 12.49 -4.38
CA VAL E 273 -80.96 11.66 -3.17
C VAL E 273 -79.87 12.39 -2.35
N VAL E 274 -79.81 12.12 -1.06
CA VAL E 274 -78.83 12.75 -0.17
C VAL E 274 -78.59 11.73 0.93
N PRO E 275 -78.07 10.55 0.55
CA PRO E 275 -77.77 9.41 1.42
C PRO E 275 -76.51 9.37 2.32
N CYS E 276 -76.52 8.37 3.23
CA CYS E 276 -75.50 8.09 4.27
C CYS E 276 -74.00 8.16 4.05
N VAL E 277 -73.35 8.72 5.07
CA VAL E 277 -71.91 9.00 5.18
C VAL E 277 -70.97 7.85 5.64
N LEU E 278 -69.65 8.06 5.54
CA LEU E 278 -68.66 7.06 5.93
C LEU E 278 -67.38 7.57 6.61
N SER E 279 -66.97 6.86 7.66
CA SER E 279 -65.78 7.20 8.43
C SER E 279 -64.72 6.11 8.45
N VAL E 280 -63.69 6.26 7.63
CA VAL E 280 -62.61 5.28 7.60
C VAL E 280 -61.29 5.92 8.02
N ASN E 281 -61.26 6.38 9.26
CA ASN E 281 -60.07 7.02 9.78
C ASN E 281 -59.10 6.02 10.37
N GLY E 282 -58.04 5.77 9.60
CA GLY E 282 -57.03 4.84 10.05
C GLY E 282 -55.85 5.58 10.63
N ASP E 283 -55.37 5.08 11.76
CA ASP E 283 -54.23 5.70 12.40
C ASP E 283 -52.91 5.08 11.91
N LEU E 284 -52.11 5.90 11.24
CA LEU E 284 -50.81 5.50 10.71
C LEU E 284 -49.74 5.65 11.79
N ASP E 285 -49.81 6.78 12.49
CA ASP E 285 -48.91 7.10 13.59
C ASP E 285 -48.83 5.86 14.47
N ARG E 286 -49.99 5.40 14.90
CA ARG E 286 -50.10 4.23 15.76
C ARG E 286 -49.86 2.99 14.93
N GLY E 287 -50.57 2.90 13.81
CA GLY E 287 -50.42 1.76 12.95
C GLY E 287 -48.98 1.41 12.71
N MET E 288 -48.08 2.34 13.01
CA MET E 288 -46.67 2.09 12.78
C MET E 288 -46.04 1.07 13.72
N LEU E 289 -46.14 1.33 15.02
CA LEU E 289 -45.58 0.44 16.05
C LEU E 289 -46.07 -0.96 15.80
N ALA E 290 -47.24 -1.02 15.18
CA ALA E 290 -47.89 -2.29 14.84
C ALA E 290 -46.96 -3.10 13.95
N TYR E 291 -46.82 -2.68 12.70
CA TYR E 291 -45.96 -3.36 11.75
C TYR E 291 -44.62 -3.53 12.42
N LEU E 292 -44.33 -2.61 13.32
CA LEU E 292 -43.10 -2.64 14.05
C LEU E 292 -43.00 -3.91 14.87
N TYR E 293 -44.14 -4.54 15.10
CA TYR E 293 -44.18 -5.78 15.87
C TYR E 293 -44.15 -7.05 15.06
N ASP E 294 -44.69 -7.00 13.83
CA ASP E 294 -44.68 -8.17 12.96
C ASP E 294 -43.22 -8.33 12.54
N SER E 295 -42.36 -7.67 13.30
CA SER E 295 -40.95 -7.64 13.03
C SER E 295 -40.03 -8.61 13.75
N PHE E 296 -40.03 -8.60 15.08
CA PHE E 296 -39.11 -9.49 15.81
C PHE E 296 -39.72 -10.70 16.57
N GLN E 297 -38.84 -11.61 17.03
CA GLN E 297 -39.21 -12.82 17.77
C GLN E 297 -40.29 -12.59 18.83
N ARG E 311 -25.07 -9.03 17.87
CA ARG E 311 -25.92 -9.60 16.84
C ARG E 311 -27.40 -9.55 17.20
N LYS E 312 -27.92 -8.34 17.21
CA LYS E 312 -29.31 -8.07 17.54
C LYS E 312 -30.10 -8.21 16.25
N VAL E 313 -30.82 -9.32 16.08
CA VAL E 313 -31.56 -9.58 14.84
C VAL E 313 -32.95 -8.97 14.56
N LEU E 314 -33.48 -9.16 13.35
CA LEU E 314 -34.82 -8.67 12.94
C LEU E 314 -35.21 -8.72 11.44
N LYS E 315 -36.53 -8.73 11.17
CA LYS E 315 -37.14 -8.70 9.81
C LYS E 315 -38.52 -7.98 9.75
N LEU E 316 -38.96 -7.68 8.52
CA LEU E 316 -40.22 -7.00 8.19
C LEU E 316 -40.58 -7.09 6.69
N HIS E 317 -41.23 -6.04 6.16
CA HIS E 317 -41.64 -6.00 4.76
C HIS E 317 -42.89 -5.12 4.65
N PRO E 318 -43.20 -4.56 3.47
CA PRO E 318 -42.52 -4.62 2.17
C PRO E 318 -41.87 -3.41 1.57
N CYS E 319 -42.62 -2.89 0.60
CA CYS E 319 -42.37 -1.75 -0.27
C CYS E 319 -42.02 -0.44 0.39
N LEU E 320 -42.52 -0.27 1.59
CA LEU E 320 -42.26 0.94 2.35
C LEU E 320 -40.81 0.94 2.77
N ALA E 321 -40.34 -0.19 3.25
CA ALA E 321 -38.98 -0.30 3.68
C ALA E 321 -37.97 -0.22 2.54
N PRO E 322 -38.31 -0.75 1.34
CA PRO E 322 -37.40 -0.71 0.19
C PRO E 322 -37.33 0.72 -0.28
N ILE E 323 -38.49 1.39 -0.39
CA ILE E 323 -38.68 2.81 -0.62
C ILE E 323 -38.56 3.08 0.78
N LYS E 324 -37.25 3.06 0.73
CA LYS E 324 -36.17 2.92 1.40
C LYS E 324 -35.30 3.09 2.51
N VAL E 325 -34.41 2.08 2.46
CA VAL E 325 -33.44 1.97 3.46
C VAL E 325 -32.35 1.05 3.05
N ALA E 326 -31.10 1.60 3.11
CA ALA E 326 -29.95 0.75 3.01
C ALA E 326 -28.58 0.75 2.43
N LEU E 327 -28.17 -0.49 2.67
CA LEU E 327 -26.93 -1.08 2.52
C LEU E 327 -25.46 -1.12 2.60
N ASP E 328 -24.64 -0.27 2.00
CA ASP E 328 -23.30 -0.63 2.38
C ASP E 328 -22.09 0.26 2.34
N VAL E 329 -20.86 -0.34 2.03
CA VAL E 329 -19.52 0.23 1.87
C VAL E 329 -18.61 -0.68 1.03
N GLY E 330 -17.78 -0.05 0.20
CA GLY E 330 -16.84 -0.78 -0.63
C GLY E 330 -15.45 -0.55 -0.08
N ARG E 331 -14.53 -1.50 -0.29
CA ARG E 331 -13.16 -1.32 0.24
C ARG E 331 -12.11 -1.76 -0.81
N GLY E 332 -11.23 -0.86 -1.22
CA GLY E 332 -10.19 -1.20 -2.18
C GLY E 332 -9.08 -0.20 -1.97
N PRO E 333 -8.82 0.65 -2.96
CA PRO E 333 -7.75 1.62 -2.73
C PRO E 333 -8.46 2.56 -1.78
N THR E 334 -7.79 3.59 -1.26
CA THR E 334 -8.45 4.51 -0.34
C THR E 334 -9.38 5.58 -0.96
N LEU E 335 -9.59 5.57 -2.28
CA LEU E 335 -10.51 6.55 -2.89
C LEU E 335 -11.20 6.06 -4.18
N GLU E 336 -10.45 5.42 -5.06
CA GLU E 336 -11.02 4.87 -6.30
C GLU E 336 -12.04 3.81 -5.94
N LEU E 337 -11.75 3.05 -4.88
CA LEU E 337 -12.66 2.02 -4.40
C LEU E 337 -13.97 2.75 -4.25
N ARG E 338 -13.88 3.97 -3.74
CA ARG E 338 -15.05 4.80 -3.55
C ARG E 338 -15.25 5.74 -4.75
N GLN E 339 -15.41 5.14 -5.93
CA GLN E 339 -15.61 5.89 -7.16
C GLN E 339 -17.00 5.65 -7.73
N VAL E 340 -17.16 4.50 -8.38
CA VAL E 340 -18.43 4.12 -8.97
C VAL E 340 -19.45 3.78 -7.88
N CYS E 341 -18.99 3.71 -6.64
CA CYS E 341 -19.88 3.43 -5.52
C CYS E 341 -21.07 4.36 -5.62
N GLN E 342 -20.80 5.67 -5.69
CA GLN E 342 -21.88 6.63 -5.87
C GLN E 342 -22.52 6.12 -7.16
N GLY E 343 -21.73 6.22 -8.22
CA GLY E 343 -22.13 5.82 -9.56
C GLY E 343 -23.18 4.74 -9.58
N LEU E 344 -23.06 3.83 -8.64
CA LEU E 344 -24.02 2.75 -8.51
C LEU E 344 -25.01 3.33 -7.53
N PHE E 345 -24.51 3.70 -6.37
CA PHE E 345 -25.35 4.29 -5.35
C PHE E 345 -26.45 5.10 -6.02
N ASN E 346 -26.04 6.13 -6.76
CA ASN E 346 -27.00 6.99 -7.46
C ASN E 346 -27.77 6.16 -8.45
N GLU E 347 -27.04 5.52 -9.36
CA GLU E 347 -27.64 4.69 -10.40
C GLU E 347 -28.82 3.89 -9.85
N LEU E 348 -28.88 3.75 -8.53
CA LEU E 348 -29.97 3.04 -7.90
C LEU E 348 -31.11 4.02 -7.71
N LEU E 349 -30.84 5.11 -7.02
CA LEU E 349 -31.83 6.16 -6.78
C LEU E 349 -32.41 6.64 -8.11
N GLU E 350 -31.55 6.75 -9.12
CA GLU E 350 -31.91 7.21 -10.47
C GLU E 350 -33.11 6.45 -11.03
N ASN E 351 -33.63 5.55 -10.22
CA ASN E 351 -34.76 4.74 -10.63
C ASN E 351 -35.79 4.79 -9.52
N GLY E 352 -35.31 4.76 -8.29
CA GLY E 352 -36.21 4.79 -7.15
C GLY E 352 -35.81 3.81 -6.05
N ILE E 353 -34.50 3.74 -5.81
CA ILE E 353 -33.93 2.88 -4.76
C ILE E 353 -32.89 3.76 -4.09
N SER E 354 -32.72 3.57 -2.78
CA SER E 354 -31.74 4.35 -2.06
C SER E 354 -30.60 3.45 -1.68
N VAL E 355 -29.40 3.98 -1.84
CA VAL E 355 -28.20 3.23 -1.53
C VAL E 355 -27.52 3.94 -0.38
N TRP E 356 -26.99 3.15 0.55
CA TRP E 356 -26.32 3.68 1.70
C TRP E 356 -24.85 3.35 1.67
N PRO E 357 -24.01 4.35 1.33
CA PRO E 357 -22.56 4.26 1.23
C PRO E 357 -21.86 4.59 2.56
N GLY E 358 -20.85 3.80 2.90
CA GLY E 358 -20.11 4.04 4.13
C GLY E 358 -18.66 4.31 3.80
N TYR E 359 -18.45 4.75 2.57
CA TYR E 359 -17.11 5.05 2.13
C TYR E 359 -16.56 6.31 2.78
N LEU E 360 -17.44 7.09 3.38
CA LEU E 360 -17.01 8.33 4.02
C LEU E 360 -16.49 8.14 5.41
N GLU E 361 -16.26 6.88 5.80
CA GLU E 361 -15.76 6.57 7.12
C GLU E 361 -14.23 6.59 7.18
N THR E 362 -13.66 5.40 7.37
CA THR E 362 -12.23 5.27 7.46
C THR E 362 -11.85 3.81 7.63
N MET E 363 -11.77 3.34 8.87
CA MET E 363 -11.40 1.97 9.15
C MET E 363 -12.59 1.02 9.04
N GLN E 364 -12.30 -0.26 9.30
CA GLN E 364 -13.29 -1.32 9.23
C GLN E 364 -13.93 -1.58 10.58
N SER E 365 -15.16 -1.09 10.74
CA SER E 365 -15.89 -1.31 11.99
C SER E 365 -16.24 -2.79 11.98
N SER E 366 -15.46 -3.56 11.25
CA SER E 366 -15.66 -4.99 11.13
C SER E 366 -16.74 -5.29 10.09
N LEU E 367 -17.05 -6.57 9.96
CA LEU E 367 -18.04 -7.07 9.01
C LEU E 367 -19.34 -7.57 9.65
N GLU E 368 -19.25 -8.15 10.86
CA GLU E 368 -20.42 -8.74 11.53
C GLU E 368 -21.14 -8.06 12.71
N GLN E 369 -20.45 -7.25 13.51
CA GLN E 369 -21.14 -6.58 14.61
C GLN E 369 -21.95 -5.44 13.99
N LEU E 370 -21.47 -4.97 12.84
CA LEU E 370 -22.16 -3.93 12.09
C LEU E 370 -23.27 -4.69 11.40
N TYR E 371 -23.00 -5.93 11.01
CA TYR E 371 -24.05 -6.73 10.42
C TYR E 371 -25.06 -6.89 11.56
N SER E 372 -24.53 -7.17 12.75
CA SER E 372 -25.35 -7.34 13.94
C SER E 372 -26.17 -6.07 13.96
N LYS E 373 -25.61 -5.04 13.35
CA LYS E 373 -26.28 -3.75 13.23
C LYS E 373 -27.22 -3.84 12.05
N TYR E 374 -28.06 -2.82 11.92
CA TYR E 374 -29.09 -2.81 10.92
C TYR E 374 -29.85 -4.12 11.03
N ASP E 375 -29.31 -4.96 11.89
CA ASP E 375 -29.87 -6.24 12.27
C ASP E 375 -30.54 -5.63 13.50
N GLU E 376 -29.86 -4.60 14.02
CA GLU E 376 -30.31 -3.78 15.15
C GLU E 376 -31.23 -2.83 14.41
N MET E 377 -30.71 -2.22 13.36
CA MET E 377 -31.51 -1.33 12.53
C MET E 377 -32.30 -2.35 11.73
N SER E 378 -32.91 -1.93 10.63
CA SER E 378 -33.68 -2.85 9.82
C SER E 378 -33.30 -2.78 8.35
N ILE E 379 -33.00 -3.93 7.78
CA ILE E 379 -32.63 -4.00 6.38
C ILE E 379 -33.39 -5.07 5.60
N LEU E 380 -34.03 -4.64 4.52
CA LEU E 380 -34.72 -5.57 3.66
C LEU E 380 -33.51 -6.32 3.07
N PHE E 381 -32.54 -5.55 2.56
CA PHE E 381 -31.36 -6.15 1.96
C PHE E 381 -30.11 -5.29 2.06
N THR E 382 -28.96 -5.98 2.06
CA THR E 382 -27.68 -5.32 2.15
C THR E 382 -26.75 -5.99 1.13
N VAL E 383 -25.66 -5.30 0.82
CA VAL E 383 -24.64 -5.75 -0.12
C VAL E 383 -23.25 -5.27 0.34
N LEU E 384 -22.21 -5.61 -0.42
CA LEU E 384 -20.85 -5.21 -0.11
C LEU E 384 -19.95 -5.35 -1.35
N VAL E 385 -18.87 -4.56 -1.38
CA VAL E 385 -17.94 -4.55 -2.49
C VAL E 385 -16.49 -4.51 -2.05
N THR E 386 -15.61 -5.04 -2.91
CA THR E 386 -14.18 -5.07 -2.67
C THR E 386 -13.36 -5.13 -3.97
N GLU E 387 -12.07 -4.86 -3.84
CA GLU E 387 -11.17 -4.84 -4.99
C GLU E 387 -11.46 -5.96 -5.95
N THR E 388 -11.90 -7.10 -5.44
CA THR E 388 -12.18 -8.20 -6.33
C THR E 388 -13.01 -7.67 -7.47
N THR E 389 -14.01 -6.87 -7.08
CA THR E 389 -14.99 -6.22 -7.94
C THR E 389 -14.27 -5.20 -8.85
N LEU E 390 -13.02 -4.81 -8.57
CA LEU E 390 -12.36 -4.00 -9.60
C LEU E 390 -12.22 -5.00 -10.77
N GLU E 391 -11.26 -5.89 -10.62
CA GLU E 391 -10.98 -6.87 -11.66
C GLU E 391 -12.15 -7.17 -12.60
N ASN E 392 -13.39 -7.14 -12.11
CA ASN E 392 -14.50 -7.38 -13.03
C ASN E 392 -15.85 -6.87 -12.67
N GLY E 393 -16.22 -7.00 -11.43
CA GLY E 393 -17.55 -6.56 -11.15
C GLY E 393 -18.20 -7.78 -10.60
N LEU E 394 -17.80 -8.14 -9.40
CA LEU E 394 -18.42 -9.27 -8.76
C LEU E 394 -18.47 -9.02 -7.26
N ILE E 395 -19.66 -8.91 -6.66
CA ILE E 395 -19.73 -8.67 -5.21
C ILE E 395 -20.62 -9.60 -4.32
N HIS E 396 -20.45 -9.55 -2.98
CA HIS E 396 -21.26 -10.40 -2.07
C HIS E 396 -22.39 -9.71 -1.24
N LEU E 397 -23.54 -10.38 -1.11
CA LEU E 397 -24.69 -9.83 -0.37
C LEU E 397 -25.53 -10.87 0.40
N ARG E 398 -26.44 -10.41 1.24
CA ARG E 398 -27.26 -11.34 2.00
C ARG E 398 -28.69 -10.94 2.40
N SER E 399 -29.43 -11.94 2.89
CA SER E 399 -30.82 -11.83 3.34
C SER E 399 -30.95 -11.49 4.82
N ARG E 400 -32.16 -11.36 5.34
CA ARG E 400 -32.31 -10.96 6.74
C ARG E 400 -32.63 -11.97 7.86
N ASP E 401 -33.62 -12.82 7.65
CA ASP E 401 -33.95 -13.84 8.67
C ASP E 401 -33.18 -15.12 8.35
N THR E 402 -33.07 -15.42 7.06
CA THR E 402 -32.39 -16.61 6.55
C THR E 402 -30.87 -16.43 6.54
N THR E 403 -30.45 -15.17 6.63
CA THR E 403 -29.03 -14.81 6.63
C THR E 403 -28.30 -15.45 5.45
N MET E 404 -28.83 -15.19 4.25
CA MET E 404 -28.30 -15.73 3.01
C MET E 404 -27.39 -14.82 2.16
N LYS E 405 -26.12 -15.19 2.07
CA LYS E 405 -25.17 -14.41 1.30
C LYS E 405 -24.82 -15.04 -0.06
N GLU E 406 -24.72 -14.20 -1.08
CA GLU E 406 -24.40 -14.69 -2.43
C GLU E 406 -23.63 -13.65 -3.25
N MET E 407 -22.80 -14.15 -4.17
CA MET E 407 -21.98 -13.33 -5.05
C MET E 407 -22.84 -12.92 -6.23
N MET E 408 -22.41 -11.88 -6.96
CA MET E 408 -23.20 -11.45 -8.09
C MET E 408 -22.56 -10.40 -8.97
N HIS E 409 -23.20 -10.14 -10.10
CA HIS E 409 -22.71 -9.20 -11.08
C HIS E 409 -23.31 -7.80 -10.95
N ILE E 410 -22.47 -6.78 -10.96
CA ILE E 410 -22.95 -5.40 -10.85
C ILE E 410 -23.37 -4.85 -12.21
N SER E 411 -24.66 -4.97 -12.51
CA SER E 411 -25.26 -4.49 -13.78
C SER E 411 -26.79 -4.74 -13.84
N LYS E 412 -27.20 -6.01 -13.84
CA LYS E 412 -28.61 -6.35 -13.87
C LYS E 412 -29.19 -5.87 -12.55
N LEU E 413 -28.31 -5.79 -11.55
CA LEU E 413 -28.65 -5.35 -10.20
C LEU E 413 -29.77 -4.33 -10.20
N LYS E 414 -29.65 -3.37 -11.11
CA LYS E 414 -30.63 -2.31 -11.26
C LYS E 414 -31.99 -3.00 -11.43
N ASP E 415 -32.11 -3.73 -12.54
CA ASP E 415 -33.32 -4.45 -12.90
C ASP E 415 -33.58 -5.64 -11.97
N PHE E 416 -32.57 -6.00 -11.17
CA PHE E 416 -32.70 -7.12 -10.22
C PHE E 416 -33.72 -6.79 -9.14
N LEU E 417 -33.35 -5.84 -8.28
CA LEU E 417 -34.20 -5.42 -7.19
C LEU E 417 -35.64 -5.37 -7.67
N ILE E 418 -35.89 -4.62 -8.73
CA ILE E 418 -37.23 -4.48 -9.31
C ILE E 418 -38.05 -5.76 -9.24
N LYS E 419 -37.43 -6.88 -9.62
CA LYS E 419 -38.12 -8.16 -9.59
C LYS E 419 -38.13 -8.69 -8.17
N TYR E 420 -37.20 -8.20 -7.36
CA TYR E 420 -37.18 -8.63 -5.97
C TYR E 420 -38.01 -7.60 -5.19
N ILE E 421 -38.38 -6.50 -5.84
CA ILE E 421 -39.16 -5.43 -5.20
C ILE E 421 -40.60 -5.43 -5.71
N SER E 422 -40.75 -5.81 -6.97
CA SER E 422 -42.04 -5.87 -7.63
C SER E 422 -42.75 -7.21 -7.36
N SER E 423 -42.01 -8.32 -7.43
CA SER E 423 -42.63 -9.63 -7.15
C SER E 423 -42.76 -9.76 -5.64
N ALA E 424 -42.09 -8.85 -4.92
CA ALA E 424 -42.13 -8.81 -3.47
C ALA E 424 -43.49 -8.25 -3.07
N LYS E 425 -44.29 -7.95 -4.08
CA LYS E 425 -45.63 -7.41 -3.88
C LYS E 425 -46.55 -8.35 -4.66
N ASN E 426 -46.02 -9.53 -4.97
CA ASN E 426 -46.73 -10.58 -5.70
C ASN E 426 -47.31 -11.67 -4.79
N VAL E 427 -46.46 -12.35 -4.03
CA VAL E 427 -46.89 -13.43 -3.12
C VAL E 427 -47.94 -13.05 -2.07
N ALA F 1 -53.82 47.45 -15.62
CA ALA F 1 -54.56 47.08 -14.36
C ALA F 1 -55.83 46.24 -14.58
N PRO F 2 -56.75 46.67 -15.49
CA PRO F 2 -57.99 45.91 -15.73
C PRO F 2 -57.69 44.55 -16.39
N GLY F 3 -56.69 44.57 -17.27
CA GLY F 3 -56.27 43.36 -17.96
C GLY F 3 -55.53 42.47 -16.98
N SER F 4 -54.89 43.09 -15.98
CA SER F 4 -54.18 42.31 -14.98
C SER F 4 -55.28 41.68 -14.14
N GLY F 5 -56.35 42.44 -13.92
CA GLY F 5 -57.47 41.93 -13.16
C GLY F 5 -58.12 40.78 -13.90
N GLU F 6 -58.19 40.89 -15.22
CA GLU F 6 -58.80 39.85 -16.04
C GLU F 6 -57.93 38.59 -16.13
N GLY F 7 -56.61 38.75 -16.11
CA GLY F 7 -55.74 37.59 -16.16
C GLY F 7 -55.85 36.81 -14.86
N SER F 8 -56.08 37.53 -13.76
CA SER F 8 -56.21 36.92 -12.45
C SER F 8 -57.50 36.07 -12.39
N GLU F 9 -58.64 36.67 -12.76
CA GLU F 9 -59.92 35.95 -12.74
C GLU F 9 -59.75 34.66 -13.52
N ALA F 10 -59.16 34.78 -14.69
CA ALA F 10 -58.92 33.64 -15.52
C ALA F 10 -58.19 32.60 -14.68
N LEU F 11 -56.97 32.93 -14.26
CA LEU F 11 -56.18 31.96 -13.52
C LEU F 11 -56.76 31.55 -12.19
N LEU F 12 -57.65 32.37 -11.65
CA LEU F 12 -58.21 32.03 -10.36
C LEU F 12 -59.51 31.36 -10.61
N GLU F 13 -60.37 32.03 -11.38
CA GLU F 13 -61.64 31.47 -11.70
C GLU F 13 -61.38 30.03 -12.10
N ILE F 14 -60.34 29.82 -12.93
CA ILE F 14 -60.02 28.49 -13.40
C ILE F 14 -59.70 27.53 -12.27
N CYS F 15 -59.26 28.06 -11.13
CA CYS F 15 -58.92 27.22 -10.00
C CYS F 15 -60.05 26.97 -9.02
N GLN F 16 -61.09 27.79 -9.12
CA GLN F 16 -62.27 27.58 -8.29
C GLN F 16 -62.95 26.45 -9.06
N ARG F 17 -63.14 26.70 -10.35
CA ARG F 17 -63.72 25.74 -11.27
C ARG F 17 -62.53 24.82 -11.48
N ARG F 18 -62.71 23.64 -12.05
CA ARG F 18 -61.57 22.77 -12.25
C ARG F 18 -60.78 22.44 -10.97
N HIS F 19 -61.47 22.54 -9.84
CA HIS F 19 -60.95 22.25 -8.49
C HIS F 19 -59.47 22.32 -8.13
N PHE F 20 -58.91 23.52 -8.07
CA PHE F 20 -57.56 23.54 -7.61
C PHE F 20 -57.57 24.28 -6.29
N LEU F 21 -58.60 25.09 -6.06
CA LEU F 21 -58.69 25.79 -4.79
C LEU F 21 -60.01 25.51 -4.10
N SER F 22 -59.96 24.57 -3.17
CA SER F 22 -61.12 24.13 -2.42
C SER F 22 -62.12 25.19 -1.97
N GLY F 23 -61.64 26.23 -1.32
CA GLY F 23 -62.57 27.22 -0.87
C GLY F 23 -62.92 28.28 -1.88
N SER F 24 -64.10 28.86 -1.72
CA SER F 24 -64.54 29.94 -2.60
C SER F 24 -64.81 31.11 -1.67
N LYS F 25 -64.82 32.34 -2.21
CA LYS F 25 -65.10 33.60 -1.49
C LYS F 25 -64.02 34.69 -1.44
N GLN F 26 -64.14 35.54 -0.41
CA GLN F 26 -63.22 36.66 -0.14
C GLN F 26 -61.96 36.17 0.58
N GLN F 27 -62.16 35.15 1.42
CA GLN F 27 -61.09 34.51 2.18
C GLN F 27 -60.07 34.00 1.15
N LEU F 28 -60.48 34.06 -0.12
CA LEU F 28 -59.72 33.62 -1.28
C LEU F 28 -59.06 34.70 -2.10
N SER F 29 -59.67 35.89 -2.17
CA SER F 29 -59.10 37.01 -2.92
C SER F 29 -57.58 36.91 -2.87
N ARG F 30 -56.91 37.50 -3.85
CA ARG F 30 -55.45 37.49 -3.90
C ARG F 30 -54.82 37.71 -2.53
N ASP F 31 -55.12 38.88 -1.98
CA ASP F 31 -54.63 39.30 -0.68
C ASP F 31 -54.83 38.19 0.37
N SER F 32 -56.07 37.76 0.52
CA SER F 32 -56.46 36.71 1.47
C SER F 32 -55.89 35.35 1.10
N LEU F 33 -55.78 35.12 -0.20
CA LEU F 33 -55.25 33.88 -0.72
C LEU F 33 -53.85 33.72 -0.19
N LEU F 34 -53.05 34.74 -0.43
CA LEU F 34 -51.69 34.77 0.01
C LEU F 34 -51.58 34.63 1.52
N SER F 35 -52.56 35.18 2.23
CA SER F 35 -52.57 35.12 3.68
C SER F 35 -52.86 33.72 4.21
N GLY F 36 -54.01 33.15 3.88
CA GLY F 36 -54.29 31.82 4.36
C GLY F 36 -55.67 31.68 4.95
N CYS F 37 -56.47 32.72 4.79
CA CYS F 37 -57.83 32.71 5.29
C CYS F 37 -58.73 31.92 4.30
N HIS F 38 -58.12 31.10 3.44
CA HIS F 38 -58.79 30.28 2.40
C HIS F 38 -59.24 28.86 2.84
N PRO F 39 -60.24 28.26 2.17
CA PRO F 39 -60.64 26.90 2.60
C PRO F 39 -59.69 25.78 2.14
N GLY F 40 -59.00 25.96 1.03
CA GLY F 40 -58.08 24.94 0.60
C GLY F 40 -57.82 24.81 -0.89
N PHE F 41 -57.46 23.61 -1.31
CA PHE F 41 -57.18 23.33 -2.72
C PHE F 41 -57.94 22.09 -3.21
N GLY F 42 -58.24 22.06 -4.51
CA GLY F 42 -58.92 20.92 -5.11
C GLY F 42 -58.05 19.67 -5.01
N PRO F 43 -58.52 18.52 -5.54
CA PRO F 43 -57.75 17.27 -5.49
C PRO F 43 -56.52 17.55 -6.30
N LEU F 44 -56.76 18.39 -7.29
CA LEU F 44 -55.77 18.86 -8.22
C LEU F 44 -54.73 19.54 -7.37
N GLY F 45 -55.24 20.39 -6.48
CA GLY F 45 -54.40 21.14 -5.57
C GLY F 45 -53.37 20.27 -4.91
N VAL F 46 -53.89 19.30 -4.21
CA VAL F 46 -53.07 18.37 -3.48
C VAL F 46 -52.00 17.71 -4.33
N GLU F 47 -52.43 17.07 -5.41
CA GLU F 47 -51.55 16.36 -6.32
C GLU F 47 -50.35 17.17 -6.72
N LEU F 48 -50.60 18.41 -7.11
CA LEU F 48 -49.51 19.26 -7.50
C LEU F 48 -48.59 19.44 -6.29
N ARG F 49 -49.08 20.11 -5.26
CA ARG F 49 -48.25 20.31 -4.11
C ARG F 49 -47.59 19.00 -3.77
N LYS F 50 -48.32 17.91 -3.87
CA LYS F 50 -47.69 16.66 -3.56
C LYS F 50 -46.54 16.46 -4.53
N ASN F 51 -46.83 16.50 -5.82
CA ASN F 51 -45.77 16.33 -6.80
C ASN F 51 -44.61 17.16 -6.36
N LEU F 52 -44.92 18.40 -6.00
CA LEU F 52 -43.89 19.34 -5.58
C LEU F 52 -43.07 18.90 -4.38
N ALA F 53 -43.68 18.89 -3.20
CA ALA F 53 -42.95 18.48 -2.01
C ALA F 53 -42.12 17.28 -2.39
N ALA F 54 -42.80 16.32 -2.99
CA ALA F 54 -42.18 15.09 -3.43
C ALA F 54 -41.02 15.34 -4.39
N GLU F 55 -41.24 16.17 -5.41
CA GLU F 55 -40.22 16.47 -6.42
C GLU F 55 -39.07 17.30 -5.91
N TRP F 56 -39.37 18.26 -5.04
CA TRP F 56 -38.36 19.12 -4.45
C TRP F 56 -37.62 18.32 -3.40
N TRP F 57 -38.39 17.46 -2.72
CA TRP F 57 -37.84 16.62 -1.68
C TRP F 57 -36.72 15.72 -2.23
N THR F 58 -36.99 15.03 -3.33
CA THR F 58 -35.99 14.14 -3.91
C THR F 58 -34.62 14.79 -4.05
N SER F 59 -34.59 15.98 -4.62
CA SER F 59 -33.32 16.69 -4.78
C SER F 59 -32.65 16.88 -3.43
N VAL F 60 -33.43 17.27 -2.43
CA VAL F 60 -32.94 17.49 -1.08
C VAL F 60 -32.28 16.22 -0.51
N VAL F 61 -32.96 15.10 -0.68
CA VAL F 61 -32.52 13.81 -0.19
C VAL F 61 -31.21 13.23 -0.75
N VAL F 62 -31.03 13.38 -2.06
CA VAL F 62 -29.89 12.81 -2.80
C VAL F 62 -28.42 12.76 -2.40
N PHE F 63 -27.80 13.90 -2.15
CA PHE F 63 -26.36 13.96 -1.98
C PHE F 63 -25.29 13.12 -1.21
N ARG F 64 -25.17 13.22 0.10
CA ARG F 64 -24.10 12.51 0.85
C ARG F 64 -24.43 12.85 2.29
N GLU F 65 -25.28 13.87 2.39
CA GLU F 65 -25.76 14.41 3.64
C GLU F 65 -27.23 14.64 3.40
N GLN F 66 -28.05 14.23 4.35
CA GLN F 66 -29.47 14.39 4.19
C GLN F 66 -30.15 13.83 5.41
N VAL F 67 -31.05 14.59 6.00
CA VAL F 67 -31.80 14.08 7.15
C VAL F 67 -33.14 14.77 7.36
N PHE F 68 -33.66 14.72 8.58
CA PHE F 68 -34.97 15.27 8.84
C PHE F 68 -35.08 16.01 10.17
N PRO F 69 -36.12 16.88 10.31
CA PRO F 69 -36.28 17.60 11.58
C PRO F 69 -36.85 16.41 12.29
N VAL F 70 -37.30 15.52 11.42
CA VAL F 70 -37.88 14.26 11.74
C VAL F 70 -39.35 14.37 12.09
N ASP F 71 -39.74 14.90 13.25
CA ASP F 71 -41.18 14.91 13.49
C ASP F 71 -42.03 16.07 12.99
N ALA F 72 -41.54 17.30 13.05
CA ALA F 72 -42.37 18.43 12.61
C ALA F 72 -43.63 18.41 13.47
N LEU F 73 -43.60 19.14 14.58
CA LEU F 73 -44.70 19.15 15.53
C LEU F 73 -45.38 20.45 15.88
N HIS F 74 -46.61 20.59 15.44
CA HIS F 74 -47.45 21.76 15.71
C HIS F 74 -47.10 22.23 17.13
N HIS F 75 -47.30 21.35 18.10
CA HIS F 75 -46.80 21.57 19.47
C HIS F 75 -46.77 22.83 20.34
N LYS F 76 -45.53 22.91 20.86
CA LYS F 76 -44.83 23.86 21.73
C LYS F 76 -45.19 24.31 23.15
N PRO F 77 -46.08 23.59 23.85
CA PRO F 77 -46.37 24.08 25.20
C PRO F 77 -45.06 24.28 25.98
N GLY F 78 -45.01 25.32 26.80
CA GLY F 78 -43.80 25.60 27.56
C GLY F 78 -43.76 27.04 28.01
N PRO F 79 -43.07 27.34 29.12
CA PRO F 79 -42.93 28.70 29.66
C PRO F 79 -41.51 29.30 29.77
N LEU F 80 -41.45 30.59 29.52
CA LEU F 80 -40.23 31.39 29.60
C LEU F 80 -39.11 31.28 28.57
N LEU F 81 -37.89 31.13 29.05
CA LEU F 81 -36.67 31.10 28.26
C LEU F 81 -36.48 30.63 26.80
N PRO F 82 -37.25 29.66 26.30
CA PRO F 82 -36.96 29.30 24.89
C PRO F 82 -37.45 30.29 23.82
N GLY F 83 -38.76 30.44 23.70
CA GLY F 83 -39.32 31.36 22.73
C GLY F 83 -39.97 32.47 23.54
N ASP F 84 -39.87 33.71 23.07
CA ASP F 84 -40.44 34.83 23.84
C ASP F 84 -41.67 35.48 23.18
N SER F 85 -42.87 35.11 23.64
CA SER F 85 -44.12 35.63 23.07
C SER F 85 -44.17 37.14 22.88
N ALA F 86 -44.50 37.56 21.66
CA ALA F 86 -44.61 38.99 21.39
C ALA F 86 -45.86 39.24 20.55
N PHE F 87 -46.75 40.05 21.12
CA PHE F 87 -48.02 40.47 20.53
C PHE F 87 -49.25 39.65 21.01
N ARG F 88 -49.63 38.57 20.34
CA ARG F 88 -50.81 37.78 20.75
C ARG F 88 -51.25 36.71 19.75
N SER F 120 -52.04 35.73 20.16
CA SER F 120 -52.51 34.74 19.18
C SER F 120 -52.51 33.22 19.30
N GLY F 121 -51.36 32.57 19.45
CA GLY F 121 -51.39 31.11 19.53
C GLY F 121 -50.12 30.32 19.77
N LYS F 122 -50.27 29.00 19.74
CA LYS F 122 -49.14 28.10 19.95
C LYS F 122 -49.05 26.95 18.96
N LEU F 123 -48.55 27.26 17.77
CA LEU F 123 -48.34 26.30 16.68
C LEU F 123 -47.05 26.77 16.03
N ARG F 124 -46.15 25.83 15.79
CA ARG F 124 -44.85 26.12 15.20
C ARG F 124 -44.82 27.34 14.29
N GLU F 125 -43.73 28.10 14.42
CA GLU F 125 -43.43 29.30 13.63
C GLU F 125 -42.05 29.13 13.02
N ASN F 126 -41.42 28.02 13.40
CA ASN F 126 -40.08 27.66 12.93
C ASN F 126 -39.97 26.16 12.78
N LEU F 127 -40.31 25.65 11.61
CA LEU F 127 -40.14 24.21 11.43
C LEU F 127 -38.69 23.93 11.86
N LEU F 128 -37.84 24.92 11.59
CA LEU F 128 -36.43 24.83 11.90
C LEU F 128 -36.16 24.67 13.39
N HIS F 129 -36.85 25.43 14.23
CA HIS F 129 -36.63 25.31 15.65
C HIS F 129 -36.56 23.84 16.01
N GLY F 130 -37.68 23.15 15.87
CA GLY F 130 -37.71 21.74 16.19
C GLY F 130 -36.47 21.06 15.62
N ALA F 131 -36.21 21.32 14.35
CA ALA F 131 -35.07 20.73 13.68
C ALA F 131 -33.81 20.73 14.54
N LEU F 132 -33.72 21.68 15.46
CA LEU F 132 -32.56 21.83 16.33
C LEU F 132 -32.43 20.88 17.50
N GLU F 133 -33.49 20.68 18.27
CA GLU F 133 -33.39 19.76 19.40
C GLU F 133 -32.82 18.50 18.80
N HIS F 134 -33.49 18.05 17.75
CA HIS F 134 -33.10 16.85 17.04
C HIS F 134 -31.65 16.94 16.58
N TYR F 135 -31.13 18.17 16.49
CA TYR F 135 -29.76 18.42 16.05
C TYR F 135 -28.64 17.59 16.67
N VAL F 136 -28.48 17.66 17.98
CA VAL F 136 -27.39 16.90 18.57
C VAL F 136 -27.47 15.41 18.18
N ASN F 137 -28.64 14.79 18.28
CA ASN F 137 -28.72 13.39 17.89
C ASN F 137 -28.52 13.25 16.41
N CYS F 138 -28.79 14.32 15.67
CA CYS F 138 -28.58 14.34 14.21
C CYS F 138 -27.06 14.26 14.11
N LEU F 139 -26.41 14.94 15.04
CA LEU F 139 -24.96 14.99 15.07
C LEU F 139 -24.40 13.62 15.38
N ASP F 140 -25.00 12.91 16.33
CA ASP F 140 -24.54 11.56 16.66
C ASP F 140 -24.56 10.85 15.32
N LEU F 141 -25.51 11.28 14.48
CA LEU F 141 -25.70 10.73 13.15
C LEU F 141 -24.59 11.15 12.19
N VAL F 142 -24.27 10.27 11.25
CA VAL F 142 -23.22 10.49 10.26
C VAL F 142 -21.86 10.30 10.92
N ASN F 143 -21.90 9.84 12.17
CA ASN F 143 -20.72 9.57 13.02
C ASN F 143 -20.22 10.80 13.73
N LYS F 144 -21.13 11.75 13.92
CA LYS F 144 -20.84 13.05 14.56
C LYS F 144 -20.19 13.78 13.39
N ARG F 145 -19.90 12.98 12.38
CA ARG F 145 -19.26 13.38 11.14
C ARG F 145 -20.16 14.11 10.17
N LEU F 146 -19.50 14.60 9.13
CA LEU F 146 -20.08 15.27 7.98
C LEU F 146 -21.09 16.42 8.10
N PRO F 147 -20.59 17.67 8.10
CA PRO F 147 -21.46 18.84 8.18
C PRO F 147 -22.61 18.54 7.22
N TYR F 148 -23.85 18.43 7.70
CA TYR F 148 -25.01 18.06 6.85
C TYR F 148 -26.28 18.92 7.07
N GLY F 149 -27.31 18.63 6.29
CA GLY F 149 -28.57 19.35 6.39
C GLY F 149 -29.78 18.51 6.79
N LEU F 150 -30.14 18.66 8.06
CA LEU F 150 -31.24 18.02 8.80
C LEU F 150 -32.67 18.58 8.61
N ALA F 151 -33.56 17.89 7.90
CA ALA F 151 -34.89 18.49 7.68
C ALA F 151 -36.06 17.64 7.14
N GLN F 152 -37.24 18.27 7.01
CA GLN F 152 -38.47 17.62 6.48
C GLN F 152 -39.50 18.67 6.12
N ILE F 153 -40.75 18.22 5.93
CA ILE F 153 -41.87 19.10 5.55
C ILE F 153 -43.18 18.93 6.34
N GLY F 154 -43.77 20.05 6.76
CA GLY F 154 -45.02 20.01 7.50
C GLY F 154 -45.66 21.39 7.59
N VAL F 155 -46.93 21.43 8.02
CA VAL F 155 -47.67 22.69 8.15
C VAL F 155 -47.38 23.51 9.40
N CYS F 156 -47.31 24.84 9.21
CA CYS F 156 -47.08 25.76 10.32
C CYS F 156 -48.13 26.85 10.14
N PHE F 157 -48.39 27.62 11.19
CA PHE F 157 -49.45 28.61 11.10
C PHE F 157 -49.07 30.08 11.23
N HIS F 158 -49.68 30.89 10.39
CA HIS F 158 -49.41 32.32 10.41
C HIS F 158 -50.64 33.09 10.75
N PRO F 159 -50.45 34.25 11.36
CA PRO F 159 -51.65 35.01 11.67
C PRO F 159 -51.55 36.28 10.84
N VAL F 160 -52.70 36.83 10.45
CA VAL F 160 -52.70 38.07 9.70
C VAL F 160 -53.38 39.11 10.57
N PHE F 161 -52.60 40.05 11.10
CA PHE F 161 -53.17 41.07 11.95
C PHE F 161 -52.72 42.40 11.39
N ASP F 162 -53.36 42.88 10.34
CA ASP F 162 -52.93 44.17 9.83
C ASP F 162 -52.86 45.05 11.05
N THR F 163 -53.98 45.56 11.51
CA THR F 163 -53.93 46.35 12.73
C THR F 163 -55.18 46.16 13.55
N LYS F 164 -55.07 46.53 14.81
CA LYS F 164 -56.13 46.32 15.74
C LYS F 164 -57.00 47.47 16.17
N GLN F 165 -57.72 47.10 17.22
CA GLN F 165 -58.65 47.91 17.94
C GLN F 165 -60.09 47.39 17.95
N ILE F 166 -60.75 47.33 16.80
CA ILE F 166 -62.15 46.86 16.75
C ILE F 166 -62.46 45.57 17.55
N ARG F 167 -63.24 45.76 18.62
CA ARG F 167 -63.73 44.73 19.57
C ARG F 167 -62.77 43.76 20.29
N ASN F 168 -63.14 42.48 20.29
CA ASN F 168 -62.37 41.39 20.93
C ASN F 168 -60.85 41.49 20.86
N GLY F 169 -60.29 41.27 19.67
CA GLY F 169 -58.85 41.38 19.51
C GLY F 169 -58.03 40.17 19.03
N VAL F 170 -56.98 40.48 18.27
CA VAL F 170 -56.05 39.50 17.72
C VAL F 170 -56.69 38.22 17.15
N LYS F 171 -57.77 38.34 16.41
CA LYS F 171 -58.40 37.16 15.84
C LYS F 171 -57.73 36.79 14.53
N SER F 172 -58.23 35.72 13.91
CA SER F 172 -57.73 35.20 12.63
C SER F 172 -56.45 34.40 12.67
N ILE F 173 -56.32 33.55 11.66
CA ILE F 173 -55.16 32.70 11.54
C ILE F 173 -55.03 32.16 10.11
N GLY F 174 -53.81 32.12 9.61
CA GLY F 174 -53.56 31.59 8.29
C GLY F 174 -52.65 30.38 8.49
N GLU F 175 -52.50 29.55 7.46
CA GLU F 175 -51.64 28.37 7.56
C GLU F 175 -50.78 28.28 6.32
N LYS F 176 -49.65 27.59 6.45
CA LYS F 176 -48.73 27.38 5.32
C LYS F 176 -47.75 26.22 5.61
N THR F 177 -47.79 25.19 4.75
CA THR F 177 -46.95 23.97 4.84
C THR F 177 -45.50 24.14 4.42
N GLU F 178 -44.53 24.20 5.34
CA GLU F 178 -43.15 24.42 4.90
C GLU F 178 -42.10 23.35 4.64
N ALA F 179 -41.00 23.84 4.08
CA ALA F 179 -39.81 23.07 3.72
C ALA F 179 -38.65 23.73 4.43
N SER F 180 -38.17 23.13 5.49
CA SER F 180 -37.07 23.70 6.22
C SER F 180 -35.92 22.73 6.21
N LEU F 181 -34.76 23.17 5.74
CA LEU F 181 -33.55 22.39 5.70
C LEU F 181 -32.62 23.16 6.56
N VAL F 182 -32.07 22.54 7.57
CA VAL F 182 -31.15 23.27 8.39
C VAL F 182 -29.78 22.70 8.01
N TRP F 183 -28.70 23.31 8.50
CA TRP F 183 -27.35 22.85 8.21
C TRP F 183 -26.56 23.33 9.35
N PHE F 184 -25.86 22.40 9.97
CA PHE F 184 -25.03 22.80 11.05
C PHE F 184 -23.69 22.81 10.36
N THR F 185 -23.33 24.00 9.88
CA THR F 185 -22.10 24.22 9.15
C THR F 185 -20.92 24.79 9.93
N PRO F 186 -19.72 24.39 9.57
CA PRO F 186 -18.48 24.89 10.21
C PRO F 186 -18.31 26.40 9.89
N PRO F 187 -17.13 27.01 10.21
CA PRO F 187 -17.00 28.44 9.89
C PRO F 187 -16.75 28.56 8.41
N ARG F 188 -16.18 27.49 7.87
CA ARG F 188 -15.79 27.37 6.47
C ARG F 188 -16.82 26.94 5.45
N THR F 189 -17.60 25.90 5.75
CA THR F 189 -18.66 25.49 4.83
C THR F 189 -19.12 26.92 4.61
N SER F 190 -19.28 27.59 5.75
CA SER F 190 -19.56 29.00 5.79
C SER F 190 -20.42 29.67 4.73
N ASN F 191 -19.85 30.80 4.33
CA ASN F 191 -20.38 31.68 3.34
C ASN F 191 -20.54 30.77 2.14
N GLN F 192 -19.47 30.07 1.77
CA GLN F 192 -19.47 29.17 0.62
C GLN F 192 -20.59 28.13 0.54
N TRP F 193 -20.81 27.36 1.62
CA TRP F 193 -21.86 26.34 1.61
C TRP F 193 -23.17 27.04 1.36
N LEU F 194 -23.30 28.20 1.96
CA LEU F 194 -24.49 28.97 1.78
C LEU F 194 -24.57 29.18 0.26
N ASP F 195 -23.55 29.78 -0.34
CA ASP F 195 -23.60 30.06 -1.77
C ASP F 195 -23.97 28.88 -2.61
N PHE F 196 -23.50 27.71 -2.19
CA PHE F 196 -23.79 26.50 -2.91
C PHE F 196 -25.29 26.36 -3.10
N TRP F 197 -26.01 26.62 -2.03
CA TRP F 197 -27.45 26.56 -2.04
C TRP F 197 -28.04 27.50 -3.02
N LEU F 198 -27.72 28.78 -2.81
CA LEU F 198 -28.17 29.83 -3.69
C LEU F 198 -28.15 29.12 -5.02
N ARG F 199 -26.94 28.81 -5.46
CA ARG F 199 -26.77 28.11 -6.71
C ARG F 199 -27.89 27.12 -6.80
N HIS F 200 -27.72 25.96 -6.19
CA HIS F 200 -28.71 24.91 -6.33
C HIS F 200 -30.15 25.29 -6.42
N ARG F 201 -30.63 26.03 -5.44
CA ARG F 201 -32.03 26.37 -5.45
C ARG F 201 -32.48 27.01 -6.74
N LEU F 202 -31.76 28.03 -7.19
CA LEU F 202 -32.13 28.72 -8.43
C LEU F 202 -32.32 27.83 -9.66
N GLN F 203 -31.45 26.86 -9.86
CA GLN F 203 -31.59 25.98 -11.00
C GLN F 203 -32.83 25.09 -10.85
N TRP F 204 -33.11 24.65 -9.63
CA TRP F 204 -34.27 23.81 -9.35
C TRP F 204 -35.52 24.49 -9.97
N TRP F 205 -35.77 25.71 -9.53
CA TRP F 205 -36.89 26.47 -10.05
C TRP F 205 -36.85 26.61 -11.53
N ARG F 206 -35.73 27.08 -12.05
CA ARG F 206 -35.61 27.22 -13.47
C ARG F 206 -36.09 25.90 -14.06
N LYS F 207 -35.56 24.78 -13.55
CA LYS F 207 -35.93 23.47 -14.08
C LYS F 207 -37.41 23.31 -14.19
N PHE F 208 -38.12 23.69 -13.15
CA PHE F 208 -39.56 23.54 -13.14
C PHE F 208 -40.36 24.76 -13.61
N ALA F 209 -39.67 25.76 -14.16
CA ALA F 209 -40.35 26.99 -14.60
C ALA F 209 -40.46 27.24 -16.11
N MET F 210 -41.70 27.50 -16.56
CA MET F 210 -42.00 27.77 -17.97
C MET F 210 -41.43 29.11 -18.45
N SER F 211 -41.00 29.94 -17.49
CA SER F 211 -40.43 31.26 -17.74
C SER F 211 -39.83 31.69 -16.41
N PRO F 212 -38.77 31.00 -15.98
CA PRO F 212 -38.00 31.18 -14.74
C PRO F 212 -37.30 32.51 -14.47
N SER F 213 -37.29 33.41 -15.46
CA SER F 213 -36.65 34.70 -15.27
C SER F 213 -37.32 35.44 -14.09
N ASN F 214 -38.54 35.01 -13.75
CA ASN F 214 -39.32 35.62 -12.69
C ASN F 214 -39.08 35.01 -11.34
N PHE F 215 -37.80 34.80 -11.07
CA PHE F 215 -37.35 34.18 -9.84
C PHE F 215 -35.97 34.74 -9.45
N SER F 216 -35.96 35.91 -8.79
CA SER F 216 -34.71 36.56 -8.35
C SER F 216 -34.41 36.34 -6.86
N SER F 217 -33.49 37.15 -6.35
CA SER F 217 -33.12 37.11 -4.96
C SER F 217 -32.48 38.46 -4.69
N SER F 218 -32.45 38.84 -3.43
CA SER F 218 -31.92 40.12 -3.06
C SER F 218 -31.21 39.79 -1.81
N ASP F 219 -30.51 40.76 -1.26
CA ASP F 219 -29.85 40.51 -0.01
C ASP F 219 -30.10 41.74 0.81
N CYS F 220 -31.38 42.06 0.83
CA CYS F 220 -31.94 43.20 1.52
C CYS F 220 -31.60 43.31 3.00
N GLN F 221 -31.65 42.20 3.73
CA GLN F 221 -31.46 42.31 5.17
C GLN F 221 -30.36 41.85 6.10
N ASP F 222 -30.50 42.52 7.23
CA ASP F 222 -29.77 42.50 8.48
C ASP F 222 -28.36 42.99 8.66
N GLU F 223 -28.33 43.88 9.67
CA GLU F 223 -27.15 44.56 10.16
C GLU F 223 -26.49 43.53 11.05
N GLU F 224 -27.03 42.32 11.04
CA GLU F 224 -26.49 41.23 11.83
C GLU F 224 -26.78 39.84 11.25
N GLY F 225 -25.80 38.94 11.42
CA GLY F 225 -25.90 37.58 10.91
C GLY F 225 -25.47 37.60 9.45
N ARG F 226 -25.38 38.84 8.96
CA ARG F 226 -25.03 39.14 7.59
C ARG F 226 -26.09 38.52 6.67
N LYS F 227 -25.75 37.82 5.61
CA LYS F 227 -26.90 37.37 4.90
C LYS F 227 -27.21 35.92 4.61
N GLY F 228 -28.04 35.81 3.60
CA GLY F 228 -28.60 34.61 3.05
C GLY F 228 -29.65 35.48 2.41
N ASN F 229 -29.90 35.33 1.13
CA ASN F 229 -30.87 36.23 0.53
C ASN F 229 -32.32 35.74 0.46
N LYS F 230 -33.22 36.68 0.18
CA LYS F 230 -34.62 36.35 0.11
C LYS F 230 -35.00 36.04 -1.33
N LEU F 231 -36.01 35.20 -1.50
CA LEU F 231 -36.49 34.79 -2.82
C LEU F 231 -37.86 35.32 -3.15
N TYR F 232 -38.13 35.48 -4.45
CA TYR F 232 -39.41 36.03 -4.90
C TYR F 232 -39.85 35.52 -6.29
N TYR F 233 -41.12 35.72 -6.61
CA TYR F 233 -41.69 35.34 -7.91
C TYR F 233 -42.33 36.60 -8.48
N ASN F 234 -42.43 36.67 -9.80
CA ASN F 234 -43.02 37.86 -10.39
C ASN F 234 -44.46 37.65 -10.75
N PHE F 235 -45.35 37.89 -9.82
CA PHE F 235 -46.75 37.74 -10.11
C PHE F 235 -47.19 38.80 -11.06
N PRO F 236 -48.43 38.72 -11.54
CA PRO F 236 -48.93 39.74 -12.47
C PRO F 236 -48.99 41.08 -11.79
N TRP F 237 -48.53 41.12 -10.54
CA TRP F 237 -48.55 42.37 -9.80
C TRP F 237 -47.38 42.58 -8.86
N GLY F 238 -46.17 42.25 -9.33
CA GLY F 238 -45.02 42.45 -8.47
C GLY F 238 -44.47 41.22 -7.79
N LYS F 239 -43.33 41.42 -7.15
CA LYS F 239 -42.64 40.34 -6.46
C LYS F 239 -43.34 39.82 -5.19
N GLU F 240 -43.02 38.58 -4.83
CA GLU F 240 -43.52 37.94 -3.62
C GLU F 240 -42.45 37.07 -3.03
N LEU F 241 -42.23 37.28 -1.74
CA LEU F 241 -41.17 36.71 -0.94
C LEU F 241 -40.78 35.25 -0.81
N ILE F 242 -41.60 34.32 -1.28
CA ILE F 242 -41.27 32.89 -1.26
C ILE F 242 -40.31 32.33 -0.19
N GLU F 243 -39.19 31.79 -0.68
CA GLU F 243 -38.16 31.16 0.15
C GLU F 243 -37.17 32.16 0.74
N THR F 244 -36.51 31.77 1.80
CA THR F 244 -35.56 32.67 2.43
C THR F 244 -34.32 31.90 2.79
N LEU F 245 -33.26 32.62 3.13
CA LEU F 245 -32.03 31.96 3.49
C LEU F 245 -31.12 32.78 4.40
N TRP F 246 -30.56 32.17 5.45
CA TRP F 246 -29.69 32.90 6.35
C TRP F 246 -28.51 32.15 6.93
N ASN F 247 -27.50 32.94 7.30
CA ASN F 247 -26.30 32.39 7.90
C ASN F 247 -26.10 32.86 9.33
N LEU F 248 -27.10 32.58 10.16
CA LEU F 248 -27.08 32.88 11.58
C LEU F 248 -26.17 31.82 12.14
N GLY F 249 -25.03 31.68 11.49
CA GLY F 249 -24.08 30.69 11.89
C GLY F 249 -23.90 30.54 13.39
N ASP F 250 -24.28 29.37 13.89
CA ASP F 250 -24.09 29.00 15.28
C ASP F 250 -24.36 30.03 16.39
N HIS F 251 -25.61 30.43 16.60
CA HIS F 251 -25.88 31.40 17.66
C HIS F 251 -27.08 31.03 18.50
N GLU F 252 -27.92 30.18 17.94
CA GLU F 252 -29.16 29.72 18.57
C GLU F 252 -29.03 28.39 19.28
N LEU F 253 -28.13 27.53 18.81
CA LEU F 253 -27.92 26.26 19.46
C LEU F 253 -27.41 26.66 20.80
N LEU F 254 -26.48 27.61 20.77
CA LEU F 254 -25.92 28.14 21.98
C LEU F 254 -27.19 28.40 22.74
N HIS F 255 -27.90 29.41 22.27
CA HIS F 255 -29.17 29.80 22.82
C HIS F 255 -29.81 28.50 23.34
N MET F 256 -29.91 27.53 22.44
CA MET F 256 -30.49 26.24 22.73
C MET F 256 -29.89 25.44 23.86
N TYR F 257 -28.60 25.19 23.79
CA TYR F 257 -27.95 24.37 24.80
C TYR F 257 -26.82 25.04 25.56
N PRO F 258 -27.19 25.70 26.66
CA PRO F 258 -26.24 26.42 27.52
C PRO F 258 -25.02 25.56 27.81
N GLY F 259 -23.91 26.21 28.12
CA GLY F 259 -22.73 25.43 28.42
C GLY F 259 -21.85 25.91 29.55
N ASN F 260 -20.94 25.04 29.98
CA ASN F 260 -20.00 25.47 31.00
C ASN F 260 -19.50 26.59 30.16
N VAL F 261 -19.40 26.21 28.87
CA VAL F 261 -19.06 26.80 27.55
C VAL F 261 -19.26 25.36 27.15
N SER F 262 -20.47 24.95 26.80
CA SER F 262 -20.66 23.52 26.61
C SER F 262 -20.59 22.63 25.41
N LYS F 263 -21.09 21.45 25.76
CA LYS F 263 -21.28 20.30 24.94
C LYS F 263 -20.21 19.89 23.99
N LEU F 264 -20.71 19.31 22.92
CA LEU F 264 -19.89 18.83 21.86
C LEU F 264 -19.91 19.96 20.88
N HIS F 265 -18.78 20.16 20.25
CA HIS F 265 -18.68 21.20 19.30
C HIS F 265 -19.21 20.63 18.01
N GLY F 266 -18.63 19.53 17.59
CA GLY F 266 -19.03 18.93 16.34
C GLY F 266 -17.73 18.78 15.59
N ARG F 267 -17.67 17.82 14.68
CA ARG F 267 -16.43 17.59 13.97
C ARG F 267 -16.18 18.29 12.66
N ASP F 268 -14.90 18.59 12.47
CA ASP F 268 -14.31 19.25 11.30
C ASP F 268 -13.73 18.12 10.46
N GLY F 269 -13.15 17.18 11.20
CA GLY F 269 -12.45 16.03 10.69
C GLY F 269 -11.08 16.07 11.37
N ARG F 270 -11.05 15.80 12.68
CA ARG F 270 -9.83 15.78 13.53
C ARG F 270 -9.55 17.09 14.28
N LYS F 271 -10.53 17.99 14.24
CA LYS F 271 -10.51 19.28 14.93
C LYS F 271 -11.91 19.42 15.54
N ASN F 272 -12.19 20.54 16.21
CA ASN F 272 -13.49 20.71 16.84
C ASN F 272 -14.14 22.07 16.54
N VAL F 273 -15.45 22.07 16.31
CA VAL F 273 -16.16 23.30 15.99
C VAL F 273 -17.60 23.22 16.38
N VAL F 274 -18.20 24.37 16.66
CA VAL F 274 -19.62 24.42 16.98
C VAL F 274 -20.26 24.73 15.62
N PRO F 275 -21.19 23.89 15.16
CA PRO F 275 -21.96 23.91 13.90
C PRO F 275 -22.74 25.17 13.55
N CYS F 276 -22.75 25.53 12.25
CA CYS F 276 -23.44 26.72 11.75
C CYS F 276 -24.93 26.62 11.46
N VAL F 277 -25.44 27.75 11.00
CA VAL F 277 -26.82 27.97 10.65
C VAL F 277 -27.14 27.48 9.26
N LEU F 278 -28.37 27.04 9.05
CA LEU F 278 -28.73 26.73 7.69
C LEU F 278 -30.05 27.30 7.33
N SER F 279 -29.96 28.01 6.25
CA SER F 279 -31.10 28.63 5.71
C SER F 279 -31.96 27.73 4.88
N VAL F 280 -33.21 27.70 5.24
CA VAL F 280 -34.06 26.93 4.42
C VAL F 280 -34.98 27.89 3.79
N ASN F 281 -35.44 27.51 2.62
CA ASN F 281 -36.42 28.31 1.95
C ASN F 281 -37.46 27.84 2.91
N GLY F 282 -38.28 28.72 3.46
CA GLY F 282 -39.30 28.25 4.39
C GLY F 282 -40.61 28.27 3.68
N ASP F 283 -40.88 27.21 2.90
CA ASP F 283 -42.12 27.09 2.11
C ASP F 283 -42.94 28.31 1.87
N LEU F 284 -44.15 27.94 1.51
CA LEU F 284 -45.22 28.78 1.13
C LEU F 284 -45.85 27.61 0.38
N ASP F 285 -47.14 27.57 0.17
CA ASP F 285 -47.58 26.45 -0.66
C ASP F 285 -47.19 27.17 -1.93
N ARG F 286 -47.09 28.48 -1.75
CA ARG F 286 -46.77 29.49 -2.75
C ARG F 286 -45.81 29.18 -3.88
N GLY F 287 -44.71 28.51 -3.59
CA GLY F 287 -43.77 28.20 -4.65
C GLY F 287 -44.65 27.63 -5.74
N MET F 288 -45.52 26.74 -5.30
CA MET F 288 -46.44 26.09 -6.20
C MET F 288 -47.40 27.14 -6.76
N LEU F 289 -47.93 27.97 -5.86
CA LEU F 289 -48.88 29.02 -6.20
C LEU F 289 -48.35 29.91 -7.28
N ALA F 290 -47.05 29.91 -7.44
CA ALA F 290 -46.42 30.72 -8.44
C ALA F 290 -46.27 29.91 -9.73
N TYR F 291 -46.00 28.61 -9.59
CA TYR F 291 -45.81 27.80 -10.77
C TYR F 291 -47.03 27.82 -11.63
N LEU F 292 -48.14 27.39 -11.07
CA LEU F 292 -49.38 27.39 -11.82
C LEU F 292 -49.45 28.78 -12.33
N TYR F 293 -48.84 29.70 -11.61
CA TYR F 293 -48.83 31.02 -12.17
C TYR F 293 -47.92 30.83 -13.36
N ASP F 294 -46.60 30.86 -13.19
CA ASP F 294 -45.70 30.68 -14.32
C ASP F 294 -46.50 30.22 -15.51
N SER F 295 -46.77 28.91 -15.54
CA SER F 295 -47.54 28.27 -16.58
C SER F 295 -48.51 29.20 -17.29
N PHE F 296 -49.66 29.37 -16.66
CA PHE F 296 -50.71 30.20 -17.17
C PHE F 296 -50.56 31.59 -16.59
N GLN F 297 -49.61 31.76 -15.66
CA GLN F 297 -49.37 33.08 -15.09
C GLN F 297 -49.38 33.83 -16.38
N LEU F 298 -48.71 33.23 -17.36
CA LEU F 298 -48.61 33.79 -18.69
C LEU F 298 -49.97 34.25 -19.17
N THR F 299 -50.28 35.43 -18.66
CA THR F 299 -51.43 36.27 -18.90
C THR F 299 -50.48 37.11 -19.74
N GLU F 300 -50.94 38.13 -20.46
CA GLU F 300 -50.02 38.92 -21.27
C GLU F 300 -49.58 38.08 -22.44
N ASN F 301 -49.27 36.81 -22.16
CA ASN F 301 -48.83 35.98 -23.25
C ASN F 301 -49.96 35.84 -24.24
N SER F 302 -49.85 36.79 -25.15
CA SER F 302 -50.72 37.03 -26.27
C SER F 302 -51.76 38.12 -26.02
N PHE F 303 -51.28 39.24 -25.47
CA PHE F 303 -52.08 40.44 -25.22
C PHE F 303 -51.48 41.38 -26.23
N THR F 304 -52.17 41.54 -27.35
CA THR F 304 -51.78 42.37 -28.49
C THR F 304 -50.59 41.77 -29.27
N ARG F 305 -50.75 40.49 -29.60
CA ARG F 305 -49.76 39.74 -30.36
C ARG F 305 -50.59 39.18 -31.51
N LYS F 306 -51.59 38.37 -31.12
CA LYS F 306 -52.52 37.72 -32.04
C LYS F 306 -54.00 37.85 -31.62
N LYS F 307 -54.85 37.57 -32.60
CA LYS F 307 -56.31 37.58 -32.47
C LYS F 307 -56.79 37.11 -31.10
N ASN F 308 -58.03 37.46 -30.76
CA ASN F 308 -58.59 37.05 -29.47
C ASN F 308 -59.43 35.78 -29.60
N LEU F 309 -58.73 34.71 -29.26
CA LEU F 309 -59.19 33.34 -29.29
C LEU F 309 -58.32 32.84 -28.16
N HIS F 310 -58.20 33.71 -27.17
CA HIS F 310 -57.36 33.48 -25.99
C HIS F 310 -58.00 32.52 -24.99
N ARG F 311 -58.09 31.26 -25.42
CA ARG F 311 -58.63 30.24 -24.55
C ARG F 311 -57.54 29.98 -23.54
N LYS F 312 -56.30 29.96 -24.02
CA LYS F 312 -55.16 29.69 -23.16
C LYS F 312 -55.34 28.30 -22.57
N VAL F 313 -54.42 27.95 -21.70
CA VAL F 313 -54.41 26.66 -21.04
C VAL F 313 -53.42 26.95 -19.94
N LEU F 314 -53.35 26.09 -18.94
CA LEU F 314 -52.38 26.31 -17.90
C LEU F 314 -51.27 25.41 -18.44
N LYS F 315 -50.05 25.53 -17.94
CA LYS F 315 -48.97 24.68 -18.42
C LYS F 315 -48.06 24.24 -17.32
N LEU F 316 -48.05 22.95 -17.06
CA LEU F 316 -47.19 22.50 -16.02
C LEU F 316 -46.15 21.66 -16.70
N HIS F 317 -44.92 21.77 -16.25
CA HIS F 317 -43.89 20.93 -16.81
C HIS F 317 -44.59 19.59 -16.57
N PRO F 318 -44.42 18.65 -17.47
CA PRO F 318 -45.09 17.36 -17.26
C PRO F 318 -45.09 16.78 -15.84
N CYS F 319 -43.94 16.80 -15.17
CA CYS F 319 -43.88 16.27 -13.81
C CYS F 319 -44.64 17.19 -12.88
N LEU F 320 -44.73 18.44 -13.30
CA LEU F 320 -45.44 19.48 -12.55
C LEU F 320 -46.90 19.10 -12.41
N ALA F 321 -47.61 19.08 -13.53
CA ALA F 321 -49.02 18.76 -13.61
C ALA F 321 -49.53 17.72 -12.64
N PRO F 322 -50.75 17.93 -12.12
CA PRO F 322 -51.35 16.99 -11.18
C PRO F 322 -51.78 15.73 -11.96
N ILE F 323 -52.40 15.95 -13.12
CA ILE F 323 -52.84 14.85 -13.99
C ILE F 323 -52.11 14.80 -15.32
N LYS F 324 -51.59 13.63 -15.62
CA LYS F 324 -50.85 13.42 -16.84
C LYS F 324 -51.81 13.29 -18.00
N VAL F 325 -52.87 12.51 -17.82
CA VAL F 325 -53.84 12.28 -18.89
C VAL F 325 -55.25 11.96 -18.41
N ALA F 326 -56.19 12.06 -19.33
CA ALA F 326 -57.57 11.78 -19.04
C ALA F 326 -57.99 10.69 -20.01
N LEU F 327 -58.13 9.47 -19.52
CA LEU F 327 -58.54 8.40 -20.43
C LEU F 327 -59.88 8.77 -21.05
N ASP F 328 -60.19 8.21 -22.22
CA ASP F 328 -61.47 8.51 -22.88
C ASP F 328 -62.14 7.29 -23.50
N VAL F 329 -63.47 7.28 -23.50
CA VAL F 329 -64.20 6.13 -24.01
C VAL F 329 -65.46 6.53 -24.78
N GLY F 330 -65.59 6.17 -26.06
CA GLY F 330 -66.78 6.55 -26.81
C GLY F 330 -67.28 5.58 -27.87
N ARG F 331 -68.56 5.21 -27.81
CA ARG F 331 -69.29 4.31 -28.74
C ARG F 331 -69.48 2.81 -28.37
N GLY F 332 -69.78 1.95 -29.35
CA GLY F 332 -70.10 0.56 -29.03
C GLY F 332 -69.42 -0.76 -29.38
N PRO F 333 -69.78 -1.80 -28.60
CA PRO F 333 -70.76 -1.50 -27.55
C PRO F 333 -70.22 -0.56 -26.48
N THR F 334 -71.07 0.37 -26.07
CA THR F 334 -70.71 1.38 -25.09
C THR F 334 -69.71 0.87 -24.07
N LEU F 335 -69.94 -0.33 -23.56
CA LEU F 335 -69.07 -0.92 -22.56
C LEU F 335 -67.77 -1.47 -23.10
N GLU F 336 -67.85 -2.20 -24.18
CA GLU F 336 -66.69 -2.84 -24.76
C GLU F 336 -65.46 -1.95 -24.83
N LEU F 337 -65.63 -0.65 -25.00
CA LEU F 337 -64.49 0.23 -25.02
C LEU F 337 -64.08 0.53 -23.58
N ARG F 338 -65.07 0.59 -22.69
CA ARG F 338 -64.81 0.88 -21.27
C ARG F 338 -63.99 -0.23 -20.61
N GLN F 339 -64.27 -1.48 -20.95
CA GLN F 339 -63.52 -2.59 -20.38
C GLN F 339 -62.09 -2.24 -20.77
N VAL F 340 -61.96 -1.64 -21.95
CA VAL F 340 -60.68 -1.23 -22.47
C VAL F 340 -60.16 -0.10 -21.61
N CYS F 341 -60.98 0.94 -21.46
CA CYS F 341 -60.60 2.09 -20.66
C CYS F 341 -60.14 1.58 -19.31
N GLN F 342 -60.96 0.72 -18.74
CA GLN F 342 -60.62 0.13 -17.47
C GLN F 342 -59.17 -0.32 -17.65
N GLY F 343 -58.98 -1.11 -18.71
CA GLY F 343 -57.68 -1.65 -19.02
C GLY F 343 -56.62 -0.58 -19.00
N LEU F 344 -56.75 0.37 -19.90
CA LEU F 344 -55.79 1.44 -19.93
C LEU F 344 -55.59 1.94 -18.51
N PHE F 345 -56.64 2.58 -17.96
CA PHE F 345 -56.56 3.11 -16.60
C PHE F 345 -55.63 2.24 -15.79
N ASN F 346 -56.14 1.08 -15.38
CA ASN F 346 -55.36 0.15 -14.59
C ASN F 346 -53.93 0.01 -15.11
N GLU F 347 -53.80 -0.51 -16.33
CA GLU F 347 -52.50 -0.68 -16.93
C GLU F 347 -51.73 0.58 -16.57
N LEU F 348 -52.35 1.69 -16.88
CA LEU F 348 -51.78 2.99 -16.62
C LEU F 348 -51.55 3.16 -15.11
N LEU F 349 -52.64 3.24 -14.36
CA LEU F 349 -52.60 3.39 -12.91
C LEU F 349 -51.33 2.81 -12.33
N GLU F 350 -51.06 1.56 -12.69
CA GLU F 350 -49.90 0.84 -12.19
C GLU F 350 -48.54 1.37 -12.58
N ASN F 351 -48.33 1.53 -13.88
CA ASN F 351 -47.05 2.00 -14.37
C ASN F 351 -46.41 3.05 -13.46
N GLY F 352 -47.23 4.00 -13.02
CA GLY F 352 -46.74 5.06 -12.17
C GLY F 352 -47.14 6.37 -12.81
N ILE F 353 -48.31 6.37 -13.45
CA ILE F 353 -48.84 7.54 -14.14
C ILE F 353 -50.16 8.00 -13.54
N SER F 354 -50.30 9.28 -13.27
CA SER F 354 -51.55 9.81 -12.72
C SER F 354 -52.57 9.86 -13.87
N VAL F 355 -53.85 9.63 -13.60
CA VAL F 355 -54.85 9.65 -14.67
C VAL F 355 -56.24 10.09 -14.24
N TRP F 356 -57.05 10.47 -15.22
CA TRP F 356 -58.41 10.92 -14.95
C TRP F 356 -59.59 10.03 -15.37
N PRO F 357 -59.32 8.79 -15.79
CA PRO F 357 -60.50 8.00 -16.17
C PRO F 357 -61.61 8.69 -16.96
N GLY F 358 -61.58 8.52 -18.27
CA GLY F 358 -62.59 9.16 -19.11
C GLY F 358 -63.82 8.34 -19.45
N TYR F 359 -63.98 7.18 -18.84
CA TYR F 359 -65.17 6.38 -19.12
C TYR F 359 -66.27 7.25 -18.66
N LEU F 360 -66.11 7.65 -17.41
CA LEU F 360 -67.07 8.52 -16.84
C LEU F 360 -67.20 9.64 -17.84
N GLU F 361 -66.05 10.19 -18.20
CA GLU F 361 -65.94 11.30 -19.13
C GLU F 361 -66.90 11.37 -20.35
N THR F 362 -67.20 10.26 -21.02
CA THR F 362 -68.08 10.30 -22.21
C THR F 362 -69.42 10.97 -22.00
N MET F 363 -69.97 10.77 -20.81
CA MET F 363 -71.26 11.31 -20.43
C MET F 363 -71.43 12.85 -20.39
N GLN F 364 -70.61 13.55 -19.61
CA GLN F 364 -70.72 15.01 -19.53
C GLN F 364 -70.20 15.69 -20.78
N SER F 365 -70.84 16.82 -21.15
CA SER F 365 -70.37 17.62 -22.28
C SER F 365 -70.64 17.19 -23.72
N SER F 366 -69.66 17.59 -24.53
CA SER F 366 -69.53 17.35 -25.96
C SER F 366 -68.03 17.47 -26.15
N LEU F 367 -67.44 16.69 -27.05
CA LEU F 367 -65.99 16.72 -27.25
C LEU F 367 -65.17 18.00 -27.11
N GLU F 368 -65.57 19.09 -27.77
CA GLU F 368 -64.79 20.34 -27.72
C GLU F 368 -64.44 20.93 -26.34
N GLN F 369 -65.44 21.04 -25.48
CA GLN F 369 -65.24 21.58 -24.14
C GLN F 369 -64.37 20.62 -23.31
N LEU F 370 -64.41 19.33 -23.62
CA LEU F 370 -63.59 18.36 -22.90
C LEU F 370 -62.20 18.89 -23.11
N TYR F 371 -61.77 18.82 -24.37
CA TYR F 371 -60.48 19.35 -24.74
C TYR F 371 -60.27 20.51 -23.81
N SER F 372 -61.10 21.53 -24.02
CA SER F 372 -61.05 22.76 -23.24
C SER F 372 -60.79 22.56 -21.76
N LYS F 373 -61.78 22.03 -21.05
CA LYS F 373 -61.65 21.81 -19.62
C LYS F 373 -60.26 21.27 -19.31
N TYR F 374 -59.91 20.23 -20.03
CA TYR F 374 -58.63 19.54 -19.90
C TYR F 374 -57.44 20.49 -20.05
N ASP F 375 -57.43 21.27 -21.13
CA ASP F 375 -56.35 22.21 -21.36
C ASP F 375 -56.44 23.16 -20.15
N GLU F 376 -57.65 23.63 -19.90
CA GLU F 376 -57.86 24.49 -18.77
C GLU F 376 -57.32 23.68 -17.59
N MET F 377 -57.15 22.38 -17.75
CA MET F 377 -56.68 21.51 -16.66
C MET F 377 -55.19 21.19 -16.63
N SER F 378 -54.53 21.10 -17.78
CA SER F 378 -53.12 20.77 -17.80
C SER F 378 -52.88 19.32 -18.17
N ILE F 379 -53.88 18.47 -17.93
CA ILE F 379 -53.74 17.06 -18.26
C ILE F 379 -53.13 17.04 -19.66
N LEU F 380 -51.94 16.47 -19.76
CA LEU F 380 -51.22 16.45 -21.03
C LEU F 380 -51.99 16.21 -22.31
N PHE F 381 -52.24 14.93 -22.60
CA PHE F 381 -52.98 14.52 -23.79
C PHE F 381 -54.18 13.71 -23.30
N THR F 382 -55.06 13.35 -24.22
CA THR F 382 -56.24 12.55 -23.87
C THR F 382 -56.42 11.54 -25.00
N VAL F 383 -57.02 10.40 -24.72
CA VAL F 383 -57.21 9.42 -25.78
C VAL F 383 -58.61 8.84 -25.69
N LEU F 384 -59.47 9.22 -26.62
CA LEU F 384 -60.86 8.76 -26.62
C LEU F 384 -61.10 7.37 -27.19
N VAL F 385 -61.19 6.34 -26.36
CA VAL F 385 -61.44 5.04 -26.94
C VAL F 385 -62.68 5.29 -27.78
N THR F 386 -62.69 4.67 -28.95
CA THR F 386 -63.77 4.80 -29.90
C THR F 386 -63.78 3.49 -30.68
N GLU F 387 -64.44 3.42 -31.83
CA GLU F 387 -64.54 2.16 -32.56
C GLU F 387 -63.50 1.59 -33.47
N THR F 388 -62.92 2.39 -34.35
CA THR F 388 -61.94 1.78 -35.22
C THR F 388 -60.95 1.14 -34.28
N THR F 389 -61.12 1.47 -33.01
CA THR F 389 -60.32 0.90 -31.96
C THR F 389 -60.69 -0.56 -32.03
N LEU F 390 -61.89 -0.87 -32.45
CA LEU F 390 -62.21 -2.27 -32.50
C LEU F 390 -61.96 -2.67 -33.95
N GLU F 391 -61.53 -1.67 -34.74
CA GLU F 391 -61.27 -1.92 -36.15
C GLU F 391 -60.33 -1.06 -37.03
N ASN F 392 -60.27 0.30 -36.96
CA ASN F 392 -59.31 1.00 -37.86
C ASN F 392 -58.17 -0.02 -37.66
N GLY F 393 -58.05 -0.48 -36.42
CA GLY F 393 -57.06 -1.48 -36.03
C GLY F 393 -56.88 -1.28 -34.56
N LEU F 394 -57.92 -0.74 -33.96
CA LEU F 394 -57.87 -0.34 -32.55
C LEU F 394 -57.17 0.96 -32.84
N ILE F 395 -56.48 1.55 -31.88
CA ILE F 395 -55.75 2.83 -32.06
C ILE F 395 -55.65 3.50 -30.68
N HIS F 396 -54.79 4.51 -30.55
CA HIS F 396 -54.56 5.22 -29.28
C HIS F 396 -55.40 6.46 -29.37
N LEU F 397 -55.81 6.74 -30.58
CA LEU F 397 -56.56 7.94 -30.82
C LEU F 397 -55.56 9.05 -31.09
N ARG F 398 -55.49 10.03 -30.20
CA ARG F 398 -54.62 11.19 -30.43
C ARG F 398 -54.52 12.15 -29.24
N SER F 399 -55.12 13.32 -29.48
CA SER F 399 -55.33 14.47 -28.58
C SER F 399 -54.31 15.46 -28.02
N ARG F 400 -53.06 15.07 -27.77
CA ARG F 400 -52.17 16.06 -27.19
C ARG F 400 -52.29 17.34 -27.94
N ASP F 401 -51.96 18.44 -27.30
CA ASP F 401 -52.10 19.62 -28.09
C ASP F 401 -50.99 20.40 -28.66
N THR F 402 -51.41 20.99 -29.76
CA THR F 402 -50.63 21.75 -30.66
C THR F 402 -51.51 21.23 -31.79
N THR F 403 -52.79 21.04 -31.47
CA THR F 403 -53.74 20.50 -32.44
C THR F 403 -53.00 19.44 -33.25
N MET F 404 -52.57 18.40 -32.54
CA MET F 404 -51.82 17.29 -33.14
C MET F 404 -52.57 15.99 -32.88
N LYS F 405 -53.33 15.53 -33.87
CA LYS F 405 -54.14 14.32 -33.73
C LYS F 405 -53.57 13.03 -34.33
N GLU F 406 -52.36 12.65 -33.97
CA GLU F 406 -51.83 11.43 -34.55
C GLU F 406 -52.36 10.16 -33.88
N MET F 407 -52.68 9.16 -34.70
CA MET F 407 -53.18 7.90 -34.20
C MET F 407 -52.04 7.17 -33.54
N MET F 408 -52.31 6.54 -32.42
CA MET F 408 -51.26 5.81 -31.77
C MET F 408 -51.75 4.39 -31.50
N HIS F 409 -51.05 3.39 -31.99
CA HIS F 409 -51.49 2.03 -31.66
C HIS F 409 -51.45 2.24 -30.14
N ILE F 410 -52.37 1.70 -29.34
CA ILE F 410 -52.28 2.04 -27.92
C ILE F 410 -50.96 1.86 -27.13
N SER F 411 -50.29 0.72 -27.25
CA SER F 411 -49.06 0.40 -26.50
C SER F 411 -47.77 1.25 -26.55
N LYS F 412 -47.02 1.15 -27.65
CA LYS F 412 -45.74 1.88 -27.89
C LYS F 412 -45.74 3.22 -27.15
N LEU F 413 -46.69 4.02 -27.60
CA LEU F 413 -47.05 5.34 -27.16
C LEU F 413 -47.28 5.26 -25.66
N LYS F 414 -48.13 4.34 -25.23
CA LYS F 414 -48.36 4.16 -23.82
C LYS F 414 -47.01 4.14 -23.17
N ASP F 415 -46.15 3.27 -23.66
CA ASP F 415 -44.84 3.20 -23.10
C ASP F 415 -43.91 4.24 -23.67
N PHE F 416 -44.47 5.18 -24.41
CA PHE F 416 -43.69 6.27 -24.95
C PHE F 416 -43.87 7.27 -23.84
N LEU F 417 -45.08 7.26 -23.31
CA LEU F 417 -45.41 8.17 -22.25
C LEU F 417 -44.53 7.84 -21.08
N ILE F 418 -44.35 6.55 -20.81
CA ILE F 418 -43.49 6.20 -19.68
C ILE F 418 -42.15 6.87 -19.96
N LYS F 419 -41.78 6.91 -21.22
CA LYS F 419 -40.52 7.56 -21.58
C LYS F 419 -40.77 9.01 -21.21
N TYR F 420 -41.76 9.60 -21.87
CA TYR F 420 -42.14 10.99 -21.66
C TYR F 420 -41.71 11.53 -20.30
N ILE F 421 -42.34 11.02 -19.26
CA ILE F 421 -42.01 11.45 -17.92
C ILE F 421 -40.51 11.47 -17.71
N SER F 422 -39.88 10.32 -17.85
CA SER F 422 -38.45 10.22 -17.64
C SER F 422 -37.64 11.34 -18.28
N SER F 423 -37.66 11.45 -19.61
CA SER F 423 -36.90 12.49 -20.32
C SER F 423 -37.24 13.88 -19.78
N ALA F 424 -38.54 14.17 -19.83
CA ALA F 424 -39.07 15.43 -19.38
C ALA F 424 -38.48 15.76 -18.01
N LYS F 425 -38.82 14.94 -17.02
CA LYS F 425 -38.32 15.13 -15.67
C LYS F 425 -36.89 15.61 -15.68
N ASN F 426 -36.05 14.72 -16.22
CA ASN F 426 -34.62 14.90 -16.32
C ASN F 426 -34.06 16.29 -16.49
N VAL F 427 -34.13 16.83 -17.70
CA VAL F 427 -33.55 18.14 -17.92
C VAL F 427 -32.15 17.98 -17.33
#